data_4CMY
#
_entry.id   4CMY
#
_cell.length_a   123.310
_cell.length_b   190.370
_cell.length_c   242.070
_cell.angle_alpha   90.00
_cell.angle_beta   90.00
_cell.angle_gamma   90.00
#
_symmetry.space_group_name_H-M   'P 21 21 21'
#
loop_
_entity.id
_entity.type
_entity.pdbx_description
1 polymer FERRITIN
2 polymer FERRITIN
3 non-polymer 'FE (III) ION'
4 water water
#
loop_
_entity_poly.entity_id
_entity_poly.type
_entity_poly.pdbx_seq_one_letter_code
_entity_poly.pdbx_strand_id
1 'polypeptide(L)'
;MLSKTILDKLNHQVNFEAASAHLYLQMSAWLLTQSLDSTAAFFRAHAEEEKAHMMKLFDYINETGSLALIGEVATPAPEW
KSHIELLEAAYNHELAITQSINDLVDTALREKDYSTFQFLQWYVAEQHEEEYLFSSMLHKARIINTMDGRALFRFDEEVR
KSVLHHEHHQQKPMFLQVGPAPKHHDGHDGLHAHQHSSHWSGH
;
A,B,C,D,E,F,G,H,I,J,K,L,M,N,O,P,Q,R,S,T,U,W,X
2 'polypeptide(L)'
;MLSKTILDKLNHQVNFEAASAHLYLQMSAWLLTQSLDSTAAFFRAHAEEEKAHMMKLFDYINETGSLALIGEVATPAPEW
KSHIELLEAAYNHELAITQSINDLVDTALREKDYSTFQFLQWYVAEQHEEEYLFSSMLHKARIIDTMDGRALFRFDEEVR
KSVLHHEHHQQKPMFLQVGPAPKHHDGHDGLHAHQHSSHWSGH
;
V
#
loop_
_chem_comp.id
_chem_comp.type
_chem_comp.name
_chem_comp.formula
FE non-polymer 'FE (III) ION' 'Fe 3'
#
# COMPACT_ATOMS: atom_id res chain seq x y z
N MET A 1 -34.42 40.13 24.29
CA MET A 1 -35.41 39.31 23.50
C MET A 1 -36.25 38.37 24.35
N LEU A 2 -35.69 37.58 25.26
CA LEU A 2 -36.54 36.65 26.06
C LEU A 2 -37.42 37.40 27.03
N SER A 3 -38.68 37.02 27.14
CA SER A 3 -39.55 37.59 28.15
C SER A 3 -39.08 37.15 29.53
N LYS A 4 -39.44 37.90 30.54
CA LYS A 4 -39.05 37.58 31.89
C LYS A 4 -39.64 36.26 32.35
N THR A 5 -40.88 35.97 31.98
CA THR A 5 -41.52 34.74 32.45
C THR A 5 -40.82 33.50 31.86
N ILE A 6 -40.46 33.57 30.58
CA ILE A 6 -39.77 32.48 29.93
C ILE A 6 -38.33 32.36 30.47
N LEU A 7 -37.62 33.47 30.59
CA LEU A 7 -36.27 33.48 31.15
C LEU A 7 -36.26 32.82 32.52
N ASP A 8 -37.20 33.16 33.37
CA ASP A 8 -37.21 32.59 34.74
C ASP A 8 -37.44 31.11 34.72
N LYS A 9 -38.31 30.66 33.82
CA LYS A 9 -38.51 29.24 33.68
C LYS A 9 -37.33 28.45 33.05
N LEU A 10 -36.63 29.06 32.09
CA LEU A 10 -35.50 28.43 31.49
C LEU A 10 -34.40 28.32 32.51
N ASN A 11 -34.16 29.38 33.25
CA ASN A 11 -33.21 29.30 34.37
C ASN A 11 -33.62 28.33 35.44
N HIS A 12 -34.92 28.16 35.66
CA HIS A 12 -35.36 27.16 36.61
C HIS A 12 -34.97 25.78 36.09
N GLN A 13 -35.12 25.60 34.78
CA GLN A 13 -34.81 24.32 34.18
C GLN A 13 -33.31 24.06 34.20
N VAL A 14 -32.51 25.09 33.93
CA VAL A 14 -31.08 24.95 34.07
C VAL A 14 -30.74 24.38 35.45
N ASN A 15 -31.33 24.96 36.47
CA ASN A 15 -31.07 24.53 37.83
C ASN A 15 -31.58 23.13 38.09
N PHE A 16 -32.73 22.80 37.51
CA PHE A 16 -33.34 21.48 37.65
C PHE A 16 -32.44 20.39 37.03
N GLU A 17 -31.90 20.65 35.86
CA GLU A 17 -30.98 19.70 35.22
C GLU A 17 -29.70 19.56 36.04
N ALA A 18 -29.17 20.66 36.54
CA ALA A 18 -28.01 20.60 37.44
C ALA A 18 -28.29 19.74 38.68
N ALA A 19 -29.48 19.90 39.25
CA ALA A 19 -29.86 19.09 40.42
C ALA A 19 -30.00 17.62 40.08
N SER A 20 -30.41 17.33 38.85
CA SER A 20 -30.54 15.94 38.41
C SER A 20 -29.21 15.26 38.30
N ALA A 21 -28.23 15.99 37.78
CA ALA A 21 -26.89 15.44 37.72
C ALA A 21 -26.39 15.08 39.10
N HIS A 22 -26.55 15.98 40.05
CA HIS A 22 -26.07 15.77 41.41
C HIS A 22 -26.85 14.65 42.07
N LEU A 23 -28.16 14.60 41.84
CA LEU A 23 -28.98 13.52 42.36
C LEU A 23 -28.52 12.17 41.86
N TYR A 24 -28.24 12.06 40.57
CA TYR A 24 -27.80 10.79 40.02
C TYR A 24 -26.37 10.40 40.47
N LEU A 25 -25.50 11.37 40.66
CA LEU A 25 -24.20 11.09 41.25
C LEU A 25 -24.39 10.49 42.64
N GLN A 26 -25.27 11.09 43.43
CA GLN A 26 -25.47 10.65 44.80
C GLN A 26 -26.07 9.26 44.83
N MET A 27 -26.96 8.98 43.91
CA MET A 27 -27.53 7.65 43.80
C MET A 27 -26.44 6.65 43.45
N SER A 28 -25.56 7.01 42.53
CA SER A 28 -24.46 6.16 42.14
C SER A 28 -23.62 5.78 43.32
N ALA A 29 -23.31 6.75 44.16
CA ALA A 29 -22.50 6.49 45.36
C ALA A 29 -23.19 5.53 46.30
N TRP A 30 -24.51 5.71 46.52
CA TRP A 30 -25.26 4.83 47.41
C TRP A 30 -25.27 3.39 46.84
N LEU A 31 -25.50 3.27 45.53
CA LEU A 31 -25.55 1.98 44.92
C LEU A 31 -24.25 1.23 45.09
N LEU A 32 -23.13 1.93 45.05
CA LEU A 32 -21.82 1.25 45.27
C LEU A 32 -21.73 0.65 46.68
N THR A 33 -22.31 1.30 47.70
CA THR A 33 -22.35 0.68 49.04
C THR A 33 -23.19 -0.60 49.11
N GLN A 34 -24.10 -0.81 48.15
CA GLN A 34 -24.90 -2.05 48.06
C GLN A 34 -24.26 -3.10 47.14
N SER A 35 -23.08 -2.82 46.60
CA SER A 35 -22.45 -3.65 45.59
C SER A 35 -23.25 -3.81 44.30
N LEU A 36 -24.07 -2.84 43.99
CA LEU A 36 -24.77 -2.79 42.70
C LEU A 36 -23.96 -1.97 41.67
N ASP A 37 -22.82 -2.51 41.26
CA ASP A 37 -21.81 -1.77 40.52
C ASP A 37 -22.27 -1.30 39.13
N SER A 38 -23.02 -2.14 38.43
CA SER A 38 -23.51 -1.79 37.11
C SER A 38 -24.59 -0.73 37.15
N THR A 39 -25.52 -0.84 38.09
CA THR A 39 -26.48 0.21 38.28
C THR A 39 -25.76 1.51 38.68
N ALA A 40 -24.73 1.41 39.54
CA ALA A 40 -23.96 2.62 39.93
C ALA A 40 -23.32 3.28 38.73
N ALA A 41 -22.81 2.45 37.80
CA ALA A 41 -22.17 2.95 36.60
C ALA A 41 -23.19 3.62 35.69
N PHE A 42 -24.39 3.04 35.62
CA PHE A 42 -25.43 3.64 34.82
C PHE A 42 -25.78 5.04 35.34
N PHE A 43 -25.93 5.18 36.65
CA PHE A 43 -26.31 6.48 37.20
C PHE A 43 -25.18 7.47 37.06
N ARG A 44 -23.95 7.00 37.20
CA ARG A 44 -22.82 7.89 37.00
C ARG A 44 -22.76 8.46 35.58
N ALA A 45 -22.92 7.59 34.60
CA ALA A 45 -22.94 7.99 33.22
C ALA A 45 -24.10 8.92 32.98
N HIS A 46 -25.24 8.63 33.59
CA HIS A 46 -26.40 9.45 33.31
C HIS A 46 -26.31 10.82 33.93
N ALA A 47 -25.53 10.96 35.00
CA ALA A 47 -25.29 12.27 35.55
C ALA A 47 -24.60 13.13 34.51
N GLU A 48 -23.75 12.53 33.69
CA GLU A 48 -23.10 13.26 32.64
C GLU A 48 -24.13 13.71 31.56
N GLU A 49 -25.13 12.89 31.29
CA GLU A 49 -26.16 13.26 30.35
C GLU A 49 -26.94 14.47 30.85
N GLU A 50 -27.25 14.50 32.13
CA GLU A 50 -28.00 15.60 32.70
C GLU A 50 -27.19 16.88 32.64
N LYS A 51 -25.89 16.78 32.77
CA LYS A 51 -25.05 17.93 32.59
C LYS A 51 -25.07 18.48 31.22
N ALA A 52 -25.08 17.62 30.23
CA ALA A 52 -25.27 18.08 28.85
C ALA A 52 -26.63 18.77 28.65
N HIS A 53 -27.69 18.28 29.29
CA HIS A 53 -28.99 18.91 29.18
C HIS A 53 -28.90 20.31 29.76
N MET A 54 -28.21 20.43 30.88
CA MET A 54 -28.04 21.71 31.54
C MET A 54 -27.30 22.69 30.63
N MET A 55 -26.20 22.24 30.05
CA MET A 55 -25.36 23.16 29.26
C MET A 55 -26.03 23.65 28.02
N LYS A 56 -26.88 22.82 27.45
CA LYS A 56 -27.55 23.20 26.22
C LYS A 56 -28.58 24.32 26.46
N LEU A 57 -29.30 24.24 27.59
CA LEU A 57 -30.17 25.31 28.05
C LEU A 57 -29.36 26.57 28.33
N PHE A 58 -28.30 26.38 29.12
CA PHE A 58 -27.43 27.44 29.53
C PHE A 58 -26.95 28.21 28.31
N ASP A 59 -26.53 27.50 27.29
CA ASP A 59 -26.08 28.17 26.08
C ASP A 59 -27.21 28.91 25.37
N TYR A 60 -28.38 28.29 25.26
CA TYR A 60 -29.46 28.93 24.52
C TYR A 60 -29.78 30.25 25.19
N ILE A 61 -29.89 30.23 26.51
CA ILE A 61 -30.21 31.46 27.24
C ILE A 61 -29.16 32.54 26.91
N ASN A 62 -27.89 32.20 27.04
CA ASN A 62 -26.82 33.16 26.79
C ASN A 62 -26.81 33.66 25.37
N GLU A 63 -27.07 32.77 24.40
CA GLU A 63 -27.12 33.16 22.99
C GLU A 63 -28.24 34.18 22.72
N THR A 64 -29.36 34.09 23.45
CA THR A 64 -30.43 35.06 23.25
C THR A 64 -30.10 36.45 23.81
N GLY A 65 -28.98 36.56 24.55
CA GLY A 65 -28.58 37.82 25.17
C GLY A 65 -28.95 37.99 26.62
N SER A 66 -29.60 37.02 27.23
CA SER A 66 -29.87 37.04 28.65
C SER A 66 -28.77 36.31 29.40
N LEU A 67 -28.82 36.40 30.72
CA LEU A 67 -27.80 35.84 31.57
C LEU A 67 -28.32 34.57 32.24
N ALA A 68 -27.71 33.42 31.94
CA ALA A 68 -28.14 32.19 32.51
C ALA A 68 -27.68 32.15 33.93
N LEU A 69 -28.50 31.56 34.79
CA LEU A 69 -28.23 31.50 36.21
C LEU A 69 -28.29 30.05 36.68
N ILE A 70 -27.28 29.61 37.42
CA ILE A 70 -27.23 28.25 37.92
C ILE A 70 -28.10 28.10 39.16
N GLY A 71 -28.01 29.06 40.09
CA GLY A 71 -28.75 29.02 41.33
C GLY A 71 -28.23 28.08 42.37
N GLU A 72 -29.10 27.71 43.31
CA GLU A 72 -28.75 26.79 44.40
C GLU A 72 -29.18 25.38 44.03
N VAL A 73 -28.33 24.41 44.29
CA VAL A 73 -28.64 23.04 44.04
C VAL A 73 -28.39 22.28 45.33
N ALA A 74 -29.41 21.65 45.90
CA ALA A 74 -29.22 20.97 47.19
C ALA A 74 -29.53 19.52 47.00
N THR A 75 -28.59 18.67 47.35
CA THR A 75 -28.79 17.24 47.17
C THR A 75 -28.88 16.58 48.53
N PRO A 76 -30.05 16.02 48.85
CA PRO A 76 -30.18 15.37 50.15
C PRO A 76 -29.29 14.13 50.21
N ALA A 77 -28.81 13.83 51.42
CA ALA A 77 -28.09 12.58 51.68
C ALA A 77 -28.98 11.38 51.32
N PRO A 78 -28.37 10.21 51.04
CA PRO A 78 -29.15 9.08 50.60
C PRO A 78 -30.08 8.51 51.68
N GLU A 79 -31.38 8.69 51.50
CA GLU A 79 -32.35 8.07 52.39
C GLU A 79 -32.61 6.57 52.04
N TRP A 80 -32.35 6.16 50.81
CA TRP A 80 -33.02 4.99 50.22
C TRP A 80 -32.82 3.72 50.98
N LYS A 81 -33.92 3.00 51.18
CA LYS A 81 -33.93 1.73 51.93
C LYS A 81 -33.70 0.52 51.01
N SER A 82 -34.05 0.63 49.74
CA SER A 82 -33.72 -0.41 48.77
C SER A 82 -33.46 0.17 47.39
N HIS A 83 -32.92 -0.65 46.48
CA HIS A 83 -32.71 -0.21 45.12
C HIS A 83 -34.01 0.13 44.41
N ILE A 84 -35.10 -0.53 44.80
CA ILE A 84 -36.42 -0.23 44.19
C ILE A 84 -36.89 1.15 44.61
N GLU A 85 -36.70 1.49 45.86
CA GLU A 85 -37.11 2.80 46.34
C GLU A 85 -36.32 3.89 45.55
N LEU A 86 -35.05 3.63 45.30
CA LEU A 86 -34.21 4.58 44.55
C LEU A 86 -34.64 4.70 43.10
N LEU A 87 -34.93 3.58 42.45
CA LEU A 87 -35.47 3.62 41.10
C LEU A 87 -36.81 4.35 40.99
N GLU A 88 -37.68 4.21 42.01
CA GLU A 88 -38.95 4.91 42.05
C GLU A 88 -38.68 6.39 42.11
N ALA A 89 -37.75 6.79 42.96
CA ALA A 89 -37.40 8.19 43.08
C ALA A 89 -36.84 8.75 41.77
N ALA A 90 -35.99 7.98 41.09
CA ALA A 90 -35.44 8.39 39.81
C ALA A 90 -36.54 8.53 38.78
N TYR A 91 -37.42 7.53 38.67
CA TYR A 91 -38.51 7.64 37.74
C TYR A 91 -39.41 8.87 38.01
N ASN A 92 -39.77 9.10 39.28
CA ASN A 92 -40.65 10.22 39.63
C ASN A 92 -39.97 11.53 39.32
N HIS A 93 -38.68 11.57 39.55
CA HIS A 93 -37.87 12.74 39.25
C HIS A 93 -37.88 13.03 37.74
N GLU A 94 -37.72 11.98 36.93
CA GLU A 94 -37.85 12.16 35.49
C GLU A 94 -39.26 12.61 35.04
N LEU A 95 -40.29 12.10 35.70
CA LEU A 95 -41.64 12.56 35.39
C LEU A 95 -41.78 14.04 35.66
N ALA A 96 -41.13 14.49 36.74
CA ALA A 96 -41.25 15.88 37.15
C ALA A 96 -40.51 16.77 36.16
N ILE A 97 -39.40 16.25 35.64
CA ILE A 97 -38.67 16.99 34.63
C ILE A 97 -39.53 17.15 33.42
N THR A 98 -40.16 16.06 33.00
CA THR A 98 -41.04 16.12 31.85
C THR A 98 -42.18 17.13 32.05
N GLN A 99 -42.74 17.15 33.24
CA GLN A 99 -43.76 18.11 33.58
C GLN A 99 -43.25 19.52 33.41
N SER A 100 -42.08 19.78 33.94
CA SER A 100 -41.47 21.08 33.85
C SER A 100 -41.18 21.52 32.40
N ILE A 101 -40.74 20.58 31.58
CA ILE A 101 -40.51 20.86 30.17
C ILE A 101 -41.84 21.13 29.48
N ASN A 102 -42.85 20.31 29.73
CA ASN A 102 -44.17 20.55 29.16
C ASN A 102 -44.77 21.91 29.55
N ASP A 103 -44.61 22.32 30.79
CA ASP A 103 -45.05 23.63 31.23
C ASP A 103 -44.31 24.72 30.45
N LEU A 104 -43.01 24.53 30.27
CA LEU A 104 -42.18 25.47 29.52
C LEU A 104 -42.60 25.57 28.05
N VAL A 105 -42.90 24.44 27.44
CA VAL A 105 -43.33 24.39 26.04
C VAL A 105 -44.67 25.07 25.89
N ASP A 106 -45.58 24.74 26.78
CA ASP A 106 -46.89 25.34 26.81
C ASP A 106 -46.81 26.85 26.96
N THR A 107 -45.96 27.32 27.87
CA THR A 107 -45.89 28.75 28.04
C THR A 107 -45.22 29.45 26.84
N ALA A 108 -44.29 28.81 26.17
CA ALA A 108 -43.71 29.42 24.96
C ALA A 108 -44.74 29.55 23.86
N LEU A 109 -45.59 28.56 23.76
CA LEU A 109 -46.64 28.53 22.73
C LEU A 109 -47.65 29.64 23.00
N ARG A 110 -48.03 29.77 24.27
CA ARG A 110 -48.98 30.77 24.75
C ARG A 110 -48.47 32.21 24.52
N GLU A 111 -47.20 32.46 24.77
CA GLU A 111 -46.61 33.76 24.48
C GLU A 111 -46.18 33.97 23.03
N LYS A 112 -46.46 33.00 22.17
CA LYS A 112 -45.93 33.03 20.82
C LYS A 112 -44.41 33.28 20.72
N ASP A 113 -43.64 32.77 21.69
CA ASP A 113 -42.20 32.63 21.57
C ASP A 113 -41.88 31.32 20.82
N TYR A 114 -41.97 31.35 19.51
CA TYR A 114 -41.81 30.19 18.69
C TYR A 114 -40.37 29.72 18.67
N SER A 115 -39.45 30.64 18.88
CA SER A 115 -38.03 30.31 18.94
C SER A 115 -37.72 29.39 20.14
N THR A 116 -38.23 29.74 21.31
CA THR A 116 -38.05 28.86 22.47
C THR A 116 -38.86 27.58 22.33
N PHE A 117 -40.04 27.68 21.71
CA PHE A 117 -40.82 26.50 21.44
C PHE A 117 -40.02 25.49 20.61
N GLN A 118 -39.37 25.94 19.53
CA GLN A 118 -38.71 24.97 18.69
C GLN A 118 -37.42 24.48 19.35
N PHE A 119 -36.73 25.35 20.07
CA PHE A 119 -35.59 24.90 20.83
C PHE A 119 -35.93 23.77 21.80
N LEU A 120 -37.11 23.84 22.41
CA LEU A 120 -37.46 22.87 23.43
C LEU A 120 -37.84 21.49 22.88
N GLN A 121 -38.09 21.39 21.59
CA GLN A 121 -38.56 20.12 21.03
C GLN A 121 -37.53 19.04 21.23
N TRP A 122 -36.27 19.42 21.18
CA TRP A 122 -35.20 18.48 21.53
C TRP A 122 -35.47 17.84 22.91
N TYR A 123 -35.85 18.66 23.91
CA TYR A 123 -36.11 18.17 25.28
C TYR A 123 -37.37 17.33 25.37
N VAL A 124 -38.37 17.68 24.61
CA VAL A 124 -39.60 16.90 24.61
C VAL A 124 -39.29 15.50 24.10
N ALA A 125 -38.52 15.41 23.02
CA ALA A 125 -38.07 14.11 22.49
C ALA A 125 -37.16 13.38 23.48
N GLU A 126 -36.22 14.09 24.09
CA GLU A 126 -35.30 13.46 25.01
C GLU A 126 -36.02 12.92 26.22
N GLN A 127 -37.05 13.59 26.69
CA GLN A 127 -37.76 13.13 27.91
C GLN A 127 -38.61 11.91 27.65
N HIS A 128 -39.05 11.74 26.42
CA HIS A 128 -39.68 10.48 26.02
C HIS A 128 -38.70 9.32 26.14
N GLU A 129 -37.46 9.51 25.67
CA GLU A 129 -36.43 8.49 25.80
C GLU A 129 -36.09 8.26 27.28
N GLU A 130 -36.06 9.32 28.10
CA GLU A 130 -35.72 9.19 29.53
C GLU A 130 -36.79 8.43 30.29
N GLU A 131 -38.06 8.76 30.06
CA GLU A 131 -39.13 8.03 30.72
C GLU A 131 -39.16 6.57 30.33
N TYR A 132 -38.86 6.28 29.08
CA TYR A 132 -38.82 4.91 28.62
C TYR A 132 -37.74 4.14 29.37
N LEU A 133 -36.56 4.74 29.42
CA LEU A 133 -35.39 4.16 30.05
C LEU A 133 -35.62 3.89 31.54
N PHE A 134 -36.08 4.89 32.28
CA PHE A 134 -36.26 4.76 33.74
C PHE A 134 -37.50 3.95 34.14
N SER A 135 -38.60 4.06 33.40
CA SER A 135 -39.78 3.22 33.71
C SER A 135 -39.45 1.77 33.47
N SER A 136 -38.72 1.51 32.40
CA SER A 136 -38.42 0.16 32.01
C SER A 136 -37.48 -0.48 33.06
N MET A 137 -36.53 0.29 33.55
CA MET A 137 -35.59 -0.22 34.52
C MET A 137 -36.30 -0.53 35.85
N LEU A 138 -37.23 0.33 36.23
CA LEU A 138 -38.06 0.11 37.43
C LEU A 138 -38.94 -1.11 37.30
N HIS A 139 -39.59 -1.25 36.15
CA HIS A 139 -40.45 -2.40 35.92
C HIS A 139 -39.69 -3.70 36.05
N LYS A 140 -38.50 -3.76 35.45
CA LYS A 140 -37.68 -4.93 35.52
C LYS A 140 -37.24 -5.20 36.94
N ALA A 141 -36.95 -4.16 37.70
CA ALA A 141 -36.48 -4.35 39.07
C ALA A 141 -37.61 -4.99 39.90
N ARG A 142 -38.85 -4.56 39.68
CA ARG A 142 -40.00 -5.13 40.39
C ARG A 142 -40.26 -6.58 40.03
N ILE A 143 -40.13 -6.90 38.75
CA ILE A 143 -40.31 -8.24 38.27
C ILE A 143 -39.25 -9.13 38.83
N ILE A 144 -38.00 -8.70 38.74
CA ILE A 144 -36.86 -9.50 39.21
C ILE A 144 -36.86 -9.68 40.74
N ASN A 145 -37.58 -8.82 41.44
CA ASN A 145 -37.79 -8.97 42.88
C ASN A 145 -38.72 -10.12 43.31
N THR A 146 -39.38 -10.78 42.35
CA THR A 146 -40.26 -11.94 42.59
C THR A 146 -39.67 -13.20 41.93
N MET A 147 -39.98 -14.37 42.48
CA MET A 147 -39.48 -15.61 41.89
C MET A 147 -40.06 -15.92 40.53
N ASP A 148 -41.34 -15.68 40.37
CA ASP A 148 -42.02 -15.86 39.07
C ASP A 148 -41.37 -15.03 37.99
N GLY A 149 -41.04 -13.80 38.38
CA GLY A 149 -40.34 -12.86 37.52
C GLY A 149 -38.97 -13.31 37.13
N ARG A 150 -38.20 -13.81 38.07
CA ARG A 150 -36.87 -14.30 37.74
C ARG A 150 -36.94 -15.47 36.76
N ALA A 151 -37.98 -16.27 36.83
CA ALA A 151 -38.21 -17.34 35.85
C ALA A 151 -38.52 -16.80 34.43
N LEU A 152 -39.34 -15.75 34.33
CA LEU A 152 -39.62 -15.11 33.03
C LEU A 152 -38.35 -14.63 32.42
N PHE A 153 -37.52 -13.97 33.21
CA PHE A 153 -36.30 -13.39 32.67
C PHE A 153 -35.30 -14.45 32.27
N ARG A 154 -35.39 -15.62 32.90
CA ARG A 154 -34.51 -16.71 32.54
C ARG A 154 -34.88 -17.20 31.16
N PHE A 155 -36.18 -17.26 30.87
CA PHE A 155 -36.61 -17.64 29.54
C PHE A 155 -36.21 -16.59 28.51
N ASP A 156 -36.42 -15.32 28.84
CA ASP A 156 -36.07 -14.24 27.93
C ASP A 156 -34.58 -14.28 27.60
N GLU A 157 -33.76 -14.60 28.58
CA GLU A 157 -32.32 -14.69 28.35
C GLU A 157 -31.95 -15.87 27.49
N GLU A 158 -32.68 -16.96 27.63
CA GLU A 158 -32.50 -18.10 26.75
C GLU A 158 -32.80 -17.73 25.30
N VAL A 159 -33.83 -16.92 25.08
CA VAL A 159 -34.16 -16.50 23.75
C VAL A 159 -33.07 -15.58 23.24
N ARG A 160 -32.53 -14.69 24.07
CA ARG A 160 -31.43 -13.82 23.62
C ARG A 160 -30.22 -14.64 23.14
N LYS A 161 -29.85 -15.73 23.83
CA LYS A 161 -28.75 -16.59 23.40
C LYS A 161 -29.11 -17.51 22.27
N SER A 162 -30.21 -18.25 22.38
CA SER A 162 -30.62 -19.20 21.33
C SER A 162 -31.02 -18.54 19.97
N VAL A 163 -31.73 -17.41 19.93
CA VAL A 163 -32.26 -16.83 18.64
C VAL A 163 -32.34 -15.27 18.48
N MET B 1 0.43 -33.34 -47.86
CA MET B 1 -0.41 -32.21 -48.35
CA MET B 1 -0.40 -32.21 -48.34
C MET B 1 0.33 -31.22 -49.25
N LEU B 2 1.52 -30.75 -48.89
CA LEU B 2 2.22 -29.80 -49.80
C LEU B 2 2.65 -30.46 -51.10
N SER B 3 2.45 -29.79 -52.22
CA SER B 3 2.95 -30.29 -53.48
C SER B 3 4.47 -30.27 -53.45
N LYS B 4 5.09 -31.08 -54.29
CA LYS B 4 6.54 -31.11 -54.36
C LYS B 4 7.12 -29.77 -54.85
N THR B 5 6.47 -29.11 -55.80
CA THR B 5 7.03 -27.86 -56.33
C THR B 5 7.04 -26.78 -55.25
N ILE B 6 5.97 -26.70 -54.45
CA ILE B 6 5.86 -25.72 -53.39
C ILE B 6 6.85 -26.07 -52.29
N LEU B 7 6.89 -27.32 -51.90
CA LEU B 7 7.83 -27.79 -50.84
C LEU B 7 9.25 -27.41 -51.19
N ASP B 8 9.65 -27.64 -52.45
CA ASP B 8 11.04 -27.37 -52.84
C ASP B 8 11.34 -25.90 -52.79
N LYS B 9 10.35 -25.08 -53.14
CA LYS B 9 10.53 -23.62 -53.02
C LYS B 9 10.50 -23.07 -51.60
N LEU B 10 9.69 -23.67 -50.73
CA LEU B 10 9.67 -23.27 -49.34
C LEU B 10 11.00 -23.63 -48.68
N ASN B 11 11.46 -24.84 -48.93
CA ASN B 11 12.77 -25.25 -48.44
C ASN B 11 13.91 -24.39 -49.03
N HIS B 12 13.75 -23.95 -50.27
CA HIS B 12 14.75 -23.05 -50.82
C HIS B 12 14.74 -21.75 -50.03
N GLN B 13 13.55 -21.28 -49.68
CA GLN B 13 13.40 -20.04 -48.93
C GLN B 13 13.94 -20.19 -47.51
N VAL B 14 13.70 -21.33 -46.87
CA VAL B 14 14.32 -21.60 -45.57
C VAL B 14 15.82 -21.41 -45.67
N ASN B 15 16.41 -22.03 -46.66
CA ASN B 15 17.84 -21.93 -46.86
C ASN B 15 18.30 -20.48 -47.19
N PHE B 16 17.52 -19.77 -48.00
CA PHE B 16 17.82 -18.39 -48.34
C PHE B 16 17.81 -17.47 -47.07
N GLU B 17 16.82 -17.66 -46.19
CA GLU B 17 16.77 -16.86 -44.98
C GLU B 17 17.98 -17.19 -44.09
N ALA B 18 18.33 -18.47 -43.99
CA ALA B 18 19.49 -18.86 -43.21
C ALA B 18 20.72 -18.18 -43.76
N ALA B 19 20.84 -18.14 -45.08
CA ALA B 19 22.01 -17.54 -45.70
C ALA B 19 22.05 -16.04 -45.40
N SER B 20 20.88 -15.42 -45.32
CA SER B 20 20.79 -13.99 -45.01
C SER B 20 21.26 -13.68 -43.62
N ALA B 21 20.89 -14.52 -42.66
CA ALA B 21 21.40 -14.35 -41.34
C ALA B 21 22.93 -14.38 -41.32
N HIS B 22 23.52 -15.39 -41.97
CA HIS B 22 24.94 -15.57 -41.96
C HIS B 22 25.60 -14.41 -42.73
N LEU B 23 24.99 -13.97 -43.83
CA LEU B 23 25.51 -12.84 -44.57
C LEU B 23 25.58 -11.62 -43.65
N TYR B 24 24.53 -11.35 -42.88
CA TYR B 24 24.47 -10.12 -42.09
C TYR B 24 25.40 -10.22 -40.89
N LEU B 25 25.59 -11.43 -40.35
CA LEU B 25 26.62 -11.63 -39.34
C LEU B 25 28.00 -11.28 -39.89
N GLN B 26 28.29 -11.78 -41.11
CA GLN B 26 29.58 -11.53 -41.72
C GLN B 26 29.78 -10.04 -42.01
N MET B 27 28.74 -9.35 -42.48
CA MET B 27 28.81 -7.90 -42.72
C MET B 27 29.09 -7.17 -41.42
N SER B 28 28.44 -7.61 -40.33
CA SER B 28 28.66 -7.04 -39.03
C SER B 28 30.12 -7.11 -38.64
N ALA B 29 30.74 -8.26 -38.86
CA ALA B 29 32.16 -8.48 -38.48
C ALA B 29 33.07 -7.56 -39.27
N TRP B 30 32.78 -7.38 -40.56
CA TRP B 30 33.59 -6.52 -41.40
C TRP B 30 33.45 -5.10 -40.95
N LEU B 31 32.22 -4.68 -40.66
CA LEU B 31 31.96 -3.31 -40.26
C LEU B 31 32.73 -2.97 -38.98
N LEU B 32 32.86 -3.92 -38.07
CA LEU B 32 33.66 -3.66 -36.88
C LEU B 32 35.12 -3.35 -37.23
N THR B 33 35.68 -3.99 -38.24
CA THR B 33 37.07 -3.68 -38.64
C THR B 33 37.22 -2.27 -39.24
N GLN B 34 36.12 -1.65 -39.66
CA GLN B 34 36.11 -0.26 -40.11
C GLN B 34 35.77 0.73 -38.98
N SER B 35 35.60 0.22 -37.75
CA SER B 35 35.09 1.02 -36.63
C SER B 35 33.67 1.61 -36.81
N LEU B 36 32.85 0.95 -37.62
CA LEU B 36 31.47 1.36 -37.82
C LEU B 36 30.61 0.57 -36.87
N ASP B 37 30.75 0.87 -35.58
CA ASP B 37 30.17 0.05 -34.51
C ASP B 37 28.63 0.00 -34.49
N SER B 38 27.97 1.13 -34.76
CA SER B 38 26.50 1.15 -34.81
C SER B 38 25.92 0.43 -36.01
N THR B 39 26.55 0.60 -37.18
CA THR B 39 26.12 -0.17 -38.35
C THR B 39 26.35 -1.67 -38.08
N ALA B 40 27.47 -2.01 -37.44
CA ALA B 40 27.75 -3.41 -37.09
C ALA B 40 26.67 -3.97 -36.19
N ALA B 41 26.21 -3.17 -35.26
CA ALA B 41 25.17 -3.59 -34.29
C ALA B 41 23.84 -3.78 -35.00
N PHE B 42 23.55 -2.89 -35.96
CA PHE B 42 22.36 -3.05 -36.73
C PHE B 42 22.38 -4.38 -37.48
N PHE B 43 23.49 -4.70 -38.15
CA PHE B 43 23.52 -5.93 -38.95
C PHE B 43 23.49 -7.15 -38.06
N ARG B 44 24.09 -7.05 -36.90
CA ARG B 44 24.03 -8.15 -35.94
C ARG B 44 22.62 -8.42 -35.49
N ALA B 45 21.89 -7.37 -35.16
CA ALA B 45 20.49 -7.50 -34.72
C ALA B 45 19.64 -8.00 -35.85
N HIS B 46 19.94 -7.55 -37.07
CA HIS B 46 19.14 -7.97 -38.17
C HIS B 46 19.38 -9.43 -38.56
N ALA B 47 20.55 -9.96 -38.26
CA ALA B 47 20.79 -11.38 -38.49
C ALA B 47 19.82 -12.19 -37.64
N GLU B 48 19.50 -11.68 -36.46
CA GLU B 48 18.53 -12.34 -35.62
C GLU B 48 17.10 -12.30 -36.23
N GLU B 49 16.75 -11.23 -36.89
CA GLU B 49 15.48 -11.14 -37.59
C GLU B 49 15.40 -12.19 -38.69
N GLU B 50 16.50 -12.37 -39.42
CA GLU B 50 16.50 -13.32 -40.56
C GLU B 50 16.39 -14.77 -40.04
N LYS B 51 16.94 -15.04 -38.86
CA LYS B 51 16.75 -16.32 -38.18
C LYS B 51 15.30 -16.55 -37.83
N ALA B 52 14.60 -15.54 -37.35
CA ALA B 52 13.16 -15.66 -37.11
C ALA B 52 12.36 -15.93 -38.42
N HIS B 53 12.74 -15.27 -39.52
CA HIS B 53 12.08 -15.53 -40.81
C HIS B 53 12.28 -16.99 -41.21
N MET B 54 13.48 -17.48 -41.02
CA MET B 54 13.78 -18.86 -41.31
C MET B 54 12.95 -19.82 -40.49
N MET B 55 12.88 -19.60 -39.18
CA MET B 55 12.19 -20.51 -38.28
C MET B 55 10.67 -20.57 -38.55
N LYS B 56 10.11 -19.48 -38.97
CA LYS B 56 8.72 -19.45 -39.19
C LYS B 56 8.35 -20.29 -40.43
N LEU B 57 9.15 -20.19 -41.50
CA LEU B 57 9.02 -21.04 -42.67
C LEU B 57 9.23 -22.53 -42.28
N PHE B 58 10.31 -22.77 -41.55
CA PHE B 58 10.66 -24.10 -41.07
C PHE B 58 9.49 -24.71 -40.32
N ASP B 59 8.88 -23.96 -39.41
CA ASP B 59 7.73 -24.48 -38.67
C ASP B 59 6.50 -24.73 -39.56
N TYR B 60 6.22 -23.83 -40.49
CA TYR B 60 5.06 -24.03 -41.37
C TYR B 60 5.23 -25.37 -42.12
N ILE B 61 6.40 -25.57 -42.69
CA ILE B 61 6.64 -26.74 -43.48
C ILE B 61 6.39 -27.96 -42.62
N ASN B 62 7.00 -28.00 -41.45
CA ASN B 62 6.85 -29.14 -40.56
C ASN B 62 5.41 -29.36 -40.12
N GLU B 63 4.68 -28.27 -39.86
CA GLU B 63 3.27 -28.38 -39.45
C GLU B 63 2.39 -29.00 -40.55
N THR B 64 2.71 -28.77 -41.81
CA THR B 64 1.96 -29.37 -42.90
C THR B 64 2.23 -30.85 -43.04
N GLY B 65 3.18 -31.37 -42.31
CA GLY B 65 3.55 -32.79 -42.41
C GLY B 65 4.71 -33.13 -43.34
N SER B 66 5.30 -32.15 -44.01
CA SER B 66 6.55 -32.37 -44.74
C SER B 66 7.77 -32.11 -43.86
N LEU B 67 8.94 -32.43 -44.39
CA LEU B 67 10.19 -32.31 -43.64
C LEU B 67 10.96 -31.11 -44.16
N ALA B 68 11.16 -30.12 -43.29
CA ALA B 68 11.90 -28.94 -43.67
C ALA B 68 13.39 -29.29 -43.75
N LEU B 69 14.07 -28.68 -44.72
CA LEU B 69 15.47 -28.95 -44.95
C LEU B 69 16.27 -27.67 -44.94
N ILE B 70 17.35 -27.66 -44.19
CA ILE B 70 18.19 -26.46 -44.06
C ILE B 70 19.11 -26.30 -45.26
N GLY B 71 19.71 -27.42 -45.70
CA GLY B 71 20.59 -27.40 -46.87
C GLY B 71 21.96 -26.81 -46.59
N GLU B 72 22.65 -26.42 -47.65
CA GLU B 72 23.99 -25.85 -47.55
C GLU B 72 23.86 -24.37 -47.53
N VAL B 73 24.63 -23.73 -46.68
CA VAL B 73 24.67 -22.26 -46.63
C VAL B 73 26.12 -21.84 -46.78
N ALA B 74 26.45 -21.09 -47.81
CA ALA B 74 27.85 -20.70 -48.00
C ALA B 74 27.97 -19.22 -47.91
N THR B 75 28.80 -18.71 -47.01
CA THR B 75 28.96 -17.28 -46.85
C THR B 75 30.33 -16.90 -47.34
N PRO B 76 30.38 -16.10 -48.42
CA PRO B 76 31.70 -15.67 -48.89
C PRO B 76 32.36 -14.76 -47.85
N ALA B 77 33.69 -14.83 -47.82
CA ALA B 77 34.47 -13.89 -47.03
C ALA B 77 34.11 -12.46 -47.46
N PRO B 78 34.33 -11.52 -46.59
CA PRO B 78 34.07 -10.14 -47.02
C PRO B 78 34.57 -9.68 -48.47
N GLU B 79 33.61 -9.42 -49.35
CA GLU B 79 33.89 -8.83 -50.68
C GLU B 79 34.20 -7.30 -50.59
N TRP B 80 33.79 -6.63 -49.51
CA TRP B 80 33.56 -5.19 -49.58
C TRP B 80 34.73 -4.20 -49.44
N LYS B 81 34.78 -3.24 -50.38
CA LYS B 81 35.81 -2.20 -50.40
C LYS B 81 35.38 -0.95 -49.58
N SER B 82 34.08 -0.72 -49.46
CA SER B 82 33.57 0.40 -48.64
C SER B 82 32.23 0.04 -48.02
N HIS B 83 31.79 0.82 -47.05
CA HIS B 83 30.47 0.59 -46.45
C HIS B 83 29.33 0.76 -47.44
N ILE B 84 29.52 1.60 -48.45
CA ILE B 84 28.49 1.77 -49.45
C ILE B 84 28.35 0.56 -50.33
N GLU B 85 29.48 -0.05 -50.69
CA GLU B 85 29.44 -1.28 -51.48
C GLU B 85 28.68 -2.36 -50.67
N LEU B 86 28.90 -2.39 -49.36
CA LEU B 86 28.23 -3.37 -48.48
C LEU B 86 26.72 -3.10 -48.38
N LEU B 87 26.35 -1.85 -48.19
CA LEU B 87 24.94 -1.49 -48.19
C LEU B 87 24.21 -1.75 -49.52
N GLU B 88 24.90 -1.53 -50.65
CA GLU B 88 24.37 -1.93 -51.95
C GLU B 88 24.11 -3.46 -52.00
N ALA B 89 25.07 -4.26 -51.54
CA ALA B 89 24.94 -5.69 -51.55
C ALA B 89 23.76 -6.11 -50.67
N ALA B 90 23.62 -5.48 -49.51
CA ALA B 90 22.52 -5.79 -48.60
C ALA B 90 21.20 -5.47 -49.28
N TYR B 91 21.09 -4.28 -49.87
CA TYR B 91 19.85 -3.91 -50.53
C TYR B 91 19.51 -4.85 -51.67
N ASN B 92 20.50 -5.19 -52.50
CA ASN B 92 20.25 -6.08 -53.64
C ASN B 92 19.88 -7.50 -53.17
N HIS B 93 20.50 -7.93 -52.10
CA HIS B 93 20.12 -9.16 -51.48
C HIS B 93 18.64 -9.12 -51.04
N GLU B 94 18.22 -8.02 -50.42
CA GLU B 94 16.84 -7.95 -49.97
C GLU B 94 15.91 -7.93 -51.17
N LEU B 95 16.31 -7.29 -52.27
CA LEU B 95 15.48 -7.31 -53.51
C LEU B 95 15.32 -8.73 -54.05
N ALA B 96 16.39 -9.52 -53.96
CA ALA B 96 16.37 -10.89 -54.39
C ALA B 96 15.48 -11.76 -53.48
N ILE B 97 15.49 -11.48 -52.18
CA ILE B 97 14.59 -12.17 -51.27
C ILE B 97 13.16 -11.85 -51.66
N THR B 98 12.86 -10.57 -51.89
CA THR B 98 11.53 -10.21 -52.29
C THR B 98 11.10 -10.95 -53.56
N GLN B 99 12.01 -11.03 -54.53
CA GLN B 99 11.73 -11.72 -55.78
C GLN B 99 11.37 -13.15 -55.51
N SER B 100 12.15 -13.80 -54.68
CA SER B 100 11.92 -15.16 -54.34
C SER B 100 10.55 -15.39 -53.62
N ILE B 101 10.17 -14.47 -52.73
CA ILE B 101 8.90 -14.56 -52.05
C ILE B 101 7.81 -14.37 -53.08
N ASN B 102 7.96 -13.39 -53.97
CA ASN B 102 6.93 -13.15 -54.97
C ASN B 102 6.73 -14.35 -55.86
N ASP B 103 7.81 -15.01 -56.24
CA ASP B 103 7.70 -16.18 -57.07
C ASP B 103 6.94 -17.24 -56.32
N LEU B 104 7.23 -17.37 -55.05
CA LEU B 104 6.59 -18.35 -54.21
C LEU B 104 5.08 -18.07 -54.08
N VAL B 105 4.73 -16.80 -53.90
CA VAL B 105 3.33 -16.40 -53.78
C VAL B 105 2.60 -16.67 -55.07
N ASP B 106 3.22 -16.26 -56.17
CA ASP B 106 2.68 -16.50 -57.51
C ASP B 106 2.47 -17.98 -57.78
N THR B 107 3.43 -18.82 -57.42
CA THR B 107 3.21 -20.25 -57.66
C THR B 107 2.13 -20.85 -56.74
N ALA B 108 1.99 -20.36 -55.51
CA ALA B 108 0.91 -20.87 -54.64
C ALA B 108 -0.46 -20.52 -55.22
N LEU B 109 -0.57 -19.33 -55.77
CA LEU B 109 -1.81 -18.84 -56.35
C LEU B 109 -2.15 -19.69 -57.58
N ARG B 110 -1.15 -19.93 -58.42
CA ARG B 110 -1.28 -20.73 -59.64
C ARG B 110 -1.71 -22.19 -59.35
N GLU B 111 -1.16 -22.81 -58.31
CA GLU B 111 -1.59 -24.15 -57.92
C GLU B 111 -2.84 -24.19 -57.05
N LYS B 112 -3.45 -23.03 -56.80
CA LYS B 112 -4.54 -22.92 -55.82
C LYS B 112 -4.23 -23.52 -54.43
N ASP B 113 -2.97 -23.41 -54.00
CA ASP B 113 -2.57 -23.68 -52.60
C ASP B 113 -2.80 -22.41 -51.79
N TYR B 114 -4.05 -22.18 -51.42
CA TYR B 114 -4.45 -20.96 -50.76
C TYR B 114 -3.86 -20.88 -49.34
N SER B 115 -3.61 -22.03 -48.75
CA SER B 115 -3.04 -22.08 -47.43
C SER B 115 -1.64 -21.51 -47.42
N THR B 116 -0.82 -21.92 -48.38
CA THR B 116 0.50 -21.37 -48.49
C THR B 116 0.45 -19.91 -48.93
N PHE B 117 -0.51 -19.58 -49.79
CA PHE B 117 -0.67 -18.20 -50.19
C PHE B 117 -0.88 -17.31 -48.99
N GLN B 118 -1.77 -17.70 -48.06
CA GLN B 118 -2.07 -16.79 -46.98
C GLN B 118 -0.95 -16.78 -45.99
N PHE B 119 -0.29 -17.90 -45.79
CA PHE B 119 0.87 -17.93 -44.89
C PHE B 119 1.96 -16.98 -45.36
N LEU B 120 2.14 -16.86 -46.67
CA LEU B 120 3.20 -16.01 -47.19
C LEU B 120 2.93 -14.50 -47.07
N GLN B 121 1.70 -14.08 -46.82
CA GLN B 121 1.36 -12.67 -46.84
C GLN B 121 2.16 -11.96 -45.76
N TRP B 122 2.39 -12.63 -44.65
CA TRP B 122 3.28 -12.09 -43.66
C TRP B 122 4.63 -11.67 -44.28
N TYR B 123 5.23 -12.53 -45.11
CA TYR B 123 6.53 -12.26 -45.73
C TYR B 123 6.44 -11.13 -46.77
N VAL B 124 5.33 -11.07 -47.50
CA VAL B 124 5.18 -10.01 -48.46
C VAL B 124 5.20 -8.65 -47.73
N ALA B 125 4.47 -8.56 -46.63
CA ALA B 125 4.44 -7.36 -45.82
C ALA B 125 5.80 -7.09 -45.21
N GLU B 126 6.46 -8.13 -44.69
CA GLU B 126 7.76 -7.97 -44.05
C GLU B 126 8.81 -7.49 -45.05
N GLN B 127 8.74 -7.95 -46.28
CA GLN B 127 9.72 -7.53 -47.28
C GLN B 127 9.53 -6.08 -47.71
N HIS B 128 8.32 -5.57 -47.66
CA HIS B 128 8.10 -4.15 -47.87
C HIS B 128 8.84 -3.34 -46.81
N GLU B 129 8.75 -3.76 -45.55
CA GLU B 129 9.43 -3.10 -44.46
C GLU B 129 10.94 -3.22 -44.64
N GLU B 130 11.41 -4.36 -45.11
CA GLU B 130 12.86 -4.59 -45.30
C GLU B 130 13.42 -3.72 -46.40
N GLU B 131 12.74 -3.66 -47.53
CA GLU B 131 13.20 -2.82 -48.63
C GLU B 131 13.21 -1.35 -48.22
N TYR B 132 12.23 -0.93 -47.44
CA TYR B 132 12.17 0.45 -46.99
C TYR B 132 13.39 0.74 -46.11
N LEU B 133 13.65 -0.15 -45.17
CA LEU B 133 14.75 -0.03 -44.25
C LEU B 133 16.10 0.07 -44.96
N PHE B 134 16.37 -0.89 -45.85
CA PHE B 134 17.68 -0.99 -46.47
C PHE B 134 17.89 0.03 -47.57
N SER B 135 16.83 0.36 -48.32
CA SER B 135 16.96 1.38 -49.36
C SER B 135 17.22 2.73 -48.70
N SER B 136 16.53 2.98 -47.60
CA SER B 136 16.66 4.25 -46.92
C SER B 136 18.08 4.39 -46.33
N MET B 137 18.62 3.31 -45.79
CA MET B 137 19.95 3.37 -45.18
C MET B 137 21.01 3.59 -46.26
N LEU B 138 20.82 2.97 -47.41
CA LEU B 138 21.72 3.18 -48.54
C LEU B 138 21.67 4.63 -49.01
N HIS B 139 20.45 5.15 -49.17
CA HIS B 139 20.28 6.50 -49.68
CA HIS B 139 20.22 6.50 -49.71
C HIS B 139 20.97 7.50 -48.80
N LYS B 140 20.81 7.35 -47.49
CA LYS B 140 21.49 8.20 -46.52
C LYS B 140 23.01 8.06 -46.59
N ALA B 141 23.51 6.85 -46.82
CA ALA B 141 24.95 6.66 -46.88
C ALA B 141 25.53 7.41 -48.08
N ARG B 142 24.84 7.39 -49.21
CA ARG B 142 25.28 8.09 -50.41
C ARG B 142 25.27 9.60 -50.22
N ILE B 143 24.23 10.10 -49.55
CA ILE B 143 24.12 11.53 -49.28
C ILE B 143 25.21 11.95 -48.33
N ILE B 144 25.40 11.21 -47.26
CA ILE B 144 26.41 11.53 -46.25
C ILE B 144 27.84 11.42 -46.78
N ASN B 145 28.01 10.72 -47.89
CA ASN B 145 29.30 10.64 -48.58
C ASN B 145 29.71 11.89 -49.34
N THR B 146 28.81 12.85 -49.48
CA THR B 146 29.10 14.14 -50.13
C THR B 146 29.03 15.29 -49.06
N MET B 147 29.80 16.36 -49.27
CA MET B 147 29.77 17.50 -48.34
C MET B 147 28.44 18.24 -48.32
N ASP B 148 27.84 18.43 -49.51
CA ASP B 148 26.50 19.02 -49.60
C ASP B 148 25.47 18.23 -48.77
N GLY B 149 25.57 16.90 -48.87
CA GLY B 149 24.77 15.99 -48.11
C GLY B 149 24.96 16.10 -46.62
N ARG B 150 26.19 16.17 -46.16
CA ARG B 150 26.41 16.30 -44.73
C ARG B 150 25.83 17.62 -44.20
N ALA B 151 25.79 18.65 -45.02
CA ALA B 151 25.13 19.89 -44.64
C ALA B 151 23.59 19.75 -44.52
N LEU B 152 22.95 19.02 -45.44
CA LEU B 152 21.53 18.73 -45.34
C LEU B 152 21.20 18.02 -44.05
N PHE B 153 21.99 17.01 -43.72
CA PHE B 153 21.74 16.24 -42.51
C PHE B 153 22.00 17.04 -41.26
N ARG B 154 22.87 18.03 -41.33
CA ARG B 154 23.12 18.88 -40.19
C ARG B 154 21.87 19.72 -39.92
N PHE B 155 21.21 20.17 -40.98
CA PHE B 155 19.96 20.90 -40.81
C PHE B 155 18.88 19.99 -40.26
N ASP B 156 18.75 18.79 -40.82
CA ASP B 156 17.74 17.83 -40.36
C ASP B 156 17.94 17.53 -38.88
N GLU B 157 19.18 17.42 -38.44
CA GLU B 157 19.44 17.15 -37.03
C GLU B 157 19.08 18.33 -36.16
N GLU B 158 19.28 19.54 -36.68
CA GLU B 158 18.85 20.74 -35.98
C GLU B 158 17.33 20.75 -35.78
N VAL B 159 16.60 20.28 -36.78
CA VAL B 159 15.18 20.19 -36.63
C VAL B 159 14.81 19.12 -35.60
N ARG B 160 15.50 18.00 -35.58
CA ARG B 160 15.21 16.97 -34.59
C ARG B 160 15.37 17.50 -33.16
N LYS B 161 16.40 18.30 -32.91
CA LYS B 161 16.62 18.90 -31.59
C LYS B 161 15.69 20.08 -31.31
N SER B 162 15.64 21.06 -32.20
CA SER B 162 14.84 22.28 -31.99
C SER B 162 13.31 22.10 -31.99
N VAL B 163 12.71 21.47 -33.01
CA VAL B 163 11.23 21.28 -33.04
C VAL B 163 10.85 19.82 -32.64
N LEU B 164 10.75 18.91 -33.60
CA LEU B 164 10.75 17.45 -33.27
C LEU B 164 10.17 16.59 -34.42
N MET C 1 55.05 -19.15 1.83
CA MET C 1 54.51 -19.96 0.69
C MET C 1 54.95 -19.43 -0.70
N LEU C 2 54.85 -18.14 -1.01
CA LEU C 2 55.24 -17.69 -2.37
C LEU C 2 56.73 -17.79 -2.56
N SER C 3 57.14 -18.28 -3.71
CA SER C 3 58.56 -18.31 -4.04
C SER C 3 59.07 -16.88 -4.20
N LYS C 4 60.35 -16.67 -4.02
CA LYS C 4 60.93 -15.35 -4.15
C LYS C 4 60.79 -14.81 -5.57
N THR C 5 60.93 -15.65 -6.57
CA THR C 5 60.83 -15.16 -7.93
C THR C 5 59.43 -14.64 -8.25
N ILE C 6 58.40 -15.37 -7.79
CA ILE C 6 57.00 -15.00 -8.04
C ILE C 6 56.63 -13.77 -7.20
N LEU C 7 57.02 -13.76 -5.94
CA LEU C 7 56.84 -12.58 -5.10
C LEU C 7 57.40 -11.32 -5.77
N ASP C 8 58.62 -11.40 -6.30
CA ASP C 8 59.27 -10.20 -6.82
C ASP C 8 58.52 -9.73 -8.03
N LYS C 9 58.00 -10.66 -8.80
CA LYS C 9 57.23 -10.27 -9.96
C LYS C 9 55.84 -9.71 -9.63
N LEU C 10 55.20 -10.25 -8.60
CA LEU C 10 53.90 -9.78 -8.19
C LEU C 10 54.06 -8.39 -7.65
N ASN C 11 55.09 -8.17 -6.85
CA ASN C 11 55.37 -6.82 -6.35
C ASN C 11 55.75 -5.85 -7.48
N HIS C 12 56.40 -6.35 -8.49
CA HIS C 12 56.68 -5.51 -9.62
C HIS C 12 55.34 -5.09 -10.25
N GLN C 13 54.40 -6.03 -10.36
CA GLN C 13 53.11 -5.76 -10.99
C GLN C 13 52.28 -4.80 -10.13
N VAL C 14 52.32 -4.95 -8.81
CA VAL C 14 51.72 -3.98 -7.96
C VAL C 14 52.20 -2.58 -8.35
N ASN C 15 53.51 -2.43 -8.44
CA ASN C 15 54.11 -1.16 -8.73
C ASN C 15 53.72 -0.67 -10.11
N PHE C 16 53.65 -1.59 -11.05
CA PHE C 16 53.29 -1.27 -12.44
C PHE C 16 51.84 -0.76 -12.50
N GLU C 17 50.93 -1.37 -11.78
CA GLU C 17 49.53 -0.91 -11.77
C GLU C 17 49.44 0.46 -11.12
N ALA C 18 50.18 0.65 -10.04
CA ALA C 18 50.24 1.99 -9.40
C ALA C 18 50.73 3.04 -10.37
N ALA C 19 51.77 2.72 -11.13
CA ALA C 19 52.30 3.66 -12.09
C ALA C 19 51.29 3.94 -13.19
N SER C 20 50.46 2.95 -13.53
CA SER C 20 49.44 3.16 -14.55
C SER C 20 48.40 4.15 -14.07
N ALA C 21 48.00 4.03 -12.82
CA ALA C 21 47.02 4.95 -12.29
C ALA C 21 47.52 6.37 -12.38
N HIS C 22 48.78 6.57 -11.97
CA HIS C 22 49.38 7.90 -11.99
C HIS C 22 49.55 8.39 -13.41
N LEU C 23 49.91 7.50 -14.32
CA LEU C 23 50.07 7.88 -15.73
C LEU C 23 48.76 8.39 -16.27
N TYR C 24 47.66 7.69 -15.97
CA TYR C 24 46.37 8.06 -16.52
C TYR C 24 45.81 9.31 -15.87
N LEU C 25 46.07 9.51 -14.59
CA LEU C 25 45.78 10.79 -13.98
C LEU C 25 46.53 11.93 -14.69
N GLN C 26 47.83 11.74 -14.94
CA GLN C 26 48.63 12.79 -15.59
C GLN C 26 48.11 13.07 -17.02
N MET C 27 47.71 12.01 -17.73
CA MET C 27 47.13 12.16 -19.08
C MET C 27 45.83 12.94 -19.01
N SER C 28 45.02 12.64 -18.00
CA SER C 28 43.77 13.35 -17.80
C SER C 28 44.03 14.84 -17.67
N ALA C 29 45.02 15.20 -16.87
CA ALA C 29 45.34 16.60 -16.63
C ALA C 29 45.76 17.32 -17.90
N TRP C 30 46.58 16.67 -18.70
CA TRP C 30 47.02 17.23 -19.96
C TRP C 30 45.85 17.43 -20.93
N LEU C 31 45.00 16.40 -21.04
CA LEU C 31 43.84 16.49 -21.88
C LEU C 31 42.95 17.67 -21.54
N LEU C 32 42.81 18.00 -20.25
CA LEU C 32 42.00 19.15 -19.86
C LEU C 32 42.59 20.45 -20.43
N THR C 33 43.90 20.55 -20.51
CA THR C 33 44.52 21.75 -21.13
C THR C 33 44.23 21.86 -22.63
N GLN C 34 43.84 20.77 -23.27
CA GLN C 34 43.46 20.76 -24.70
C GLN C 34 41.95 20.92 -24.86
N SER C 35 41.22 21.09 -23.77
CA SER C 35 39.74 21.10 -23.78
C SER C 35 39.08 19.79 -24.27
N LEU C 36 39.77 18.68 -24.12
CA LEU C 36 39.24 17.36 -24.43
C LEU C 36 38.64 16.77 -23.15
N ASP C 37 37.56 17.37 -22.70
CA ASP C 37 37.00 17.09 -21.38
C ASP C 37 36.49 15.64 -21.19
N SER C 38 35.89 15.06 -22.22
CA SER C 38 35.38 13.70 -22.13
C SER C 38 36.49 12.68 -22.12
N THR C 39 37.52 12.89 -22.94
CA THR C 39 38.67 12.01 -22.92
C THR C 39 39.37 12.14 -21.56
N ALA C 40 39.43 13.37 -21.02
CA ALA C 40 40.01 13.56 -19.69
C ALA C 40 39.26 12.77 -18.64
N ALA C 41 37.95 12.77 -18.74
CA ALA C 41 37.08 12.08 -17.77
C ALA C 41 37.26 10.57 -17.88
N PHE C 42 37.42 10.09 -19.12
CA PHE C 42 37.70 8.70 -19.30
C PHE C 42 39.00 8.29 -18.61
N PHE C 43 40.07 9.05 -18.81
CA PHE C 43 41.35 8.70 -18.19
C PHE C 43 41.31 8.82 -16.68
N ARG C 44 40.56 9.78 -16.18
CA ARG C 44 40.41 9.92 -14.75
C ARG C 44 39.75 8.70 -14.17
N ALA C 45 38.67 8.28 -14.78
CA ALA C 45 37.91 7.12 -14.31
C ALA C 45 38.76 5.86 -14.43
N HIS C 46 39.54 5.77 -15.50
CA HIS C 46 40.35 4.60 -15.69
C HIS C 46 41.52 4.53 -14.72
N ALA C 47 41.99 5.68 -14.21
CA ALA C 47 43.00 5.64 -13.16
C ALA C 47 42.46 4.92 -11.95
N GLU C 48 41.17 5.08 -11.68
CA GLU C 48 40.56 4.40 -10.58
C GLU C 48 40.51 2.87 -10.82
N GLU C 49 40.32 2.47 -12.07
CA GLU C 49 40.34 1.05 -12.39
C GLU C 49 41.74 0.45 -12.13
N GLU C 50 42.78 1.19 -12.47
CA GLU C 50 44.11 0.70 -12.28
C GLU C 50 44.41 0.56 -10.80
N LYS C 51 43.83 1.42 -9.99
CA LYS C 51 44.02 1.35 -8.55
C LYS C 51 43.42 0.09 -8.05
N ALA C 52 42.27 -0.28 -8.59
CA ALA C 52 41.64 -1.54 -8.18
C ALA C 52 42.49 -2.76 -8.59
N HIS C 53 43.11 -2.71 -9.76
CA HIS C 53 44.00 -3.78 -10.18
C HIS C 53 45.17 -3.89 -9.21
N MET C 54 45.72 -2.75 -8.80
CA MET C 54 46.79 -2.72 -7.85
C MET C 54 46.38 -3.35 -6.52
N MET C 55 45.23 -2.97 -6.00
CA MET C 55 44.82 -3.41 -4.67
C MET C 55 44.54 -4.89 -4.62
N LYS C 56 44.07 -5.44 -5.73
CA LYS C 56 43.73 -6.84 -5.77
C LYS C 56 45.00 -7.72 -5.73
N LEU C 57 46.06 -7.30 -6.42
CA LEU C 57 47.39 -7.91 -6.32
C LEU C 57 47.97 -7.76 -4.92
N PHE C 58 47.92 -6.54 -4.42
CA PHE C 58 48.35 -6.19 -3.07
C PHE C 58 47.70 -7.09 -2.05
N ASP C 59 46.40 -7.29 -2.16
CA ASP C 59 45.72 -8.18 -1.20
C ASP C 59 46.12 -9.65 -1.34
N TYR C 60 46.26 -10.12 -2.58
CA TYR C 60 46.64 -11.52 -2.79
C TYR C 60 47.99 -11.78 -2.13
N ILE C 61 48.95 -10.89 -2.39
CA ILE C 61 50.27 -11.06 -1.84
C ILE C 61 50.19 -11.14 -0.30
N ASN C 62 49.49 -10.20 0.31
CA ASN C 62 49.38 -10.18 1.76
C ASN C 62 48.65 -11.39 2.32
N GLU C 63 47.61 -11.85 1.63
CA GLU C 63 46.88 -13.06 2.05
C GLU C 63 47.75 -14.31 2.04
N THR C 64 48.71 -14.40 1.11
CA THR C 64 49.63 -15.55 1.10
C THR C 64 50.64 -15.54 2.23
N GLY C 65 50.70 -14.45 2.99
CA GLY C 65 51.65 -14.32 4.10
C GLY C 65 52.93 -13.56 3.78
N SER C 66 53.10 -13.11 2.54
CA SER C 66 54.23 -12.23 2.21
C SER C 66 53.84 -10.76 2.33
N LEU C 67 54.81 -9.88 2.16
CA LEU C 67 54.63 -8.47 2.39
C LEU C 67 54.63 -7.78 1.05
N ALA C 68 53.51 -7.17 0.71
CA ALA C 68 53.40 -6.47 -0.56
C ALA C 68 54.17 -5.17 -0.47
N LEU C 69 54.78 -4.78 -1.56
CA LEU C 69 55.61 -3.59 -1.59
C LEU C 69 55.17 -2.67 -2.73
N ILE C 70 54.98 -1.39 -2.43
CA ILE C 70 54.52 -0.43 -3.42
C ILE C 70 55.66 0.06 -4.29
N GLY C 71 56.81 0.35 -3.66
CA GLY C 71 57.99 0.79 -4.40
C GLY C 71 57.93 2.24 -4.85
N GLU C 72 58.78 2.58 -5.82
CA GLU C 72 58.88 3.94 -6.36
C GLU C 72 58.07 4.02 -7.62
N VAL C 73 57.31 5.10 -7.74
CA VAL C 73 56.47 5.30 -8.90
C VAL C 73 56.83 6.67 -9.44
N ALA C 74 57.34 6.76 -10.65
CA ALA C 74 57.76 8.07 -11.18
C ALA C 74 57.00 8.38 -12.41
N THR C 75 56.29 9.49 -12.43
CA THR C 75 55.45 9.83 -13.56
C THR C 75 56.06 11.02 -14.27
N PRO C 76 56.51 10.82 -15.52
CA PRO C 76 57.07 11.93 -16.25
C PRO C 76 56.02 12.99 -16.53
N ALA C 77 56.47 14.25 -16.56
CA ALA C 77 55.62 15.38 -16.97
C ALA C 77 55.10 15.12 -18.38
N PRO C 78 54.01 15.76 -18.76
CA PRO C 78 53.41 15.47 -20.05
C PRO C 78 54.24 15.94 -21.23
N GLU C 79 54.82 15.01 -21.97
CA GLU C 79 55.51 15.34 -23.20
C GLU C 79 54.53 15.57 -24.40
N TRP C 80 53.32 15.02 -24.34
CA TRP C 80 52.52 14.71 -25.56
C TRP C 80 52.25 15.91 -26.45
N LYS C 81 52.49 15.74 -27.75
CA LYS C 81 52.32 16.81 -28.73
C LYS C 81 50.89 16.79 -29.31
N SER C 82 50.22 15.64 -29.30
CA SER C 82 48.82 15.59 -29.70
C SER C 82 48.07 14.54 -28.90
N HIS C 83 46.74 14.56 -28.98
CA HIS C 83 45.97 13.50 -28.38
C HIS C 83 46.24 12.12 -28.97
N ILE C 84 46.60 12.05 -30.24
CA ILE C 84 46.93 10.75 -30.85
C ILE C 84 48.24 10.16 -30.28
N GLU C 85 49.23 11.03 -30.07
CA GLU C 85 50.48 10.58 -29.48
C GLU C 85 50.21 10.02 -28.06
N LEU C 86 49.30 10.67 -27.34
CA LEU C 86 48.92 10.22 -26.00
C LEU C 86 48.21 8.86 -26.03
N LEU C 87 47.26 8.72 -26.93
CA LEU C 87 46.56 7.46 -27.07
C LEU C 87 47.48 6.31 -27.49
N GLU C 88 48.44 6.59 -28.37
CA GLU C 88 49.45 5.62 -28.71
C GLU C 88 50.21 5.16 -27.46
N ALA C 89 50.58 6.12 -26.62
CA ALA C 89 51.35 5.81 -25.41
C ALA C 89 50.52 4.97 -24.49
N ALA C 90 49.24 5.31 -24.39
CA ALA C 90 48.34 4.55 -23.52
C ALA C 90 48.21 3.11 -24.04
N TYR C 91 47.99 2.96 -25.34
CA TYR C 91 47.84 1.63 -25.88
C TYR C 91 49.10 0.81 -25.70
N ASN C 92 50.27 1.41 -25.95
CA ASN C 92 51.55 0.68 -25.80
C ASN C 92 51.79 0.31 -24.36
N HIS C 93 51.40 1.21 -23.46
CA HIS C 93 51.49 0.95 -22.04
C HIS C 93 50.61 -0.24 -21.67
N GLU C 94 49.40 -0.30 -22.20
CA GLU C 94 48.54 -1.44 -21.94
C GLU C 94 49.12 -2.74 -22.52
N LEU C 95 49.77 -2.67 -23.70
CA LEU C 95 50.44 -3.86 -24.28
C LEU C 95 51.57 -4.34 -23.39
N ALA C 96 52.28 -3.40 -22.75
CA ALA C 96 53.36 -3.74 -21.84
C ALA C 96 52.83 -4.39 -20.56
N ILE C 97 51.69 -3.93 -20.10
CA ILE C 97 51.09 -4.52 -18.93
C ILE C 97 50.71 -5.95 -19.27
N THR C 98 50.10 -6.15 -20.42
CA THR C 98 49.73 -7.48 -20.80
C THR C 98 50.95 -8.38 -20.87
N GLN C 99 52.05 -7.87 -21.42
CA GLN C 99 53.29 -8.63 -21.51
C GLN C 99 53.73 -9.06 -20.13
N SER C 100 53.72 -8.13 -19.22
CA SER C 100 54.11 -8.38 -17.87
C SER C 100 53.22 -9.44 -17.17
N ILE C 101 51.91 -9.39 -17.43
CA ILE C 101 50.99 -10.37 -16.88
C ILE C 101 51.27 -11.73 -17.50
N ASN C 102 51.42 -11.77 -18.82
CA ASN C 102 51.76 -13.02 -19.48
C ASN C 102 53.07 -13.65 -18.97
N ASP C 103 54.10 -12.86 -18.75
CA ASP C 103 55.32 -13.38 -18.19
C ASP C 103 55.01 -13.99 -16.81
N LEU C 104 54.22 -13.29 -16.02
CA LEU C 104 53.90 -13.71 -14.66
C LEU C 104 53.12 -15.04 -14.70
N VAL C 105 52.19 -15.16 -15.62
CA VAL C 105 51.38 -16.37 -15.76
C VAL C 105 52.27 -17.54 -16.19
N ASP C 106 53.10 -17.30 -17.19
CA ASP C 106 54.08 -18.26 -17.66
C ASP C 106 55.02 -18.74 -16.56
N THR C 107 55.54 -17.82 -15.74
CA THR C 107 56.42 -18.26 -14.68
C THR C 107 55.67 -19.01 -13.57
N ALA C 108 54.41 -18.68 -13.29
CA ALA C 108 53.67 -19.46 -12.31
C ALA C 108 53.45 -20.90 -12.79
N LEU C 109 53.19 -21.04 -14.07
CA LEU C 109 52.93 -22.34 -14.67
C LEU C 109 54.20 -23.18 -14.61
N ARG C 110 55.31 -22.55 -14.94
CA ARG C 110 56.64 -23.18 -14.97
C ARG C 110 57.05 -23.66 -13.56
N GLU C 111 56.80 -22.86 -12.53
CA GLU C 111 57.07 -23.30 -11.14
C GLU C 111 55.97 -24.16 -10.53
N LYS C 112 54.94 -24.49 -11.31
CA LYS C 112 53.78 -25.17 -10.78
C LYS C 112 53.16 -24.50 -9.53
N ASP C 113 53.21 -23.16 -9.49
CA ASP C 113 52.42 -22.35 -8.54
C ASP C 113 51.02 -22.16 -9.12
N TYR C 114 50.18 -23.18 -9.00
CA TYR C 114 48.86 -23.18 -9.62
C TYR C 114 47.93 -22.16 -8.98
N SER C 115 48.17 -21.87 -7.71
CA SER C 115 47.40 -20.89 -7.01
C SER C 115 47.57 -19.50 -7.62
N THR C 116 48.80 -19.11 -7.88
CA THR C 116 49.04 -17.81 -8.50
C THR C 116 48.59 -17.83 -9.93
N PHE C 117 48.74 -18.97 -10.59
CA PHE C 117 48.26 -19.11 -11.96
C PHE C 117 46.77 -18.82 -12.02
N GLN C 118 45.99 -19.39 -11.11
CA GLN C 118 44.55 -19.20 -11.23
C GLN C 118 44.17 -17.81 -10.80
N PHE C 119 44.85 -17.26 -9.81
CA PHE C 119 44.57 -15.89 -9.41
C PHE C 119 44.77 -14.93 -10.57
N LEU C 120 45.77 -15.19 -11.41
CA LEU C 120 46.08 -14.26 -12.49
C LEU C 120 45.13 -14.30 -13.66
N GLN C 121 44.25 -15.30 -13.72
CA GLN C 121 43.37 -15.44 -14.88
C GLN C 121 42.43 -14.25 -14.97
N TRP C 122 42.03 -13.74 -13.83
CA TRP C 122 41.28 -12.49 -13.81
C TRP C 122 42.00 -11.40 -14.63
N TYR C 123 43.32 -11.23 -14.43
CA TYR C 123 44.10 -10.20 -15.12
C TYR C 123 44.26 -10.49 -16.58
N VAL C 124 44.39 -11.74 -16.93
CA VAL C 124 44.50 -12.09 -18.34
C VAL C 124 43.21 -11.66 -19.03
N ALA C 125 42.06 -11.98 -18.43
CA ALA C 125 40.77 -11.58 -18.98
C ALA C 125 40.61 -10.07 -19.01
N GLU C 126 41.01 -9.41 -17.94
CA GLU C 126 40.88 -7.97 -17.85
C GLU C 126 41.74 -7.27 -18.91
N GLN C 127 42.92 -7.80 -19.19
CA GLN C 127 43.80 -7.15 -20.16
C GLN C 127 43.27 -7.31 -21.57
N HIS C 128 42.53 -8.38 -21.84
CA HIS C 128 41.85 -8.48 -23.11
C HIS C 128 40.85 -7.34 -23.29
N GLU C 129 40.08 -7.05 -22.23
CA GLU C 129 39.12 -5.94 -22.25
C GLU C 129 39.87 -4.59 -22.37
N GLU C 130 41.02 -4.45 -21.70
CA GLU C 130 41.81 -3.21 -21.78
C GLU C 130 42.38 -2.95 -23.15
N GLU C 131 42.97 -3.96 -23.78
CA GLU C 131 43.48 -3.79 -25.12
C GLU C 131 42.38 -3.44 -26.09
N TYR C 132 41.22 -4.06 -25.94
CA TYR C 132 40.09 -3.81 -26.84
C TYR C 132 39.66 -2.35 -26.72
N LEU C 133 39.51 -1.91 -25.48
CA LEU C 133 39.14 -0.54 -25.18
C LEU C 133 40.11 0.51 -25.73
N PHE C 134 41.40 0.36 -25.41
CA PHE C 134 42.41 1.33 -25.84
C PHE C 134 42.75 1.26 -27.33
N SER C 135 42.78 0.06 -27.93
CA SER C 135 43.08 -0.03 -29.36
C SER C 135 41.94 0.62 -30.12
N SER C 136 40.73 0.36 -29.67
CA SER C 136 39.56 0.84 -30.37
C SER C 136 39.49 2.38 -30.30
N MET C 137 39.82 2.94 -29.15
CA MET C 137 39.83 4.39 -29.00
C MET C 137 40.91 5.05 -29.88
N LEU C 138 42.07 4.43 -29.96
CA LEU C 138 43.14 4.88 -30.84
C LEU C 138 42.69 4.84 -32.31
N HIS C 139 42.09 3.72 -32.71
CA HIS C 139 41.70 3.45 -34.12
C HIS C 139 40.71 4.55 -34.53
N LYS C 140 39.75 4.86 -33.66
CA LYS C 140 38.79 5.92 -33.92
C LYS C 140 39.45 7.29 -33.98
N ALA C 141 40.44 7.54 -33.15
CA ALA C 141 41.08 8.82 -33.17
C ALA C 141 41.77 9.07 -34.51
N ARG C 142 42.42 8.05 -35.02
CA ARG C 142 43.12 8.13 -36.31
C ARG C 142 42.17 8.33 -37.48
N ILE C 143 41.04 7.65 -37.44
CA ILE C 143 40.01 7.83 -38.44
C ILE C 143 39.44 9.23 -38.39
N ILE C 144 39.06 9.69 -37.20
CA ILE C 144 38.44 11.00 -37.02
C ILE C 144 39.40 12.14 -37.35
N ASN C 145 40.69 11.85 -37.35
CA ASN C 145 41.71 12.83 -37.78
C ASN C 145 41.71 13.16 -39.25
N THR C 146 40.88 12.47 -40.03
CA THR C 146 40.78 12.63 -41.47
C THR C 146 39.42 12.98 -41.90
N MET C 147 39.31 13.69 -43.00
CA MET C 147 38.00 14.09 -43.46
C MET C 147 37.12 12.92 -43.93
N ASP C 148 37.71 11.98 -44.67
CA ASP C 148 36.99 10.77 -45.10
C ASP C 148 36.44 10.00 -43.89
N GLY C 149 37.26 9.92 -42.86
CA GLY C 149 36.90 9.31 -41.61
C GLY C 149 35.74 10.02 -40.93
N ARG C 150 35.77 11.34 -40.87
CA ARG C 150 34.69 12.04 -40.20
C ARG C 150 33.38 11.82 -40.94
N ALA C 151 33.44 11.64 -42.25
CA ALA C 151 32.25 11.28 -43.01
C ALA C 151 31.71 9.88 -42.69
N LEU C 152 32.59 8.90 -42.51
CA LEU C 152 32.17 7.57 -42.08
C LEU C 152 31.43 7.62 -40.75
N PHE C 153 32.00 8.34 -39.80
CA PHE C 153 31.42 8.43 -38.48
C PHE C 153 30.12 9.18 -38.49
N ARG C 154 29.93 10.06 -39.46
CA ARG C 154 28.67 10.78 -39.55
C ARG C 154 27.58 9.83 -40.01
N PHE C 155 27.92 8.92 -40.92
CA PHE C 155 26.98 7.89 -41.30
C PHE C 155 26.67 6.95 -40.15
N ASP C 156 27.70 6.50 -39.44
CA ASP C 156 27.51 5.60 -38.30
C ASP C 156 26.59 6.22 -37.26
N GLU C 157 26.73 7.52 -37.03
CA GLU C 157 25.89 8.20 -36.06
C GLU C 157 24.46 8.32 -36.55
N GLU C 158 24.28 8.47 -37.86
CA GLU C 158 22.96 8.45 -38.44
C GLU C 158 22.30 7.09 -38.21
N VAL C 159 23.06 6.01 -38.30
CA VAL C 159 22.50 4.71 -38.04
C VAL C 159 22.16 4.59 -36.58
N ARG C 160 23.00 5.10 -35.68
CA ARG C 160 22.68 5.03 -34.23
C ARG C 160 21.34 5.73 -33.91
N LYS C 161 21.06 6.88 -34.52
CA LYS C 161 19.79 7.58 -34.33
C LYS C 161 18.64 6.94 -35.09
N SER C 162 18.80 6.72 -36.40
CA SER C 162 17.71 6.16 -37.23
C SER C 162 17.30 4.70 -36.88
N VAL C 163 18.23 3.79 -36.54
CA VAL C 163 17.91 2.36 -36.30
C VAL C 163 18.80 1.65 -35.24
N MET D 1 35.10 -41.78 -20.18
CA MET D 1 35.89 -40.54 -20.49
C MET D 1 37.05 -40.29 -19.52
N LEU D 2 36.87 -40.35 -18.21
CA LEU D 2 38.03 -40.13 -17.32
C LEU D 2 39.06 -41.25 -17.42
N SER D 3 40.32 -40.90 -17.50
CA SER D 3 41.38 -41.90 -17.43
C SER D 3 41.39 -42.56 -16.05
N LYS D 4 41.92 -43.75 -15.96
CA LYS D 4 42.03 -44.42 -14.69
C LYS D 4 42.91 -43.66 -13.67
N THR D 5 44.01 -43.07 -14.12
CA THR D 5 44.92 -42.40 -13.18
C THR D 5 44.23 -41.16 -12.56
N ILE D 6 43.48 -40.40 -13.38
CA ILE D 6 42.78 -39.24 -12.90
C ILE D 6 41.60 -39.67 -11.99
N LEU D 7 40.83 -40.66 -12.42
CA LEU D 7 39.73 -41.18 -11.60
C LEU D 7 40.22 -41.56 -10.23
N ASP D 8 41.32 -42.28 -10.15
CA ASP D 8 41.78 -42.78 -8.87
C ASP D 8 42.16 -41.62 -7.98
N LYS D 9 42.74 -40.59 -8.56
CA LYS D 9 43.11 -39.41 -7.77
C LYS D 9 41.94 -38.54 -7.35
N LEU D 10 40.92 -38.45 -8.20
CA LEU D 10 39.73 -37.73 -7.84
C LEU D 10 39.03 -38.44 -6.72
N ASN D 11 38.91 -39.76 -6.83
CA ASN D 11 38.33 -40.56 -5.73
C ASN D 11 39.16 -40.50 -4.46
N HIS D 12 40.47 -40.41 -4.59
CA HIS D 12 41.29 -40.21 -3.43
C HIS D 12 40.92 -38.87 -2.77
N GLN D 13 40.69 -37.84 -3.60
CA GLN D 13 40.37 -36.50 -3.10
C GLN D 13 38.97 -36.48 -2.47
N VAL D 14 38.03 -37.19 -3.07
CA VAL D 14 36.73 -37.35 -2.43
C VAL D 14 36.92 -37.84 -1.03
N ASN D 15 37.72 -38.87 -0.89
CA ASN D 15 37.94 -39.50 0.40
C ASN D 15 38.68 -38.57 1.36
N PHE D 16 39.63 -37.82 0.83
CA PHE D 16 40.40 -36.87 1.63
C PHE D 16 39.47 -35.76 2.19
N GLU D 17 38.57 -35.23 1.36
CA GLU D 17 37.64 -34.19 1.82
C GLU D 17 36.71 -34.76 2.90
N ALA D 18 36.25 -35.97 2.69
CA ALA D 18 35.43 -36.64 3.71
C ALA D 18 36.16 -36.77 5.01
N ALA D 19 37.42 -37.13 4.95
CA ALA D 19 38.22 -37.27 6.17
C ALA D 19 38.41 -35.94 6.84
N SER D 20 38.47 -34.88 6.06
CA SER D 20 38.65 -33.54 6.62
C SER D 20 37.43 -33.14 7.39
N ALA D 21 36.26 -33.45 6.85
CA ALA D 21 35.03 -33.13 7.57
C ALA D 21 35.03 -33.81 8.94
N HIS D 22 35.38 -35.09 8.94
CA HIS D 22 35.36 -35.89 10.17
C HIS D 22 36.42 -35.39 11.12
N LEU D 23 37.59 -35.04 10.58
CA LEU D 23 38.64 -34.49 11.42
C LEU D 23 38.17 -33.21 12.12
N TYR D 24 37.54 -32.32 11.38
CA TYR D 24 37.11 -31.04 11.95
C TYR D 24 35.95 -31.20 12.91
N LEU D 25 35.07 -32.16 12.67
CA LEU D 25 34.07 -32.54 13.68
C LEU D 25 34.73 -32.99 14.97
N GLN D 26 35.74 -33.87 14.85
CA GLN D 26 36.43 -34.40 16.02
C GLN D 26 37.19 -33.30 16.78
N MET D 27 37.79 -32.37 16.06
CA MET D 27 38.41 -31.20 16.67
C MET D 27 37.38 -30.37 17.43
N SER D 28 36.22 -30.17 16.81
CA SER D 28 35.14 -29.39 17.43
C SER D 28 34.77 -29.99 18.76
N ALA D 29 34.65 -31.32 18.79
CA ALA D 29 34.28 -32.00 20.04
C ALA D 29 35.31 -31.82 21.13
N TRP D 30 36.58 -31.94 20.77
CA TRP D 30 37.67 -31.75 21.73
C TRP D 30 37.68 -30.31 22.27
N LEU D 31 37.53 -29.34 21.36
CA LEU D 31 37.49 -27.92 21.76
C LEU D 31 36.40 -27.60 22.77
N LEU D 32 35.27 -28.28 22.64
CA LEU D 32 34.20 -28.09 23.64
C LEU D 32 34.65 -28.53 25.03
N THR D 33 35.45 -29.62 25.13
CA THR D 33 35.93 -30.06 26.46
C THR D 33 36.88 -29.07 27.07
N GLN D 34 37.46 -28.16 26.28
CA GLN D 34 38.31 -27.07 26.77
C GLN D 34 37.55 -25.77 27.00
N SER D 35 36.23 -25.79 26.83
CA SER D 35 35.39 -24.58 26.88
C SER D 35 35.75 -23.50 25.83
N LEU D 36 36.32 -23.92 24.71
CA LEU D 36 36.60 -23.03 23.61
C LEU D 36 35.43 -23.10 22.61
N ASP D 37 34.29 -22.56 23.03
CA ASP D 37 33.02 -22.73 22.33
C ASP D 37 32.98 -22.09 20.93
N SER D 38 33.57 -20.93 20.77
CA SER D 38 33.59 -20.27 19.46
C SER D 38 34.50 -20.96 18.48
N THR D 39 35.67 -21.41 18.95
CA THR D 39 36.56 -22.20 18.09
C THR D 39 35.90 -23.54 17.72
N ALA D 40 35.21 -24.16 18.67
CA ALA D 40 34.42 -25.37 18.38
C ALA D 40 33.38 -25.13 17.29
N ALA D 41 32.71 -24.00 17.35
CA ALA D 41 31.66 -23.65 16.38
C ALA D 41 32.25 -23.39 15.02
N PHE D 42 33.41 -22.76 14.99
CA PHE D 42 34.10 -22.58 13.74
C PHE D 42 34.43 -23.94 13.10
N PHE D 43 34.99 -24.87 13.86
CA PHE D 43 35.36 -26.18 13.26
C PHE D 43 34.16 -26.98 12.88
N ARG D 44 33.08 -26.87 13.65
CA ARG D 44 31.83 -27.52 13.27
C ARG D 44 31.31 -27.00 11.94
N ALA D 45 31.30 -25.68 11.77
CA ALA D 45 30.82 -25.07 10.53
C ALA D 45 31.72 -25.43 9.41
N HIS D 46 33.01 -25.50 9.69
CA HIS D 46 33.97 -25.82 8.62
C HIS D 46 33.90 -27.26 8.18
N ALA D 47 33.45 -28.15 9.05
CA ALA D 47 33.22 -29.53 8.65
C ALA D 47 32.16 -29.57 7.57
N GLU D 48 31.17 -28.69 7.67
CA GLU D 48 30.15 -28.60 6.65
C GLU D 48 30.73 -28.10 5.30
N GLU D 49 31.70 -27.19 5.34
CA GLU D 49 32.36 -26.75 4.14
C GLU D 49 33.11 -27.89 3.48
N GLU D 50 33.77 -28.72 4.27
CA GLU D 50 34.53 -29.83 3.70
C GLU D 50 33.60 -30.84 3.06
N LYS D 51 32.41 -31.00 3.62
CA LYS D 51 31.41 -31.84 3.01
C LYS D 51 30.98 -31.32 1.66
N ALA D 52 30.81 -30.02 1.53
CA ALA D 52 30.51 -29.41 0.22
C ALA D 52 31.65 -29.60 -0.80
N HIS D 53 32.91 -29.53 -0.35
CA HIS D 53 34.04 -29.86 -1.23
C HIS D 53 33.99 -31.30 -1.71
N MET D 54 33.65 -32.19 -0.80
CA MET D 54 33.51 -33.61 -1.15
C MET D 54 32.44 -33.80 -2.18
N MET D 55 31.26 -33.21 -1.96
CA MET D 55 30.09 -33.48 -2.82
C MET D 55 30.29 -32.96 -4.24
N LYS D 56 31.02 -31.87 -4.35
CA LYS D 56 31.25 -31.28 -5.62
C LYS D 56 32.14 -32.18 -6.50
N LEU D 57 33.17 -32.76 -5.88
CA LEU D 57 34.04 -33.77 -6.55
C LEU D 57 33.24 -35.01 -6.91
N PHE D 58 32.50 -35.51 -5.93
CA PHE D 58 31.62 -36.65 -6.07
C PHE D 58 30.71 -36.45 -7.29
N ASP D 59 30.08 -35.29 -7.40
CA ASP D 59 29.19 -35.04 -8.55
C ASP D 59 29.91 -34.96 -9.87
N TYR D 60 31.08 -34.29 -9.89
CA TYR D 60 31.85 -34.20 -11.14
C TYR D 60 32.18 -35.59 -11.64
N ILE D 61 32.70 -36.42 -10.75
CA ILE D 61 33.05 -37.79 -11.16
C ILE D 61 31.85 -38.52 -11.76
N ASN D 62 30.72 -38.48 -11.06
CA ASN D 62 29.53 -39.16 -11.54
C ASN D 62 29.02 -38.58 -12.84
N GLU D 63 29.10 -37.25 -13.00
CA GLU D 63 28.65 -36.61 -14.25
C GLU D 63 29.49 -37.04 -15.45
N THR D 64 30.78 -37.34 -15.24
CA THR D 64 31.63 -37.82 -16.35
C THR D 64 31.31 -39.25 -16.76
N GLY D 65 30.48 -39.93 -15.99
CA GLY D 65 30.11 -41.34 -16.29
C GLY D 65 30.86 -42.39 -15.49
N SER D 66 31.80 -41.99 -14.63
CA SER D 66 32.46 -42.92 -13.75
C SER D 66 31.75 -43.00 -12.42
N LEU D 67 32.19 -43.92 -11.58
CA LEU D 67 31.55 -44.17 -10.31
C LEU D 67 32.41 -43.62 -9.16
N ALA D 68 31.89 -42.66 -8.44
CA ALA D 68 32.62 -42.06 -7.35
C ALA D 68 32.62 -43.02 -6.20
N LEU D 69 33.71 -43.03 -5.45
CA LEU D 69 33.89 -43.95 -4.35
C LEU D 69 34.29 -43.20 -3.11
N ILE D 70 33.60 -43.48 -2.01
CA ILE D 70 33.87 -42.79 -0.76
C ILE D 70 35.06 -43.38 -0.05
N GLY D 71 35.15 -44.70 -0.02
CA GLY D 71 36.27 -45.39 0.63
C GLY D 71 36.20 -45.41 2.14
N GLU D 72 37.34 -45.66 2.77
CA GLU D 72 37.45 -45.77 4.22
C GLU D 72 37.92 -44.44 4.75
N VAL D 73 37.31 -43.99 5.82
CA VAL D 73 37.70 -42.76 6.46
C VAL D 73 37.96 -43.08 7.91
N ALA D 74 39.17 -42.87 8.40
CA ALA D 74 39.46 -43.21 9.80
C ALA D 74 39.88 -41.97 10.53
N THR D 75 39.20 -41.66 11.61
CA THR D 75 39.50 -40.44 12.36
C THR D 75 40.09 -40.84 13.68
N PRO D 76 41.38 -40.51 13.90
CA PRO D 76 41.97 -40.83 15.19
C PRO D 76 41.29 -40.04 16.33
N ALA D 77 41.24 -40.66 17.51
CA ALA D 77 40.79 -39.98 18.73
C ALA D 77 41.65 -38.73 18.97
N PRO D 78 41.15 -37.77 19.73
CA PRO D 78 41.88 -36.54 19.94
C PRO D 78 43.14 -36.67 20.75
N GLU D 79 44.28 -36.52 20.09
CA GLU D 79 45.57 -36.51 20.81
C GLU D 79 45.90 -35.14 21.46
N TRP D 80 45.29 -34.06 20.98
CA TRP D 80 45.81 -32.72 21.19
C TRP D 80 45.97 -32.30 22.63
N LYS D 81 47.13 -31.77 22.94
CA LYS D 81 47.45 -31.34 24.28
C LYS D 81 46.97 -29.89 24.50
N SER D 82 46.93 -29.10 23.43
CA SER D 82 46.58 -27.65 23.55
C SER D 82 45.88 -27.22 22.29
N HIS D 83 45.19 -26.08 22.36
CA HIS D 83 44.56 -25.54 21.15
C HIS D 83 45.55 -25.19 20.05
N ILE D 84 46.78 -24.79 20.43
CA ILE D 84 47.79 -24.48 19.43
C ILE D 84 48.23 -25.71 18.69
N GLU D 85 48.38 -26.81 19.40
CA GLU D 85 48.77 -28.08 18.76
C GLU D 85 47.68 -28.49 17.74
N LEU D 86 46.43 -28.25 18.11
CA LEU D 86 45.28 -28.54 17.21
C LEU D 86 45.24 -27.65 15.98
N LEU D 87 45.44 -26.35 16.20
CA LEU D 87 45.52 -25.43 15.08
C LEU D 87 46.70 -25.71 14.11
N GLU D 88 47.86 -26.11 14.64
CA GLU D 88 48.98 -26.56 13.81
C GLU D 88 48.54 -27.74 12.95
N ALA D 89 47.84 -28.70 13.57
CA ALA D 89 47.42 -29.91 12.84
C ALA D 89 46.45 -29.55 11.74
N ALA D 90 45.55 -28.63 12.04
CA ALA D 90 44.58 -28.16 11.05
C ALA D 90 45.27 -27.47 9.89
N TYR D 91 46.20 -26.56 10.21
CA TYR D 91 46.95 -25.89 9.16
C TYR D 91 47.75 -26.86 8.29
N ASN D 92 48.46 -27.80 8.91
CA ASN D 92 49.25 -28.77 8.13
C ASN D 92 48.38 -29.64 7.27
N HIS D 93 47.22 -29.99 7.82
CA HIS D 93 46.26 -30.77 7.09
C HIS D 93 45.82 -29.98 5.83
N GLU D 94 45.54 -28.68 6.00
CA GLU D 94 45.11 -27.88 4.86
C GLU D 94 46.25 -27.74 3.84
N LEU D 95 47.50 -27.66 4.32
CA LEU D 95 48.67 -27.72 3.39
C LEU D 95 48.73 -29.01 2.57
N ALA D 96 48.40 -30.12 3.20
CA ALA D 96 48.42 -31.41 2.55
C ALA D 96 47.28 -31.54 1.54
N ILE D 97 46.14 -30.94 1.85
CA ILE D 97 45.06 -30.91 0.88
C ILE D 97 45.50 -30.11 -0.32
N THR D 98 46.09 -28.94 -0.08
CA THR D 98 46.56 -28.15 -1.21
C THR D 98 47.57 -28.91 -2.07
N GLN D 99 48.47 -29.64 -1.43
CA GLN D 99 49.43 -30.47 -2.16
C GLN D 99 48.72 -31.46 -3.03
N SER D 100 47.72 -32.10 -2.47
CA SER D 100 46.98 -33.09 -3.19
C SER D 100 46.23 -32.51 -4.41
N ILE D 101 45.68 -31.31 -4.23
CA ILE D 101 44.98 -30.64 -5.33
C ILE D 101 45.97 -30.24 -6.39
N ASN D 102 47.10 -29.70 -5.97
CA ASN D 102 48.15 -29.36 -6.94
C ASN D 102 48.65 -30.54 -7.73
N ASP D 103 48.85 -31.67 -7.08
CA ASP D 103 49.24 -32.89 -7.80
C ASP D 103 48.18 -33.26 -8.83
N LEU D 104 46.92 -33.16 -8.43
CA LEU D 104 45.78 -33.48 -9.31
C LEU D 104 45.71 -32.55 -10.49
N VAL D 105 45.96 -31.26 -10.26
CA VAL D 105 45.96 -30.25 -11.34
C VAL D 105 47.10 -30.51 -12.32
N ASP D 106 48.27 -30.75 -11.77
CA ASP D 106 49.46 -31.06 -12.53
C ASP D 106 49.25 -32.31 -13.39
N THR D 107 48.67 -33.35 -12.83
CA THR D 107 48.41 -34.54 -13.64
C THR D 107 47.39 -34.29 -14.73
N ALA D 108 46.37 -33.48 -14.47
CA ALA D 108 45.37 -33.23 -15.51
C ALA D 108 45.99 -32.50 -16.68
N LEU D 109 46.89 -31.60 -16.35
CA LEU D 109 47.57 -30.80 -17.35
C LEU D 109 48.47 -31.73 -18.21
N ARG D 110 49.22 -32.60 -17.53
CA ARG D 110 50.13 -33.53 -18.15
C ARG D 110 49.39 -34.49 -19.08
N GLU D 111 48.23 -34.99 -18.69
CA GLU D 111 47.42 -35.84 -19.57
C GLU D 111 46.55 -35.07 -20.58
N LYS D 112 46.65 -33.77 -20.59
CA LYS D 112 45.76 -32.92 -21.39
C LYS D 112 44.27 -33.17 -21.16
N ASP D 113 43.91 -33.50 -19.92
CA ASP D 113 42.52 -33.56 -19.49
C ASP D 113 42.11 -32.16 -19.05
N TYR D 114 41.78 -31.33 -20.02
CA TYR D 114 41.55 -29.91 -19.77
C TYR D 114 40.24 -29.70 -19.04
N SER D 115 39.32 -30.62 -19.22
CA SER D 115 38.06 -30.58 -18.51
C SER D 115 38.26 -30.72 -17.00
N THR D 116 39.07 -31.68 -16.59
CA THR D 116 39.33 -31.81 -15.15
C THR D 116 40.18 -30.66 -14.67
N PHE D 117 41.09 -30.21 -15.51
CA PHE D 117 41.93 -29.08 -15.13
C PHE D 117 41.04 -27.88 -14.78
N GLN D 118 40.03 -27.58 -15.59
CA GLN D 118 39.28 -26.38 -15.35
C GLN D 118 38.35 -26.60 -14.19
N PHE D 119 37.82 -27.79 -14.05
CA PHE D 119 36.98 -28.10 -12.88
C PHE D 119 37.75 -27.86 -11.60
N LEU D 120 39.03 -28.19 -11.57
CA LEU D 120 39.82 -28.09 -10.34
C LEU D 120 40.24 -26.66 -9.96
N GLN D 121 40.09 -25.69 -10.86
CA GLN D 121 40.47 -24.30 -10.56
C GLN D 121 39.67 -23.74 -9.39
N TRP D 122 38.41 -24.14 -9.29
CA TRP D 122 37.64 -23.82 -8.10
C TRP D 122 38.38 -24.21 -6.80
N TYR D 123 38.93 -25.43 -6.75
CA TYR D 123 39.64 -25.92 -5.56
C TYR D 123 40.96 -25.22 -5.35
N VAL D 124 41.66 -24.87 -6.42
CA VAL D 124 42.90 -24.16 -6.28
C VAL D 124 42.61 -22.81 -5.59
N ALA D 125 41.57 -22.14 -6.06
CA ALA D 125 41.15 -20.87 -5.45
C ALA D 125 40.69 -21.07 -4.00
N GLU D 126 39.89 -22.09 -3.75
CA GLU D 126 39.36 -22.32 -2.44
C GLU D 126 40.48 -22.62 -1.46
N GLN D 127 41.49 -23.35 -1.89
CA GLN D 127 42.58 -23.68 -0.97
C GLN D 127 43.42 -22.49 -0.61
N HIS D 128 43.51 -21.51 -1.50
CA HIS D 128 44.15 -20.25 -1.14
C HIS D 128 43.40 -19.60 0.03
N GLU D 129 42.07 -19.61 -0.04
CA GLU D 129 41.24 -19.04 1.03
C GLU D 129 41.41 -19.86 2.29
N GLU D 130 41.49 -21.19 2.18
CA GLU D 130 41.63 -22.06 3.35
C GLU D 130 42.96 -21.85 4.04
N GLU D 131 44.06 -21.79 3.28
CA GLU D 131 45.37 -21.55 3.89
C GLU D 131 45.43 -20.21 4.58
N TYR D 132 44.79 -19.21 3.98
CA TYR D 132 44.78 -17.88 4.58
C TYR D 132 44.06 -17.92 5.90
N LEU D 133 42.90 -18.56 5.90
CA LEU D 133 42.07 -18.67 7.07
C LEU D 133 42.75 -19.38 8.21
N PHE D 134 43.29 -20.57 7.93
CA PHE D 134 43.91 -21.38 8.98
C PHE D 134 45.30 -20.88 9.42
N SER D 135 46.10 -20.35 8.51
CA SER D 135 47.40 -19.80 8.90
C SER D 135 47.18 -18.59 9.78
N SER D 136 46.19 -17.78 9.42
CA SER D 136 45.94 -16.56 10.15
C SER D 136 45.43 -16.87 11.56
N MET D 137 44.60 -17.89 11.69
CA MET D 137 44.06 -18.27 12.99
C MET D 137 45.19 -18.81 13.88
N LEU D 138 46.11 -19.58 13.30
CA LEU D 138 47.26 -20.09 14.01
C LEU D 138 48.15 -18.95 14.49
N HIS D 139 48.43 -18.01 13.59
CA HIS D 139 49.36 -16.88 13.83
C HIS D 139 48.80 -16.07 15.02
N LYS D 140 47.49 -15.83 15.04
CA LYS D 140 46.86 -15.13 16.15
C LYS D 140 46.90 -15.92 17.44
N ALA D 141 46.73 -17.23 17.37
CA ALA D 141 46.77 -18.03 18.59
C ALA D 141 48.15 -17.95 19.25
N ARG D 142 49.22 -17.99 18.45
CA ARG D 142 50.59 -17.89 18.94
C ARG D 142 50.88 -16.52 19.56
N ILE D 143 50.40 -15.47 18.92
CA ILE D 143 50.57 -14.13 19.42
C ILE D 143 49.82 -13.96 20.72
N ILE D 144 48.57 -14.40 20.76
CA ILE D 144 47.74 -14.24 21.96
C ILE D 144 48.25 -15.10 23.12
N ASN D 145 49.04 -16.13 22.82
CA ASN D 145 49.77 -16.89 23.83
C ASN D 145 50.98 -15.91 23.80
N THR D 146 51.20 -14.99 24.74
CA THR D 146 52.38 -13.96 24.56
C THR D 146 51.77 -12.81 25.24
N MET D 147 52.40 -12.34 26.31
CA MET D 147 51.96 -11.07 26.92
C MET D 147 51.97 -9.87 26.01
N ASP D 148 53.10 -9.74 25.34
CA ASP D 148 53.31 -8.67 24.36
C ASP D 148 52.24 -8.72 23.28
N GLY D 149 51.93 -9.94 22.84
CA GLY D 149 50.86 -10.20 21.91
C GLY D 149 49.48 -9.76 22.40
N ARG D 150 49.12 -10.09 23.63
CA ARG D 150 47.80 -9.65 24.11
C ARG D 150 47.67 -8.17 24.12
N ALA D 151 48.78 -7.50 24.37
CA ALA D 151 48.77 -6.04 24.34
C ALA D 151 48.57 -5.47 22.93
N LEU D 152 49.20 -6.09 21.93
CA LEU D 152 48.96 -5.71 20.54
C LEU D 152 47.50 -5.84 20.19
N PHE D 153 46.90 -6.97 20.56
CA PHE D 153 45.50 -7.22 20.22
C PHE D 153 44.56 -6.33 20.96
N ARG D 154 44.98 -5.86 22.12
CA ARG D 154 44.15 -4.91 22.85
C ARG D 154 44.11 -3.58 22.10
N PHE D 155 45.23 -3.19 21.51
CA PHE D 155 45.26 -1.98 20.72
C PHE D 155 44.43 -2.15 19.47
N ASP D 156 44.59 -3.28 18.79
CA ASP D 156 43.85 -3.55 17.56
C ASP D 156 42.35 -3.50 17.82
N GLU D 157 41.93 -4.02 18.96
CA GLU D 157 40.50 -3.99 19.30
C GLU D 157 40.03 -2.59 19.60
N GLU D 158 40.89 -1.77 20.20
CA GLU D 158 40.57 -0.36 20.41
C GLU D 158 40.37 0.36 19.08
N VAL D 159 41.17 0.01 18.09
CA VAL D 159 40.97 0.59 16.77
C VAL D 159 39.65 0.10 16.19
N ARG D 160 39.32 -1.16 16.35
CA ARG D 160 38.05 -1.66 15.79
C ARG D 160 36.85 -0.89 16.36
N LYS D 161 36.87 -0.58 17.65
CA LYS D 161 35.79 0.18 18.30
C LYS D 161 35.85 1.64 18.01
N SER D 162 37.00 2.27 18.22
CA SER D 162 37.15 3.72 18.01
C SER D 162 37.01 4.17 16.53
N VAL D 163 37.56 3.44 15.55
CA VAL D 163 37.58 3.90 14.13
C VAL D 163 37.46 2.73 13.07
N MET E 1 45.91 32.26 -14.36
CA MET E 1 45.37 32.54 -13.01
C MET E 1 46.35 32.25 -11.81
N LEU E 2 46.84 31.03 -11.69
CA LEU E 2 47.77 30.78 -10.59
C LEU E 2 49.19 31.29 -10.80
N SER E 3 49.77 31.88 -9.78
CA SER E 3 51.16 32.29 -9.85
C SER E 3 52.03 31.04 -9.88
N LYS E 4 53.25 31.16 -10.38
CA LYS E 4 54.14 30.04 -10.41
C LYS E 4 54.50 29.53 -9.01
N THR E 5 54.65 30.42 -8.05
CA THR E 5 55.06 29.98 -6.72
C THR E 5 53.95 29.16 -6.06
N ILE E 6 52.70 29.58 -6.24
CA ILE E 6 51.55 28.86 -5.67
C ILE E 6 51.35 27.52 -6.42
N LEU E 7 51.41 27.56 -7.75
CA LEU E 7 51.28 26.37 -8.55
C LEU E 7 52.28 25.32 -8.10
N ASP E 8 53.52 25.73 -7.89
CA ASP E 8 54.56 24.75 -7.56
C ASP E 8 54.31 24.14 -6.19
N LYS E 9 53.80 24.94 -5.28
CA LYS E 9 53.43 24.41 -3.98
C LYS E 9 52.18 23.52 -3.99
N LEU E 10 51.18 23.83 -4.84
CA LEU E 10 49.99 23.04 -4.91
C LEU E 10 50.36 21.72 -5.51
N ASN E 11 51.15 21.73 -6.56
CA ASN E 11 51.65 20.51 -7.15
C ASN E 11 52.53 19.71 -6.17
N HIS E 12 53.27 20.40 -5.32
CA HIS E 12 54.03 19.69 -4.30
C HIS E 12 53.06 18.96 -3.36
N GLN E 13 51.95 19.61 -3.05
CA GLN E 13 50.99 19.06 -2.14
C GLN E 13 50.28 17.89 -2.78
N VAL E 14 49.96 18.02 -4.06
CA VAL E 14 49.37 16.89 -4.78
C VAL E 14 50.25 15.68 -4.58
N ASN E 15 51.53 15.87 -4.83
CA ASN E 15 52.51 14.80 -4.71
C ASN E 15 52.63 14.28 -3.27
N PHE E 16 52.55 15.18 -2.31
CA PHE E 16 52.63 14.82 -0.90
C PHE E 16 51.40 13.97 -0.47
N GLU E 17 50.20 14.34 -0.92
CA GLU E 17 49.02 13.54 -0.61
C GLU E 17 49.11 12.16 -1.28
N ALA E 18 49.57 12.12 -2.52
CA ALA E 18 49.80 10.84 -3.18
C ALA E 18 50.78 9.96 -2.39
N ALA E 19 51.86 10.56 -1.90
CA ALA E 19 52.83 9.82 -1.13
C ALA E 19 52.22 9.31 0.18
N SER E 20 51.28 10.04 0.74
CA SER E 20 50.64 9.65 1.97
C SER E 20 49.78 8.43 1.75
N ALA E 21 49.06 8.41 0.65
CA ALA E 21 48.25 7.24 0.34
C ALA E 21 49.14 5.99 0.27
N HIS E 22 50.26 6.08 -0.44
CA HIS E 22 51.15 4.97 -0.64
C HIS E 22 51.82 4.59 0.66
N LEU E 23 52.18 5.56 1.46
CA LEU E 23 52.73 5.28 2.77
C LEU E 23 51.73 4.49 3.61
N TYR E 24 50.46 4.91 3.62
CA TYR E 24 49.46 4.24 4.46
C TYR E 24 49.08 2.85 3.93
N LEU E 25 49.08 2.67 2.62
CA LEU E 25 48.98 1.33 2.07
C LEU E 25 50.13 0.43 2.55
N GLN E 26 51.37 0.94 2.51
CA GLN E 26 52.54 0.16 2.91
C GLN E 26 52.51 -0.17 4.39
N MET E 27 52.05 0.77 5.20
CA MET E 27 51.86 0.51 6.62
C MET E 27 50.83 -0.60 6.82
N SER E 28 49.75 -0.54 6.06
CA SER E 28 48.70 -1.51 6.18
C SER E 28 49.26 -2.89 5.95
N ALA E 29 50.07 -3.02 4.92
CA ALA E 29 50.65 -4.32 4.56
C ALA E 29 51.53 -4.86 5.69
N TRP E 30 52.32 -3.99 6.29
CA TRP E 30 53.18 -4.39 7.38
C TRP E 30 52.37 -4.83 8.58
N LEU E 31 51.36 -4.04 8.92
CA LEU E 31 50.49 -4.36 10.04
C LEU E 31 49.84 -5.76 9.89
N LEU E 32 49.49 -6.16 8.67
CA LEU E 32 48.95 -7.48 8.47
C LEU E 32 49.96 -8.55 8.87
N THR E 33 51.25 -8.33 8.62
CA THR E 33 52.27 -9.34 9.01
C THR E 33 52.39 -9.47 10.52
N GLN E 34 51.92 -8.48 11.27
CA GLN E 34 51.88 -8.53 12.73
C GLN E 34 50.53 -9.02 13.28
N SER E 35 49.63 -9.41 12.39
CA SER E 35 48.25 -9.79 12.76
C SER E 35 47.45 -8.67 13.43
N LEU E 36 47.80 -7.43 13.14
CA LEU E 36 47.04 -6.29 13.59
C LEU E 36 46.00 -5.90 12.52
N ASP E 37 45.00 -6.75 12.34
CA ASP E 37 44.10 -6.67 11.21
C ASP E 37 43.19 -5.43 11.17
N SER E 38 42.70 -5.02 12.33
CA SER E 38 41.91 -3.79 12.42
C SER E 38 42.72 -2.53 12.15
N THR E 39 43.94 -2.45 12.70
CA THR E 39 44.79 -1.31 12.42
C THR E 39 45.14 -1.30 10.93
N ALA E 40 45.41 -2.47 10.37
CA ALA E 40 45.66 -2.56 8.95
C ALA E 40 44.50 -2.01 8.14
N ALA E 41 43.28 -2.35 8.55
CA ALA E 41 42.06 -1.94 7.82
C ALA E 41 41.88 -0.42 7.92
N PHE E 42 42.22 0.13 9.08
CA PHE E 42 42.18 1.53 9.24
C PHE E 42 43.12 2.19 8.25
N PHE E 43 44.37 1.71 8.17
CA PHE E 43 45.35 2.37 7.29
C PHE E 43 44.99 2.20 5.86
N ARG E 44 44.41 1.08 5.53
CA ARG E 44 43.95 0.87 4.17
C ARG E 44 42.84 1.87 3.79
N ALA E 45 41.85 2.01 4.66
CA ALA E 45 40.76 2.94 4.44
C ALA E 45 41.29 4.37 4.39
N HIS E 46 42.26 4.68 5.24
CA HIS E 46 42.78 6.03 5.25
C HIS E 46 43.63 6.36 4.04
N ALA E 47 44.22 5.37 3.40
CA ALA E 47 44.89 5.60 2.14
C ALA E 47 43.91 6.13 1.13
N GLU E 48 42.67 5.65 1.18
CA GLU E 48 41.65 6.12 0.28
C GLU E 48 41.30 7.58 0.58
N GLU E 49 41.31 7.97 1.84
CA GLU E 49 41.07 9.35 2.19
C GLU E 49 42.15 10.25 1.63
N GLU E 50 43.40 9.80 1.68
CA GLU E 50 44.51 10.61 1.19
C GLU E 50 44.41 10.76 -0.33
N LYS E 51 43.88 9.76 -0.99
CA LYS E 51 43.65 9.86 -2.38
C LYS E 51 42.63 10.91 -2.72
N ALA E 52 41.58 11.00 -1.93
CA ALA E 52 40.58 12.03 -2.12
C ALA E 52 41.17 13.42 -1.90
N HIS E 53 42.06 13.57 -0.93
CA HIS E 53 42.73 14.83 -0.71
C HIS E 53 43.53 15.20 -1.95
N MET E 54 44.22 14.23 -2.53
CA MET E 54 45.02 14.44 -3.70
C MET E 54 44.17 14.91 -4.85
N MET E 55 43.05 14.23 -5.08
CA MET E 55 42.21 14.51 -6.25
C MET E 55 41.56 15.86 -6.18
N LYS E 56 41.25 16.30 -4.98
CA LYS E 56 40.60 17.55 -4.82
C LYS E 56 41.56 18.73 -5.18
N LEU E 57 42.84 18.61 -4.79
CA LEU E 57 43.88 19.53 -5.17
C LEU E 57 44.10 19.50 -6.67
N PHE E 58 44.27 18.29 -7.17
CA PHE E 58 44.44 18.05 -8.58
C PHE E 58 43.35 18.72 -9.41
N ASP E 59 42.09 18.56 -9.02
CA ASP E 59 41.00 19.21 -9.73
C ASP E 59 41.02 20.74 -9.61
N TYR E 60 41.31 21.27 -8.43
CA TYR E 60 41.38 22.72 -8.29
C TYR E 60 42.41 23.25 -9.26
N ILE E 61 43.59 22.63 -9.28
CA ILE E 61 44.68 23.15 -10.12
C ILE E 61 44.22 23.17 -11.56
N ASN E 62 43.66 22.07 -12.01
CA ASN E 62 43.20 21.99 -13.39
C ASN E 62 42.09 23.00 -13.71
N GLU E 63 41.17 23.18 -12.77
CA GLU E 63 40.06 24.11 -12.98
C GLU E 63 40.57 25.55 -13.13
N THR E 64 41.68 25.89 -12.46
CA THR E 64 42.25 27.24 -12.63
C THR E 64 42.92 27.46 -14.00
N GLY E 65 43.05 26.40 -14.79
CA GLY E 65 43.70 26.48 -16.08
C GLY E 65 45.19 26.14 -16.10
N SER E 66 45.77 25.77 -14.97
CA SER E 66 47.11 25.19 -14.95
C SER E 66 47.08 23.65 -15.05
N LEU E 67 48.25 23.05 -15.19
CA LEU E 67 48.39 21.61 -15.37
C LEU E 67 48.90 20.96 -14.10
N ALA E 68 48.07 20.12 -13.51
CA ALA E 68 48.48 19.47 -12.28
C ALA E 68 49.51 18.41 -12.61
N LEU E 69 50.46 18.21 -11.71
CA LEU E 69 51.54 17.25 -11.92
C LEU E 69 51.65 16.33 -10.74
N ILE E 70 51.68 15.04 -11.03
CA ILE E 70 51.73 14.02 -9.96
C ILE E 70 53.16 13.90 -9.41
N GLY E 71 54.15 13.90 -10.30
CA GLY E 71 55.55 13.78 -9.91
C GLY E 71 55.98 12.38 -9.50
N GLU E 72 57.10 12.29 -8.78
CA GLU E 72 57.65 11.03 -8.32
C GLU E 72 57.22 10.76 -6.90
N VAL E 73 56.80 9.54 -6.64
CA VAL E 73 56.37 9.16 -5.31
C VAL E 73 57.18 7.94 -4.91
N ALA E 74 57.98 8.04 -3.86
CA ALA E 74 58.82 6.89 -3.49
C ALA E 74 58.47 6.43 -2.11
N THR E 75 58.09 5.18 -1.96
CA THR E 75 57.67 4.64 -0.66
C THR E 75 58.72 3.67 -0.17
N PRO E 76 59.41 4.02 0.92
CA PRO E 76 60.42 3.11 1.43
C PRO E 76 59.77 1.82 1.94
N ALA E 77 60.50 0.71 1.83
CA ALA E 77 60.08 -0.58 2.40
C ALA E 77 59.89 -0.42 3.92
N PRO E 78 59.13 -1.31 4.55
CA PRO E 78 58.78 -1.11 5.95
C PRO E 78 59.94 -1.32 6.90
N GLU E 79 60.42 -0.25 7.51
CA GLU E 79 61.48 -0.36 8.51
C GLU E 79 60.92 -0.78 9.88
N TRP E 80 59.63 -0.55 10.14
CA TRP E 80 59.12 -0.42 11.51
C TRP E 80 59.39 -1.62 12.41
N LYS E 81 59.88 -1.35 13.62
CA LYS E 81 60.23 -2.39 14.58
C LYS E 81 59.03 -2.71 15.48
N SER E 82 58.12 -1.77 15.67
CA SER E 82 56.87 -2.04 16.43
C SER E 82 55.72 -1.20 15.90
N HIS E 83 54.50 -1.54 16.31
CA HIS E 83 53.35 -0.75 15.92
C HIS E 83 53.40 0.69 16.45
N ILE E 84 54.06 0.89 17.59
CA ILE E 84 54.21 2.24 18.13
C ILE E 84 55.14 3.09 17.27
N GLU E 85 56.23 2.50 16.80
CA GLU E 85 57.13 3.23 15.93
C GLU E 85 56.37 3.67 14.64
N LEU E 86 55.50 2.79 14.13
CA LEU E 86 54.72 3.08 12.95
C LEU E 86 53.70 4.19 13.19
N LEU E 87 53.00 4.14 14.30
CA LEU E 87 52.09 5.19 14.67
C LEU E 87 52.76 6.54 14.88
N GLU E 88 53.96 6.54 15.46
CA GLU E 88 54.78 7.77 15.60
C GLU E 88 55.10 8.34 14.21
N ALA E 89 55.49 7.47 13.29
CA ALA E 89 55.79 7.89 11.93
C ALA E 89 54.54 8.49 11.25
N ALA E 90 53.39 7.84 11.44
CA ALA E 90 52.15 8.33 10.88
C ALA E 90 51.80 9.68 11.44
N TYR E 91 51.87 9.82 12.76
CA TYR E 91 51.56 11.11 13.39
C TYR E 91 52.52 12.21 12.92
N ASN E 92 53.83 11.94 12.87
CA ASN E 92 54.79 12.94 12.42
C ASN E 92 54.60 13.31 10.96
N HIS E 93 54.22 12.31 10.16
CA HIS E 93 53.87 12.56 8.78
C HIS E 93 52.65 13.50 8.68
N GLU E 94 51.62 13.28 9.50
CA GLU E 94 50.47 14.15 9.49
C GLU E 94 50.84 15.57 9.96
N LEU E 95 51.74 15.69 10.93
CA LEU E 95 52.22 17.05 11.35
C LEU E 95 52.91 17.77 10.20
N ALA E 96 53.65 17.02 9.39
CA ALA E 96 54.38 17.60 8.28
C ALA E 96 53.39 18.05 7.20
N ILE E 97 52.31 17.27 7.03
CA ILE E 97 51.32 17.64 6.04
C ILE E 97 50.69 18.94 6.51
N THR E 98 50.38 19.02 7.79
CA THR E 98 49.80 20.25 8.30
C THR E 98 50.72 21.43 8.09
N GLN E 99 52.02 21.23 8.32
CA GLN E 99 53.00 22.28 8.10
C GLN E 99 52.94 22.76 6.67
N SER E 100 52.93 21.83 5.76
CA SER E 100 52.91 22.13 4.35
C SER E 100 51.65 22.91 3.92
N ILE E 101 50.50 22.54 4.49
CA ILE E 101 49.25 23.24 4.21
C ILE E 101 49.35 24.63 4.78
N ASN E 102 49.83 24.74 6.01
CA ASN E 102 49.99 26.08 6.62
C ASN E 102 50.89 26.99 5.82
N ASP E 103 52.01 26.46 5.32
CA ASP E 103 52.90 27.24 4.48
C ASP E 103 52.15 27.70 3.23
N LEU E 104 51.37 26.80 2.65
CA LEU E 104 50.61 27.09 1.46
C LEU E 104 49.56 28.19 1.74
N VAL E 105 48.89 28.10 2.87
CA VAL E 105 47.86 29.07 3.23
C VAL E 105 48.52 30.43 3.43
N ASP E 106 49.63 30.43 4.15
CA ASP E 106 50.39 31.64 4.43
C ASP E 106 50.85 32.28 3.15
N THR E 107 51.35 31.49 2.22
CA THR E 107 51.78 32.06 0.95
C THR E 107 50.63 32.63 0.12
N ALA E 108 49.47 31.97 0.13
CA ALA E 108 48.33 32.51 -0.61
C ALA E 108 47.88 33.84 -0.05
N LEU E 109 47.92 33.96 1.27
CA LEU E 109 47.54 35.19 1.94
C LEU E 109 48.51 36.32 1.58
N ARG E 110 49.80 36.02 1.62
CA ARG E 110 50.87 36.95 1.32
C ARG E 110 50.78 37.46 -0.12
N GLU E 111 50.47 36.60 -1.09
CA GLU E 111 50.30 37.02 -2.49
C GLU E 111 48.92 37.58 -2.79
N LYS E 112 48.07 37.67 -1.78
CA LYS E 112 46.67 38.01 -1.99
C LYS E 112 45.95 37.16 -3.04
N ASP E 113 46.32 35.88 -3.12
CA ASP E 113 45.54 34.87 -3.84
C ASP E 113 44.43 34.34 -2.93
N TYR E 114 43.35 35.11 -2.83
CA TYR E 114 42.28 34.82 -1.89
C TYR E 114 41.51 33.59 -2.31
N SER E 115 41.50 33.32 -3.61
CA SER E 115 40.82 32.15 -4.14
C SER E 115 41.48 30.87 -3.63
N THR E 116 42.80 30.82 -3.69
CA THR E 116 43.49 29.63 -3.17
C THR E 116 43.40 29.59 -1.67
N PHE E 117 43.43 30.75 -1.03
CA PHE E 117 43.29 30.80 0.40
C PHE E 117 41.99 30.15 0.85
N GLN E 118 40.89 30.48 0.19
CA GLN E 118 39.62 29.97 0.67
C GLN E 118 39.51 28.51 0.28
N PHE E 119 40.02 28.11 -0.88
CA PHE E 119 40.01 26.69 -1.23
C PHE E 119 40.71 25.86 -0.16
N LEU E 120 41.79 26.39 0.41
CA LEU E 120 42.61 25.62 1.34
C LEU E 120 42.03 25.49 2.73
N GLN E 121 40.99 26.25 3.05
CA GLN E 121 40.36 26.16 4.39
C GLN E 121 39.79 24.79 4.65
N TRP E 122 39.29 24.14 3.63
CA TRP E 122 38.91 22.74 3.75
C TRP E 122 40.02 21.88 4.31
N TYR E 123 41.23 22.04 3.80
CA TYR E 123 42.40 21.26 4.25
C TYR E 123 42.82 21.63 5.66
N VAL E 124 42.71 22.91 6.00
CA VAL E 124 43.10 23.32 7.32
C VAL E 124 42.20 22.61 8.32
N ALA E 125 40.90 22.61 8.03
CA ALA E 125 39.93 21.92 8.87
C ALA E 125 40.18 20.41 8.89
N GLU E 126 40.46 19.83 7.74
CA GLU E 126 40.66 18.40 7.65
C GLU E 126 41.89 17.99 8.41
N GLN E 127 42.94 18.81 8.38
CA GLN E 127 44.18 18.44 9.10
C GLN E 127 44.01 18.53 10.63
N HIS E 128 43.12 19.39 11.11
CA HIS E 128 42.77 19.35 12.50
C HIS E 128 42.17 17.99 12.90
N GLU E 129 41.29 17.47 12.07
CA GLU E 129 40.67 16.16 12.30
C GLU E 129 41.72 15.07 12.21
N GLU E 130 42.65 15.18 11.27
CA GLU E 130 43.69 14.17 11.08
C GLU E 130 44.63 14.12 12.27
N GLU E 131 45.07 15.25 12.76
CA GLU E 131 45.95 15.27 13.91
C GLU E 131 45.27 14.72 15.13
N TYR E 132 43.98 15.00 15.27
CA TYR E 132 43.21 14.49 16.42
C TYR E 132 43.11 12.98 16.38
N LEU E 133 42.77 12.47 15.21
CA LEU E 133 42.69 11.04 14.96
C LEU E 133 44.03 10.31 15.24
N PHE E 134 45.12 10.78 14.65
CA PHE E 134 46.40 10.07 14.74
C PHE E 134 47.07 10.26 16.08
N SER E 135 46.96 11.44 16.68
CA SER E 135 47.58 11.66 17.99
C SER E 135 46.86 10.80 19.01
N SER E 136 45.56 10.72 18.87
CA SER E 136 44.75 9.98 19.83
C SER E 136 45.05 8.48 19.72
N MET E 137 45.22 7.98 18.50
CA MET E 137 45.52 6.57 18.30
C MET E 137 46.93 6.24 18.87
N LEU E 138 47.88 7.15 18.70
CA LEU E 138 49.21 6.99 19.27
C LEU E 138 49.17 6.97 20.80
N HIS E 139 48.46 7.92 21.37
CA HIS E 139 48.37 8.03 22.80
C HIS E 139 47.82 6.74 23.39
N LYS E 140 46.77 6.22 22.79
CA LYS E 140 46.18 4.98 23.26
C LYS E 140 47.14 3.83 23.12
N ALA E 141 47.92 3.80 22.06
CA ALA E 141 48.86 2.70 21.85
C ALA E 141 49.93 2.69 22.94
N ARG E 142 50.42 3.87 23.33
CA ARG E 142 51.37 4.00 24.43
C ARG E 142 50.80 3.59 25.79
N ILE E 143 49.57 3.96 26.06
CA ILE E 143 48.90 3.58 27.28
C ILE E 143 48.68 2.08 27.32
N ILE E 144 48.18 1.52 26.23
CA ILE E 144 47.87 0.08 26.18
C ILE E 144 49.11 -0.77 26.22
N ASN E 145 50.25 -0.18 25.92
CA ASN E 145 51.54 -0.85 26.06
C ASN E 145 52.02 -1.08 27.50
N THR E 146 51.32 -0.53 28.49
CA THR E 146 51.61 -0.66 29.93
C THR E 146 50.49 -1.43 30.61
N MET E 147 50.81 -2.16 31.67
CA MET E 147 49.77 -2.86 32.42
C MET E 147 48.79 -1.94 33.14
N ASP E 148 49.30 -0.86 33.74
CA ASP E 148 48.44 0.16 34.35
C ASP E 148 47.43 0.73 33.36
N GLY E 149 47.92 1.00 32.16
CA GLY E 149 47.12 1.44 31.04
C GLY E 149 46.05 0.47 30.63
N ARG E 150 46.39 -0.80 30.48
CA ARG E 150 45.38 -1.77 30.10
C ARG E 150 44.27 -1.83 31.14
N ALA E 151 44.60 -1.59 32.41
CA ALA E 151 43.58 -1.55 33.45
C ALA E 151 42.65 -0.34 33.31
N LEU E 152 43.21 0.82 32.97
CA LEU E 152 42.40 2.01 32.72
C LEU E 152 41.40 1.75 31.62
N PHE E 153 41.87 1.14 30.53
CA PHE E 153 41.02 0.88 29.40
C PHE E 153 39.98 -0.16 29.69
N ARG E 154 40.26 -1.03 30.64
CA ARG E 154 39.27 -2.02 31.02
C ARG E 154 38.12 -1.34 31.75
N PHE E 155 38.45 -0.34 32.57
CA PHE E 155 37.41 0.43 33.21
C PHE E 155 36.61 1.23 32.21
N ASP E 156 37.29 1.90 31.30
CA ASP E 156 36.62 2.72 30.28
C ASP E 156 35.66 1.87 29.46
N GLU E 157 36.05 0.63 29.17
CA GLU E 157 35.17 -0.24 28.41
C GLU E 157 33.98 -0.67 29.22
N GLU E 158 34.17 -0.84 30.52
CA GLU E 158 33.06 -1.14 31.42
C GLU E 158 32.05 0.00 31.44
N VAL E 159 32.53 1.23 31.40
CA VAL E 159 31.64 2.36 31.32
C VAL E 159 30.92 2.37 29.97
N ARG E 160 31.61 2.05 28.87
CA ARG E 160 30.93 2.01 27.57
C ARG E 160 29.77 1.00 27.54
N LYS E 161 29.94 -0.17 28.15
CA LYS E 161 28.86 -1.17 28.24
C LYS E 161 27.82 -0.84 29.29
N SER E 162 28.23 -0.56 30.53
CA SER E 162 27.27 -0.27 31.61
C SER E 162 26.46 1.03 31.42
N VAL E 163 27.04 2.15 30.94
CA VAL E 163 26.33 3.46 30.87
C VAL E 163 26.68 4.39 29.65
N MET F 1 29.10 -37.37 33.90
CA MET F 1 27.68 -37.86 34.08
C MET F 1 27.35 -39.15 33.29
N LEU F 2 27.67 -39.27 31.99
CA LEU F 2 27.34 -40.50 31.28
C LEU F 2 28.18 -41.68 31.74
N SER F 3 27.55 -42.82 31.94
CA SER F 3 28.27 -44.03 32.28
C SER F 3 29.09 -44.44 31.09
N LYS F 4 30.14 -45.19 31.34
CA LYS F 4 30.98 -45.65 30.27
C LYS F 4 30.22 -46.55 29.29
N THR F 5 29.31 -47.39 29.79
CA THR F 5 28.64 -48.36 28.89
C THR F 5 27.72 -47.61 27.93
N ILE F 6 27.06 -46.58 28.43
CA ILE F 6 26.15 -45.77 27.61
C ILE F 6 26.97 -44.91 26.63
N LEU F 7 28.03 -44.27 27.14
CA LEU F 7 28.91 -43.47 26.29
C LEU F 7 29.43 -44.28 25.11
N ASP F 8 29.87 -45.50 25.37
CA ASP F 8 30.43 -46.31 24.30
C ASP F 8 29.38 -46.67 23.27
N LYS F 9 28.15 -46.88 23.73
CA LYS F 9 27.07 -47.18 22.79
C LYS F 9 26.55 -45.98 22.01
N LEU F 10 26.55 -44.80 22.65
CA LEU F 10 26.17 -43.59 21.94
C LEU F 10 27.23 -43.23 20.89
N ASN F 11 28.50 -43.33 21.26
CA ASN F 11 29.57 -43.20 20.26
C ASN F 11 29.53 -44.25 19.16
N HIS F 12 29.12 -45.45 19.49
CA HIS F 12 28.95 -46.45 18.44
C HIS F 12 27.85 -46.02 17.47
N GLN F 13 26.78 -45.46 18.03
CA GLN F 13 25.67 -44.99 17.22
C GLN F 13 26.06 -43.75 16.35
N VAL F 14 26.84 -42.83 16.92
CA VAL F 14 27.38 -41.75 16.13
C VAL F 14 28.06 -42.32 14.90
N ASN F 15 28.91 -43.30 15.12
CA ASN F 15 29.66 -43.92 14.04
C ASN F 15 28.79 -44.64 13.06
N PHE F 16 27.76 -45.30 13.58
CA PHE F 16 26.78 -46.02 12.73
C PHE F 16 25.99 -45.05 11.81
N GLU F 17 25.55 -43.92 12.36
CA GLU F 17 24.84 -42.94 11.54
C GLU F 17 25.78 -42.35 10.47
N ALA F 18 27.03 -42.07 10.84
CA ALA F 18 28.01 -41.63 9.86
C ALA F 18 28.19 -42.63 8.74
N ALA F 19 28.26 -43.92 9.09
CA ALA F 19 28.44 -44.97 8.09
C ALA F 19 27.22 -45.04 7.20
N SER F 20 26.03 -44.73 7.77
CA SER F 20 24.80 -44.73 6.95
C SER F 20 24.81 -43.64 5.91
N ALA F 21 25.27 -42.47 6.30
CA ALA F 21 25.36 -41.39 5.35
C ALA F 21 26.24 -41.78 4.16
N HIS F 22 27.40 -42.36 4.47
CA HIS F 22 28.37 -42.73 3.46
C HIS F 22 27.79 -43.84 2.62
N LEU F 23 27.09 -44.79 3.26
CA LEU F 23 26.49 -45.89 2.52
C LEU F 23 25.48 -45.35 1.50
N TYR F 24 24.65 -44.42 1.91
CA TYR F 24 23.62 -43.89 1.02
C TYR F 24 24.19 -43.00 -0.06
N LEU F 25 25.28 -42.29 0.23
CA LEU F 25 26.02 -41.60 -0.83
C LEU F 25 26.52 -42.57 -1.88
N GLN F 26 27.11 -43.66 -1.43
CA GLN F 26 27.66 -44.66 -2.34
C GLN F 26 26.58 -45.33 -3.17
N MET F 27 25.44 -45.62 -2.55
CA MET F 27 24.29 -46.16 -3.29
C MET F 27 23.82 -45.16 -4.35
N SER F 28 23.77 -43.88 -3.99
CA SER F 28 23.39 -42.84 -4.92
C SER F 28 24.26 -42.87 -6.16
N ALA F 29 25.57 -42.99 -5.94
CA ALA F 29 26.52 -43.00 -7.06
C ALA F 29 26.30 -44.19 -7.98
N TRP F 30 26.07 -45.35 -7.40
CA TRP F 30 25.81 -46.56 -8.17
C TRP F 30 24.53 -46.42 -8.98
N LEU F 31 23.48 -45.93 -8.34
CA LEU F 31 22.20 -45.72 -9.01
C LEU F 31 22.32 -44.81 -10.22
N LEU F 32 23.20 -43.81 -10.16
CA LEU F 32 23.42 -42.94 -11.34
C LEU F 32 23.99 -43.73 -12.50
N THR F 33 24.85 -44.70 -12.24
CA THR F 33 25.38 -45.54 -13.34
C THR F 33 24.29 -46.38 -14.01
N GLN F 34 23.16 -46.58 -13.33
CA GLN F 34 22.01 -47.35 -13.89
C GLN F 34 20.97 -46.43 -14.49
N SER F 35 21.25 -45.13 -14.53
CA SER F 35 20.29 -44.12 -14.97
C SER F 35 19.01 -44.06 -14.13
N LEU F 36 19.12 -44.47 -12.87
CA LEU F 36 18.01 -44.33 -11.93
C LEU F 36 18.15 -43.01 -11.16
N ASP F 37 17.94 -41.91 -11.87
CA ASP F 37 18.27 -40.58 -11.37
C ASP F 37 17.45 -40.13 -10.16
N SER F 38 16.17 -40.45 -10.14
CA SER F 38 15.29 -40.08 -9.01
C SER F 38 15.58 -40.90 -7.77
N THR F 39 15.81 -42.19 -7.94
CA THR F 39 16.28 -43.00 -6.81
C THR F 39 17.65 -42.50 -6.29
N ALA F 40 18.55 -42.13 -7.21
CA ALA F 40 19.83 -41.56 -6.81
C ALA F 40 19.66 -40.30 -5.98
N ALA F 41 18.72 -39.45 -6.41
CA ALA F 41 18.44 -38.19 -5.71
C ALA F 41 17.84 -38.44 -4.33
N PHE F 42 17.00 -39.46 -4.23
CA PHE F 42 16.47 -39.82 -2.95
C PHE F 42 17.60 -40.23 -2.00
N PHE F 43 18.50 -41.09 -2.46
CA PHE F 43 19.54 -41.59 -1.54
C PHE F 43 20.50 -40.47 -1.19
N ARG F 44 20.74 -39.57 -2.13
CA ARG F 44 21.60 -38.43 -1.84
C ARG F 44 21.01 -37.56 -0.74
N ALA F 45 19.73 -37.27 -0.88
CA ALA F 45 19.03 -36.45 0.11
C ALA F 45 18.98 -37.18 1.45
N HIS F 46 18.81 -38.50 1.42
CA HIS F 46 18.71 -39.22 2.65
C HIS F 46 20.06 -39.35 3.36
N ALA F 47 21.16 -39.30 2.62
CA ALA F 47 22.45 -39.23 3.28
C ALA F 47 22.52 -38.00 4.16
N GLU F 48 21.92 -36.90 3.72
CA GLU F 48 21.91 -35.68 4.49
C GLU F 48 21.08 -35.85 5.77
N GLU F 49 20.02 -36.61 5.70
CA GLU F 49 19.25 -36.93 6.91
C GLU F 49 20.07 -37.72 7.91
N GLU F 50 20.86 -38.69 7.44
CA GLU F 50 21.66 -39.49 8.34
C GLU F 50 22.74 -38.67 9.00
N LYS F 51 23.23 -37.66 8.30
CA LYS F 51 24.18 -36.71 8.89
C LYS F 51 23.56 -35.94 10.01
N ALA F 52 22.31 -35.54 9.85
CA ALA F 52 21.61 -34.87 10.92
C ALA F 52 21.43 -35.79 12.13
N HIS F 53 21.14 -37.07 11.89
CA HIS F 53 21.00 -38.03 13.01
C HIS F 53 22.29 -38.14 13.74
N MET F 54 23.38 -38.18 13.01
CA MET F 54 24.70 -38.23 13.60
C MET F 54 24.97 -37.03 14.48
N MET F 55 24.73 -35.83 13.94
CA MET F 55 25.08 -34.61 14.63
C MET F 55 24.29 -34.41 15.92
N LYS F 56 23.06 -34.90 15.94
CA LYS F 56 22.21 -34.70 17.08
C LYS F 56 22.70 -35.56 18.25
N LEU F 57 23.16 -36.77 17.94
CA LEU F 57 23.87 -37.60 18.93
C LEU F 57 25.16 -37.00 19.40
N PHE F 58 25.96 -36.59 18.43
CA PHE F 58 27.24 -35.95 18.66
C PHE F 58 27.08 -34.79 19.62
N ASP F 59 26.08 -33.95 19.39
CA ASP F 59 25.83 -32.82 20.30
C ASP F 59 25.39 -33.26 21.68
N TYR F 60 24.52 -34.26 21.77
CA TYR F 60 24.02 -34.70 23.08
C TYR F 60 25.21 -35.16 23.91
N ILE F 61 26.06 -35.99 23.31
CA ILE F 61 27.20 -36.51 24.02
C ILE F 61 28.03 -35.38 24.54
N ASN F 62 28.37 -34.42 23.68
CA ASN F 62 29.21 -33.30 24.09
C ASN F 62 28.56 -32.43 25.16
N GLU F 63 27.25 -32.21 25.05
CA GLU F 63 26.53 -31.42 26.05
C GLU F 63 26.59 -32.08 27.43
N THR F 64 26.63 -33.42 27.50
CA THR F 64 26.69 -34.09 28.80
C THR F 64 28.05 -33.98 29.44
N GLY F 65 29.02 -33.44 28.69
CA GLY F 65 30.39 -33.30 29.22
C GLY F 65 31.36 -34.41 28.80
N SER F 66 30.92 -35.40 28.04
CA SER F 66 31.81 -36.40 27.49
C SER F 66 32.26 -36.00 26.08
N LEU F 67 33.17 -36.77 25.51
CA LEU F 67 33.77 -36.45 24.25
C LEU F 67 33.24 -37.39 23.19
N ALA F 68 32.57 -36.84 22.19
CA ALA F 68 32.00 -37.66 21.14
C ALA F 68 33.11 -38.08 20.23
N LEU F 69 33.01 -39.28 19.70
CA LEU F 69 34.04 -39.85 18.86
C LEU F 69 33.44 -40.35 17.57
N ILE F 70 34.04 -39.97 16.44
CA ILE F 70 33.53 -40.34 15.14
C ILE F 70 33.96 -41.76 14.77
N GLY F 71 35.22 -42.10 15.05
CA GLY F 71 35.74 -43.42 14.75
C GLY F 71 36.04 -43.68 13.29
N GLU F 72 36.13 -44.95 12.94
CA GLU F 72 36.42 -45.38 11.56
C GLU F 72 35.15 -45.71 10.85
N VAL F 73 35.02 -45.27 9.62
CA VAL F 73 33.86 -45.52 8.82
C VAL F 73 34.36 -46.12 7.53
N ALA F 74 33.97 -47.34 7.23
CA ALA F 74 34.44 -47.98 5.99
C ALA F 74 33.27 -48.28 5.11
N THR F 75 33.29 -47.78 3.88
CA THR F 75 32.20 -48.01 2.96
C THR F 75 32.66 -48.92 1.85
N PRO F 76 32.09 -50.12 1.77
CA PRO F 76 32.50 -51.02 0.70
C PRO F 76 32.08 -50.46 -0.66
N ALA F 77 32.88 -50.77 -1.69
CA ALA F 77 32.54 -50.45 -3.07
C ALA F 77 31.20 -51.11 -3.43
N PRO F 78 30.53 -50.61 -4.46
CA PRO F 78 29.20 -51.11 -4.78
C PRO F 78 29.19 -52.51 -5.33
N GLU F 79 28.71 -53.47 -4.55
CA GLU F 79 28.56 -54.83 -5.04
C GLU F 79 27.28 -55.02 -5.91
N TRP F 80 26.28 -54.13 -5.76
CA TRP F 80 24.88 -54.47 -6.09
C TRP F 80 24.65 -54.88 -7.52
N LYS F 81 23.92 -55.98 -7.71
CA LYS F 81 23.66 -56.55 -9.03
C LYS F 81 22.37 -55.96 -9.61
N SER F 82 21.46 -55.49 -8.75
CA SER F 82 20.24 -54.82 -9.24
C SER F 82 19.77 -53.79 -8.24
N HIS F 83 18.84 -52.93 -8.66
CA HIS F 83 18.28 -51.94 -7.73
C HIS F 83 17.49 -52.59 -6.58
N ILE F 84 16.93 -53.76 -6.80
CA ILE F 84 16.23 -54.48 -5.73
C ILE F 84 17.20 -54.98 -4.67
N GLU F 85 18.35 -55.50 -5.10
CA GLU F 85 19.34 -55.96 -4.15
C GLU F 85 19.79 -54.77 -3.27
N LEU F 86 19.93 -53.59 -3.87
CA LEU F 86 20.34 -52.37 -3.15
C LEU F 86 19.29 -51.93 -2.17
N LEU F 87 18.02 -51.95 -2.60
CA LEU F 87 16.94 -51.61 -1.69
C LEU F 87 16.79 -52.56 -0.52
N GLU F 88 17.04 -53.85 -0.76
CA GLU F 88 17.06 -54.86 0.31
C GLU F 88 18.15 -54.54 1.31
N ALA F 89 19.32 -54.17 0.79
CA ALA F 89 20.44 -53.79 1.68
C ALA F 89 20.13 -52.55 2.50
N ALA F 90 19.50 -51.57 1.88
CA ALA F 90 19.10 -50.37 2.57
C ALA F 90 18.09 -50.69 3.65
N TYR F 91 17.06 -51.46 3.31
CA TYR F 91 16.06 -51.82 4.31
C TYR F 91 16.67 -52.60 5.49
N ASN F 92 17.53 -53.58 5.19
CA ASN F 92 18.14 -54.35 6.27
C ASN F 92 19.03 -53.50 7.14
N HIS F 93 19.73 -52.57 6.49
CA HIS F 93 20.56 -51.61 7.21
C HIS F 93 19.71 -50.78 8.17
N GLU F 94 18.55 -50.31 7.70
CA GLU F 94 17.66 -49.54 8.57
C GLU F 94 17.12 -50.40 9.71
N LEU F 95 16.85 -51.68 9.46
CA LEU F 95 16.45 -52.60 10.55
C LEU F 95 17.55 -52.73 11.60
N ALA F 96 18.80 -52.76 11.15
CA ALA F 96 19.94 -52.89 12.06
C ALA F 96 20.11 -51.63 12.87
N ILE F 97 19.83 -50.49 12.27
CA ILE F 97 19.91 -49.23 13.01
C ILE F 97 18.83 -49.25 14.08
N THR F 98 17.63 -49.67 13.71
CA THR F 98 16.55 -49.75 14.70
C THR F 98 16.90 -50.71 15.86
N GLN F 99 17.52 -51.84 15.55
CA GLN F 99 18.02 -52.75 16.57
C GLN F 99 18.99 -52.05 17.52
N SER F 100 19.94 -51.33 16.95
CA SER F 100 20.94 -50.66 17.72
C SER F 100 20.35 -49.56 18.63
N ILE F 101 19.36 -48.84 18.13
CA ILE F 101 18.66 -47.84 18.94
C ILE F 101 17.91 -48.53 20.06
N ASN F 102 17.18 -49.59 19.72
CA ASN F 102 16.43 -50.31 20.76
C ASN F 102 17.33 -50.84 21.85
N ASP F 103 18.50 -51.37 21.48
CA ASP F 103 19.47 -51.84 22.48
C ASP F 103 19.87 -50.67 23.37
N LEU F 104 20.11 -49.54 22.76
CA LEU F 104 20.54 -48.35 23.48
C LEU F 104 19.44 -47.89 24.43
N VAL F 105 18.19 -47.91 23.98
CA VAL F 105 17.06 -47.49 24.82
C VAL F 105 16.91 -48.44 26.00
N ASP F 106 16.96 -49.73 25.70
CA ASP F 106 16.88 -50.76 26.70
C ASP F 106 17.98 -50.62 27.75
N THR F 107 19.21 -50.36 27.31
CA THR F 107 20.27 -50.18 28.30
C THR F 107 20.14 -48.90 29.13
N ALA F 108 19.62 -47.82 28.54
CA ALA F 108 19.39 -46.61 29.34
C ALA F 108 18.35 -46.85 30.43
N LEU F 109 17.34 -47.63 30.09
CA LEU F 109 16.23 -47.93 31.01
C LEU F 109 16.77 -48.78 32.17
N ARG F 110 17.56 -49.79 31.80
CA ARG F 110 18.15 -50.71 32.75
C ARG F 110 19.08 -49.98 33.74
N GLU F 111 19.88 -49.02 33.27
CA GLU F 111 20.75 -48.22 34.17
C GLU F 111 20.05 -47.05 34.81
N LYS F 112 18.74 -46.90 34.56
CA LYS F 112 18.01 -45.74 35.02
C LYS F 112 18.63 -44.40 34.61
N ASP F 113 19.25 -44.36 33.42
CA ASP F 113 19.66 -43.12 32.79
C ASP F 113 18.46 -42.58 32.00
N TYR F 114 17.56 -41.92 32.71
CA TYR F 114 16.30 -41.49 32.13
C TYR F 114 16.53 -40.34 31.16
N SER F 115 17.58 -39.58 31.37
CA SER F 115 17.92 -38.49 30.48
C SER F 115 18.27 -39.01 29.07
N THR F 116 19.08 -40.03 28.99
CA THR F 116 19.38 -40.62 27.71
C THR F 116 18.18 -41.34 27.16
N PHE F 117 17.41 -41.98 28.02
CA PHE F 117 16.18 -42.63 27.57
C PHE F 117 15.28 -41.64 26.85
N GLN F 118 15.06 -40.46 27.43
CA GLN F 118 14.13 -39.54 26.80
C GLN F 118 14.74 -38.91 25.56
N PHE F 119 16.03 -38.64 25.58
CA PHE F 119 16.69 -38.14 24.38
C PHE F 119 16.49 -39.10 23.22
N LEU F 120 16.53 -40.40 23.48
CA LEU F 120 16.47 -41.37 22.40
C LEU F 120 15.09 -41.55 21.78
N GLN F 121 14.05 -41.04 22.43
CA GLN F 121 12.68 -41.27 21.92
C GLN F 121 12.52 -40.65 20.56
N TRP F 122 13.20 -39.54 20.34
CA TRP F 122 13.24 -38.96 19.00
C TRP F 122 13.66 -40.02 17.97
N TYR F 123 14.72 -40.79 18.26
CA TYR F 123 15.23 -41.79 17.33
C TYR F 123 14.29 -42.97 17.17
N VAL F 124 13.63 -43.35 18.26
CA VAL F 124 12.70 -44.45 18.17
C VAL F 124 11.57 -44.07 17.20
N ALA F 125 11.06 -42.85 17.33
CA ALA F 125 10.05 -42.33 16.41
C ALA F 125 10.58 -42.20 15.01
N GLU F 126 11.79 -41.69 14.86
CA GLU F 126 12.37 -41.49 13.52
C GLU F 126 12.59 -42.83 12.83
N GLN F 127 12.97 -43.86 13.57
CA GLN F 127 13.20 -45.13 12.92
C GLN F 127 11.93 -45.79 12.46
N HIS F 128 10.82 -45.51 13.13
CA HIS F 128 9.53 -45.98 12.63
C HIS F 128 9.25 -45.38 11.27
N GLU F 129 9.52 -44.08 11.11
CA GLU F 129 9.34 -43.40 9.82
C GLU F 129 10.32 -43.96 8.77
N GLU F 130 11.55 -44.29 9.18
CA GLU F 130 12.57 -44.82 8.26
C GLU F 130 12.20 -46.20 7.77
N GLU F 131 11.78 -47.08 8.67
CA GLU F 131 11.34 -48.42 8.24
C GLU F 131 10.13 -48.37 7.33
N TYR F 132 9.21 -47.47 7.59
CA TYR F 132 8.05 -47.31 6.74
C TYR F 132 8.48 -46.89 5.33
N LEU F 133 9.33 -45.89 5.27
CA LEU F 133 9.81 -45.37 4.02
C LEU F 133 10.51 -46.43 3.20
N PHE F 134 11.47 -47.14 3.80
CA PHE F 134 12.31 -48.06 3.06
C PHE F 134 11.58 -49.33 2.74
N SER F 135 10.74 -49.79 3.64
CA SER F 135 10.02 -51.06 3.37
C SER F 135 9.07 -50.81 2.23
N SER F 136 8.46 -49.66 2.24
CA SER F 136 7.47 -49.33 1.26
C SER F 136 8.12 -49.19 -0.12
N MET F 137 9.30 -48.59 -0.17
CA MET F 137 10.00 -48.41 -1.42
C MET F 137 10.42 -49.79 -2.00
N LEU F 138 10.88 -50.68 -1.14
CA LEU F 138 11.24 -52.03 -1.54
C LEU F 138 10.04 -52.78 -2.08
N HIS F 139 8.92 -52.69 -1.35
CA HIS F 139 7.70 -53.42 -1.74
CA HIS F 139 7.68 -53.42 -1.68
C HIS F 139 7.25 -52.99 -3.11
N LYS F 140 7.25 -51.68 -3.36
CA LYS F 140 6.92 -51.15 -4.67
C LYS F 140 7.90 -51.60 -5.76
N ALA F 141 9.18 -51.69 -5.43
CA ALA F 141 10.15 -52.12 -6.41
C ALA F 141 9.89 -53.56 -6.86
N ARG F 142 9.56 -54.43 -5.91
CA ARG F 142 9.24 -55.82 -6.19
C ARG F 142 7.99 -55.96 -7.04
N ILE F 143 6.97 -55.16 -6.73
CA ILE F 143 5.74 -55.17 -7.50
C ILE F 143 5.97 -54.68 -8.90
N ILE F 144 6.66 -53.56 -9.04
CA ILE F 144 6.92 -52.96 -10.34
C ILE F 144 7.84 -53.82 -11.22
N ASN F 145 8.58 -54.73 -10.60
CA ASN F 145 9.37 -55.71 -11.32
C ASN F 145 8.59 -56.78 -12.09
N THR F 146 7.26 -56.86 -11.89
CA THR F 146 6.34 -57.83 -12.51
C THR F 146 5.40 -57.09 -13.42
N MET F 147 4.96 -57.75 -14.48
CA MET F 147 3.96 -57.14 -15.34
C MET F 147 2.61 -56.92 -14.69
N ASP F 148 2.15 -57.90 -13.90
CA ASP F 148 0.89 -57.75 -13.14
C ASP F 148 0.96 -56.51 -12.24
N GLY F 149 2.12 -56.34 -11.59
CA GLY F 149 2.39 -55.22 -10.72
C GLY F 149 2.36 -53.88 -11.44
N ARG F 150 2.97 -53.81 -12.59
CA ARG F 150 2.93 -52.57 -13.33
C ARG F 150 1.51 -52.20 -13.71
N ALA F 151 0.68 -53.20 -13.96
CA ALA F 151 -0.74 -52.93 -14.25
C ALA F 151 -1.50 -52.37 -13.03
N LEU F 152 -1.22 -52.89 -11.83
CA LEU F 152 -1.80 -52.35 -10.60
C LEU F 152 -1.43 -50.90 -10.41
N PHE F 153 -0.16 -50.59 -10.62
CA PHE F 153 0.30 -49.21 -10.46
C PHE F 153 -0.26 -48.29 -11.51
N ARG F 154 -0.59 -48.81 -12.67
CA ARG F 154 -1.16 -47.99 -13.71
C ARG F 154 -2.55 -47.58 -13.27
N PHE F 155 -3.28 -48.49 -12.63
CA PHE F 155 -4.61 -48.16 -12.13
C PHE F 155 -4.50 -47.14 -11.01
N ASP F 156 -3.58 -47.39 -10.08
CA ASP F 156 -3.38 -46.48 -8.95
C ASP F 156 -3.05 -45.08 -9.45
N GLU F 157 -2.26 -44.96 -10.50
CA GLU F 157 -1.95 -43.66 -11.04
C GLU F 157 -3.17 -43.00 -11.68
N GLU F 158 -4.04 -43.80 -12.29
CA GLU F 158 -5.28 -43.29 -12.85
C GLU F 158 -6.18 -42.73 -11.77
N VAL F 159 -6.21 -43.39 -10.62
CA VAL F 159 -6.94 -42.85 -9.51
C VAL F 159 -6.29 -41.55 -8.99
N ARG F 160 -4.95 -41.48 -8.92
CA ARG F 160 -4.31 -40.23 -8.52
C ARG F 160 -4.69 -39.04 -9.43
N LYS F 161 -4.75 -39.25 -10.76
CA LYS F 161 -5.18 -38.20 -11.70
C LYS F 161 -6.69 -37.95 -11.71
N SER F 162 -7.49 -39.00 -11.87
CA SER F 162 -8.95 -38.86 -11.96
C SER F 162 -9.60 -38.36 -10.63
N VAL F 163 -9.17 -38.82 -9.44
CA VAL F 163 -9.87 -38.49 -8.16
C VAL F 163 -8.92 -38.37 -6.91
N MET G 1 8.18 -54.67 12.69
CA MET G 1 7.02 -55.60 12.45
C MET G 1 6.31 -56.04 13.77
N LEU G 2 5.04 -55.75 13.79
CA LEU G 2 4.29 -55.83 15.04
C LEU G 2 4.04 -57.28 15.47
N SER G 3 4.23 -57.54 16.75
CA SER G 3 3.89 -58.83 17.29
C SER G 3 2.38 -59.01 17.22
N LYS G 4 1.93 -60.25 17.23
CA LYS G 4 0.51 -60.53 17.18
C LYS G 4 -0.22 -60.01 18.43
N THR G 5 0.41 -60.09 19.59
CA THR G 5 -0.27 -59.65 20.81
C THR G 5 -0.50 -58.14 20.79
N ILE G 6 0.49 -57.39 20.30
CA ILE G 6 0.41 -55.92 20.24
C ILE G 6 -0.58 -55.54 19.15
N LEU G 7 -0.48 -56.18 18.00
CA LEU G 7 -1.41 -55.91 16.89
C LEU G 7 -2.86 -56.08 17.36
N ASP G 8 -3.14 -57.15 18.07
CA ASP G 8 -4.52 -57.44 18.45
C ASP G 8 -5.01 -56.38 19.42
N LYS G 9 -4.13 -55.90 20.27
CA LYS G 9 -4.53 -54.84 21.19
C LYS G 9 -4.68 -53.47 20.54
N LEU G 10 -3.85 -53.18 19.53
CA LEU G 10 -3.95 -51.93 18.83
C LEU G 10 -5.25 -51.91 18.03
N ASN G 11 -5.54 -53.02 17.34
CA ASN G 11 -6.81 -53.16 16.68
C ASN G 11 -8.01 -53.13 17.65
N HIS G 12 -7.84 -53.64 18.86
CA HIS G 12 -8.89 -53.52 19.85
C HIS G 12 -9.12 -52.03 20.19
N GLN G 13 -8.03 -51.29 20.32
CA GLN G 13 -8.11 -49.89 20.63
C GLN G 13 -8.74 -49.10 19.45
N VAL G 14 -8.38 -49.43 18.22
CA VAL G 14 -9.03 -48.81 17.08
C VAL G 14 -10.53 -48.93 17.22
N ASN G 15 -10.98 -50.14 17.48
CA ASN G 15 -12.38 -50.41 17.62
C ASN G 15 -13.01 -49.69 18.83
N PHE G 16 -12.27 -49.61 19.92
CA PHE G 16 -12.73 -48.91 21.12
C PHE G 16 -12.95 -47.41 20.81
N GLU G 17 -12.02 -46.78 20.08
CA GLU G 17 -12.12 -45.34 19.77
C GLU G 17 -13.27 -45.10 18.84
N ALA G 18 -13.45 -45.99 17.88
CA ALA G 18 -14.65 -45.96 17.02
C ALA G 18 -15.94 -46.04 17.83
N ALA G 19 -15.97 -46.94 18.81
CA ALA G 19 -17.17 -47.09 19.65
C ALA G 19 -17.41 -45.85 20.51
N SER G 20 -16.34 -45.17 20.91
CA SER G 20 -16.47 -43.94 21.67
C SER G 20 -17.09 -42.86 20.82
N ALA G 21 -16.69 -42.75 19.57
CA ALA G 21 -17.28 -41.75 18.72
C ALA G 21 -18.77 -41.95 18.61
N HIS G 22 -19.18 -43.19 18.37
CA HIS G 22 -20.59 -43.53 18.17
C HIS G 22 -21.33 -43.31 19.48
N LEU G 23 -20.70 -43.65 20.60
CA LEU G 23 -21.32 -43.43 21.92
C LEU G 23 -21.60 -41.97 22.14
N TYR G 24 -20.64 -41.12 21.83
CA TYR G 24 -20.80 -39.69 22.06
C TYR G 24 -21.79 -39.07 21.08
N LEU G 25 -21.85 -39.57 19.85
CA LEU G 25 -22.90 -39.16 18.95
C LEU G 25 -24.27 -39.48 19.56
N GLN G 26 -24.43 -40.70 20.05
CA GLN G 26 -25.71 -41.13 20.58
C GLN G 26 -26.09 -40.29 21.81
N MET G 27 -25.11 -39.98 22.66
CA MET G 27 -25.36 -39.13 23.81
C MET G 27 -25.82 -37.77 23.34
N SER G 28 -25.19 -37.23 22.32
CA SER G 28 -25.55 -35.93 21.76
C SER G 28 -27.02 -35.91 21.36
N ALA G 29 -27.46 -36.97 20.70
CA ALA G 29 -28.85 -37.06 20.24
C ALA G 29 -29.81 -37.07 21.39
N TRP G 30 -29.49 -37.81 22.43
CA TRP G 30 -30.34 -37.88 23.60
C TRP G 30 -30.43 -36.51 24.26
N LEU G 31 -29.29 -35.87 24.41
CA LEU G 31 -29.23 -34.59 25.08
C LEU G 31 -30.11 -33.57 24.36
N LEU G 32 -30.17 -33.64 23.04
CA LEU G 32 -31.06 -32.74 22.31
C LEU G 32 -32.53 -32.96 22.71
N THR G 33 -32.95 -34.20 22.98
CA THR G 33 -34.33 -34.44 23.43
C THR G 33 -34.61 -33.85 24.79
N GLN G 34 -33.59 -33.55 25.57
CA GLN G 34 -33.73 -32.85 26.86
C GLN G 34 -33.56 -31.33 26.75
N SER G 35 -33.38 -30.81 25.53
CA SER G 35 -33.06 -29.42 25.29
C SER G 35 -31.76 -28.94 25.91
N LEU G 36 -30.82 -29.86 26.09
CA LEU G 36 -29.49 -29.50 26.59
C LEU G 36 -28.57 -29.30 25.39
N ASP G 37 -28.84 -28.23 24.65
CA ASP G 37 -28.23 -28.01 23.36
C ASP G 37 -26.70 -27.82 23.39
N SER G 38 -26.19 -27.10 24.39
CA SER G 38 -24.74 -26.90 24.49
C SER G 38 -23.99 -28.19 24.87
N THR G 39 -24.55 -28.95 25.80
CA THR G 39 -23.97 -30.24 26.14
C THR G 39 -24.02 -31.18 24.91
N ALA G 40 -25.11 -31.14 24.17
CA ALA G 40 -25.22 -31.92 22.94
C ALA G 40 -24.12 -31.54 21.95
N ALA G 41 -23.83 -30.25 21.84
CA ALA G 41 -22.82 -29.73 20.89
C ALA G 41 -21.45 -30.16 21.33
N PHE G 42 -21.23 -30.18 22.64
CA PHE G 42 -19.97 -30.67 23.18
C PHE G 42 -19.76 -32.14 22.79
N PHE G 43 -20.77 -32.98 23.00
CA PHE G 43 -20.61 -34.39 22.70
C PHE G 43 -20.47 -34.64 21.23
N ARG G 44 -21.17 -33.86 20.43
CA ARG G 44 -21.02 -33.97 18.98
C ARG G 44 -19.58 -33.66 18.54
N ALA G 45 -19.03 -32.57 19.05
CA ALA G 45 -17.66 -32.16 18.73
C ALA G 45 -16.68 -33.16 19.26
N HIS G 46 -16.95 -33.71 20.42
CA HIS G 46 -16.05 -34.69 20.95
C HIS G 46 -16.06 -36.04 20.21
N ALA G 47 -17.18 -36.38 19.57
CA ALA G 47 -17.21 -37.58 18.73
C ALA G 47 -16.23 -37.44 17.61
N GLU G 48 -16.06 -36.23 17.10
CA GLU G 48 -15.05 -35.96 16.10
C GLU G 48 -13.60 -36.15 16.64
N GLU G 49 -13.36 -35.81 17.90
CA GLU G 49 -12.08 -36.04 18.52
C GLU G 49 -11.77 -37.52 18.64
N GLU G 50 -12.77 -38.31 18.99
CA GLU G 50 -12.57 -39.75 19.10
C GLU G 50 -12.28 -40.38 17.73
N LYS G 51 -12.86 -39.85 16.68
CA LYS G 51 -12.56 -40.30 15.33
C LYS G 51 -11.13 -40.03 15.00
N ALA G 52 -10.61 -38.87 15.38
CA ALA G 52 -9.20 -38.59 15.15
C ALA G 52 -8.28 -39.55 15.95
N HIS G 53 -8.66 -39.88 17.18
CA HIS G 53 -7.90 -40.87 17.93
C HIS G 53 -7.87 -42.22 17.20
N MET G 54 -9.02 -42.60 16.66
CA MET G 54 -9.12 -43.84 15.90
C MET G 54 -8.20 -43.84 14.72
N MET G 55 -8.24 -42.76 13.92
CA MET G 55 -7.50 -42.70 12.68
C MET G 55 -6.01 -42.69 12.87
N LYS G 56 -5.57 -42.10 13.94
CA LYS G 56 -4.16 -42.06 14.23
C LYS G 56 -3.58 -43.47 14.59
N LEU G 57 -4.33 -44.28 15.35
CA LEU G 57 -4.03 -45.70 15.60
C LEU G 57 -4.08 -46.51 14.30
N PHE G 58 -5.14 -46.32 13.55
CA PHE G 58 -5.35 -46.95 12.27
C PHE G 58 -4.16 -46.71 11.36
N ASP G 59 -3.73 -45.48 11.26
CA ASP G 59 -2.56 -45.19 10.41
C ASP G 59 -1.26 -45.82 10.93
N TYR G 60 -1.02 -45.79 12.23
CA TYR G 60 0.20 -46.35 12.79
C TYR G 60 0.27 -47.84 12.43
N ILE G 61 -0.83 -48.54 12.65
CA ILE G 61 -0.87 -49.93 12.38
C ILE G 61 -0.52 -50.15 10.91
N ASN G 62 -1.19 -49.45 10.00
CA ASN G 62 -0.94 -49.66 8.57
C ASN G 62 0.49 -49.32 8.17
N GLU G 63 1.06 -48.27 8.77
CA GLU G 63 2.41 -47.86 8.46
C GLU G 63 3.42 -48.93 8.87
N THR G 64 3.15 -49.66 9.95
CA THR G 64 4.07 -50.75 10.35
C THR G 64 4.01 -51.94 9.40
N GLY G 65 3.08 -51.95 8.45
CA GLY G 65 2.91 -53.07 7.52
C GLY G 65 1.84 -54.10 7.88
N SER G 66 1.17 -53.95 9.02
CA SER G 66 0.04 -54.79 9.36
C SER G 66 -1.25 -54.18 8.87
N LEU G 67 -2.34 -54.94 8.99
CA LEU G 67 -3.65 -54.51 8.46
C LEU G 67 -4.56 -54.13 9.63
N ALA G 68 -4.95 -52.86 9.67
CA ALA G 68 -5.80 -52.37 10.73
C ALA G 68 -7.19 -52.87 10.50
N LEU G 69 -7.87 -53.17 11.59
CA LEU G 69 -9.22 -53.76 11.51
C LEU G 69 -10.18 -52.93 12.34
N ILE G 70 -11.31 -52.57 11.76
CA ILE G 70 -12.30 -51.75 12.45
C ILE G 70 -13.14 -52.59 13.39
N GLY G 71 -13.56 -53.76 12.91
CA GLY G 71 -14.38 -54.65 13.71
C GLY G 71 -15.86 -54.24 13.85
N GLU G 72 -16.53 -54.80 14.86
CA GLU G 72 -17.93 -54.54 15.13
C GLU G 72 -18.05 -53.50 16.19
N VAL G 73 -18.93 -52.54 15.97
CA VAL G 73 -19.15 -51.46 16.90
C VAL G 73 -20.64 -51.47 17.19
N ALA G 74 -21.03 -51.70 18.43
CA ALA G 74 -22.48 -51.74 18.76
C ALA G 74 -22.80 -50.67 19.76
N THR G 75 -23.73 -49.78 19.41
CA THR G 75 -24.06 -48.67 20.30
C THR G 75 -25.44 -48.90 20.84
N PRO G 76 -25.55 -49.10 22.17
CA PRO G 76 -26.86 -49.30 22.74
C PRO G 76 -27.70 -48.04 22.61
N ALA G 77 -29.03 -48.23 22.48
CA ALA G 77 -29.99 -47.11 22.51
C ALA G 77 -29.86 -46.37 23.84
N PRO G 78 -30.29 -45.13 23.89
CA PRO G 78 -30.08 -44.34 25.10
C PRO G 78 -30.90 -44.80 26.29
N GLU G 79 -30.24 -45.37 27.29
CA GLU G 79 -30.93 -45.73 28.53
C GLU G 79 -31.15 -44.51 29.47
N TRP G 80 -30.34 -43.45 29.34
CA TRP G 80 -30.06 -42.52 30.45
C TRP G 80 -31.31 -41.87 31.02
N LYS G 81 -31.42 -41.88 32.34
CA LYS G 81 -32.54 -41.30 33.07
C LYS G 81 -32.30 -39.80 33.39
N SER G 82 -31.05 -39.36 33.51
CA SER G 82 -30.73 -37.94 33.68
C SER G 82 -29.41 -37.58 33.04
N HIS G 83 -29.16 -36.29 32.87
CA HIS G 83 -27.87 -35.87 32.33
C HIS G 83 -26.69 -36.28 33.22
N ILE G 84 -26.91 -36.38 34.51
CA ILE G 84 -25.85 -36.80 35.42
C ILE G 84 -25.50 -38.27 35.19
N GLU G 85 -26.50 -39.12 34.99
CA GLU G 85 -26.25 -40.52 34.72
C GLU G 85 -25.41 -40.64 33.42
N LEU G 86 -25.72 -39.82 32.42
CA LEU G 86 -24.99 -39.81 31.15
C LEU G 86 -23.55 -39.34 31.32
N LEU G 87 -23.35 -38.26 32.07
CA LEU G 87 -22.02 -37.81 32.37
C LEU G 87 -21.17 -38.84 33.16
N GLU G 88 -21.81 -39.57 34.08
CA GLU G 88 -21.12 -40.66 34.82
C GLU G 88 -20.66 -41.71 33.83
N ALA G 89 -21.53 -42.05 32.90
CA ALA G 89 -21.19 -43.07 31.92
C ALA G 89 -20.03 -42.61 31.07
N ALA G 90 -20.04 -41.33 30.68
CA ALA G 90 -19.00 -40.79 29.83
C ALA G 90 -17.68 -40.80 30.59
N TYR G 91 -17.71 -40.38 31.83
CA TYR G 91 -16.48 -40.40 32.64
C TYR G 91 -15.94 -41.81 32.83
N ASN G 92 -16.82 -42.77 33.17
CA ASN G 92 -16.37 -44.14 33.35
C ASN G 92 -15.82 -44.73 32.06
N HIS G 93 -16.45 -44.38 30.95
CA HIS G 93 -16.00 -44.81 29.67
C HIS G 93 -14.59 -44.28 29.41
N GLU G 94 -14.36 -43.02 29.73
CA GLU G 94 -13.02 -42.46 29.56
C GLU G 94 -12.01 -43.15 30.47
N LEU G 95 -12.42 -43.50 31.69
CA LEU G 95 -11.52 -44.25 32.62
C LEU G 95 -11.15 -45.61 32.04
N ALA G 96 -12.11 -46.24 31.36
CA ALA G 96 -11.86 -47.53 30.73
C ALA G 96 -10.93 -47.41 29.53
N ILE G 97 -11.05 -46.30 28.79
CA ILE G 97 -10.14 -46.05 27.69
C ILE G 97 -8.74 -45.88 28.24
N THR G 98 -8.60 -45.09 29.29
CA THR G 98 -7.31 -44.92 29.88
C THR G 98 -6.71 -46.26 30.32
N GLN G 99 -7.53 -47.11 30.93
CA GLN G 99 -7.09 -48.44 31.37
C GLN G 99 -6.55 -49.24 30.21
N SER G 100 -7.29 -49.22 29.12
CA SER G 100 -6.92 -49.92 27.93
C SER G 100 -5.60 -49.40 27.31
N ILE G 101 -5.41 -48.08 27.33
CA ILE G 101 -4.16 -47.49 26.85
C ILE G 101 -3.02 -47.89 27.77
N ASN G 102 -3.25 -47.79 29.08
CA ASN G 102 -2.22 -48.21 30.03
C ASN G 102 -1.81 -49.67 29.87
N ASP G 103 -2.77 -50.56 29.67
CA ASP G 103 -2.46 -51.95 29.43
C ASP G 103 -1.59 -52.07 28.17
N LEU G 104 -1.95 -51.32 27.14
CA LEU G 104 -1.22 -51.34 25.86
C LEU G 104 0.20 -50.82 26.02
N VAL G 105 0.37 -49.75 26.79
CA VAL G 105 1.69 -49.20 27.06
C VAL G 105 2.54 -50.21 27.84
N ASP G 106 1.94 -50.78 28.88
CA ASP G 106 2.60 -51.77 29.70
C ASP G 106 3.04 -52.96 28.89
N THR G 107 2.20 -53.44 28.00
CA THR G 107 2.59 -54.56 27.17
C THR G 107 3.70 -54.23 26.22
N ALA G 108 3.69 -53.03 25.65
CA ALA G 108 4.75 -52.66 24.70
C ALA G 108 6.09 -52.61 25.42
N LEU G 109 6.08 -52.13 26.66
CA LEU G 109 7.28 -52.01 27.46
C LEU G 109 7.82 -53.42 27.77
N ARG G 110 6.91 -54.31 28.16
CA ARG G 110 7.23 -55.67 28.50
C ARG G 110 7.83 -56.42 27.30
N GLU G 111 7.28 -56.25 26.11
CA GLU G 111 7.84 -56.88 24.89
C GLU G 111 8.99 -56.11 24.30
N LYS G 112 9.43 -55.03 24.96
CA LYS G 112 10.45 -54.14 24.40
C LYS G 112 10.14 -53.67 22.97
N ASP G 113 8.86 -53.47 22.67
CA ASP G 113 8.41 -52.75 21.46
C ASP G 113 8.42 -51.25 21.78
N TYR G 114 9.60 -50.66 21.73
CA TYR G 114 9.79 -49.29 22.11
C TYR G 114 9.16 -48.33 21.11
N SER G 115 9.05 -48.76 19.87
CA SER G 115 8.37 -47.97 18.84
C SER G 115 6.89 -47.76 19.19
N THR G 116 6.21 -48.82 19.57
CA THR G 116 4.81 -48.69 19.96
C THR G 116 4.70 -47.96 21.29
N PHE G 117 5.64 -48.19 22.19
CA PHE G 117 5.66 -47.48 23.44
C PHE G 117 5.71 -45.98 23.21
N GLN G 118 6.60 -45.49 22.33
CA GLN G 118 6.71 -44.04 22.16
C GLN G 118 5.51 -43.49 21.36
N PHE G 119 4.97 -44.25 20.42
CA PHE G 119 3.77 -43.85 19.73
C PHE G 119 2.62 -43.63 20.69
N LEU G 120 2.51 -44.47 21.70
CA LEU G 120 1.38 -44.39 22.61
C LEU G 120 1.45 -43.24 23.61
N GLN G 121 2.60 -42.58 23.74
CA GLN G 121 2.74 -41.49 24.72
C GLN G 121 1.80 -40.32 24.42
N TRP G 122 1.58 -40.07 23.14
CA TRP G 122 0.55 -39.14 22.77
C TRP G 122 -0.79 -39.48 23.48
N TYR G 123 -1.21 -40.75 23.49
CA TYR G 123 -2.52 -41.18 24.03
C TYR G 123 -2.52 -41.09 25.51
N VAL G 124 -1.39 -41.38 26.12
CA VAL G 124 -1.30 -41.26 27.57
C VAL G 124 -1.56 -39.80 27.95
N ALA G 125 -0.92 -38.88 27.24
CA ALA G 125 -1.10 -37.45 27.48
C ALA G 125 -2.51 -37.03 27.18
N GLU G 126 -3.06 -37.51 26.08
CA GLU G 126 -4.42 -37.13 25.69
C GLU G 126 -5.44 -37.61 26.69
N GLN G 127 -5.22 -38.78 27.26
CA GLN G 127 -6.19 -39.31 28.23
C GLN G 127 -6.16 -38.57 29.54
N HIS G 128 -5.04 -37.99 29.88
CA HIS G 128 -4.99 -37.08 31.05
C HIS G 128 -5.90 -35.89 30.80
N GLU G 129 -5.85 -35.32 29.59
CA GLU G 129 -6.70 -34.19 29.23
C GLU G 129 -8.16 -34.60 29.18
N GLU G 130 -8.44 -35.80 28.70
CA GLU G 130 -9.80 -36.30 28.66
C GLU G 130 -10.39 -36.50 30.06
N GLU G 131 -9.66 -37.15 30.94
CA GLU G 131 -10.15 -37.38 32.28
C GLU G 131 -10.39 -36.07 33.03
N TYR G 132 -9.52 -35.11 32.81
CA TYR G 132 -9.71 -33.79 33.41
C TYR G 132 -11.00 -33.15 32.93
N LEU G 133 -11.20 -33.15 31.62
CA LEU G 133 -12.37 -32.58 30.98
C LEU G 133 -13.67 -33.21 31.45
N PHE G 134 -13.75 -34.53 31.42
CA PHE G 134 -14.96 -35.25 31.79
C PHE G 134 -15.21 -35.31 33.29
N SER G 135 -14.17 -35.44 34.10
CA SER G 135 -14.38 -35.46 35.56
C SER G 135 -14.86 -34.07 36.00
N SER G 136 -14.28 -33.05 35.40
CA SER G 136 -14.61 -31.69 35.76
C SER G 136 -16.07 -31.38 35.38
N MET G 137 -16.51 -31.84 34.21
CA MET G 137 -17.87 -31.58 33.77
C MET G 137 -18.88 -32.30 34.67
N LEU G 138 -18.56 -33.53 35.08
CA LEU G 138 -19.39 -34.29 36.01
C LEU G 138 -19.49 -33.62 37.37
N HIS G 139 -18.35 -33.16 37.87
CA HIS G 139 -18.33 -32.52 39.17
C HIS G 139 -19.23 -31.30 39.16
N LYS G 140 -19.13 -30.49 38.12
CA LYS G 140 -19.92 -29.27 38.00
C LYS G 140 -21.39 -29.61 37.86
N ALA G 141 -21.71 -30.68 37.18
CA ALA G 141 -23.09 -31.06 37.05
C ALA G 141 -23.68 -31.40 38.42
N ARG G 142 -22.92 -32.11 39.26
CA ARG G 142 -23.38 -32.51 40.60
C ARG G 142 -23.58 -31.33 41.50
N ILE G 143 -22.65 -30.38 41.40
CA ILE G 143 -22.74 -29.17 42.18
C ILE G 143 -23.97 -28.39 41.74
N ILE G 144 -24.14 -28.21 40.44
CA ILE G 144 -25.21 -27.36 39.92
C ILE G 144 -26.57 -27.99 40.16
N ASN G 145 -26.58 -29.27 40.44
CA ASN G 145 -27.82 -29.97 40.81
C ASN G 145 -28.40 -29.59 42.16
N THR G 146 -27.68 -28.77 42.91
CA THR G 146 -28.05 -28.36 44.24
C THR G 146 -28.16 -26.91 44.37
N MET G 147 -28.99 -26.45 45.28
CA MET G 147 -29.13 -25.01 45.44
C MET G 147 -27.89 -24.30 45.99
N ASP G 148 -27.24 -24.91 46.98
CA ASP G 148 -25.97 -24.37 47.53
C ASP G 148 -24.91 -24.21 46.44
N GLY G 149 -24.82 -25.24 45.59
CA GLY G 149 -23.98 -25.26 44.43
C GLY G 149 -24.27 -24.15 43.44
N ARG G 150 -25.54 -23.94 43.10
CA ARG G 150 -25.87 -22.90 42.15
C ARG G 150 -25.47 -21.53 42.70
N ALA G 151 -25.52 -21.36 44.02
CA ALA G 151 -25.03 -20.14 44.65
C ALA G 151 -23.50 -19.94 44.55
N LEU G 152 -22.74 -21.01 44.73
CA LEU G 152 -21.28 -20.97 44.51
C LEU G 152 -20.93 -20.54 43.11
N PHE G 153 -21.61 -21.13 42.12
CA PHE G 153 -21.35 -20.80 40.74
C PHE G 153 -21.75 -19.38 40.39
N ARG G 154 -22.71 -18.84 41.11
CA ARG G 154 -23.15 -17.49 40.84
C ARG G 154 -22.06 -16.55 41.30
N PHE G 155 -21.41 -16.87 42.42
CA PHE G 155 -20.27 -16.09 42.87
C PHE G 155 -19.09 -16.20 41.93
N ASP G 156 -18.77 -17.42 41.52
CA ASP G 156 -17.69 -17.63 40.55
C ASP G 156 -17.91 -16.81 39.26
N GLU G 157 -19.16 -16.76 38.79
CA GLU G 157 -19.45 -16.02 37.57
C GLU G 157 -19.30 -14.54 37.80
N GLU G 158 -19.62 -14.07 39.00
CA GLU G 158 -19.42 -12.69 39.34
C GLU G 158 -17.93 -12.34 39.30
N VAL G 159 -17.09 -13.27 39.73
CA VAL G 159 -15.68 -13.05 39.66
C VAL G 159 -15.22 -13.04 38.21
N ARG G 160 -15.75 -13.93 37.37
CA ARG G 160 -15.38 -13.89 35.95
C ARG G 160 -15.69 -12.55 35.28
N LYS G 161 -16.83 -11.95 35.59
CA LYS G 161 -17.20 -10.64 35.06
C LYS G 161 -16.47 -9.48 35.74
N SER G 162 -16.51 -9.40 37.06
CA SER G 162 -15.88 -8.30 37.82
C SER G 162 -14.32 -8.26 37.72
N VAL G 163 -13.60 -9.39 37.76
CA VAL G 163 -12.09 -9.39 37.78
C VAL G 163 -11.40 -10.57 37.02
N MET H 1 50.03 21.37 20.83
CA MET H 1 49.88 22.15 19.59
C MET H 1 49.38 23.60 19.80
N LEU H 2 48.33 23.87 20.59
CA LEU H 2 47.91 25.27 20.79
C LEU H 2 48.92 26.09 21.57
N SER H 3 49.20 27.29 21.11
CA SER H 3 50.06 28.17 21.85
C SER H 3 49.34 28.54 23.16
N LYS H 4 50.11 28.95 24.15
CA LYS H 4 49.53 29.37 25.41
C LYS H 4 48.64 30.61 25.26
N THR H 5 49.04 31.56 24.41
CA THR H 5 48.25 32.80 24.30
C THR H 5 46.87 32.49 23.69
N ILE H 6 46.82 31.60 22.70
CA ILE H 6 45.58 31.24 22.04
C ILE H 6 44.74 30.39 23.00
N LEU H 7 45.35 29.42 23.64
CA LEU H 7 44.65 28.58 24.62
C LEU H 7 43.97 29.43 25.67
N ASP H 8 44.67 30.42 26.20
CA ASP H 8 44.09 31.24 27.26
C ASP H 8 42.92 32.02 26.77
N LYS H 9 43.01 32.48 25.53
CA LYS H 9 41.88 33.22 24.96
C LYS H 9 40.69 32.36 24.57
N LEU H 10 40.95 31.13 24.12
CA LEU H 10 39.87 30.21 23.80
C LEU H 10 39.15 29.82 25.10
N ASN H 11 39.91 29.51 26.15
CA ASN H 11 39.32 29.25 27.45
C ASN H 11 38.58 30.45 28.03
N HIS H 12 39.08 31.65 27.78
CA HIS H 12 38.34 32.82 28.18
C HIS H 12 36.98 32.84 27.46
N GLN H 13 36.98 32.48 26.17
CA GLN H 13 35.76 32.51 25.38
C GLN H 13 34.80 31.42 25.83
N VAL H 14 35.32 30.24 26.14
CA VAL H 14 34.48 29.23 26.72
C VAL H 14 33.71 29.82 27.91
N ASN H 15 34.44 30.47 28.78
CA ASN H 15 33.87 31.02 29.98
C ASN H 15 32.88 32.14 29.68
N PHE H 16 33.19 32.94 28.68
CA PHE H 16 32.31 34.03 28.25
C PHE H 16 30.99 33.48 27.70
N GLU H 17 31.03 32.42 26.91
CA GLU H 17 29.79 31.82 26.37
C GLU H 17 28.98 31.20 27.50
N ALA H 18 29.64 30.54 28.43
CA ALA H 18 28.94 30.05 29.64
C ALA H 18 28.25 31.16 30.39
N ALA H 19 28.93 32.28 30.54
CA ALA H 19 28.35 33.42 31.26
C ALA H 19 27.15 33.99 30.53
N SER H 20 27.19 33.92 29.20
CA SER H 20 26.10 34.40 28.39
C SER H 20 24.87 33.55 28.59
N ALA H 21 25.05 32.25 28.64
CA ALA H 21 23.94 31.36 28.88
C ALA H 21 23.25 31.71 30.20
N HIS H 22 24.06 31.89 31.25
CA HIS H 22 23.54 32.17 32.59
C HIS H 22 22.88 33.54 32.59
N LEU H 23 23.49 34.49 31.91
CA LEU H 23 22.92 35.82 31.81
C LEU H 23 21.51 35.75 31.20
N TYR H 24 21.39 35.02 30.09
CA TYR H 24 20.14 34.99 29.40
C TYR H 24 19.07 34.19 30.17
N LEU H 25 19.48 33.17 30.90
CA LEU H 25 18.57 32.52 31.83
C LEU H 25 18.03 33.53 32.85
N GLN H 26 18.92 34.32 33.40
CA GLN H 26 18.54 35.25 34.43
C GLN H 26 17.61 36.28 33.88
N MET H 27 17.89 36.72 32.66
CA MET H 27 17.01 37.71 32.00
C MET H 27 15.63 37.10 31.81
N SER H 28 15.60 35.84 31.42
CA SER H 28 14.35 35.15 31.20
C SER H 28 13.52 35.19 32.46
N ALA H 29 14.16 34.89 33.59
CA ALA H 29 13.45 34.84 34.86
C ALA H 29 12.84 36.21 35.20
N TRP H 30 13.62 37.26 34.98
CA TRP H 30 13.16 38.61 35.27
C TRP H 30 11.98 38.98 34.39
N LEU H 31 12.10 38.67 33.11
CA LEU H 31 11.01 38.93 32.16
C LEU H 31 9.69 38.25 32.56
N LEU H 32 9.76 37.03 33.11
CA LEU H 32 8.55 36.39 33.59
C LEU H 32 7.88 37.20 34.71
N THR H 33 8.64 37.85 35.59
CA THR H 33 8.03 38.70 36.62
C THR H 33 7.33 39.91 36.05
N GLN H 34 7.63 40.28 34.81
CA GLN H 34 6.96 41.40 34.10
C GLN H 34 5.82 40.92 33.22
N SER H 35 5.52 39.63 33.27
CA SER H 35 4.55 39.01 32.35
C SER H 35 4.89 39.14 30.87
N LEU H 36 6.17 39.26 30.57
CA LEU H 36 6.64 39.26 29.17
C LEU H 36 7.05 37.82 28.78
N ASP H 37 6.05 36.96 28.67
CA ASP H 37 6.26 35.52 28.54
C ASP H 37 6.97 35.09 27.25
N SER H 38 6.64 35.74 26.13
CA SER H 38 7.30 35.42 24.87
C SER H 38 8.77 35.88 24.83
N THR H 39 9.05 37.09 25.32
CA THR H 39 10.41 37.53 25.44
C THR H 39 11.19 36.61 26.42
N ALA H 40 10.57 36.17 27.49
CA ALA H 40 11.19 35.22 28.40
C ALA H 40 11.54 33.92 27.72
N ALA H 41 10.64 33.44 26.87
CA ALA H 41 10.83 32.17 26.13
C ALA H 41 11.94 32.31 25.11
N PHE H 42 12.02 33.47 24.47
CA PHE H 42 13.12 33.74 23.61
C PHE H 42 14.47 33.67 24.36
N PHE H 43 14.58 34.35 25.50
CA PHE H 43 15.86 34.36 26.22
C PHE H 43 16.20 32.98 26.79
N ARG H 44 15.18 32.24 27.22
CA ARG H 44 15.41 30.89 27.63
C ARG H 44 15.97 30.01 26.51
N ALA H 45 15.37 30.08 25.34
CA ALA H 45 15.84 29.32 24.19
C ALA H 45 17.23 29.76 23.79
N HIS H 46 17.47 31.06 23.87
CA HIS H 46 18.77 31.54 23.47
C HIS H 46 19.90 31.12 24.43
N ALA H 47 19.57 30.91 25.69
CA ALA H 47 20.56 30.44 26.64
C ALA H 47 21.04 29.10 26.18
N GLU H 48 20.15 28.31 25.60
CA GLU H 48 20.56 27.02 25.05
C GLU H 48 21.51 27.19 23.85
N GLU H 49 21.32 28.23 23.05
CA GLU H 49 22.22 28.49 21.94
C GLU H 49 23.62 28.85 22.44
N GLU H 50 23.70 29.66 23.51
CA GLU H 50 24.97 30.05 24.07
C GLU H 50 25.70 28.84 24.67
N LYS H 51 24.97 27.89 25.18
CA LYS H 51 25.56 26.67 25.60
C LYS H 51 26.19 25.91 24.48
N ALA H 52 25.52 25.86 23.35
CA ALA H 52 26.09 25.17 22.19
C ALA H 52 27.36 25.87 21.74
N HIS H 53 27.39 27.20 21.83
CA HIS H 53 28.59 27.93 21.43
C HIS H 53 29.72 27.51 22.35
N MET H 54 29.41 27.41 23.63
CA MET H 54 30.40 27.05 24.60
C MET H 54 30.97 25.67 24.31
N MET H 55 30.09 24.70 24.04
CA MET H 55 30.51 23.32 23.90
C MET H 55 31.35 23.12 22.68
N LYS H 56 31.07 23.87 21.65
CA LYS H 56 31.80 23.72 20.43
C LYS H 56 33.27 24.18 20.61
N LEU H 57 33.48 25.26 21.35
CA LEU H 57 34.82 25.71 21.76
C LEU H 57 35.51 24.71 22.63
N PHE H 58 34.77 24.28 23.63
CA PHE H 58 35.21 23.29 24.59
C PHE H 58 35.74 22.07 23.85
N ASP H 59 34.98 21.57 22.91
CA ASP H 59 35.42 20.42 22.15
C ASP H 59 36.62 20.68 21.26
N TYR H 60 36.68 21.83 20.58
CA TYR H 60 37.85 22.16 19.77
C TYR H 60 39.11 22.14 20.64
N ILE H 61 39.07 22.79 21.77
CA ILE H 61 40.21 22.86 22.64
C ILE H 61 40.65 21.46 23.00
N ASN H 62 39.73 20.64 23.48
CA ASN H 62 40.08 19.26 23.86
C ASN H 62 40.60 18.42 22.72
N GLU H 63 40.02 18.58 21.53
CA GLU H 63 40.48 17.85 20.35
C GLU H 63 41.92 18.20 19.98
N THR H 64 42.36 19.44 20.22
CA THR H 64 43.75 19.84 19.92
C THR H 64 44.73 19.25 20.93
N GLY H 65 44.24 18.61 21.98
CA GLY H 65 45.09 18.03 23.01
C GLY H 65 45.35 18.90 24.24
N SER H 66 44.78 20.10 24.29
CA SER H 66 44.82 20.90 25.51
C SER H 66 43.60 20.63 26.37
N LEU H 67 43.59 21.23 27.56
CA LEU H 67 42.53 20.99 28.54
C LEU H 67 41.65 22.23 28.63
N ALA H 68 40.37 22.09 28.24
CA ALA H 68 39.46 23.20 28.30
C ALA H 68 39.11 23.46 29.76
N LEU H 69 38.92 24.73 30.08
CA LEU H 69 38.61 25.14 31.42
C LEU H 69 37.38 26.01 31.44
N ILE H 70 36.44 25.67 32.32
CA ILE H 70 35.20 26.41 32.43
C ILE H 70 35.38 27.71 33.20
N GLY H 71 36.10 27.64 34.33
CA GLY H 71 36.36 28.81 35.16
C GLY H 71 35.20 29.23 36.04
N GLU H 72 35.23 30.49 36.49
CA GLU H 72 34.19 31.05 37.35
C GLU H 72 33.22 31.84 36.51
N VAL H 73 31.93 31.66 36.78
CA VAL H 73 30.91 32.36 36.05
C VAL H 73 30.04 33.03 37.10
N ALA H 74 29.95 34.36 37.08
CA ALA H 74 29.16 35.05 38.10
C ALA H 74 28.06 35.82 37.44
N THR H 75 26.82 35.58 37.83
CA THR H 75 25.69 36.25 37.22
C THR H 75 25.06 37.17 38.21
N PRO H 76 25.11 38.48 37.93
CA PRO H 76 24.53 39.43 38.88
C PRO H 76 23.02 39.28 38.90
N ALA H 77 22.43 39.53 40.08
CA ALA H 77 20.98 39.56 40.23
C ALA H 77 20.40 40.60 39.25
N PRO H 78 19.12 40.48 38.93
CA PRO H 78 18.53 41.39 37.95
C PRO H 78 18.41 42.82 38.42
N GLU H 79 19.21 43.71 37.85
CA GLU H 79 19.06 45.14 38.14
C GLU H 79 17.91 45.80 37.34
N TRP H 80 17.49 45.20 36.22
CA TRP H 80 16.84 45.96 35.12
C TRP H 80 15.57 46.66 35.53
N LYS H 81 15.45 47.93 35.14
CA LYS H 81 14.32 48.77 35.50
C LYS H 81 13.23 48.67 34.44
N SER H 82 13.60 48.35 33.20
CA SER H 82 12.59 48.13 32.13
C SER H 82 13.08 47.09 31.13
N HIS H 83 12.19 46.58 30.30
CA HIS H 83 12.58 45.64 29.28
C HIS H 83 13.54 46.24 28.29
N ILE H 84 13.46 47.55 28.07
CA ILE H 84 14.40 48.21 27.15
C ILE H 84 15.80 48.26 27.71
N GLU H 85 15.92 48.51 29.01
CA GLU H 85 17.23 48.49 29.66
C GLU H 85 17.86 47.08 29.53
N LEU H 86 17.03 46.04 29.65
CA LEU H 86 17.50 44.67 29.52
C LEU H 86 17.94 44.36 28.10
N LEU H 87 17.14 44.76 27.11
CA LEU H 87 17.51 44.54 25.73
C LEU H 87 18.79 45.31 25.34
N GLU H 88 18.99 46.52 25.87
CA GLU H 88 20.24 47.26 25.69
C GLU H 88 21.44 46.47 26.24
N ALA H 89 21.26 45.91 27.44
CA ALA H 89 22.31 45.12 28.05
C ALA H 89 22.62 43.90 27.20
N ALA H 90 21.56 43.24 26.68
CA ALA H 90 21.76 42.05 25.87
C ALA H 90 22.52 42.42 24.60
N TYR H 91 22.13 43.51 23.95
CA TYR H 91 22.80 43.93 22.71
C TYR H 91 24.25 44.28 22.96
N ASN H 92 24.52 45.03 24.03
CA ASN H 92 25.91 45.39 24.37
C ASN H 92 26.76 44.20 24.72
N HIS H 93 26.17 43.26 25.42
CA HIS H 93 26.82 42.03 25.70
C HIS H 93 27.19 41.33 24.40
N GLU H 94 26.26 41.26 23.44
CA GLU H 94 26.56 40.57 22.18
C GLU H 94 27.65 41.31 21.41
N LEU H 95 27.67 42.64 21.48
CA LEU H 95 28.77 43.43 20.89
C LEU H 95 30.11 43.09 21.51
N ALA H 96 30.12 42.88 22.81
CA ALA H 96 31.34 42.49 23.53
C ALA H 96 31.80 41.08 23.14
N ILE H 97 30.86 40.18 22.92
CA ILE H 97 31.23 38.85 22.48
C ILE H 97 31.86 38.95 21.10
N THR H 98 31.26 39.73 20.22
CA THR H 98 31.84 39.92 18.93
C THR H 98 33.24 40.49 19.00
N GLN H 99 33.44 41.47 19.88
CA GLN H 99 34.78 42.03 20.09
C GLN H 99 35.78 40.97 20.49
N SER H 100 35.38 40.14 21.43
CA SER H 100 36.21 39.07 21.92
C SER H 100 36.56 38.04 20.81
N ILE H 101 35.58 37.73 19.95
CA ILE H 101 35.82 36.79 18.87
C ILE H 101 36.77 37.43 17.87
N ASN H 102 36.55 38.72 17.56
CA ASN H 102 37.43 39.41 16.63
C ASN H 102 38.86 39.45 17.14
N ASP H 103 39.05 39.70 18.42
CA ASP H 103 40.38 39.72 19.00
C ASP H 103 41.01 38.34 18.85
N LEU H 104 40.24 37.31 19.10
CA LEU H 104 40.71 35.94 18.97
C LEU H 104 41.10 35.60 17.53
N VAL H 105 40.30 36.06 16.58
CA VAL H 105 40.58 35.82 15.15
C VAL H 105 41.86 36.51 14.73
N ASP H 106 41.95 37.77 15.11
CA ASP H 106 43.11 38.58 14.85
C ASP H 106 44.36 37.96 15.43
N THR H 107 44.31 37.46 16.69
CA THR H 107 45.51 36.87 17.26
C THR H 107 45.88 35.53 16.60
N ALA H 108 44.90 34.75 16.14
CA ALA H 108 45.23 33.53 15.41
C ALA H 108 45.93 33.82 14.10
N LEU H 109 45.48 34.87 13.44
CA LEU H 109 46.04 35.28 12.15
C LEU H 109 47.49 35.74 12.36
N ARG H 110 47.69 36.55 13.39
CA ARG H 110 49.00 37.10 13.75
C ARG H 110 50.00 35.99 14.10
N GLU H 111 49.57 34.97 14.84
CA GLU H 111 50.46 33.81 15.13
C GLU H 111 50.53 32.78 14.02
N LYS H 112 49.87 33.05 12.90
CA LYS H 112 49.72 32.03 11.85
C LYS H 112 49.20 30.68 12.35
N ASP H 113 48.30 30.70 13.33
CA ASP H 113 47.51 29.54 13.73
C ASP H 113 46.25 29.48 12.83
N TYR H 114 46.45 28.97 11.62
CA TYR H 114 45.42 28.98 10.63
C TYR H 114 44.30 28.03 11.00
N SER H 115 44.63 26.99 11.75
CA SER H 115 43.61 26.02 12.19
C SER H 115 42.58 26.65 13.14
N THR H 116 43.05 27.43 14.09
CA THR H 116 42.12 28.17 14.94
C THR H 116 41.41 29.28 14.17
N PHE H 117 42.11 29.92 13.25
CA PHE H 117 41.50 30.94 12.43
C PHE H 117 40.31 30.34 11.73
N GLN H 118 40.45 29.17 11.10
CA GLN H 118 39.34 28.70 10.30
C GLN H 118 38.23 28.21 11.21
N PHE H 119 38.58 27.64 12.34
CA PHE H 119 37.57 27.17 13.25
C PHE H 119 36.70 28.34 13.69
N LEU H 120 37.30 29.50 13.87
CA LEU H 120 36.57 30.64 14.41
C LEU H 120 35.63 31.31 13.42
N GLN H 121 35.75 30.99 12.14
CA GLN H 121 34.89 31.61 11.13
C GLN H 121 33.43 31.31 11.36
N TRP H 122 33.13 30.12 11.82
CA TRP H 122 31.80 29.81 12.28
C TRP H 122 31.26 30.89 13.28
N TYR H 123 32.08 31.28 14.27
CA TYR H 123 31.68 32.26 15.27
C TYR H 123 31.54 33.64 14.68
N VAL H 124 32.39 33.99 13.75
CA VAL H 124 32.31 35.30 13.14
C VAL H 124 30.96 35.40 12.44
N ALA H 125 30.61 34.36 11.70
CA ALA H 125 29.31 34.31 11.01
C ALA H 125 28.17 34.33 12.00
N GLU H 126 28.29 33.54 13.07
CA GLU H 126 27.22 33.45 14.04
C GLU H 126 27.00 34.78 14.72
N GLN H 127 28.07 35.52 15.00
CA GLN H 127 27.92 36.79 15.69
C GLN H 127 27.28 37.86 14.83
N HIS H 128 27.46 37.78 13.53
CA HIS H 128 26.69 38.63 12.62
C HIS H 128 25.20 38.37 12.75
N GLU H 129 24.80 37.09 12.81
CA GLU H 129 23.39 36.73 13.01
C GLU H 129 22.91 37.19 14.40
N GLU H 130 23.76 37.08 15.42
CA GLU H 130 23.39 37.50 16.78
C GLU H 130 23.18 39.01 16.89
N GLU H 131 24.10 39.79 16.32
CA GLU H 131 23.94 41.22 16.34
C GLU H 131 22.68 41.65 15.61
N TYR H 132 22.38 40.99 14.51
CA TYR H 132 21.20 41.35 13.73
C TYR H 132 19.95 41.09 14.56
N LEU H 133 19.90 39.92 15.15
CA LEU H 133 18.80 39.52 15.98
C LEU H 133 18.53 40.48 17.15
N PHE H 134 19.58 40.76 17.93
CA PHE H 134 19.42 41.57 19.14
C PHE H 134 19.28 43.04 18.85
N SER H 135 19.97 43.55 17.83
CA SER H 135 19.80 44.98 17.50
C SER H 135 18.38 45.20 16.98
N SER H 136 17.89 44.26 16.21
CA SER H 136 16.58 44.39 15.62
C SER H 136 15.50 44.34 16.70
N MET H 137 15.66 43.46 17.67
CA MET H 137 14.69 43.35 18.75
C MET H 137 14.68 44.63 19.60
N LEU H 138 15.85 45.21 19.84
CA LEU H 138 15.97 46.48 20.58
C LEU H 138 15.30 47.59 19.83
N HIS H 139 15.54 47.66 18.51
CA HIS H 139 15.05 48.75 17.60
C HIS H 139 13.52 48.73 17.66
N LYS H 140 12.95 47.52 17.59
CA LYS H 140 11.50 47.37 17.67
C LYS H 140 10.94 47.72 19.04
N ALA H 141 11.65 47.38 20.10
CA ALA H 141 11.19 47.71 21.43
C ALA H 141 11.09 49.22 21.62
N ARG H 142 12.08 49.95 21.13
CA ARG H 142 12.09 51.42 21.21
C ARG H 142 10.97 52.04 20.41
N ILE H 143 10.73 51.51 19.22
CA ILE H 143 9.64 51.99 18.36
C ILE H 143 8.28 51.71 19.00
N ILE H 144 8.08 50.49 19.47
CA ILE H 144 6.81 50.10 20.11
C ILE H 144 6.55 50.82 21.44
N ASN H 145 7.59 51.39 22.05
CA ASN H 145 7.45 52.22 23.23
C ASN H 145 6.84 53.61 22.98
N THR H 146 6.64 53.99 21.71
CA THR H 146 6.03 55.27 21.31
C THR H 146 4.71 55.03 20.63
N MET H 147 3.78 55.96 20.76
CA MET H 147 2.50 55.78 20.06
C MET H 147 2.61 55.83 18.53
N ASP H 148 3.44 56.77 17.98
CA ASP H 148 3.72 56.96 16.50
C ASP H 148 4.28 55.57 15.97
N GLY H 149 5.15 54.94 16.78
CA GLY H 149 5.65 53.59 16.53
C GLY H 149 4.60 52.49 16.52
N ARG H 150 3.73 52.45 17.50
CA ARG H 150 2.71 51.38 17.54
C ARG H 150 1.80 51.50 16.33
N ALA H 151 1.60 52.72 15.84
CA ALA H 151 0.82 52.90 14.61
C ALA H 151 1.53 52.36 13.35
N LEU H 152 2.85 52.56 13.25
CA LEU H 152 3.63 51.97 12.17
C LEU H 152 3.50 50.48 12.18
N PHE H 153 3.64 49.87 13.34
CA PHE H 153 3.60 48.41 13.45
C PHE H 153 2.21 47.86 13.18
N ARG H 154 1.19 48.66 13.39
CA ARG H 154 -0.16 48.25 13.09
C ARG H 154 -0.33 48.19 11.58
N PHE H 155 0.27 49.14 10.86
CA PHE H 155 0.24 49.07 9.41
C PHE H 155 1.03 47.88 8.89
N ASP H 156 2.23 47.68 9.42
CA ASP H 156 3.06 46.56 9.00
C ASP H 156 2.33 45.24 9.20
N GLU H 157 1.59 45.11 10.30
CA GLU H 157 0.87 43.88 10.56
C GLU H 157 -0.28 43.71 9.60
N GLU H 158 -0.88 44.80 9.19
CA GLU H 158 -1.91 44.76 8.17
C GLU H 158 -1.34 44.26 6.86
N VAL H 159 -0.13 44.67 6.53
CA VAL H 159 0.49 44.18 5.32
C VAL H 159 0.79 42.69 5.47
N ARG H 160 1.26 42.23 6.63
CA ARG H 160 1.53 40.79 6.82
C ARG H 160 0.28 39.94 6.61
N LYS H 161 -0.88 40.38 7.09
CA LYS H 161 -2.14 39.68 6.84
C LYS H 161 -2.70 39.86 5.44
N SER H 162 -2.84 41.11 4.97
CA SER H 162 -3.43 41.38 3.64
C SER H 162 -2.57 40.86 2.44
N VAL H 163 -1.22 40.97 2.47
CA VAL H 163 -0.37 40.61 1.28
C VAL H 163 1.04 40.00 1.61
N MET I 1 -25.64 -6.99 -52.01
CA MET I 1 -24.19 -7.00 -52.40
C MET I 1 -23.65 -8.41 -52.71
N LEU I 2 -23.87 -9.43 -51.89
CA LEU I 2 -23.30 -10.77 -52.20
C LEU I 2 -23.99 -11.40 -53.39
N SER I 3 -23.22 -11.96 -54.30
CA SER I 3 -23.79 -12.67 -55.42
C SER I 3 -24.50 -13.93 -54.89
N LYS I 4 -25.45 -14.44 -55.66
CA LYS I 4 -26.19 -15.62 -55.24
C LYS I 4 -25.29 -16.84 -55.13
N THR I 5 -24.32 -16.98 -56.02
CA THR I 5 -23.46 -18.16 -55.96
C THR I 5 -22.61 -18.16 -54.67
N ILE I 6 -22.08 -16.99 -54.29
CA ILE I 6 -21.24 -16.88 -53.09
C ILE I 6 -22.11 -17.06 -51.86
N LEU I 7 -23.27 -16.40 -51.85
CA LEU I 7 -24.20 -16.52 -50.72
C LEU I 7 -24.52 -17.97 -50.47
N ASP I 8 -24.83 -18.73 -51.52
CA ASP I 8 -25.24 -20.11 -51.33
C ASP I 8 -24.11 -20.95 -50.78
N LYS I 9 -22.89 -20.66 -51.20
CA LYS I 9 -21.74 -21.36 -50.65
C LYS I 9 -21.38 -20.96 -49.22
N LEU I 10 -21.56 -19.68 -48.86
CA LEU I 10 -21.29 -19.24 -47.49
C LEU I 10 -22.31 -19.88 -46.57
N ASN I 11 -23.58 -19.90 -46.99
CA ASN I 11 -24.60 -20.58 -46.21
C ASN I 11 -24.39 -22.08 -46.13
N HIS I 12 -23.84 -22.67 -47.18
CA HIS I 12 -23.48 -24.07 -47.12
C HIS I 12 -22.40 -24.26 -46.03
N GLN I 13 -21.44 -23.35 -45.98
CA GLN I 13 -20.36 -23.41 -45.00
C GLN I 13 -20.86 -23.18 -43.56
N VAL I 14 -21.78 -22.22 -43.37
CA VAL I 14 -22.41 -22.08 -42.08
C VAL I 14 -22.95 -23.43 -41.64
N ASN I 15 -23.69 -24.09 -42.51
CA ASN I 15 -24.31 -25.36 -42.19
C ASN I 15 -23.28 -26.47 -41.95
N PHE I 16 -22.21 -26.45 -42.71
CA PHE I 16 -21.12 -27.40 -42.54
C PHE I 16 -20.44 -27.24 -41.15
N GLU I 17 -20.17 -26.01 -40.73
CA GLU I 17 -19.54 -25.78 -39.44
C GLU I 17 -20.49 -26.21 -38.32
N ALA I 18 -21.77 -25.91 -38.46
CA ALA I 18 -22.75 -26.40 -37.50
C ALA I 18 -22.73 -27.91 -37.39
N ALA I 19 -22.65 -28.59 -38.54
CA ALA I 19 -22.65 -30.07 -38.55
C ALA I 19 -21.39 -30.60 -37.90
N SER I 20 -20.28 -29.85 -38.03
CA SER I 20 -19.03 -30.24 -37.39
C SER I 20 -19.14 -30.18 -35.88
N ALA I 21 -19.79 -29.14 -35.36
CA ALA I 21 -19.97 -29.03 -33.92
C ALA I 21 -20.75 -30.19 -33.37
N HIS I 22 -21.81 -30.53 -34.07
CA HIS I 22 -22.66 -31.67 -33.67
C HIS I 22 -21.90 -32.99 -33.81
N LEU I 23 -21.13 -33.13 -34.88
CA LEU I 23 -20.36 -34.33 -35.07
C LEU I 23 -19.40 -34.51 -33.90
N TYR I 24 -18.71 -33.45 -33.51
CA TYR I 24 -17.69 -33.57 -32.47
C TYR I 24 -18.31 -33.77 -31.09
N LEU I 25 -19.49 -33.20 -30.86
CA LEU I 25 -20.26 -33.55 -29.66
C LEU I 25 -20.60 -35.02 -29.60
N GLN I 26 -21.08 -35.54 -30.72
CA GLN I 26 -21.43 -36.94 -30.78
C GLN I 26 -20.21 -37.84 -30.58
N MET I 27 -19.07 -37.47 -31.16
CA MET I 27 -17.82 -38.24 -30.96
C MET I 27 -17.44 -38.21 -29.50
N SER I 28 -17.62 -37.07 -28.87
CA SER I 28 -17.30 -36.93 -27.46
C SER I 28 -18.09 -37.94 -26.64
N ALA I 29 -19.38 -38.03 -26.94
CA ALA I 29 -20.28 -38.90 -26.17
C ALA I 29 -19.87 -40.37 -26.32
N TRP I 30 -19.51 -40.76 -27.55
CA TRP I 30 -19.06 -42.10 -27.78
C TRP I 30 -17.77 -42.39 -27.01
N LEU I 31 -16.82 -41.46 -27.10
CA LEU I 31 -15.54 -41.62 -26.42
C LEU I 31 -15.69 -41.82 -24.92
N LEU I 32 -16.67 -41.15 -24.31
CA LEU I 32 -16.96 -41.41 -22.89
C LEU I 32 -17.39 -42.86 -22.61
N THR I 33 -18.17 -43.48 -23.50
CA THR I 33 -18.51 -44.91 -23.32
C THR I 33 -17.29 -45.84 -23.39
N GLN I 34 -16.17 -45.39 -23.99
CA GLN I 34 -14.91 -46.16 -24.03
C GLN I 34 -13.98 -45.79 -22.91
N SER I 35 -14.42 -44.92 -22.00
CA SER I 35 -13.55 -44.38 -20.94
C SER I 35 -12.32 -43.60 -21.43
N LEU I 36 -12.42 -43.04 -22.62
CA LEU I 36 -11.38 -42.15 -23.14
C LEU I 36 -11.71 -40.69 -22.78
N ASP I 37 -11.61 -40.36 -21.49
CA ASP I 37 -12.17 -39.11 -20.94
C ASP I 37 -11.48 -37.83 -21.43
N SER I 38 -10.17 -37.88 -21.58
CA SER I 38 -9.43 -36.76 -22.13
C SER I 38 -9.69 -36.50 -23.63
N THR I 39 -9.78 -37.56 -24.42
CA THR I 39 -10.13 -37.40 -25.81
C THR I 39 -11.57 -36.88 -25.91
N ALA I 40 -12.46 -37.37 -25.06
CA ALA I 40 -13.82 -36.87 -25.04
C ALA I 40 -13.86 -35.37 -24.75
N ALA I 41 -13.04 -34.94 -23.80
CA ALA I 41 -12.98 -33.52 -23.41
C ALA I 41 -12.44 -32.68 -24.56
N PHE I 42 -11.45 -33.20 -25.27
CA PHE I 42 -10.95 -32.52 -26.42
C PHE I 42 -12.03 -32.30 -27.46
N PHE I 43 -12.79 -33.33 -27.79
CA PHE I 43 -13.82 -33.18 -28.81
C PHE I 43 -14.94 -32.29 -28.34
N ARG I 44 -15.26 -32.34 -27.06
CA ARG I 44 -16.25 -31.43 -26.51
C ARG I 44 -15.81 -29.97 -26.70
N ALA I 45 -14.57 -29.68 -26.35
CA ALA I 45 -14.06 -28.33 -26.43
C ALA I 45 -13.99 -27.91 -27.88
N HIS I 46 -13.66 -28.84 -28.75
CA HIS I 46 -13.53 -28.49 -30.13
C HIS I 46 -14.89 -28.23 -30.80
N ALA I 47 -15.95 -28.81 -30.27
CA ALA I 47 -17.25 -28.53 -30.78
C ALA I 47 -17.55 -27.08 -30.57
N GLU I 48 -17.07 -26.54 -29.47
CA GLU I 48 -17.23 -25.10 -29.19
C GLU I 48 -16.45 -24.23 -30.19
N GLU I 49 -15.29 -24.69 -30.62
CA GLU I 49 -14.55 -23.99 -31.66
C GLU I 49 -15.32 -23.95 -32.96
N GLU I 50 -15.98 -25.05 -33.30
CA GLU I 50 -16.69 -25.14 -34.58
C GLU I 50 -17.90 -24.26 -34.56
N LYS I 51 -18.49 -24.09 -33.39
CA LYS I 51 -19.57 -23.13 -33.21
C LYS I 51 -19.09 -21.72 -33.46
N ALA I 52 -17.90 -21.38 -32.99
CA ALA I 52 -17.34 -20.05 -33.27
C ALA I 52 -17.08 -19.84 -34.75
N HIS I 53 -16.63 -20.88 -35.45
CA HIS I 53 -16.43 -20.77 -36.92
C HIS I 53 -17.74 -20.49 -37.59
N MET I 54 -18.78 -21.18 -37.13
CA MET I 54 -20.10 -20.99 -37.69
C MET I 54 -20.58 -19.57 -37.50
N MET I 55 -20.43 -19.05 -36.28
CA MET I 55 -21.01 -17.72 -35.94
C MET I 55 -20.30 -16.59 -36.68
N LYS I 56 -19.03 -16.79 -36.98
CA LYS I 56 -18.28 -15.78 -37.65
C LYS I 56 -18.70 -15.64 -39.12
N LEU I 57 -18.98 -16.77 -39.77
CA LEU I 57 -19.60 -16.80 -41.09
C LEU I 57 -21.00 -16.19 -41.09
N PHE I 58 -21.80 -16.66 -40.14
CA PHE I 58 -23.16 -16.20 -39.93
C PHE I 58 -23.20 -14.67 -39.82
N ASP I 59 -22.31 -14.11 -39.02
CA ASP I 59 -22.26 -12.65 -38.90
C ASP I 59 -21.82 -11.95 -40.16
N TYR I 60 -20.81 -12.47 -40.84
CA TYR I 60 -20.36 -11.84 -42.07
C TYR I 60 -21.53 -11.75 -43.05
N ILE I 61 -22.22 -12.86 -43.25
CA ILE I 61 -23.30 -12.89 -44.19
C ILE I 61 -24.32 -11.82 -43.84
N ASN I 62 -24.75 -11.81 -42.59
CA ASN I 62 -25.74 -10.82 -42.15
C ASN I 62 -25.25 -9.38 -42.28
N GLU I 63 -24.00 -9.12 -41.95
CA GLU I 63 -23.43 -7.78 -42.12
C GLU I 63 -23.46 -7.29 -43.57
N THR I 64 -23.30 -8.20 -44.55
CA THR I 64 -23.35 -7.79 -45.96
C THR I 64 -24.77 -7.47 -46.41
N GLY I 65 -25.77 -7.72 -45.56
CA GLY I 65 -27.17 -7.45 -45.89
C GLY I 65 -27.96 -8.63 -46.40
N SER I 66 -27.34 -9.79 -46.53
CA SER I 66 -28.08 -11.01 -46.86
C SER I 66 -28.53 -11.74 -45.60
N LEU I 67 -29.32 -12.79 -45.78
CA LEU I 67 -29.88 -13.54 -44.67
C LEU I 67 -29.16 -14.87 -44.54
N ALA I 68 -28.47 -15.07 -43.42
CA ALA I 68 -27.78 -16.30 -43.17
C ALA I 68 -28.77 -17.39 -42.83
N LEU I 69 -28.48 -18.61 -43.27
CA LEU I 69 -29.41 -19.73 -43.12
C LEU I 69 -28.66 -20.87 -42.49
N ILE I 70 -29.24 -21.44 -41.45
CA ILE I 70 -28.64 -22.54 -40.75
C ILE I 70 -28.85 -23.87 -41.51
N GLY I 71 -30.07 -24.09 -41.98
CA GLY I 71 -30.42 -25.31 -42.71
C GLY I 71 -30.62 -26.53 -41.84
N GLU I 72 -30.53 -27.71 -42.45
CA GLU I 72 -30.69 -28.98 -41.78
C GLU I 72 -29.35 -29.52 -41.41
N VAL I 73 -29.23 -30.04 -40.21
CA VAL I 73 -28.01 -30.63 -39.75
C VAL I 73 -28.35 -32.02 -39.25
N ALA I 74 -27.79 -33.06 -39.85
CA ALA I 74 -28.14 -34.44 -39.42
C ALA I 74 -26.90 -35.13 -38.94
N THR I 75 -26.92 -35.62 -37.73
CA THR I 75 -25.73 -36.27 -37.16
C THR I 75 -26.02 -37.73 -37.01
N PRO I 76 -25.30 -38.56 -37.77
CA PRO I 76 -25.53 -40.00 -37.64
C PRO I 76 -25.12 -40.49 -36.25
N ALA I 77 -25.84 -41.51 -35.77
CA ALA I 77 -25.46 -42.18 -34.53
C ALA I 77 -24.01 -42.70 -34.66
N PRO I 78 -23.34 -42.94 -33.53
CA PRO I 78 -21.98 -43.42 -33.57
C PRO I 78 -21.76 -44.81 -34.14
N GLU I 79 -21.20 -44.89 -35.34
CA GLU I 79 -20.85 -46.18 -35.94
C GLU I 79 -19.51 -46.74 -35.37
N TRP I 80 -18.64 -45.88 -34.82
CA TRP I 80 -17.21 -46.18 -34.73
C TRP I 80 -16.87 -47.45 -33.97
N LYS I 81 -15.99 -48.26 -34.55
CA LYS I 81 -15.58 -49.53 -33.97
C LYS I 81 -14.34 -49.36 -33.08
N SER I 82 -13.52 -48.35 -33.35
CA SER I 82 -12.38 -48.02 -32.46
C SER I 82 -12.11 -46.53 -32.44
N HIS I 83 -11.31 -46.09 -31.48
CA HIS I 83 -10.90 -44.69 -31.45
C HIS I 83 -10.11 -44.26 -32.68
N ILE I 84 -9.40 -45.17 -33.30
CA ILE I 84 -8.66 -44.84 -34.51
C ILE I 84 -9.61 -44.60 -35.67
N GLU I 85 -10.66 -45.40 -35.76
CA GLU I 85 -11.65 -45.20 -36.84
C GLU I 85 -12.33 -43.82 -36.68
N LEU I 86 -12.57 -43.43 -35.44
CA LEU I 86 -13.12 -42.11 -35.15
C LEU I 86 -12.16 -40.98 -35.51
N LEU I 87 -10.88 -41.11 -35.14
CA LEU I 87 -9.89 -40.10 -35.47
C LEU I 87 -9.70 -39.95 -36.97
N GLU I 88 -9.76 -41.06 -37.70
CA GLU I 88 -9.71 -41.03 -39.17
C GLU I 88 -10.89 -40.24 -39.72
N ALA I 89 -12.08 -40.49 -39.18
CA ALA I 89 -13.27 -39.78 -39.62
C ALA I 89 -13.14 -38.28 -39.33
N ALA I 90 -12.62 -37.94 -38.15
CA ALA I 90 -12.43 -36.54 -37.79
C ALA I 90 -11.44 -35.87 -38.74
N TYR I 91 -10.31 -36.52 -38.97
CA TYR I 91 -9.31 -35.96 -39.90
C TYR I 91 -9.87 -35.80 -41.33
N ASN I 92 -10.57 -36.81 -41.85
CA ASN I 92 -11.16 -36.70 -43.19
C ASN I 92 -12.23 -35.62 -43.27
N HIS I 93 -12.98 -35.48 -42.19
CA HIS I 93 -13.95 -34.42 -42.08
C HIS I 93 -13.26 -33.05 -42.14
N GLU I 94 -12.16 -32.89 -41.41
CA GLU I 94 -11.42 -31.64 -41.48
C GLU I 94 -10.86 -31.39 -42.88
N LEU I 95 -10.43 -32.44 -43.59
CA LEU I 95 -9.94 -32.28 -44.97
C LEU I 95 -11.04 -31.80 -45.88
N ALA I 96 -12.25 -32.29 -45.65
CA ALA I 96 -13.41 -31.90 -46.45
C ALA I 96 -13.83 -30.45 -46.16
N ILE I 97 -13.70 -30.03 -44.90
CA ILE I 97 -13.91 -28.62 -44.59
C ILE I 97 -12.89 -27.76 -45.31
N THR I 98 -11.61 -28.15 -45.26
CA THR I 98 -10.62 -27.39 -45.97
C THR I 98 -10.96 -27.30 -47.47
N GLN I 99 -11.42 -28.40 -48.06
CA GLN I 99 -11.76 -28.41 -49.47
C GLN I 99 -12.83 -27.40 -49.74
N SER I 100 -13.82 -27.41 -48.89
CA SER I 100 -14.95 -26.51 -49.04
C SER I 100 -14.55 -25.03 -48.92
N ILE I 101 -13.64 -24.74 -48.00
CA ILE I 101 -13.12 -23.37 -47.85
C ILE I 101 -12.33 -22.98 -49.08
N ASN I 102 -11.47 -23.88 -49.54
CA ASN I 102 -10.70 -23.59 -50.75
C ASN I 102 -11.58 -23.32 -51.95
N ASP I 103 -12.65 -24.08 -52.11
CA ASP I 103 -13.56 -23.87 -53.22
C ASP I 103 -14.18 -22.48 -53.07
N LEU I 104 -14.55 -22.13 -51.87
CA LEU I 104 -15.14 -20.84 -51.58
C LEU I 104 -14.17 -19.68 -51.87
N VAL I 105 -12.92 -19.85 -51.49
CA VAL I 105 -11.88 -18.83 -51.75
C VAL I 105 -11.68 -18.67 -53.26
N ASP I 106 -11.55 -19.79 -53.94
CA ASP I 106 -11.36 -19.81 -55.38
C ASP I 106 -12.51 -19.14 -56.08
N THR I 107 -13.75 -19.43 -55.66
CA THR I 107 -14.87 -18.78 -56.35
C THR I 107 -14.97 -17.29 -56.03
N ALA I 108 -14.57 -16.86 -54.83
CA ALA I 108 -14.52 -15.40 -54.56
C ALA I 108 -13.49 -14.67 -55.43
N LEU I 109 -12.34 -15.31 -55.65
CA LEU I 109 -11.26 -14.76 -56.48
C LEU I 109 -11.75 -14.66 -57.94
N ARG I 110 -12.40 -15.72 -58.41
CA ARG I 110 -12.93 -15.80 -59.77
C ARG I 110 -14.00 -14.73 -60.05
N GLU I 111 -14.91 -14.49 -59.10
CA GLU I 111 -15.91 -13.43 -59.25
C GLU I 111 -15.39 -12.04 -58.86
N LYS I 112 -14.12 -11.93 -58.51
CA LYS I 112 -13.58 -10.67 -57.99
C LYS I 112 -14.38 -10.09 -56.81
N ASP I 113 -14.91 -10.96 -55.96
CA ASP I 113 -15.43 -10.59 -54.66
C ASP I 113 -14.28 -10.58 -53.66
N TYR I 114 -13.52 -9.50 -53.68
CA TYR I 114 -12.31 -9.40 -52.88
C TYR I 114 -12.60 -9.28 -51.38
N SER I 115 -13.76 -8.76 -51.07
CA SER I 115 -14.21 -8.67 -49.70
C SER I 115 -14.40 -10.05 -49.09
N THR I 116 -15.09 -10.93 -49.78
CA THR I 116 -15.27 -12.28 -49.27
C THR I 116 -13.93 -13.06 -49.31
N PHE I 117 -13.11 -12.80 -50.32
CA PHE I 117 -11.79 -13.38 -50.36
C PHE I 117 -11.01 -13.04 -49.11
N GLN I 118 -10.99 -11.77 -48.69
CA GLN I 118 -10.14 -11.44 -47.55
C GLN I 118 -10.76 -11.94 -46.26
N PHE I 119 -12.09 -11.92 -46.17
CA PHE I 119 -12.75 -12.46 -44.99
C PHE I 119 -12.42 -13.92 -44.80
N LEU I 120 -12.30 -14.67 -45.90
CA LEU I 120 -12.02 -16.11 -45.81
C LEU I 120 -10.57 -16.48 -45.43
N GLN I 121 -9.64 -15.53 -45.48
CA GLN I 121 -8.25 -15.85 -45.13
C GLN I 121 -8.11 -16.35 -43.71
N TRP I 122 -8.89 -15.80 -42.82
CA TRP I 122 -8.93 -16.30 -41.45
C TRP I 122 -9.18 -17.83 -41.44
N TYR I 123 -10.14 -18.30 -42.24
CA TYR I 123 -10.48 -19.73 -42.33
C TYR I 123 -9.39 -20.56 -43.00
N VAL I 124 -8.74 -20.00 -44.00
CA VAL I 124 -7.65 -20.72 -44.64
C VAL I 124 -6.54 -20.97 -43.63
N ALA I 125 -6.20 -19.93 -42.85
CA ALA I 125 -5.24 -20.09 -41.77
C ALA I 125 -5.71 -21.06 -40.69
N GLU I 126 -6.96 -20.94 -40.27
CA GLU I 126 -7.47 -21.78 -39.20
C GLU I 126 -7.46 -23.24 -39.64
N GLN I 127 -7.74 -23.52 -40.92
CA GLN I 127 -7.80 -24.91 -41.35
C GLN I 127 -6.43 -25.54 -41.41
N HIS I 128 -5.41 -24.75 -41.62
CA HIS I 128 -4.05 -25.23 -41.50
C HIS I 128 -3.78 -25.71 -40.09
N GLU I 129 -4.18 -24.92 -39.09
CA GLU I 129 -4.04 -25.32 -37.68
C GLU I 129 -4.90 -26.57 -37.36
N GLU I 130 -6.09 -26.67 -37.93
CA GLU I 130 -6.98 -27.81 -37.71
C GLU I 130 -6.41 -29.11 -38.29
N GLU I 131 -5.92 -29.07 -39.52
CA GLU I 131 -5.30 -30.24 -40.12
C GLU I 131 -4.09 -30.67 -39.34
N TYR I 132 -3.30 -29.72 -38.86
CA TYR I 132 -2.12 -30.06 -38.10
C TYR I 132 -2.53 -30.81 -36.82
N LEU I 133 -3.51 -30.26 -36.13
CA LEU I 133 -3.99 -30.79 -34.88
C LEU I 133 -4.53 -32.21 -35.03
N PHE I 134 -5.45 -32.39 -35.98
CA PHE I 134 -6.09 -33.68 -36.15
C PHE I 134 -5.17 -34.74 -36.80
N SER I 135 -4.32 -34.35 -37.74
CA SER I 135 -3.43 -35.32 -38.36
C SER I 135 -2.47 -35.80 -37.31
N SER I 136 -2.01 -34.88 -36.50
CA SER I 136 -1.01 -35.22 -35.51
C SER I 136 -1.61 -36.15 -34.46
N MET I 137 -2.85 -35.92 -34.08
CA MET I 137 -3.49 -36.75 -33.08
C MET I 137 -3.71 -38.18 -33.63
N LEU I 138 -4.07 -38.27 -34.90
CA LEU I 138 -4.23 -39.56 -35.57
C LEU I 138 -2.91 -40.29 -35.62
N HIS I 139 -1.84 -39.57 -36.00
CA HIS I 139 -0.50 -40.15 -36.21
C HIS I 139 -0.06 -40.77 -34.88
N LYS I 140 -0.27 -40.05 -33.79
CA LYS I 140 0.07 -40.55 -32.46
C LYS I 140 -0.76 -41.74 -32.08
N ALA I 141 -2.02 -41.74 -32.44
CA ALA I 141 -2.89 -42.85 -32.05
C ALA I 141 -2.39 -44.14 -32.73
N ARG I 142 -2.00 -44.04 -33.99
CA ARG I 142 -1.49 -45.20 -34.73
C ARG I 142 -0.17 -45.72 -34.19
N ILE I 143 0.71 -44.82 -33.82
CA ILE I 143 1.96 -45.18 -33.18
C ILE I 143 1.73 -45.85 -31.83
N ILE I 144 0.90 -45.24 -31.00
CA ILE I 144 0.64 -45.76 -29.64
C ILE I 144 -0.10 -47.09 -29.69
N ASN I 145 -0.73 -47.41 -30.82
CA ASN I 145 -1.36 -48.70 -31.03
C ASN I 145 -0.40 -49.87 -31.20
N THR I 146 0.90 -49.59 -31.29
CA THR I 146 1.99 -50.58 -31.45
C THR I 146 2.89 -50.59 -30.24
N MET I 147 3.47 -51.73 -29.89
CA MET I 147 4.38 -51.79 -28.76
C MET I 147 5.67 -50.97 -29.03
N ASP I 148 6.20 -51.02 -30.25
CA ASP I 148 7.40 -50.22 -30.62
C ASP I 148 7.13 -48.74 -30.41
N GLY I 149 5.93 -48.34 -30.84
CA GLY I 149 5.45 -46.99 -30.67
C GLY I 149 5.36 -46.57 -29.21
N ARG I 150 4.83 -47.42 -28.36
CA ARG I 150 4.68 -47.05 -26.97
C ARG I 150 6.05 -46.88 -26.33
N ALA I 151 7.03 -47.63 -26.80
CA ALA I 151 8.41 -47.43 -26.33
C ALA I 151 9.05 -46.10 -26.77
N LEU I 152 8.80 -45.67 -28.00
CA LEU I 152 9.20 -44.34 -28.46
C LEU I 152 8.62 -43.24 -27.57
N PHE I 153 7.34 -43.33 -27.29
CA PHE I 153 6.66 -42.32 -26.50
C PHE I 153 7.13 -42.31 -25.07
N ARG I 154 7.59 -43.46 -24.59
CA ARG I 154 8.10 -43.52 -23.25
C ARG I 154 9.41 -42.75 -23.19
N PHE I 155 10.21 -42.85 -24.24
CA PHE I 155 11.45 -42.08 -24.28
C PHE I 155 11.13 -40.59 -24.37
N ASP I 156 10.21 -40.22 -25.24
CA ASP I 156 9.83 -38.82 -25.42
C ASP I 156 9.36 -38.23 -24.11
N GLU I 157 8.62 -39.00 -23.32
CA GLU I 157 8.14 -38.52 -22.05
C GLU I 157 9.27 -38.37 -21.05
N GLU I 158 10.25 -39.25 -21.11
CA GLU I 158 11.45 -39.09 -20.30
C GLU I 158 12.20 -37.80 -20.63
N VAL I 159 12.27 -37.44 -21.91
CA VAL I 159 12.86 -36.18 -22.28
C VAL I 159 12.02 -35.02 -21.76
N ARG I 160 10.69 -35.09 -21.85
CA ARG I 160 9.86 -34.00 -21.32
C ARG I 160 10.12 -33.76 -19.82
N LYS I 161 10.28 -34.81 -19.02
CA LYS I 161 10.60 -34.67 -17.59
C LYS I 161 12.05 -34.31 -17.32
N SER I 162 13.00 -35.05 -17.90
CA SER I 162 14.45 -34.83 -17.64
C SER I 162 15.05 -33.53 -18.20
N VAL I 163 14.89 -33.25 -19.49
CA VAL I 163 15.42 -31.99 -20.05
C VAL I 163 14.28 -30.91 -20.23
N LEU I 164 13.67 -30.79 -21.42
CA LEU I 164 12.54 -29.85 -21.70
C LEU I 164 11.46 -29.77 -20.60
N MET J 1 -53.37 22.86 -2.83
CA MET J 1 -53.25 22.57 -1.37
C MET J 1 -52.98 23.77 -0.46
N LEU J 2 -52.02 24.61 -0.76
CA LEU J 2 -51.81 25.81 0.07
C LEU J 2 -52.98 26.81 -0.01
N SER J 3 -53.40 27.33 1.14
CA SER J 3 -54.38 28.38 1.16
C SER J 3 -53.81 29.66 0.56
N LYS J 4 -54.66 30.53 0.08
CA LYS J 4 -54.20 31.76 -0.53
C LYS J 4 -53.50 32.66 0.48
N THR J 5 -53.97 32.70 1.72
CA THR J 5 -53.35 33.57 2.71
C THR J 5 -51.92 33.12 3.02
N ILE J 6 -51.71 31.80 3.13
CA ILE J 6 -50.37 31.24 3.43
C ILE J 6 -49.48 31.43 2.19
N LEU J 7 -49.99 31.11 1.00
CA LEU J 7 -49.23 31.29 -0.23
C LEU J 7 -48.72 32.70 -0.33
N ASP J 8 -49.57 33.67 -0.09
CA ASP J 8 -49.17 35.04 -0.28
C ASP J 8 -48.06 35.38 0.70
N LYS J 9 -48.14 34.86 1.91
CA LYS J 9 -47.11 35.16 2.90
C LYS J 9 -45.79 34.45 2.64
N LEU J 10 -45.85 33.24 2.09
CA LEU J 10 -44.67 32.51 1.74
C LEU J 10 -43.99 33.20 0.59
N ASN J 11 -44.76 33.62 -0.40
CA ASN J 11 -44.19 34.42 -1.49
C ASN J 11 -43.64 35.77 -1.02
N HIS J 12 -44.27 36.36 -0.03
CA HIS J 12 -43.73 37.58 0.53
C HIS J 12 -42.36 37.28 1.13
N GLN J 13 -42.24 36.14 1.80
CA GLN J 13 -41.01 35.78 2.45
C GLN J 13 -39.94 35.45 1.42
N VAL J 14 -40.32 34.77 0.34
CA VAL J 14 -39.36 34.57 -0.74
C VAL J 14 -38.76 35.90 -1.14
N ASN J 15 -39.62 36.86 -1.38
CA ASN J 15 -39.20 38.17 -1.82
C ASN J 15 -38.33 38.91 -0.74
N PHE J 16 -38.69 38.76 0.51
CA PHE J 16 -37.96 39.33 1.61
C PHE J 16 -36.54 38.72 1.70
N GLU J 17 -36.40 37.40 1.54
CA GLU J 17 -35.08 36.78 1.58
C GLU J 17 -34.26 37.25 0.38
N ALA J 18 -34.87 37.34 -0.79
CA ALA J 18 -34.15 37.90 -1.94
C ALA J 18 -33.65 39.31 -1.67
N ALA J 19 -34.47 40.13 -1.05
CA ALA J 19 -34.10 41.51 -0.78
C ALA J 19 -32.97 41.54 0.21
N SER J 20 -32.94 40.57 1.12
CA SER J 20 -31.86 40.52 2.09
C SER J 20 -30.54 40.24 1.40
N ALA J 21 -30.55 39.33 0.45
CA ALA J 21 -29.32 38.99 -0.23
C ALA J 21 -28.78 40.23 -0.90
N HIS J 22 -29.66 40.95 -1.57
CA HIS J 22 -29.25 42.18 -2.31
C HIS J 22 -28.81 43.27 -1.34
N LEU J 23 -29.47 43.36 -0.22
CA LEU J 23 -29.08 44.32 0.80
C LEU J 23 -27.66 44.02 1.27
N TYR J 24 -27.37 42.76 1.55
CA TYR J 24 -26.09 42.42 2.12
C TYR J 24 -24.99 42.55 1.07
N LEU J 25 -25.30 42.27 -0.19
CA LEU J 25 -24.34 42.55 -1.27
C LEU J 25 -24.02 44.04 -1.30
N GLN J 26 -25.05 44.89 -1.22
CA GLN J 26 -24.85 46.33 -1.27
C GLN J 26 -24.02 46.83 -0.06
N MET J 27 -24.26 46.26 1.12
CA MET J 27 -23.51 46.60 2.30
C MET J 27 -22.05 46.21 2.09
N SER J 28 -21.82 45.04 1.50
CA SER J 28 -20.49 44.58 1.26
C SER J 28 -19.75 45.61 0.42
N ALA J 29 -20.39 46.09 -0.62
CA ALA J 29 -19.75 47.01 -1.54
C ALA J 29 -19.37 48.29 -0.82
N TRP J 30 -20.26 48.78 0.03
CA TRP J 30 -19.99 50.00 0.79
C TRP J 30 -18.82 49.81 1.72
N LEU J 31 -18.83 48.70 2.43
CA LEU J 31 -17.76 48.38 3.37
C LEU J 31 -16.39 48.34 2.69
N LEU J 32 -16.33 47.87 1.45
CA LEU J 32 -15.06 47.90 0.73
C LEU J 32 -14.57 49.34 0.53
N THR J 33 -15.45 50.30 0.29
CA THR J 33 -15.01 51.68 0.16
C THR J 33 -14.43 52.24 1.45
N GLN J 34 -14.72 51.63 2.60
CA GLN J 34 -14.17 52.04 3.90
C GLN J 34 -12.95 51.23 4.30
N SER J 35 -12.49 50.36 3.41
CA SER J 35 -11.38 49.41 3.69
C SER J 35 -11.66 48.45 4.84
N LEU J 36 -12.92 48.15 5.07
CA LEU J 36 -13.30 47.12 6.02
C LEU J 36 -13.49 45.78 5.30
N ASP J 37 -12.37 45.20 4.86
CA ASP J 37 -12.40 44.08 3.93
C ASP J 37 -12.99 42.78 4.50
N SER J 38 -12.70 42.51 5.76
CA SER J 38 -13.25 41.33 6.42
C SER J 38 -14.75 41.43 6.66
N THR J 39 -15.20 42.59 7.09
CA THR J 39 -16.62 42.79 7.24
C THR J 39 -17.31 42.70 5.88
N ALA J 40 -16.68 43.24 4.84
CA ALA J 40 -17.22 43.13 3.50
C ALA J 40 -17.36 41.68 3.07
N ALA J 41 -16.37 40.87 3.41
CA ALA J 41 -16.36 39.46 3.05
C ALA J 41 -17.47 38.73 3.80
N PHE J 42 -17.69 39.12 5.05
CA PHE J 42 -18.73 38.51 5.82
C PHE J 42 -20.06 38.78 5.18
N PHE J 43 -20.32 40.03 4.81
CA PHE J 43 -21.61 40.34 4.21
C PHE J 43 -21.78 39.70 2.86
N ARG J 44 -20.71 39.61 2.10
CA ARG J 44 -20.77 38.93 0.83
C ARG J 44 -21.16 37.47 0.98
N ALA J 45 -20.51 36.80 1.90
CA ALA J 45 -20.81 35.40 2.17
C ALA J 45 -22.23 35.25 2.68
N HIS J 46 -22.65 36.19 3.50
CA HIS J 46 -23.97 36.08 4.08
C HIS J 46 -25.07 36.34 3.06
N ALA J 47 -24.77 37.09 2.02
CA ALA J 47 -25.73 37.25 0.94
C ALA J 47 -26.01 35.87 0.33
N GLU J 48 -24.99 35.02 0.26
CA GLU J 48 -25.18 33.70 -0.27
C GLU J 48 -26.07 32.86 0.65
N GLU J 49 -25.96 33.06 1.94
CA GLU J 49 -26.87 32.36 2.89
C GLU J 49 -28.32 32.78 2.66
N GLU J 50 -28.56 34.07 2.43
CA GLU J 50 -29.89 34.54 2.25
C GLU J 50 -30.50 33.99 0.96
N LYS J 51 -29.67 33.78 -0.05
CA LYS J 51 -30.11 33.16 -1.26
C LYS J 51 -30.55 31.76 -1.00
N ALA J 52 -29.82 31.03 -0.16
CA ALA J 52 -30.22 29.68 0.20
C ALA J 52 -31.57 29.66 0.98
N HIS J 53 -31.79 30.63 1.87
CA HIS J 53 -33.06 30.75 2.52
C HIS J 53 -34.18 30.97 1.52
N MET J 54 -33.92 31.80 0.52
CA MET J 54 -34.90 32.09 -0.51
C MET J 54 -35.25 30.84 -1.27
N MET J 55 -34.24 30.09 -1.70
CA MET J 55 -34.45 28.94 -2.57
C MET J 55 -35.20 27.84 -1.87
N LYS J 56 -35.00 27.71 -0.57
CA LYS J 56 -35.63 26.66 0.17
C LYS J 56 -37.17 26.91 0.31
N LEU J 57 -37.56 28.16 0.53
CA LEU J 57 -38.96 28.60 0.44
C LEU J 57 -39.54 28.42 -0.96
N PHE J 58 -38.81 28.90 -1.95
CA PHE J 58 -39.18 28.79 -3.34
C PHE J 58 -39.47 27.34 -3.71
N ASP J 59 -38.60 26.42 -3.31
CA ASP J 59 -38.84 25.00 -3.59
C ASP J 59 -40.04 24.43 -2.85
N TYR J 60 -40.20 24.78 -1.57
CA TYR J 60 -41.36 24.27 -0.84
C TYR J 60 -42.64 24.69 -1.58
N ILE J 61 -42.72 25.96 -1.92
CA ILE J 61 -43.94 26.47 -2.54
C ILE J 61 -44.24 25.68 -3.81
N ASN J 62 -43.22 25.54 -4.66
CA ASN J 62 -43.40 24.79 -5.92
C ASN J 62 -43.74 23.32 -5.70
N GLU J 63 -43.15 22.68 -4.71
CA GLU J 63 -43.44 21.28 -4.40
C GLU J 63 -44.91 21.10 -3.99
N THR J 64 -45.49 22.07 -3.29
CA THR J 64 -46.89 21.97 -2.91
C THR J 64 -47.85 22.12 -4.08
N GLY J 65 -47.33 22.46 -5.26
CA GLY J 65 -48.14 22.65 -6.46
C GLY J 65 -48.53 24.08 -6.77
N SER J 66 -48.17 25.05 -5.93
CA SER J 66 -48.39 26.44 -6.22
C SER J 66 -47.18 27.03 -6.96
N LEU J 67 -47.32 28.26 -7.41
CA LEU J 67 -46.30 28.89 -8.19
C LEU J 67 -45.61 29.94 -7.33
N ALA J 68 -44.32 29.74 -7.11
CA ALA J 68 -43.54 30.71 -6.32
C ALA J 68 -43.27 31.94 -7.15
N LEU J 69 -43.27 33.09 -6.48
CA LEU J 69 -43.12 34.37 -7.17
C LEU J 69 -42.02 35.14 -6.51
N ILE J 70 -41.11 35.66 -7.32
CA ILE J 70 -39.97 36.43 -6.82
C ILE J 70 -40.35 37.87 -6.50
N GLY J 71 -41.14 38.50 -7.38
CA GLY J 71 -41.59 39.87 -7.18
C GLY J 71 -40.55 40.93 -7.45
N GLU J 72 -40.78 42.12 -6.90
CA GLU J 72 -39.89 43.25 -7.07
C GLU J 72 -38.99 43.32 -5.87
N VAL J 73 -37.71 43.57 -6.12
CA VAL J 73 -36.76 43.72 -5.06
C VAL J 73 -36.05 45.04 -5.30
N ALA J 74 -36.16 45.98 -4.36
CA ALA J 74 -35.52 47.30 -4.58
C ALA J 74 -34.49 47.53 -3.52
N THR J 75 -33.24 47.79 -3.92
CA THR J 75 -32.16 47.99 -2.94
C THR J 75 -31.71 49.41 -2.98
N PRO J 76 -31.92 50.15 -1.89
CA PRO J 76 -31.55 51.56 -1.91
C PRO J 76 -30.03 51.67 -1.96
N ALA J 77 -29.55 52.75 -2.59
CA ALA J 77 -28.11 53.07 -2.59
C ALA J 77 -27.63 53.23 -1.13
N PRO J 78 -26.35 53.05 -0.89
CA PRO J 78 -25.84 53.09 0.48
C PRO J 78 -25.91 54.45 1.15
N GLU J 79 -26.81 54.59 2.12
CA GLU J 79 -26.90 55.83 2.90
C GLU J 79 -25.81 55.90 4.01
N TRP J 80 -25.27 54.75 4.44
CA TRP J 80 -24.67 54.61 5.77
C TRP J 80 -23.49 55.58 6.03
N LYS J 81 -23.53 56.22 7.19
CA LYS J 81 -22.56 57.21 7.60
C LYS J 81 -21.43 56.58 8.38
N SER J 82 -21.68 55.44 9.03
CA SER J 82 -20.60 54.66 9.65
C SER J 82 -20.90 53.17 9.61
N HIS J 83 -19.90 52.35 9.93
CA HIS J 83 -20.11 50.93 9.99
C HIS J 83 -21.12 50.55 11.05
N ILE J 84 -21.21 51.33 12.12
CA ILE J 84 -22.16 51.01 13.20
C ILE J 84 -23.58 51.24 12.71
N GLU J 85 -23.79 52.31 11.96
CA GLU J 85 -25.12 52.58 11.44
C GLU J 85 -25.54 51.39 10.50
N LEU J 86 -24.58 50.84 9.75
CA LEU J 86 -24.83 49.70 8.86
C LEU J 86 -25.13 48.43 9.63
N LEU J 87 -24.36 48.15 10.67
CA LEU J 87 -24.64 47.01 11.52
C LEU J 87 -25.97 47.09 12.27
N GLU J 88 -26.37 48.29 12.70
CA GLU J 88 -27.72 48.51 13.26
C GLU J 88 -28.79 48.15 12.21
N ALA J 89 -28.59 48.60 10.99
CA ALA J 89 -29.57 48.35 9.93
C ALA J 89 -29.67 46.87 9.63
N ALA J 90 -28.52 46.19 9.61
CA ALA J 90 -28.50 44.76 9.42
C ALA J 90 -29.22 44.04 10.56
N TYR J 91 -28.91 44.40 11.80
CA TYR J 91 -29.58 43.76 12.95
C TYR J 91 -31.10 44.00 12.93
N ASN J 92 -31.53 45.22 12.65
CA ASN J 92 -32.96 45.50 12.62
C ASN J 92 -33.63 44.75 11.51
N HIS J 93 -32.93 44.64 10.38
CA HIS J 93 -33.45 43.91 9.24
C HIS J 93 -33.65 42.43 9.63
N GLU J 94 -32.69 41.87 10.33
CA GLU J 94 -32.84 40.48 10.80
C GLU J 94 -33.98 40.36 11.81
N LEU J 95 -34.18 41.37 12.65
CA LEU J 95 -35.35 41.36 13.60
C LEU J 95 -36.67 41.35 12.83
N ALA J 96 -36.71 42.08 11.73
CA ALA J 96 -37.91 42.15 10.92
C ALA J 96 -38.16 40.83 10.22
N ILE J 97 -37.09 40.16 9.80
CA ILE J 97 -37.24 38.86 9.15
C ILE J 97 -37.80 37.90 10.18
N THR J 98 -37.25 37.92 11.40
CA THR J 98 -37.79 37.08 12.44
C THR J 98 -39.26 37.33 12.70
N GLN J 99 -39.66 38.60 12.70
CA GLN J 99 -41.06 38.96 12.88
C GLN J 99 -41.90 38.34 11.81
N SER J 100 -41.44 38.47 10.59
CA SER J 100 -42.16 37.95 9.44
C SER J 100 -42.31 36.41 9.48
N ILE J 101 -41.26 35.71 9.93
CA ILE J 101 -41.30 34.26 10.08
C ILE J 101 -42.25 33.89 11.20
N ASN J 102 -42.18 34.61 12.32
CA ASN J 102 -43.13 34.38 13.43
C ASN J 102 -44.59 34.57 13.03
N ASP J 103 -44.88 35.61 12.26
CA ASP J 103 -46.24 35.85 11.79
C ASP J 103 -46.67 34.68 10.90
N LEU J 104 -45.76 34.22 10.07
CA LEU J 104 -46.05 33.10 9.16
C LEU J 104 -46.31 31.81 9.96
N VAL J 105 -45.52 31.57 11.00
CA VAL J 105 -45.69 30.37 11.80
C VAL J 105 -47.03 30.44 12.50
N ASP J 106 -47.33 31.60 13.08
CA ASP J 106 -48.55 31.82 13.81
C ASP J 106 -49.75 31.62 12.90
N THR J 107 -49.69 32.12 11.67
CA THR J 107 -50.82 31.93 10.78
C THR J 107 -50.94 30.48 10.31
N ALA J 108 -49.84 29.74 10.19
CA ALA J 108 -49.97 28.33 9.82
C ALA J 108 -50.64 27.52 10.92
N LEU J 109 -50.32 27.85 12.16
CA LEU J 109 -50.87 27.19 13.32
C LEU J 109 -52.36 27.47 13.40
N ARG J 110 -52.73 28.73 13.20
CA ARG J 110 -54.12 29.20 13.26
C ARG J 110 -54.98 28.52 12.17
N GLU J 111 -54.46 28.35 10.95
CA GLU J 111 -55.18 27.63 9.91
C GLU J 111 -55.02 26.13 9.97
N LYS J 112 -54.35 25.63 10.97
CA LYS J 112 -54.02 24.20 11.05
C LYS J 112 -53.35 23.64 9.77
N ASP J 113 -52.51 24.45 9.12
CA ASP J 113 -51.59 24.00 8.08
C ASP J 113 -50.31 23.51 8.76
N TYR J 114 -50.38 22.29 9.27
CA TYR J 114 -49.29 21.75 10.09
C TYR J 114 -48.07 21.46 9.22
N SER J 115 -48.31 21.19 7.95
CA SER J 115 -47.20 20.98 7.00
C SER J 115 -46.32 22.25 6.84
N THR J 116 -46.95 23.40 6.66
CA THR J 116 -46.18 24.62 6.59
C THR J 116 -45.59 25.00 7.94
N PHE J 117 -46.33 24.72 9.00
CA PHE J 117 -45.80 24.92 10.34
C PHE J 117 -44.50 24.16 10.54
N GLN J 118 -44.43 22.88 10.16
CA GLN J 118 -43.23 22.13 10.44
C GLN J 118 -42.12 22.53 9.49
N PHE J 119 -42.47 22.88 8.27
CA PHE J 119 -41.46 23.36 7.33
C PHE J 119 -40.79 24.62 7.86
N LEU J 120 -41.54 25.49 8.50
CA LEU J 120 -40.99 26.75 8.97
C LEU J 120 -40.08 26.65 10.21
N GLN J 121 -40.05 25.53 10.89
CA GLN J 121 -39.25 25.40 12.11
C GLN J 121 -37.80 25.56 11.80
N TRP J 122 -37.39 25.08 10.65
CA TRP J 122 -36.04 25.33 10.21
C TRP J 122 -35.71 26.84 10.29
N TYR J 123 -36.62 27.69 9.79
CA TYR J 123 -36.40 29.14 9.76
C TYR J 123 -36.43 29.74 11.15
N VAL J 124 -37.28 29.22 12.01
CA VAL J 124 -37.33 29.72 13.37
C VAL J 124 -35.96 29.50 14.03
N ALA J 125 -35.42 28.30 13.85
CA ALA J 125 -34.11 27.96 14.41
C ALA J 125 -33.02 28.82 13.76
N GLU J 126 -33.07 28.97 12.45
CA GLU J 126 -32.06 29.74 11.73
C GLU J 126 -32.08 31.19 12.17
N GLN J 127 -33.24 31.76 12.42
CA GLN J 127 -33.31 33.18 12.79
C GLN J 127 -32.77 33.41 14.20
N HIS J 128 -32.86 32.43 15.08
CA HIS J 128 -32.19 32.51 16.34
C HIS J 128 -30.67 32.64 16.14
N GLU J 129 -30.10 31.83 15.25
CA GLU J 129 -28.69 31.89 14.93
C GLU J 129 -28.36 33.23 14.28
N GLU J 130 -29.24 33.76 13.43
CA GLU J 130 -28.99 35.03 12.75
C GLU J 130 -29.01 36.22 13.72
N GLU J 131 -30.00 36.29 14.59
CA GLU J 131 -30.03 37.32 15.59
C GLU J 131 -28.81 37.27 16.52
N TYR J 132 -28.37 36.07 16.88
CA TYR J 132 -27.21 35.94 17.74
C TYR J 132 -25.98 36.50 17.04
N LEU J 133 -25.80 36.11 15.79
CA LEU J 133 -24.69 36.55 14.97
C LEU J 133 -24.64 38.07 14.82
N PHE J 134 -25.74 38.66 14.40
CA PHE J 134 -25.78 40.08 14.11
C PHE J 134 -25.80 40.94 15.36
N SER J 135 -26.49 40.52 16.40
CA SER J 135 -26.52 41.31 17.62
C SER J 135 -25.13 41.31 18.23
N SER J 136 -24.49 40.17 18.21
CA SER J 136 -23.16 40.03 18.77
C SER J 136 -22.13 40.90 18.02
N MET J 137 -22.22 40.94 16.70
CA MET J 137 -21.33 41.73 15.89
C MET J 137 -21.55 43.24 16.14
N LEU J 138 -22.80 43.64 16.29
CA LEU J 138 -23.13 45.03 16.63
C LEU J 138 -22.58 45.40 17.99
N HIS J 139 -22.78 44.52 18.97
CA HIS J 139 -22.33 44.81 20.35
CA HIS J 139 -22.39 44.76 20.36
C HIS J 139 -20.85 45.00 20.39
N LYS J 140 -20.11 44.16 19.68
CA LYS J 140 -18.66 44.29 19.61
C LYS J 140 -18.25 45.57 18.91
N ALA J 141 -18.98 45.97 17.90
CA ALA J 141 -18.63 47.17 17.17
C ALA J 141 -18.76 48.40 18.07
N ARG J 142 -19.81 48.43 18.88
CA ARG J 142 -20.03 49.50 19.86
C ARG J 142 -18.96 49.56 20.93
N ILE J 143 -18.59 48.40 21.43
CA ILE J 143 -17.52 48.32 22.41
C ILE J 143 -16.19 48.79 21.83
N ILE J 144 -15.84 48.29 20.66
CA ILE J 144 -14.58 48.60 20.01
C ILE J 144 -14.50 50.05 19.54
N ASN J 145 -15.65 50.71 19.41
CA ASN J 145 -15.72 52.14 19.18
C ASN J 145 -15.27 53.04 20.37
N THR J 146 -15.04 52.47 21.56
CA THR J 146 -14.59 53.15 22.74
C THR J 146 -13.20 52.72 23.15
N MET J 147 -12.44 53.61 23.77
CA MET J 147 -11.16 53.26 24.30
C MET J 147 -11.17 52.15 25.32
N ASP J 148 -12.07 52.29 26.25
CA ASP J 148 -12.24 51.32 27.33
C ASP J 148 -12.51 49.95 26.77
N GLY J 149 -13.38 49.94 25.76
CA GLY J 149 -13.70 48.75 25.03
C GLY J 149 -12.51 48.11 24.33
N ARG J 150 -11.70 48.89 23.66
CA ARG J 150 -10.55 48.32 22.98
C ARG J 150 -9.60 47.70 23.99
N ALA J 151 -9.55 48.24 25.21
CA ALA J 151 -8.72 47.63 26.26
C ALA J 151 -9.26 46.30 26.74
N LEU J 152 -10.58 46.18 26.87
CA LEU J 152 -11.22 44.88 27.21
C LEU J 152 -10.88 43.83 26.17
N PHE J 153 -11.00 44.19 24.90
CA PHE J 153 -10.73 43.26 23.83
C PHE J 153 -9.27 42.87 23.74
N ARG J 154 -8.40 43.73 24.21
CA ARG J 154 -7.00 43.42 24.21
C ARG J 154 -6.72 42.36 25.25
N PHE J 155 -7.40 42.45 26.39
CA PHE J 155 -7.27 41.40 27.39
C PHE J 155 -7.87 40.08 26.90
N ASP J 156 -9.05 40.14 26.29
CA ASP J 156 -9.70 38.94 25.77
C ASP J 156 -8.81 38.25 24.72
N GLU J 157 -8.14 39.02 23.88
CA GLU J 157 -7.25 38.46 22.89
C GLU J 157 -6.01 37.82 23.54
N GLU J 158 -5.53 38.40 24.62
CA GLU J 158 -4.45 37.81 25.39
C GLU J 158 -4.84 36.46 25.99
N VAL J 159 -6.09 36.34 26.46
CA VAL J 159 -6.58 35.08 26.90
C VAL J 159 -6.72 34.06 25.72
N ARG J 160 -7.19 34.49 24.56
CA ARG J 160 -7.24 33.59 23.40
C ARG J 160 -5.84 33.01 23.05
N LYS J 161 -4.78 33.83 23.09
CA LYS J 161 -3.42 33.37 22.82
C LYS J 161 -2.80 32.60 23.98
N SER J 162 -2.83 33.16 25.19
CA SER J 162 -2.20 32.51 26.37
C SER J 162 -2.86 31.23 26.88
N VAL J 163 -4.17 31.23 27.16
CA VAL J 163 -4.83 30.00 27.63
C VAL J 163 -5.65 29.30 26.47
N LEU J 164 -6.95 29.56 26.35
CA LEU J 164 -7.82 29.03 25.25
C LEU J 164 -7.12 29.10 23.87
N MET K 1 9.72 42.64 -38.71
CA MET K 1 8.28 42.74 -38.53
C MET K 1 7.81 43.93 -37.63
N LEU K 2 8.36 44.15 -36.44
CA LEU K 2 7.91 45.29 -35.60
C LEU K 2 8.29 46.64 -36.18
N SER K 3 7.35 47.57 -36.22
CA SER K 3 7.64 48.92 -36.69
C SER K 3 8.59 49.56 -35.72
N LYS K 4 9.34 50.55 -36.20
CA LYS K 4 10.28 51.23 -35.34
C LYS K 4 9.59 51.96 -34.17
N THR K 5 8.40 52.54 -34.40
CA THR K 5 7.74 53.26 -33.33
C THR K 5 7.30 52.34 -32.20
N ILE K 6 6.78 51.16 -32.56
CA ILE K 6 6.34 50.17 -31.57
C ILE K 6 7.56 49.55 -30.87
N LEU K 7 8.58 49.20 -31.62
CA LEU K 7 9.81 48.68 -31.04
C LEU K 7 10.34 49.60 -30.02
N ASP K 8 10.40 50.88 -30.34
CA ASP K 8 11.03 51.83 -29.40
C ASP K 8 10.21 51.93 -28.13
N LYS K 9 8.90 51.85 -28.26
CA LYS K 9 8.04 51.89 -27.08
C LYS K 9 8.08 50.61 -26.24
N LEU K 10 8.24 49.46 -26.88
CA LEU K 10 8.32 48.19 -26.17
C LEU K 10 9.63 48.15 -25.40
N ASN K 11 10.71 48.57 -26.05
CA ASN K 11 11.98 48.69 -25.37
C ASN K 11 11.96 49.72 -24.27
N HIS K 12 11.20 50.78 -24.44
CA HIS K 12 11.05 51.74 -23.34
C HIS K 12 10.37 51.04 -22.17
N GLN K 13 9.36 50.22 -22.47
CA GLN K 13 8.63 49.53 -21.43
C GLN K 13 9.52 48.46 -20.76
N VAL K 14 10.30 47.72 -21.53
CA VAL K 14 11.27 46.83 -20.92
C VAL K 14 12.09 47.59 -19.86
N ASN K 15 12.63 48.75 -20.26
CA ASN K 15 13.45 49.54 -19.37
C ASN K 15 12.65 50.07 -18.16
N PHE K 16 11.40 50.44 -18.39
CA PHE K 16 10.51 50.92 -17.32
C PHE K 16 10.27 49.81 -16.28
N GLU K 17 10.04 48.58 -16.74
CA GLU K 17 9.78 47.48 -15.82
C GLU K 17 11.05 47.20 -15.04
N ALA K 18 12.19 47.23 -15.71
CA ALA K 18 13.49 47.05 -15.01
C ALA K 18 13.70 48.09 -13.95
N ALA K 19 13.34 49.33 -14.25
CA ALA K 19 13.46 50.39 -13.26
C ALA K 19 12.53 50.16 -12.08
N SER K 20 11.37 49.57 -12.34
CA SER K 20 10.40 49.33 -11.30
C SER K 20 10.92 48.32 -10.32
N ALA K 21 11.52 47.28 -10.84
CA ALA K 21 12.11 46.30 -9.97
C ALA K 21 13.15 46.94 -9.04
N HIS K 22 14.02 47.75 -9.59
CA HIS K 22 15.08 48.40 -8.83
C HIS K 22 14.49 49.37 -7.84
N LEU K 23 13.47 50.09 -8.26
CA LEU K 23 12.79 51.02 -7.35
C LEU K 23 12.25 50.26 -6.15
N TYR K 24 11.60 49.13 -6.37
CA TYR K 24 10.98 48.41 -5.29
C TYR K 24 12.00 47.76 -4.39
N LEU K 25 13.12 47.32 -4.95
CA LEU K 25 14.22 46.84 -4.15
C LEU K 25 14.69 47.96 -3.23
N GLN K 26 14.87 49.14 -3.78
CA GLN K 26 15.38 50.27 -3.00
C GLN K 26 14.39 50.63 -1.89
N MET K 27 13.09 50.59 -2.20
CA MET K 27 12.03 50.88 -1.21
C MET K 27 12.09 49.86 -0.11
N SER K 28 12.29 48.61 -0.48
CA SER K 28 12.44 47.53 0.49
C SER K 28 13.56 47.80 1.48
N ALA K 29 14.71 48.22 0.96
CA ALA K 29 15.88 48.50 1.79
C ALA K 29 15.59 49.64 2.79
N TRP K 30 14.92 50.69 2.31
CA TRP K 30 14.60 51.83 3.17
C TRP K 30 13.63 51.39 4.28
N LEU K 31 12.61 50.63 3.89
CA LEU K 31 11.63 50.14 4.86
C LEU K 31 12.26 49.32 5.96
N LEU K 32 13.26 48.54 5.64
CA LEU K 32 13.97 47.82 6.70
C LEU K 32 14.62 48.76 7.73
N THR K 33 15.15 49.91 7.31
CA THR K 33 15.71 50.88 8.27
C THR K 33 14.65 51.49 9.18
N GLN K 34 13.39 51.42 8.81
CA GLN K 34 12.27 51.84 9.66
C GLN K 34 11.68 50.72 10.51
N SER K 35 12.27 49.53 10.44
CA SER K 35 11.70 48.32 11.04
C SER K 35 10.31 47.91 10.54
N LEU K 36 9.98 48.29 9.31
CA LEU K 36 8.76 47.85 8.68
C LEU K 36 9.06 46.58 7.85
N ASP K 37 9.30 45.48 8.54
CA ASP K 37 9.80 44.25 7.92
C ASP K 37 8.83 43.58 6.92
N SER K 38 7.54 43.56 7.23
CA SER K 38 6.57 42.96 6.34
C SER K 38 6.39 43.79 5.09
N THR K 39 6.34 45.11 5.23
CA THR K 39 6.22 45.96 4.06
C THR K 39 7.48 45.82 3.21
N ALA K 40 8.63 45.74 3.86
CA ALA K 40 9.87 45.48 3.14
C ALA K 40 9.82 44.17 2.34
N ALA K 41 9.28 43.12 2.94
CA ALA K 41 9.17 41.81 2.29
C ALA K 41 8.20 41.86 1.09
N PHE K 42 7.12 42.61 1.24
CA PHE K 42 6.24 42.80 0.14
C PHE K 42 6.97 43.46 -1.04
N PHE K 43 7.68 44.56 -0.79
CA PHE K 43 8.33 45.24 -1.90
C PHE K 43 9.40 44.38 -2.51
N ARG K 44 10.10 43.61 -1.69
CA ARG K 44 11.11 42.71 -2.21
C ARG K 44 10.50 41.68 -3.17
N ALA K 45 9.41 41.09 -2.75
CA ALA K 45 8.70 40.10 -3.57
C ALA K 45 8.16 40.73 -4.80
N HIS K 46 7.69 41.96 -4.69
CA HIS K 46 7.13 42.62 -5.86
C HIS K 46 8.17 43.04 -6.87
N ALA K 47 9.38 43.27 -6.43
CA ALA K 47 10.46 43.53 -7.35
C ALA K 47 10.63 42.34 -8.26
N GLU K 48 10.43 41.13 -7.72
CA GLU K 48 10.53 39.92 -8.52
C GLU K 48 9.37 39.83 -9.55
N GLU K 49 8.20 40.31 -9.19
CA GLU K 49 7.12 40.43 -10.17
C GLU K 49 7.45 41.38 -11.31
N GLU K 50 8.08 42.52 -11.00
CA GLU K 50 8.40 43.46 -12.03
C GLU K 50 9.45 42.89 -12.99
N LYS K 51 10.35 42.06 -12.48
CA LYS K 51 11.32 41.38 -13.31
C LYS K 51 10.64 40.46 -14.28
N ALA K 52 9.62 39.75 -13.82
CA ALA K 52 8.87 38.89 -14.71
C ALA K 52 8.16 39.70 -15.82
N HIS K 53 7.65 40.89 -15.47
CA HIS K 53 6.99 41.74 -16.47
C HIS K 53 8.00 42.13 -17.52
N MET K 54 9.19 42.46 -17.06
CA MET K 54 10.26 42.83 -17.95
C MET K 54 10.60 41.69 -18.91
N MET K 55 10.76 40.48 -18.39
CA MET K 55 11.23 39.36 -19.17
C MET K 55 10.25 38.93 -20.21
N LYS K 56 8.99 39.11 -19.90
CA LYS K 56 7.95 38.75 -20.84
C LYS K 56 7.91 39.67 -22.06
N LEU K 57 8.10 40.97 -21.83
CA LEU K 57 8.30 41.94 -22.91
C LEU K 57 9.56 41.61 -23.74
N PHE K 58 10.65 41.41 -23.02
CA PHE K 58 11.95 41.14 -23.58
C PHE K 58 11.84 39.95 -24.51
N ASP K 59 11.18 38.89 -24.07
CA ASP K 59 11.02 37.72 -24.94
C ASP K 59 10.15 37.98 -26.15
N TYR K 60 9.06 38.75 -26.00
CA TYR K 60 8.17 39.03 -27.13
C TYR K 60 8.94 39.75 -28.18
N ILE K 61 9.68 40.76 -27.76
CA ILE K 61 10.48 41.54 -28.73
C ILE K 61 11.40 40.61 -29.50
N ASN K 62 12.15 39.79 -28.78
CA ASN K 62 13.15 38.92 -29.40
C ASN K 62 12.48 37.88 -30.31
N GLU K 63 11.34 37.35 -29.91
CA GLU K 63 10.62 36.39 -30.74
C GLU K 63 10.15 37.01 -32.05
N THR K 64 9.83 38.31 -32.07
CA THR K 64 9.42 38.95 -33.34
C THR K 64 10.60 39.17 -34.29
N GLY K 65 11.81 38.92 -33.83
CA GLY K 65 13.00 39.10 -34.64
C GLY K 65 13.74 40.42 -34.45
N SER K 66 13.28 41.27 -33.55
CA SER K 66 14.02 42.48 -33.20
C SER K 66 14.91 42.22 -32.01
N LEU K 67 15.72 43.19 -31.67
CA LEU K 67 16.65 43.07 -30.54
C LEU K 67 16.18 43.89 -29.35
N ALA K 68 15.88 43.21 -28.26
CA ALA K 68 15.41 43.90 -27.07
C ALA K 68 16.58 44.63 -26.45
N LEU K 69 16.31 45.79 -25.87
CA LEU K 69 17.34 46.60 -25.26
C LEU K 69 16.95 46.92 -23.84
N ILE K 70 17.88 46.72 -22.92
CA ILE K 70 17.65 47.01 -21.52
C ILE K 70 17.78 48.51 -21.21
N GLY K 71 18.83 49.13 -21.77
CA GLY K 71 19.07 50.56 -21.54
C GLY K 71 19.66 50.92 -20.19
N GLU K 72 19.50 52.19 -19.81
CA GLU K 72 19.99 52.74 -18.55
C GLU K 72 18.90 52.80 -17.54
N VAL K 73 19.19 52.36 -16.33
CA VAL K 73 18.22 52.30 -15.28
C VAL K 73 18.83 53.03 -14.11
N ALA K 74 18.24 54.14 -13.68
CA ALA K 74 18.87 54.92 -12.60
C ALA K 74 17.92 54.98 -11.42
N THR K 75 18.36 54.52 -10.27
CA THR K 75 17.49 54.47 -9.10
C THR K 75 17.97 55.48 -8.09
N PRO K 76 17.15 56.52 -7.83
CA PRO K 76 17.58 57.54 -6.88
C PRO K 76 17.67 56.93 -5.48
N ALA K 77 18.60 57.46 -4.68
CA ALA K 77 18.70 57.11 -3.26
C ALA K 77 17.38 57.43 -2.57
N PRO K 78 17.12 56.80 -1.43
CA PRO K 78 15.82 56.97 -0.79
C PRO K 78 15.59 58.34 -0.20
N GLU K 79 14.70 59.11 -0.80
CA GLU K 79 14.35 60.41 -0.25
C GLU K 79 13.32 60.30 0.91
N TRP K 80 12.57 59.20 0.98
CA TRP K 80 11.25 59.22 1.62
C TRP K 80 11.30 59.61 3.08
N LYS K 81 10.38 60.49 3.47
CA LYS K 81 10.29 61.00 4.83
C LYS K 81 9.35 60.13 5.70
N SER K 82 8.40 59.43 5.08
CA SER K 82 7.55 58.49 5.82
C SER K 82 7.10 57.35 4.93
N HIS K 83 6.56 56.30 5.53
CA HIS K 83 6.09 55.19 4.75
C HIS K 83 4.95 55.59 3.83
N ILE K 84 4.16 56.57 4.24
CA ILE K 84 3.04 57.01 3.41
C ILE K 84 3.57 57.70 2.16
N GLU K 85 4.62 58.50 2.30
CA GLU K 85 5.20 59.19 1.15
C GLU K 85 5.70 58.10 0.14
N LEU K 86 6.26 57.01 0.67
CA LEU K 86 6.79 55.91 -0.18
C LEU K 86 5.67 55.23 -0.88
N LEU K 87 4.59 54.93 -0.16
CA LEU K 87 3.43 54.30 -0.78
C LEU K 87 2.79 55.16 -1.85
N GLU K 88 2.74 56.47 -1.62
CA GLU K 88 2.23 57.42 -2.62
C GLU K 88 3.11 57.33 -3.89
N ALA K 89 4.41 57.32 -3.70
CA ALA K 89 5.33 57.21 -4.81
C ALA K 89 5.10 55.90 -5.58
N ALA K 90 4.92 54.80 -4.85
CA ALA K 90 4.71 53.52 -5.46
C ALA K 90 3.42 53.54 -6.26
N TYR K 91 2.34 54.05 -5.66
CA TYR K 91 1.08 54.11 -6.38
C TYR K 91 1.17 54.99 -7.64
N ASN K 92 1.80 56.16 -7.54
CA ASN K 92 1.92 57.04 -8.70
C ASN K 92 2.77 56.43 -9.78
N HIS K 93 3.80 55.71 -9.35
CA HIS K 93 4.64 54.98 -10.28
C HIS K 93 3.79 53.93 -11.02
N GLU K 94 2.95 53.19 -10.30
CA GLU K 94 2.11 52.19 -10.96
C GLU K 94 1.10 52.86 -11.92
N LEU K 95 0.60 54.05 -11.56
CA LEU K 95 -0.27 54.79 -12.49
C LEU K 95 0.46 55.17 -13.76
N ALA K 96 1.73 55.55 -13.63
CA ALA K 96 2.52 55.91 -14.79
C ALA K 96 2.81 54.71 -15.67
N ILE K 97 3.00 53.54 -15.05
CA ILE K 97 3.20 52.34 -15.82
C ILE K 97 1.92 52.06 -16.60
N THR K 98 0.78 52.15 -15.94
CA THR K 98 -0.45 51.93 -16.65
C THR K 98 -0.61 52.91 -17.83
N GLN K 99 -0.25 54.18 -17.64
CA GLN K 99 -0.33 55.14 -18.68
C GLN K 99 0.51 54.68 -19.85
N SER K 100 1.72 54.26 -19.57
CA SER K 100 2.65 53.84 -20.59
C SER K 100 2.14 52.62 -21.36
N ILE K 101 1.52 51.66 -20.66
CA ILE K 101 0.92 50.52 -21.30
C ILE K 101 -0.23 50.98 -22.19
N ASN K 102 -1.07 51.85 -21.66
CA ASN K 102 -2.20 52.34 -22.45
C ASN K 102 -1.78 53.05 -23.71
N ASP K 103 -0.73 53.86 -23.63
CA ASP K 103 -0.21 54.50 -24.80
C ASP K 103 0.23 53.44 -25.80
N LEU K 104 0.91 52.41 -25.31
CA LEU K 104 1.45 51.33 -26.16
C LEU K 104 0.31 50.55 -26.83
N VAL K 105 -0.77 50.30 -26.10
CA VAL K 105 -1.92 49.62 -26.64
C VAL K 105 -2.57 50.47 -27.73
N ASP K 106 -2.79 51.74 -27.41
CA ASP K 106 -3.39 52.70 -28.32
C ASP K 106 -2.57 52.80 -29.59
N THR K 107 -1.24 52.86 -29.49
CA THR K 107 -0.46 52.96 -30.70
C THR K 107 -0.45 51.67 -31.51
N ALA K 108 -0.54 50.51 -30.87
CA ALA K 108 -0.63 49.24 -31.64
C ALA K 108 -1.92 49.19 -32.43
N LEU K 109 -2.98 49.69 -31.84
CA LEU K 109 -4.30 49.67 -32.45
C LEU K 109 -4.29 50.58 -33.67
N ARG K 110 -3.68 51.73 -33.49
CA ARG K 110 -3.61 52.76 -34.52
C ARG K 110 -2.81 52.29 -35.72
N GLU K 111 -1.71 51.61 -35.49
CA GLU K 111 -0.91 51.04 -36.58
C GLU K 111 -1.44 49.69 -37.08
N LYS K 112 -2.56 49.24 -36.55
CA LYS K 112 -3.05 47.93 -36.86
C LYS K 112 -2.02 46.81 -36.67
N ASP K 113 -1.19 46.94 -35.62
CA ASP K 113 -0.34 45.85 -35.12
C ASP K 113 -1.14 45.02 -34.11
N TYR K 114 -2.01 44.15 -34.64
CA TYR K 114 -2.93 43.43 -33.82
C TYR K 114 -2.22 42.38 -32.97
N SER K 115 -1.09 41.92 -33.44
CA SER K 115 -0.28 41.01 -32.67
C SER K 115 0.23 41.64 -31.38
N THR K 116 0.76 42.85 -31.48
CA THR K 116 1.26 43.52 -30.27
C THR K 116 0.07 43.91 -29.40
N PHE K 117 -1.04 44.27 -30.03
CA PHE K 117 -2.23 44.60 -29.28
C PHE K 117 -2.64 43.44 -28.40
N GLN K 118 -2.68 42.22 -28.96
CA GLN K 118 -3.18 41.15 -28.16
C GLN K 118 -2.16 40.76 -27.11
N PHE K 119 -0.89 40.83 -27.44
CA PHE K 119 0.15 40.52 -26.46
C PHE K 119 0.03 41.43 -25.26
N LEU K 120 -0.33 42.70 -25.48
CA LEU K 120 -0.37 43.66 -24.37
C LEU K 120 -1.57 43.52 -23.46
N GLN K 121 -2.56 42.72 -23.83
CA GLN K 121 -3.77 42.59 -22.99
C GLN K 121 -3.43 42.00 -21.66
N TRP K 122 -2.48 41.10 -21.63
CA TRP K 122 -2.00 40.59 -20.39
C TRP K 122 -1.61 41.76 -19.45
N TYR K 123 -0.91 42.75 -19.97
CA TYR K 123 -0.41 43.87 -19.15
C TYR K 123 -1.52 44.79 -18.75
N VAL K 124 -2.50 44.96 -19.60
CA VAL K 124 -3.62 45.78 -19.24
C VAL K 124 -4.31 45.16 -18.03
N ALA K 125 -4.52 43.85 -18.09
CA ALA K 125 -5.15 43.14 -16.98
C ALA K 125 -4.27 43.20 -15.74
N GLU K 126 -2.97 42.99 -15.90
CA GLU K 126 -2.09 42.97 -14.76
C GLU K 126 -2.05 44.32 -14.08
N GLN K 127 -2.10 45.39 -14.85
CA GLN K 127 -2.04 46.73 -14.26
C GLN K 127 -3.30 47.10 -13.49
N HIS K 128 -4.44 46.55 -13.87
CA HIS K 128 -5.62 46.65 -13.04
C HIS K 128 -5.37 46.03 -11.67
N GLU K 129 -4.78 44.82 -11.63
CA GLU K 129 -4.47 44.14 -10.37
C GLU K 129 -3.43 44.95 -9.57
N GLU K 130 -2.45 45.56 -10.25
CA GLU K 130 -1.43 46.34 -9.60
C GLU K 130 -2.01 47.61 -8.98
N GLU K 131 -2.82 48.33 -9.71
CA GLU K 131 -3.45 49.52 -9.16
C GLU K 131 -4.34 49.19 -7.96
N TYR K 132 -5.04 48.07 -8.03
CA TYR K 132 -5.89 47.68 -6.92
C TYR K 132 -5.03 47.43 -5.67
N LEU K 133 -3.96 46.69 -5.85
CA LEU K 133 -3.07 46.33 -4.80
C LEU K 133 -2.46 47.55 -4.13
N PHE K 134 -1.88 48.43 -4.92
CA PHE K 134 -1.14 49.58 -4.37
C PHE K 134 -2.05 50.68 -3.87
N SER K 135 -3.16 50.91 -4.53
CA SER K 135 -4.12 51.91 -4.03
C SER K 135 -4.67 51.46 -2.69
N SER K 136 -4.93 50.17 -2.60
CA SER K 136 -5.55 49.64 -1.41
C SER K 136 -4.58 49.69 -0.24
N MET K 137 -3.33 49.41 -0.50
CA MET K 137 -2.32 49.48 0.54
C MET K 137 -2.09 50.93 1.05
N LEU K 138 -2.09 51.88 0.13
CA LEU K 138 -2.03 53.30 0.47
C LEU K 138 -3.22 53.73 1.30
N HIS K 139 -4.42 53.32 0.88
CA HIS K 139 -5.63 53.73 1.58
CA HIS K 139 -5.67 53.72 1.53
C HIS K 139 -5.62 53.24 3.01
N LYS K 140 -5.20 52.00 3.22
CA LYS K 140 -5.09 51.45 4.55
C LYS K 140 -4.05 52.17 5.36
N ALA K 141 -2.94 52.55 4.74
CA ALA K 141 -1.89 53.22 5.48
C ALA K 141 -2.39 54.56 6.01
N ARG K 142 -3.14 55.29 5.18
CA ARG K 142 -3.72 56.55 5.60
C ARG K 142 -4.75 56.41 6.73
N ILE K 143 -5.59 55.39 6.64
CA ILE K 143 -6.56 55.10 7.68
C ILE K 143 -5.87 54.70 8.99
N ILE K 144 -4.89 53.81 8.91
CA ILE K 144 -4.17 53.34 10.10
C ILE K 144 -3.33 54.43 10.76
N ASN K 145 -3.03 55.48 10.01
CA ASN K 145 -2.33 56.64 10.54
C ASN K 145 -3.16 57.51 11.50
N THR K 146 -4.45 57.22 11.62
CA THR K 146 -5.40 57.96 12.48
C THR K 146 -5.89 57.05 13.58
N MET K 147 -6.21 57.61 14.74
CA MET K 147 -6.75 56.76 15.80
C MET K 147 -8.12 56.18 15.46
N ASP K 148 -8.99 56.99 14.85
CA ASP K 148 -10.34 56.54 14.43
C ASP K 148 -10.22 55.35 13.48
N GLY K 149 -9.26 55.46 12.57
CA GLY K 149 -8.92 54.41 11.67
C GLY K 149 -8.44 53.14 12.35
N ARG K 150 -7.56 53.25 13.31
CA ARG K 150 -7.06 52.04 13.98
C ARG K 150 -8.19 51.34 14.69
N ALA K 151 -9.18 52.10 15.16
CA ALA K 151 -10.36 51.49 15.78
C ALA K 151 -11.25 50.71 14.76
N LEU K 152 -11.44 51.27 13.55
CA LEU K 152 -12.13 50.57 12.50
C LEU K 152 -11.47 49.22 12.22
N PHE K 153 -10.14 49.24 12.09
CA PHE K 153 -9.41 48.04 11.74
C PHE K 153 -9.44 47.05 12.84
N ARG K 154 -9.59 47.51 14.06
CA ARG K 154 -9.68 46.59 15.19
C ARG K 154 -10.99 45.84 15.11
N PHE K 155 -12.05 46.52 14.68
CA PHE K 155 -13.33 45.84 14.50
C PHE K 155 -13.25 44.86 13.34
N ASP K 156 -12.67 45.29 12.22
CA ASP K 156 -12.55 44.42 11.05
C ASP K 156 -11.77 43.17 11.39
N GLU K 157 -10.74 43.28 12.22
CA GLU K 157 -9.97 42.14 12.64
C GLU K 157 -10.78 41.23 13.55
N GLU K 158 -11.64 41.80 14.37
CA GLU K 158 -12.54 41.00 15.19
C GLU K 158 -13.49 40.20 14.32
N VAL K 159 -13.96 40.77 13.24
CA VAL K 159 -14.81 40.03 12.33
C VAL K 159 -13.99 38.93 11.64
N ARG K 160 -12.76 39.20 11.23
CA ARG K 160 -11.94 38.15 10.63
C ARG K 160 -11.79 36.93 11.56
N LYS K 161 -11.59 37.15 12.86
CA LYS K 161 -11.47 36.06 13.85
C LYS K 161 -12.78 35.44 14.22
N SER K 162 -13.77 36.25 14.60
CA SER K 162 -15.06 35.74 15.04
C SER K 162 -15.89 35.04 13.90
N VAL K 163 -15.89 35.55 12.66
CA VAL K 163 -16.79 34.99 11.59
C VAL K 163 -16.22 35.04 10.13
N MET L 1 27.47 49.84 12.39
CA MET L 1 28.60 48.83 12.45
C MET L 1 29.51 48.87 11.19
N LEU L 2 29.02 48.86 9.95
CA LEU L 2 29.93 48.87 8.79
C LEU L 2 30.64 50.21 8.64
N SER L 3 31.92 50.16 8.39
CA SER L 3 32.67 51.37 8.13
C SER L 3 32.19 51.94 6.80
N LYS L 4 32.40 53.22 6.60
CA LYS L 4 31.98 53.86 5.39
C LYS L 4 32.73 53.33 4.17
N THR L 5 34.01 53.02 4.32
CA THR L 5 34.78 52.57 3.17
C THR L 5 34.28 51.19 2.70
N ILE L 6 33.97 50.30 3.65
CA ILE L 6 33.47 48.98 3.34
C ILE L 6 32.04 49.10 2.76
N LEU L 7 31.20 49.89 3.40
CA LEU L 7 29.83 50.08 2.91
C LEU L 7 29.85 50.54 1.47
N ASP L 8 30.70 51.51 1.14
CA ASP L 8 30.68 52.06 -0.20
C ASP L 8 31.11 51.00 -1.20
N LYS L 9 32.04 50.15 -0.81
CA LYS L 9 32.46 49.10 -1.69
C LYS L 9 31.46 47.95 -1.84
N LEU L 10 30.73 47.63 -0.76
CA LEU L 10 29.73 46.60 -0.82
C LEU L 10 28.60 47.11 -1.73
N ASN L 11 28.19 48.35 -1.54
CA ASN L 11 27.19 48.94 -2.43
C ASN L 11 27.67 49.01 -3.86
N HIS L 12 28.96 49.23 -4.05
CA HIS L 12 29.48 49.23 -5.43
C HIS L 12 29.31 47.84 -6.03
N GLN L 13 29.55 46.83 -5.21
CA GLN L 13 29.44 45.46 -5.65
C GLN L 13 27.97 45.09 -5.92
N VAL L 14 27.05 45.53 -5.06
CA VAL L 14 25.63 45.37 -5.36
C VAL L 14 25.32 45.85 -6.76
N ASN L 15 25.78 47.05 -7.05
CA ASN L 15 25.54 47.66 -8.33
C ASN L 15 26.22 46.91 -9.46
N PHE L 16 27.41 46.43 -9.21
CA PHE L 16 28.16 45.67 -10.21
C PHE L 16 27.40 44.37 -10.56
N GLU L 17 26.90 43.66 -9.56
CA GLU L 17 26.21 42.40 -9.82
C GLU L 17 24.93 42.70 -10.57
N ALA L 18 24.24 43.77 -10.21
CA ALA L 18 23.08 44.19 -10.97
C ALA L 18 23.42 44.46 -12.44
N ALA L 19 24.52 45.12 -12.67
CA ALA L 19 24.94 45.44 -14.05
C ALA L 19 25.28 44.16 -14.80
N SER L 20 25.79 43.16 -14.08
CA SER L 20 26.12 41.91 -14.71
C SER L 20 24.87 41.20 -15.19
N ALA L 21 23.83 41.24 -14.39
CA ALA L 21 22.59 40.58 -14.79
C ALA L 21 22.08 41.22 -16.07
N HIS L 22 22.09 42.54 -16.11
CA HIS L 22 21.60 43.25 -17.27
C HIS L 22 22.48 42.98 -18.45
N LEU L 23 23.79 42.89 -18.22
CA LEU L 23 24.73 42.66 -19.30
C LEU L 23 24.43 41.29 -19.94
N TYR L 24 24.20 40.31 -19.10
CA TYR L 24 23.99 38.99 -19.59
C TYR L 24 22.62 38.84 -20.26
N LEU L 25 21.63 39.57 -19.77
CA LEU L 25 20.38 39.64 -20.50
C LEU L 25 20.59 40.18 -21.91
N GLN L 26 21.35 41.27 -22.01
CA GLN L 26 21.55 41.94 -23.28
C GLN L 26 22.31 41.06 -24.24
N MET L 27 23.27 40.31 -23.71
CA MET L 27 24.03 39.36 -24.53
C MET L 27 23.11 38.25 -25.03
N SER L 28 22.22 37.76 -24.16
CA SER L 28 21.23 36.77 -24.54
C SER L 28 20.41 37.23 -25.73
N ALA L 29 19.96 38.49 -25.68
CA ALA L 29 19.15 39.00 -26.76
C ALA L 29 19.90 39.03 -28.05
N TRP L 30 21.16 39.45 -28.00
CA TRP L 30 21.99 39.58 -29.22
C TRP L 30 22.23 38.19 -29.81
N LEU L 31 22.54 37.24 -28.94
CA LEU L 31 22.76 35.87 -29.38
C LEU L 31 21.54 35.29 -30.11
N LEU L 32 20.32 35.61 -29.66
CA LEU L 32 19.13 35.16 -30.36
C LEU L 32 19.09 35.69 -31.80
N THR L 33 19.52 36.92 -32.05
CA THR L 33 19.59 37.42 -33.45
C THR L 33 20.59 36.67 -34.32
N GLN L 34 21.55 35.96 -33.73
CA GLN L 34 22.51 35.10 -34.46
C GLN L 34 22.07 33.65 -34.56
N SER L 35 20.87 33.35 -34.07
CA SER L 35 20.39 31.97 -33.96
C SER L 35 21.22 31.06 -33.08
N LEU L 36 21.90 31.63 -32.11
CA LEU L 36 22.65 30.86 -31.12
C LEU L 36 21.79 30.64 -29.88
N ASP L 37 20.75 29.83 -30.04
CA ASP L 37 19.70 29.71 -29.04
C ASP L 37 20.15 29.13 -27.69
N SER L 38 21.02 28.13 -27.73
CA SER L 38 21.51 27.53 -26.50
C SER L 38 22.43 28.45 -25.73
N THR L 39 23.29 29.17 -26.43
CA THR L 39 24.14 30.16 -25.78
C THR L 39 23.25 31.25 -25.20
N ALA L 40 22.23 31.67 -25.93
CA ALA L 40 21.29 32.67 -25.43
C ALA L 40 20.64 32.21 -24.15
N ALA L 41 20.29 30.94 -24.09
CA ALA L 41 19.62 30.37 -22.91
C ALA L 41 20.55 30.33 -21.73
N PHE L 42 21.80 30.01 -22.01
CA PHE L 42 22.79 30.04 -20.97
C PHE L 42 22.92 31.44 -20.36
N PHE L 43 23.05 32.47 -21.21
CA PHE L 43 23.24 33.82 -20.69
C PHE L 43 21.97 34.31 -19.98
N ARG L 44 20.82 33.92 -20.49
CA ARG L 44 19.57 34.24 -19.77
C ARG L 44 19.50 33.63 -18.35
N ALA L 45 19.82 32.37 -18.24
CA ALA L 45 19.84 31.68 -16.92
C ALA L 45 20.90 32.28 -16.04
N HIS L 46 22.04 32.64 -16.61
CA HIS L 46 23.10 33.18 -15.80
C HIS L 46 22.80 34.60 -15.30
N ALA L 47 21.96 35.34 -16.02
CA ALA L 47 21.50 36.64 -15.52
C ALA L 47 20.77 36.44 -14.21
N GLU L 48 20.06 35.35 -14.09
CA GLU L 48 19.36 35.04 -12.85
C GLU L 48 20.34 34.71 -11.72
N GLU L 49 21.44 34.06 -12.04
CA GLU L 49 22.48 33.83 -11.02
C GLU L 49 23.07 35.14 -10.51
N GLU L 50 23.29 36.10 -11.40
CA GLU L 50 23.87 37.38 -11.01
C GLU L 50 22.91 38.15 -10.12
N LYS L 51 21.61 38.01 -10.34
CA LYS L 51 20.60 38.61 -9.47
C LYS L 51 20.65 38.02 -8.10
N ALA L 52 20.83 36.71 -7.98
CA ALA L 52 21.04 36.10 -6.68
C ALA L 52 22.33 36.60 -5.97
N HIS L 53 23.42 36.80 -6.71
CA HIS L 53 24.63 37.41 -6.12
C HIS L 53 24.33 38.81 -5.56
N MET L 54 23.59 39.59 -6.33
CA MET L 54 23.22 40.92 -5.93
C MET L 54 22.40 40.89 -4.64
N MET L 55 21.39 40.05 -4.59
CA MET L 55 20.46 40.03 -3.46
C MET L 55 21.14 39.59 -2.17
N LYS L 56 22.13 38.72 -2.28
CA LYS L 56 22.79 38.23 -1.10
C LYS L 56 23.66 39.33 -0.44
N LEU L 57 24.33 40.13 -1.27
CA LEU L 57 25.02 41.34 -0.82
C LEU L 57 24.05 42.35 -0.21
N PHE L 58 22.98 42.61 -0.95
CA PHE L 58 21.94 43.53 -0.56
C PHE L 58 21.41 43.16 0.83
N ASP L 59 21.14 41.89 1.04
CA ASP L 59 20.67 41.46 2.36
C ASP L 59 21.71 41.61 3.45
N TYR L 60 22.96 41.25 3.17
CA TYR L 60 23.99 41.38 4.18
C TYR L 60 24.05 42.84 4.63
N ILE L 61 24.12 43.75 3.68
CA ILE L 61 24.28 45.16 4.03
C ILE L 61 23.13 45.55 4.94
N ASN L 62 21.90 45.24 4.54
CA ASN L 62 20.74 45.61 5.32
C ASN L 62 20.72 44.98 6.70
N GLU L 63 21.14 43.72 6.80
CA GLU L 63 21.20 43.04 8.09
C GLU L 63 22.18 43.72 9.04
N THR L 64 23.28 44.29 8.53
CA THR L 64 24.23 45.00 9.40
C THR L 64 23.70 46.36 9.89
N GLY L 65 22.56 46.79 9.37
CA GLY L 65 21.95 48.03 9.81
C GLY L 65 22.21 49.21 8.89
N SER L 66 22.97 49.02 7.83
CA SER L 66 23.16 50.07 6.84
C SER L 66 22.13 49.90 5.71
N LEU L 67 22.11 50.88 4.81
CA LEU L 67 21.10 50.94 3.77
C LEU L 67 21.74 50.59 2.44
N ALA L 68 21.30 49.50 1.84
CA ALA L 68 21.88 49.06 0.57
C ALA L 68 21.36 49.93 -0.53
N LEU L 69 22.21 50.21 -1.50
CA LEU L 69 21.88 51.12 -2.57
C LEU L 69 22.13 50.46 -3.90
N ILE L 70 21.13 50.54 -4.78
CA ILE L 70 21.22 49.90 -6.07
C ILE L 70 22.06 50.75 -7.02
N GLY L 71 21.81 52.05 -7.02
CA GLY L 71 22.53 52.96 -7.91
C GLY L 71 22.08 52.93 -9.36
N GLU L 72 22.94 53.45 -10.23
CA GLU L 72 22.68 53.53 -11.66
C GLU L 72 23.29 52.35 -12.35
N VAL L 73 22.56 51.73 -13.25
CA VAL L 73 23.07 50.62 -14.00
C VAL L 73 22.88 50.97 -15.46
N ALA L 74 23.96 51.05 -16.23
CA ALA L 74 23.81 51.41 -17.66
C ALA L 74 24.32 50.29 -18.52
N THR L 75 23.48 49.77 -19.40
CA THR L 75 23.87 48.65 -20.24
C THR L 75 24.01 49.16 -21.65
N PRO L 76 25.25 49.17 -22.17
CA PRO L 76 25.42 49.57 -23.59
C PRO L 76 24.70 48.63 -24.55
N ALA L 77 24.22 49.20 -25.66
CA ALA L 77 23.63 48.41 -26.74
C ALA L 77 24.68 47.40 -27.23
N PRO L 78 24.24 46.32 -27.88
CA PRO L 78 25.18 45.28 -28.31
C PRO L 78 26.13 45.71 -29.41
N GLU L 79 27.40 45.88 -29.07
CA GLU L 79 28.40 46.19 -30.07
C GLU L 79 28.87 44.92 -30.85
N TRP L 80 28.70 43.72 -30.28
CA TRP L 80 29.53 42.55 -30.60
C TRP L 80 29.48 42.15 -32.07
N LYS L 81 30.64 41.94 -32.65
CA LYS L 81 30.80 41.59 -34.07
C LYS L 81 30.76 40.05 -34.26
N SER L 82 31.11 39.28 -33.23
CA SER L 82 30.97 37.83 -33.28
C SER L 82 30.70 37.26 -31.90
N HIS L 83 30.31 35.99 -31.85
CA HIS L 83 30.11 35.35 -30.56
C HIS L 83 31.39 35.28 -29.74
N ILE L 84 32.54 35.21 -30.40
CA ILE L 84 33.82 35.12 -29.67
C ILE L 84 34.13 36.44 -29.01
N GLU L 85 33.86 37.54 -29.69
CA GLU L 85 34.05 38.86 -29.09
C GLU L 85 33.15 39.00 -27.84
N LEU L 86 31.92 38.49 -27.91
CA LEU L 86 31.00 38.51 -26.77
C LEU L 86 31.50 37.65 -25.62
N LEU L 87 31.96 36.43 -25.92
CA LEU L 87 32.51 35.55 -24.86
C LEU L 87 33.77 36.12 -24.20
N GLU L 88 34.61 36.81 -24.98
CA GLU L 88 35.74 37.53 -24.44
C GLU L 88 35.25 38.59 -23.47
N ALA L 89 34.23 39.35 -23.86
CA ALA L 89 33.70 40.42 -23.01
C ALA L 89 33.11 39.84 -21.72
N ALA L 90 32.42 38.71 -21.82
CA ALA L 90 31.90 38.05 -20.66
C ALA L 90 32.98 37.57 -19.73
N TYR L 91 33.98 36.87 -20.27
CA TYR L 91 35.10 36.42 -19.44
C TYR L 91 35.78 37.61 -18.75
N ASN L 92 36.08 38.67 -19.50
CA ASN L 92 36.81 39.81 -18.91
C ASN L 92 35.98 40.46 -17.82
N HIS L 93 34.69 40.51 -18.05
CA HIS L 93 33.75 41.04 -17.09
C HIS L 93 33.75 40.21 -15.80
N GLU L 94 33.76 38.89 -15.93
CA GLU L 94 33.94 38.06 -14.76
C GLU L 94 35.30 38.27 -14.07
N LEU L 95 36.36 38.48 -14.84
CA LEU L 95 37.67 38.77 -14.22
C LEU L 95 37.60 40.03 -13.39
N ALA L 96 36.90 41.02 -13.91
CA ALA L 96 36.78 42.32 -13.25
C ALA L 96 35.94 42.19 -11.97
N ILE L 97 34.95 41.30 -12.00
CA ILE L 97 34.17 41.02 -10.81
C ILE L 97 35.06 40.37 -9.77
N THR L 98 35.84 39.38 -10.19
CA THR L 98 36.79 38.78 -9.27
C THR L 98 37.76 39.80 -8.66
N GLN L 99 38.26 40.73 -9.49
CA GLN L 99 39.16 41.79 -9.00
C GLN L 99 38.46 42.57 -7.91
N SER L 100 37.22 42.96 -8.18
CA SER L 100 36.46 43.78 -7.27
C SER L 100 36.18 43.06 -5.94
N ILE L 101 35.91 41.75 -6.02
CA ILE L 101 35.72 40.95 -4.83
C ILE L 101 37.03 40.87 -4.05
N ASN L 102 38.13 40.62 -4.76
CA ASN L 102 39.44 40.55 -4.08
C ASN L 102 39.83 41.83 -3.40
N ASP L 103 39.56 42.96 -4.02
CA ASP L 103 39.81 44.24 -3.40
C ASP L 103 38.99 44.37 -2.14
N LEU L 104 37.73 43.96 -2.22
CA LEU L 104 36.81 44.04 -1.08
C LEU L 104 37.27 43.14 0.06
N VAL L 105 37.75 41.94 -0.27
CA VAL L 105 38.26 41.01 0.75
C VAL L 105 39.47 41.59 1.43
N ASP L 106 40.40 42.07 0.61
CA ASP L 106 41.62 42.66 1.08
C ASP L 106 41.33 43.84 1.99
N THR L 107 40.39 44.71 1.63
CA THR L 107 40.12 45.85 2.48
C THR L 107 39.40 45.46 3.76
N ALA L 108 38.60 44.40 3.74
CA ALA L 108 38.01 43.91 5.01
C ALA L 108 39.09 43.39 5.95
N LEU L 109 40.06 42.70 5.39
CA LEU L 109 41.13 42.12 6.17
C LEU L 109 41.96 43.25 6.81
N ARG L 110 42.24 44.26 6.01
CA ARG L 110 43.06 45.41 6.41
C ARG L 110 42.38 46.19 7.54
N GLU L 111 41.05 46.38 7.46
CA GLU L 111 40.31 47.04 8.55
C GLU L 111 39.92 46.12 9.68
N LYS L 112 40.35 44.87 9.62
CA LYS L 112 39.93 43.88 10.60
C LYS L 112 38.42 43.77 10.76
N ASP L 113 37.68 43.95 9.66
CA ASP L 113 36.27 43.63 9.58
C ASP L 113 36.13 42.16 9.21
N TYR L 114 36.31 41.31 10.21
CA TYR L 114 36.35 39.87 9.99
C TYR L 114 34.97 39.31 9.59
N SER L 115 33.92 40.00 10.02
CA SER L 115 32.59 39.63 9.64
C SER L 115 32.36 39.75 8.11
N THR L 116 32.75 40.87 7.53
CA THR L 116 32.62 41.04 6.09
C THR L 116 33.60 40.14 5.36
N PHE L 117 34.78 39.93 5.94
CA PHE L 117 35.72 39.00 5.37
C PHE L 117 35.10 37.63 5.22
N GLN L 118 34.42 37.13 6.27
CA GLN L 118 33.95 35.76 6.18
C GLN L 118 32.74 35.69 5.29
N PHE L 119 31.91 36.73 5.31
CA PHE L 119 30.77 36.78 4.40
C PHE L 119 31.22 36.69 2.94
N LEU L 120 32.35 37.33 2.62
CA LEU L 120 32.79 37.38 1.24
C LEU L 120 33.42 36.08 0.72
N GLN L 121 33.74 35.14 1.60
CA GLN L 121 34.36 33.89 1.14
C GLN L 121 33.45 33.11 0.18
N TRP L 122 32.15 33.18 0.41
CA TRP L 122 31.23 32.64 -0.54
C TRP L 122 31.50 33.16 -1.96
N TYR L 123 31.68 34.49 -2.10
CA TYR L 123 31.93 35.11 -3.39
C TYR L 123 33.29 34.75 -3.98
N VAL L 124 34.30 34.63 -3.13
CA VAL L 124 35.59 34.20 -3.61
C VAL L 124 35.47 32.80 -4.24
N ALA L 125 34.79 31.89 -3.55
CA ALA L 125 34.54 30.53 -4.08
C ALA L 125 33.69 30.55 -5.35
N GLU L 126 32.64 31.38 -5.37
CA GLU L 126 31.76 31.44 -6.52
C GLU L 126 32.50 31.97 -7.73
N GLN L 127 33.41 32.92 -7.53
CA GLN L 127 34.09 33.51 -8.67
C GLN L 127 35.10 32.55 -9.27
N HIS L 128 35.63 31.63 -8.46
CA HIS L 128 36.42 30.55 -9.02
C HIS L 128 35.59 29.70 -9.99
N GLU L 129 34.36 29.37 -9.61
CA GLU L 129 33.46 28.60 -10.46
C GLU L 129 33.13 29.40 -11.71
N GLU L 130 32.93 30.71 -11.57
CA GLU L 130 32.53 31.55 -12.70
C GLU L 130 33.65 31.66 -13.72
N GLU L 131 34.86 31.89 -13.25
CA GLU L 131 35.98 31.98 -14.15
C GLU L 131 36.20 30.66 -14.88
N TYR L 132 36.01 29.55 -14.19
CA TYR L 132 36.18 28.24 -14.82
C TYR L 132 35.16 28.04 -15.93
N LEU L 133 33.92 28.37 -15.61
CA LEU L 133 32.83 28.27 -16.56
C LEU L 133 33.07 29.11 -17.81
N PHE L 134 33.36 30.40 -17.63
CA PHE L 134 33.47 31.33 -18.76
C PHE L 134 34.76 31.18 -19.53
N SER L 135 35.85 30.88 -18.86
CA SER L 135 37.12 30.64 -19.56
C SER L 135 37.02 29.41 -20.42
N SER L 136 36.38 28.40 -19.88
CA SER L 136 36.24 27.15 -20.57
C SER L 136 35.35 27.31 -21.81
N MET L 137 34.27 28.07 -21.69
CA MET L 137 33.37 28.27 -22.82
C MET L 137 34.06 29.07 -23.95
N LEU L 138 34.87 30.05 -23.57
CA LEU L 138 35.65 30.83 -24.52
C LEU L 138 36.67 29.95 -25.23
N HIS L 139 37.38 29.13 -24.46
CA HIS L 139 38.46 28.29 -24.95
CA HIS L 139 38.43 28.29 -25.02
C HIS L 139 37.84 27.37 -26.04
N LYS L 140 36.70 26.78 -25.73
CA LYS L 140 36.02 25.91 -26.68
C LYS L 140 35.56 26.66 -27.92
N ALA L 141 35.10 27.89 -27.74
CA ALA L 141 34.63 28.66 -28.88
C ALA L 141 35.76 28.95 -29.85
N ARG L 142 36.94 29.27 -29.31
CA ARG L 142 38.14 29.47 -30.14
C ARG L 142 38.60 28.21 -30.88
N ILE L 143 38.57 27.08 -30.19
CA ILE L 143 38.92 25.80 -30.79
C ILE L 143 37.95 25.44 -31.89
N ILE L 144 36.66 25.56 -31.61
CA ILE L 144 35.62 25.19 -32.57
C ILE L 144 35.58 26.10 -33.78
N ASN L 145 36.17 27.27 -33.65
CA ASN L 145 36.33 28.19 -34.77
C ASN L 145 37.35 27.78 -35.85
N THR L 146 38.14 26.73 -35.58
CA THR L 146 39.17 26.18 -36.50
C THR L 146 38.76 24.79 -36.94
N MET L 147 39.16 24.41 -38.15
CA MET L 147 38.85 23.06 -38.62
C MET L 147 39.54 21.95 -37.84
N ASP L 148 40.81 22.17 -37.50
CA ASP L 148 41.55 21.22 -36.64
C ASP L 148 40.84 21.00 -35.31
N GLY L 149 40.35 22.11 -34.73
CA GLY L 149 39.57 22.09 -33.51
C GLY L 149 38.27 21.33 -33.62
N ARG L 150 37.52 21.54 -34.68
CA ARG L 150 36.28 20.78 -34.85
C ARG L 150 36.56 19.27 -34.96
N ALA L 151 37.69 18.89 -35.52
CA ALA L 151 38.08 17.49 -35.55
C ALA L 151 38.40 16.91 -34.17
N LEU L 152 39.11 17.67 -33.34
CA LEU L 152 39.35 17.27 -31.95
C LEU L 152 38.04 17.02 -31.21
N PHE L 153 37.11 17.95 -31.34
CA PHE L 153 35.85 17.83 -30.65
C PHE L 153 35.03 16.66 -31.16
N ARG L 154 35.22 16.28 -32.42
CA ARG L 154 34.48 15.16 -32.98
C ARG L 154 34.98 13.88 -32.34
N PHE L 155 36.29 13.80 -32.11
CA PHE L 155 36.84 12.68 -31.36
C PHE L 155 36.33 12.65 -29.91
N ASP L 156 36.37 13.80 -29.23
CA ASP L 156 35.93 13.89 -27.85
C ASP L 156 34.48 13.47 -27.72
N GLU L 157 33.65 13.81 -28.70
CA GLU L 157 32.25 13.42 -28.67
C GLU L 157 32.08 11.92 -28.89
N GLU L 158 32.95 11.34 -29.72
CA GLU L 158 32.97 9.90 -29.90
C GLU L 158 33.31 9.18 -28.60
N VAL L 159 34.23 9.74 -27.84
CA VAL L 159 34.52 9.17 -26.54
C VAL L 159 33.31 9.32 -25.61
N ARG L 160 32.64 10.46 -25.60
CA ARG L 160 31.46 10.63 -24.73
C ARG L 160 30.38 9.59 -25.00
N LYS L 161 30.13 9.27 -26.28
CA LYS L 161 29.16 8.23 -26.67
C LYS L 161 29.70 6.80 -26.46
N SER L 162 30.89 6.49 -26.99
CA SER L 162 31.46 5.13 -26.87
C SER L 162 31.84 4.70 -25.42
N VAL L 163 32.42 5.58 -24.58
CA VAL L 163 32.93 5.18 -23.23
C VAL L 163 32.81 6.28 -22.11
N MET M 1 -9.88 1.83 55.83
CA MET M 1 -11.19 2.44 56.22
C MET M 1 -11.06 3.85 56.86
N LEU M 2 -11.77 4.77 56.24
CA LEU M 2 -11.54 6.18 56.49
C LEU M 2 -12.03 6.63 57.85
N SER M 3 -11.23 7.40 58.54
CA SER M 3 -11.65 7.98 59.79
C SER M 3 -12.74 8.98 59.51
N LYS M 4 -13.54 9.27 60.51
CA LYS M 4 -14.64 10.22 60.33
C LYS M 4 -14.13 11.62 60.04
N THR M 5 -13.03 12.03 60.66
CA THR M 5 -12.52 13.40 60.45
C THR M 5 -12.04 13.58 59.01
N ILE M 6 -11.38 12.57 58.47
CA ILE M 6 -10.89 12.63 57.08
C ILE M 6 -12.08 12.56 56.10
N LEU M 7 -13.00 11.63 56.34
CA LEU M 7 -14.17 11.49 55.50
C LEU M 7 -14.88 12.81 55.40
N ASP M 8 -15.08 13.49 56.51
CA ASP M 8 -15.86 14.70 56.49
C ASP M 8 -15.17 15.74 55.68
N LYS M 9 -13.84 15.76 55.74
CA LYS M 9 -13.07 16.74 54.98
C LYS M 9 -12.96 16.45 53.52
N LEU M 10 -12.91 15.16 53.18
CA LEU M 10 -12.93 14.76 51.79
C LEU M 10 -14.28 15.10 51.16
N ASN M 11 -15.36 14.82 51.87
CA ASN M 11 -16.70 15.21 51.42
C ASN M 11 -16.88 16.70 51.35
N HIS M 12 -16.25 17.44 52.24
CA HIS M 12 -16.28 18.88 52.14
C HIS M 12 -15.58 19.33 50.84
N GLN M 13 -14.48 18.67 50.51
CA GLN M 13 -13.73 18.98 49.31
C GLN M 13 -14.51 18.59 48.05
N VAL M 14 -15.17 17.44 48.07
CA VAL M 14 -16.06 17.09 46.95
C VAL M 14 -17.04 18.24 46.69
N ASN M 15 -17.69 18.69 47.74
CA ASN M 15 -18.64 19.77 47.65
C ASN M 15 -17.99 21.10 47.18
N PHE M 16 -16.77 21.36 47.63
CA PHE M 16 -16.03 22.57 47.25
C PHE M 16 -15.69 22.56 45.75
N GLU M 17 -15.24 21.41 45.23
CA GLU M 17 -14.92 21.32 43.82
C GLU M 17 -16.23 21.50 43.01
N ALA M 18 -17.33 20.87 43.44
CA ALA M 18 -18.60 21.05 42.76
C ALA M 18 -19.00 22.54 42.72
N ALA M 19 -18.82 23.23 43.84
CA ALA M 19 -19.15 24.64 43.90
C ALA M 19 -18.24 25.45 42.95
N SER M 20 -17.01 25.00 42.77
CA SER M 20 -16.10 25.70 41.85
C SER M 20 -16.58 25.58 40.43
N ALA M 21 -17.01 24.39 40.05
CA ALA M 21 -17.51 24.20 38.71
C ALA M 21 -18.67 25.17 38.42
N HIS M 22 -19.61 25.24 39.35
CA HIS M 22 -20.77 26.08 39.19
C HIS M 22 -20.37 27.53 39.20
N LEU M 23 -19.41 27.88 40.07
CA LEU M 23 -18.92 29.27 40.08
C LEU M 23 -18.34 29.67 38.71
N TYR M 24 -17.56 28.79 38.11
CA TYR M 24 -16.91 29.13 36.88
C TYR M 24 -17.89 29.16 35.73
N LEU M 25 -18.88 28.30 35.76
CA LEU M 25 -19.97 28.38 34.79
C LEU M 25 -20.63 29.73 34.89
N GLN M 26 -20.95 30.15 36.11
CA GLN M 26 -21.64 31.42 36.31
C GLN M 26 -20.79 32.60 35.82
N MET M 27 -19.48 32.53 36.07
CA MET M 27 -18.57 33.56 35.61
C MET M 27 -18.58 33.60 34.10
N SER M 28 -18.58 32.42 33.49
CA SER M 28 -18.61 32.33 32.03
C SER M 28 -19.81 33.07 31.48
N ALA M 29 -20.97 32.85 32.08
CA ALA M 29 -22.20 33.46 31.61
C ALA M 29 -22.13 34.96 31.72
N TRP M 30 -21.58 35.46 32.82
CA TRP M 30 -21.44 36.90 33.00
C TRP M 30 -20.51 37.50 31.93
N LEU M 31 -19.38 36.83 31.72
CA LEU M 31 -18.39 37.31 30.76
C LEU M 31 -18.96 37.42 29.36
N LEU M 32 -19.86 36.51 28.98
CA LEU M 32 -20.52 36.62 27.69
C LEU M 32 -21.37 37.88 27.60
N THR M 33 -22.00 38.32 28.67
CA THR M 33 -22.72 39.63 28.63
C THR M 33 -21.80 40.85 28.44
N GLN M 34 -20.50 40.70 28.72
CA GLN M 34 -19.49 41.76 28.47
C GLN M 34 -18.80 41.59 27.13
N SER M 35 -19.22 40.61 26.33
CA SER M 35 -18.56 40.26 25.05
C SER M 35 -17.10 39.82 25.19
N LEU M 36 -16.75 39.29 26.36
CA LEU M 36 -15.46 38.73 26.58
C LEU M 36 -15.52 37.23 26.29
N ASP M 37 -15.68 36.90 25.02
CA ASP M 37 -15.97 35.54 24.57
C ASP M 37 -14.86 34.49 24.84
N SER M 38 -13.60 34.88 24.69
CA SER M 38 -12.51 33.99 24.98
C SER M 38 -12.32 33.72 26.46
N THR M 39 -12.46 34.76 27.28
CA THR M 39 -12.40 34.55 28.73
C THR M 39 -13.61 33.69 29.18
N ALA M 40 -14.78 33.92 28.59
CA ALA M 40 -15.92 33.07 28.86
C ALA M 40 -15.64 31.61 28.55
N ALA M 41 -14.96 31.39 27.45
CA ALA M 41 -14.66 30.02 26.97
C ALA M 41 -13.68 29.35 27.90
N PHE M 42 -12.73 30.14 28.36
CA PHE M 42 -11.78 29.64 29.33
C PHE M 42 -12.48 29.18 30.61
N PHE M 43 -13.40 29.99 31.13
CA PHE M 43 -14.09 29.60 32.36
C PHE M 43 -15.01 28.45 32.15
N ARG M 44 -15.66 28.39 31.00
CA ARG M 44 -16.48 27.25 30.68
C ARG M 44 -15.67 25.94 30.68
N ALA M 45 -14.54 25.96 30.02
CA ALA M 45 -13.67 24.78 29.94
C ALA M 45 -13.15 24.43 31.29
N HIS M 46 -12.85 25.45 32.09
CA HIS M 46 -12.30 25.17 33.40
C HIS M 46 -13.34 24.63 34.38
N ALA M 47 -14.60 24.94 34.17
CA ALA M 47 -15.64 24.32 34.96
C ALA M 47 -15.58 22.83 34.76
N GLU M 48 -15.27 22.38 33.56
CA GLU M 48 -15.17 20.96 33.28
C GLU M 48 -13.96 20.34 33.99
N GLU M 49 -12.88 21.08 34.12
CA GLU M 49 -11.76 20.62 34.94
C GLU M 49 -12.16 20.45 36.43
N GLU M 50 -12.95 21.36 36.98
CA GLU M 50 -13.34 21.28 38.38
C GLU M 50 -14.27 20.10 38.60
N LYS M 51 -15.10 19.78 37.61
CA LYS M 51 -15.96 18.62 37.67
C LYS M 51 -15.06 17.34 37.73
N ALA M 52 -13.99 17.28 36.95
CA ALA M 52 -13.06 16.15 37.05
C ALA M 52 -12.40 16.05 38.43
N HIS M 53 -12.05 17.19 39.02
CA HIS M 53 -11.46 17.17 40.37
C HIS M 53 -12.45 16.58 41.35
N MET M 54 -13.71 16.98 41.22
CA MET M 54 -14.75 16.50 42.06
C MET M 54 -14.87 15.00 41.94
N MET M 55 -14.93 14.50 40.72
CA MET M 55 -15.20 13.07 40.49
C MET M 55 -14.10 12.18 40.98
N LYS M 56 -12.88 12.68 40.93
CA LYS M 56 -11.75 11.90 41.35
C LYS M 56 -11.74 11.70 42.89
N LEU M 57 -12.09 12.74 43.63
CA LEU M 57 -12.37 12.65 45.09
C LEU M 57 -13.52 11.71 45.41
N PHE M 58 -14.63 11.94 44.70
CA PHE M 58 -15.84 11.15 44.82
C PHE M 58 -15.51 9.67 44.67
N ASP M 59 -14.76 9.33 43.65
CA ASP M 59 -14.39 7.93 43.45
C ASP M 59 -13.50 7.39 44.54
N TYR M 60 -12.51 8.17 44.98
CA TYR M 60 -11.58 7.69 46.01
C TYR M 60 -12.38 7.36 47.27
N ILE M 61 -13.25 8.28 47.67
CA ILE M 61 -14.07 8.04 48.83
C ILE M 61 -14.86 6.73 48.70
N ASN M 62 -15.57 6.56 47.59
CA ASN M 62 -16.36 5.35 47.38
C ASN M 62 -15.50 4.09 47.37
N GLU M 63 -14.32 4.15 46.75
CA GLU M 63 -13.43 3.00 46.67
C GLU M 63 -12.99 2.57 48.05
N THR M 64 -12.85 3.50 48.99
CA THR M 64 -12.45 3.14 50.36
C THR M 64 -13.56 2.49 51.16
N GLY M 65 -14.77 2.45 50.60
CA GLY M 65 -15.91 1.84 51.26
C GLY M 65 -16.82 2.80 51.99
N SER M 66 -16.50 4.09 52.01
CA SER M 66 -17.41 5.10 52.55
C SER M 66 -18.29 5.67 51.45
N LEU M 67 -19.24 6.50 51.85
CA LEU M 67 -20.23 7.02 50.96
C LEU M 67 -19.95 8.48 50.71
N ALA M 68 -19.68 8.81 49.46
CA ALA M 68 -19.37 10.19 49.12
C ALA M 68 -20.66 10.97 49.12
N LEU M 69 -20.57 12.24 49.52
CA LEU M 69 -21.75 13.09 49.62
C LEU M 69 -21.50 14.37 48.87
N ILE M 70 -22.45 14.75 48.03
CA ILE M 70 -22.32 15.95 47.23
C ILE M 70 -22.67 17.18 48.05
N GLY M 71 -23.74 17.10 48.84
CA GLY M 71 -24.19 18.22 49.66
C GLY M 71 -24.88 19.34 48.91
N GLU M 72 -24.92 20.53 49.52
CA GLU M 72 -25.58 21.69 48.97
C GLU M 72 -24.54 22.55 48.31
N VAL M 73 -24.86 23.07 47.14
CA VAL M 73 -23.96 23.93 46.40
C VAL M 73 -24.74 25.18 46.05
N ALA M 74 -24.32 26.34 46.53
CA ALA M 74 -25.09 27.54 46.27
C ALA M 74 -24.23 28.52 45.50
N THR M 75 -24.70 28.95 44.34
CA THR M 75 -23.92 29.86 43.51
C THR M 75 -24.59 31.21 43.46
N PRO M 76 -23.91 32.24 44.01
CA PRO M 76 -24.55 33.56 44.03
C PRO M 76 -24.63 34.09 42.60
N ALA M 77 -25.68 34.89 42.34
CA ALA M 77 -25.83 35.60 41.07
C ALA M 77 -24.60 36.49 40.86
N PRO M 78 -24.35 36.90 39.64
CA PRO M 78 -23.12 37.63 39.38
C PRO M 78 -23.12 39.03 39.92
N GLU M 79 -22.32 39.28 40.95
CA GLU M 79 -22.15 40.63 41.46
C GLU M 79 -21.18 41.50 40.58
N TRP M 80 -20.29 40.88 39.80
CA TRP M 80 -19.03 41.53 39.40
C TRP M 80 -19.24 42.81 38.64
N LYS M 81 -18.47 43.83 39.02
CA LYS M 81 -18.52 45.15 38.40
C LYS M 81 -17.53 45.26 37.22
N SER M 82 -16.44 44.47 37.23
CA SER M 82 -15.52 44.43 36.08
C SER M 82 -14.89 43.06 35.95
N HIS M 83 -14.27 42.82 34.81
CA HIS M 83 -13.57 41.57 34.63
C HIS M 83 -12.42 41.38 35.62
N ILE M 84 -11.81 42.48 36.05
CA ILE M 84 -10.71 42.37 37.03
C ILE M 84 -11.23 41.93 38.40
N GLU M 85 -12.39 42.43 38.79
CA GLU M 85 -13.01 42.00 40.04
C GLU M 85 -13.32 40.49 39.98
N LEU M 86 -13.77 40.02 38.82
CA LEU M 86 -14.08 38.59 38.63
C LEU M 86 -12.82 37.75 38.70
N LEU M 87 -11.76 38.20 38.05
CA LEU M 87 -10.49 37.48 38.10
C LEU M 87 -9.88 37.43 39.52
N GLU M 88 -10.03 38.51 40.28
CA GLU M 88 -9.60 38.55 41.69
C GLU M 88 -10.37 37.50 42.49
N ALA M 89 -11.68 37.42 42.24
CA ALA M 89 -12.53 36.41 42.92
C ALA M 89 -12.11 35.00 42.57
N ALA M 90 -11.82 34.77 41.30
CA ALA M 90 -11.37 33.47 40.87
C ALA M 90 -10.08 33.12 41.53
N TYR M 91 -9.13 34.05 41.51
CA TYR M 91 -7.81 33.75 42.12
C TYR M 91 -7.94 33.45 43.60
N ASN M 92 -8.71 34.27 44.32
CA ASN M 92 -8.87 34.05 45.77
C ASN M 92 -9.57 32.75 46.05
N HIS M 93 -10.55 32.39 45.19
CA HIS M 93 -11.22 31.13 45.29
C HIS M 93 -10.21 29.99 45.13
N GLU M 94 -9.31 30.08 44.15
CA GLU M 94 -8.30 29.03 43.97
C GLU M 94 -7.32 28.99 45.16
N LEU M 95 -6.98 30.16 45.74
CA LEU M 95 -6.17 30.15 47.00
C LEU M 95 -6.87 29.44 48.15
N ALA M 96 -8.18 29.61 48.25
CA ALA M 96 -8.96 28.95 49.30
C ALA M 96 -9.03 27.45 49.05
N ILE M 97 -9.08 27.03 47.78
CA ILE M 97 -9.06 25.61 47.48
C ILE M 97 -7.74 25.03 47.90
N THR M 98 -6.66 25.72 47.56
CA THR M 98 -5.34 25.25 47.97
C THR M 98 -5.25 25.13 49.48
N GLN M 99 -5.78 26.12 50.21
CA GLN M 99 -5.78 26.06 51.66
C GLN M 99 -6.47 24.81 52.15
N SER M 100 -7.63 24.55 51.60
CA SER M 100 -8.42 23.40 51.97
C SER M 100 -7.71 22.06 51.69
N ILE M 101 -7.01 21.98 50.55
CA ILE M 101 -6.24 20.80 50.22
C ILE M 101 -5.07 20.65 51.19
N ASN M 102 -4.37 21.74 51.46
CA ASN M 102 -3.28 21.70 52.44
C ASN M 102 -3.73 21.25 53.80
N ASP M 103 -4.87 21.74 54.27
CA ASP M 103 -5.40 21.29 55.55
C ASP M 103 -5.64 19.80 55.50
N LEU M 104 -6.20 19.34 54.41
CA LEU M 104 -6.54 17.94 54.26
C LEU M 104 -5.28 17.09 54.25
N VAL M 105 -4.26 17.54 53.57
CA VAL M 105 -2.99 16.82 53.53
C VAL M 105 -2.38 16.74 54.93
N ASP M 106 -2.34 17.87 55.58
CA ASP M 106 -1.80 17.98 56.92
C ASP M 106 -2.53 17.04 57.86
N THR M 107 -3.85 16.99 57.78
CA THR M 107 -4.57 16.12 58.71
C THR M 107 -4.38 14.65 58.37
N ALA M 108 -4.21 14.31 57.11
CA ALA M 108 -3.88 12.90 56.76
C ALA M 108 -2.52 12.47 57.31
N LEU M 109 -1.56 13.38 57.26
CA LEU M 109 -0.21 13.13 57.76
C LEU M 109 -0.25 12.95 59.28
N ARG M 110 -0.98 13.85 59.96
CA ARG M 110 -1.13 13.83 61.39
C ARG M 110 -1.79 12.51 61.86
N GLU M 111 -2.81 12.01 61.16
CA GLU M 111 -3.46 10.74 61.52
C GLU M 111 -2.74 9.52 60.97
N LYS M 112 -1.60 9.72 60.33
CA LYS M 112 -0.91 8.63 59.63
C LYS M 112 -1.82 7.85 58.67
N ASP M 113 -2.76 8.56 58.01
CA ASP M 113 -3.50 8.01 56.86
C ASP M 113 -2.70 8.24 55.59
N TYR M 114 -1.71 7.40 55.39
CA TYR M 114 -0.75 7.60 54.34
C TYR M 114 -1.40 7.41 52.98
N SER M 115 -2.43 6.59 52.95
CA SER M 115 -3.17 6.34 51.71
C SER M 115 -3.87 7.59 51.18
N THR M 116 -4.56 8.30 52.05
CA THR M 116 -5.12 9.55 51.68
C THR M 116 -4.04 10.60 51.40
N PHE M 117 -2.96 10.58 52.16
CA PHE M 117 -1.88 11.52 51.93
C PHE M 117 -1.36 11.36 50.50
N GLN M 118 -1.13 10.12 50.05
CA GLN M 118 -0.54 9.98 48.72
C GLN M 118 -1.57 10.26 47.64
N PHE M 119 -2.82 9.91 47.87
CA PHE M 119 -3.87 10.27 46.95
C PHE M 119 -3.93 11.78 46.73
N LEU M 120 -3.75 12.55 47.78
CA LEU M 120 -3.91 13.98 47.66
C LEU M 120 -2.75 14.70 46.97
N GLN M 121 -1.63 14.03 46.74
CA GLN M 121 -0.49 14.69 46.11
C GLN M 121 -0.82 15.17 44.72
N TRP M 122 -1.65 14.40 44.01
CA TRP M 122 -2.16 14.84 42.73
C TRP M 122 -2.77 16.26 42.85
N TYR M 123 -3.57 16.50 43.88
CA TYR M 123 -4.22 17.81 44.07
C TYR M 123 -3.25 18.88 44.46
N VAL M 124 -2.24 18.51 45.23
CA VAL M 124 -1.26 19.50 45.62
C VAL M 124 -0.57 20.01 44.37
N ALA M 125 -0.20 19.08 43.50
CA ALA M 125 0.43 19.43 42.23
C ALA M 125 -0.51 20.21 41.33
N GLU M 126 -1.75 19.76 41.24
CA GLU M 126 -2.71 20.46 40.40
C GLU M 126 -2.94 21.88 40.88
N GLN M 127 -2.95 22.11 42.19
CA GLN M 127 -3.26 23.46 42.69
C GLN M 127 -2.11 24.42 42.46
N HIS M 128 -0.90 23.89 42.38
CA HIS M 128 0.21 24.71 41.94
C HIS M 128 -0.04 25.22 40.52
N GLU M 129 -0.48 24.34 39.63
CA GLU M 129 -0.77 24.71 38.23
C GLU M 129 -1.93 25.70 38.21
N GLU M 130 -2.94 25.50 39.06
CA GLU M 130 -4.11 26.38 39.09
C GLU M 130 -3.76 27.78 39.56
N GLU M 131 -2.98 27.88 40.62
CA GLU M 131 -2.56 29.18 41.09
C GLU M 131 -1.71 29.92 40.06
N TYR M 132 -0.85 29.18 39.38
CA TYR M 132 -0.03 29.79 38.34
C TYR M 132 -0.92 30.36 37.22
N LEU M 133 -1.85 29.55 36.76
CA LEU M 133 -2.76 29.92 35.71
C LEU M 133 -3.59 31.17 36.06
N PHE M 134 -4.24 31.15 37.21
CA PHE M 134 -5.13 32.23 37.59
C PHE M 134 -4.39 33.48 38.05
N SER M 135 -3.26 33.35 38.74
CA SER M 135 -2.50 34.54 39.15
C SER M 135 -1.97 35.23 37.89
N SER M 136 -1.54 34.42 36.94
CA SER M 136 -0.94 34.96 35.74
C SER M 136 -1.99 35.68 34.91
N MET M 137 -3.19 35.15 34.84
CA MET M 137 -4.24 35.78 34.08
C MET M 137 -4.65 37.10 34.72
N LEU M 138 -4.72 37.14 36.04
CA LEU M 138 -5.04 38.36 36.77
C LEU M 138 -3.96 39.40 36.52
N HIS M 139 -2.69 38.98 36.62
CA HIS M 139 -1.54 39.88 36.52
CA HIS M 139 -1.60 39.93 36.47
C HIS M 139 -1.63 40.56 35.13
N LYS M 140 -1.89 39.77 34.10
CA LYS M 140 -2.00 40.32 32.74
C LYS M 140 -3.18 41.26 32.61
N ALA M 141 -4.28 40.96 33.27
CA ALA M 141 -5.46 41.80 33.15
C ALA M 141 -5.15 43.16 33.72
N ARG M 142 -4.43 43.21 34.83
CA ARG M 142 -4.04 44.49 35.48
C ARG M 142 -3.08 45.30 34.63
N ILE M 143 -2.12 44.62 34.03
CA ILE M 143 -1.19 45.27 33.12
C ILE M 143 -1.96 45.82 31.92
N ILE M 144 -2.80 45.01 31.30
CA ILE M 144 -3.47 45.37 30.04
C ILE M 144 -4.48 46.49 30.29
N ASN M 145 -4.85 46.69 31.54
CA ASN M 145 -5.71 47.80 31.93
C ASN M 145 -5.06 49.18 31.88
N THR M 146 -3.74 49.23 31.66
CA THR M 146 -2.93 50.46 31.59
C THR M 146 -2.35 50.64 30.21
N MET M 147 -2.17 51.87 29.78
CA MET M 147 -1.61 52.09 28.45
C MET M 147 -0.15 51.61 28.34
N ASP M 148 0.64 51.86 29.38
CA ASP M 148 2.04 51.40 29.42
C ASP M 148 2.09 49.90 29.25
N GLY M 149 1.18 49.22 29.94
CA GLY M 149 1.02 47.80 29.86
C GLY M 149 0.67 47.31 28.48
N ARG M 150 -0.27 47.96 27.81
CA ARG M 150 -0.64 47.53 26.48
C ARG M 150 0.52 47.68 25.50
N ALA M 151 1.38 48.66 25.73
CA ALA M 151 2.61 48.78 24.95
C ALA M 151 3.61 47.65 25.20
N LEU M 152 3.78 47.22 26.46
CA LEU M 152 4.65 46.05 26.79
C LEU M 152 4.18 44.81 26.05
N PHE M 153 2.87 44.58 26.08
CA PHE M 153 2.31 43.39 25.44
C PHE M 153 2.40 43.45 23.94
N ARG M 154 2.44 44.65 23.38
CA ARG M 154 2.58 44.78 21.95
C ARG M 154 3.99 44.34 21.56
N PHE M 155 4.97 44.69 22.38
CA PHE M 155 6.32 44.25 22.12
C PHE M 155 6.42 42.76 22.25
N ASP M 156 5.84 42.21 23.32
CA ASP M 156 5.91 40.76 23.57
C ASP M 156 5.32 40.01 22.41
N GLU M 157 4.25 40.55 21.83
CA GLU M 157 3.61 39.88 20.70
C GLU M 157 4.46 39.96 19.45
N GLU M 158 5.19 41.06 19.30
CA GLU M 158 6.15 41.20 18.21
C GLU M 158 7.26 40.15 18.33
N VAL M 159 7.71 39.87 19.55
CA VAL M 159 8.68 38.82 19.74
C VAL M 159 8.04 37.48 19.40
N ARG M 160 6.80 37.22 19.79
CA ARG M 160 6.17 35.91 19.49
C ARG M 160 6.12 35.67 17.98
N LYS M 161 5.79 36.69 17.19
CA LYS M 161 5.79 36.58 15.72
C LYS M 161 7.20 36.57 15.12
N SER M 162 8.03 37.56 15.44
CA SER M 162 9.38 37.67 14.84
C SER M 162 10.34 36.53 15.23
N VAL M 163 10.34 36.03 16.47
CA VAL M 163 11.37 35.02 16.92
C VAL M 163 10.87 33.96 17.97
N MET N 1 -7.23 -39.96 41.61
CA MET N 1 -6.40 -40.72 40.63
C MET N 1 -4.92 -40.83 41.00
N LEU N 2 -4.21 -39.77 41.41
CA LEU N 2 -2.80 -39.94 41.82
C LEU N 2 -2.65 -40.77 43.10
N SER N 3 -1.70 -41.70 43.11
CA SER N 3 -1.39 -42.43 44.32
C SER N 3 -0.77 -41.49 45.33
N LYS N 4 -0.87 -41.84 46.60
CA LYS N 4 -0.34 -40.99 47.66
C LYS N 4 1.18 -40.87 47.60
N THR N 5 1.86 -41.95 47.22
CA THR N 5 3.33 -41.87 47.13
C THR N 5 3.79 -40.91 46.00
N ILE N 6 3.11 -40.95 44.85
CA ILE N 6 3.44 -40.04 43.74
C ILE N 6 3.04 -38.59 44.08
N LEU N 7 1.86 -38.40 44.63
CA LEU N 7 1.41 -37.08 45.04
C LEU N 7 2.41 -36.45 45.98
N ASP N 8 2.88 -37.20 46.98
CA ASP N 8 3.79 -36.62 47.98
C ASP N 8 5.11 -36.24 47.35
N LYS N 9 5.56 -37.02 46.38
CA LYS N 9 6.78 -36.66 45.65
C LYS N 9 6.62 -35.49 44.67
N LEU N 10 5.46 -35.38 44.03
CA LEU N 10 5.21 -34.26 43.13
C LEU N 10 5.13 -32.98 43.93
N ASN N 11 4.43 -33.03 45.06
CA ASN N 11 4.40 -31.89 45.96
C ASN N 11 5.79 -31.54 46.54
N HIS N 12 6.61 -32.55 46.78
CA HIS N 12 7.96 -32.29 47.22
C HIS N 12 8.70 -31.53 46.11
N GLN N 13 8.48 -31.94 44.85
CA GLN N 13 9.14 -31.30 43.72
C GLN N 13 8.63 -29.88 43.49
N VAL N 14 7.33 -29.66 43.65
CA VAL N 14 6.81 -28.30 43.65
C VAL N 14 7.63 -27.46 44.60
N ASN N 15 7.78 -27.95 45.82
CA ASN N 15 8.46 -27.18 46.87
C ASN N 15 9.92 -26.98 46.55
N PHE N 16 10.54 -28.00 45.98
CA PHE N 16 11.93 -27.94 45.59
C PHE N 16 12.14 -26.86 44.50
N GLU N 17 11.25 -26.79 43.51
CA GLU N 17 11.38 -25.80 42.45
C GLU N 17 11.19 -24.39 43.04
N ALA N 18 10.24 -24.24 43.92
CA ALA N 18 10.05 -22.97 44.62
C ALA N 18 11.31 -22.57 45.37
N ALA N 19 11.93 -23.52 46.05
CA ALA N 19 13.17 -23.24 46.80
C ALA N 19 14.32 -22.87 45.89
N SER N 20 14.33 -23.43 44.68
CA SER N 20 15.33 -23.07 43.67
C SER N 20 15.18 -21.62 43.24
N ALA N 21 13.95 -21.19 43.01
CA ALA N 21 13.73 -19.82 42.59
C ALA N 21 14.25 -18.87 43.62
N HIS N 22 13.91 -19.14 44.87
CA HIS N 22 14.36 -18.29 45.97
C HIS N 22 15.88 -18.33 46.11
N LEU N 23 16.47 -19.50 45.95
CA LEU N 23 17.92 -19.65 46.05
C LEU N 23 18.60 -18.80 45.00
N TYR N 24 18.11 -18.86 43.77
CA TYR N 24 18.72 -18.11 42.70
C TYR N 24 18.48 -16.60 42.83
N LEU N 25 17.35 -16.18 43.35
CA LEU N 25 17.16 -14.79 43.71
C LEU N 25 18.22 -14.35 44.71
N GLN N 26 18.45 -15.16 45.74
CA GLN N 26 19.37 -14.80 46.82
C GLN N 26 20.79 -14.74 46.27
N MET N 27 21.13 -15.67 45.38
CA MET N 27 22.42 -15.64 44.74
C MET N 27 22.58 -14.35 43.93
N SER N 28 21.53 -13.96 43.23
CA SER N 28 21.56 -12.77 42.43
C SER N 28 21.89 -11.57 43.28
N ALA N 29 21.26 -11.49 44.43
CA ALA N 29 21.48 -10.35 45.34
C ALA N 29 22.91 -10.29 45.82
N TRP N 30 23.48 -11.45 46.16
CA TRP N 30 24.86 -11.50 46.63
C TRP N 30 25.80 -11.07 45.51
N LEU N 31 25.57 -11.59 44.31
CA LEU N 31 26.41 -11.26 43.17
C LEU N 31 26.44 -9.76 42.90
N LEU N 32 25.32 -9.08 43.10
CA LEU N 32 25.32 -7.63 42.96
C LEU N 32 26.28 -6.94 43.94
N THR N 33 26.40 -7.44 45.16
CA THR N 33 27.36 -6.87 46.12
C THR N 33 28.81 -7.05 45.69
N GLN N 34 29.08 -7.99 44.78
CA GLN N 34 30.42 -8.21 44.22
C GLN N 34 30.62 -7.47 42.90
N SER N 35 29.63 -6.69 42.49
CA SER N 35 29.63 -6.03 41.18
C SER N 35 29.71 -7.01 39.98
N LEU N 36 29.22 -8.23 40.17
CA LEU N 36 29.07 -9.16 39.10
C LEU N 36 27.66 -9.04 38.51
N ASP N 37 27.40 -7.91 37.84
CA ASP N 37 26.06 -7.55 37.39
C ASP N 37 25.44 -8.51 36.36
N SER N 38 26.24 -9.00 35.42
CA SER N 38 25.72 -9.94 34.42
C SER N 38 25.39 -11.29 34.99
N THR N 39 26.24 -11.78 35.87
CA THR N 39 25.95 -13.05 36.53
C THR N 39 24.71 -12.88 37.41
N ALA N 40 24.59 -11.74 38.08
CA ALA N 40 23.39 -11.45 38.87
C ALA N 40 22.14 -11.49 38.01
N ALA N 41 22.22 -10.94 36.81
CA ALA N 41 21.10 -10.89 35.88
C ALA N 41 20.74 -12.26 35.40
N PHE N 42 21.74 -13.07 35.18
CA PHE N 42 21.49 -14.44 34.80
C PHE N 42 20.71 -15.17 35.90
N PHE N 43 21.14 -15.04 37.14
CA PHE N 43 20.49 -15.78 38.23
C PHE N 43 19.10 -15.23 38.47
N ARG N 44 18.92 -13.93 38.31
CA ARG N 44 17.59 -13.34 38.41
C ARG N 44 16.64 -13.91 37.37
N ALA N 45 17.09 -13.96 36.14
CA ALA N 45 16.28 -14.50 35.06
C ALA N 45 15.99 -15.96 35.32
N HIS N 46 16.97 -16.68 35.86
CA HIS N 46 16.80 -18.11 36.01
C HIS N 46 15.89 -18.45 37.16
N ALA N 47 15.77 -17.53 38.13
CA ALA N 47 14.76 -17.70 39.15
C ALA N 47 13.37 -17.74 38.54
N GLU N 48 13.15 -16.95 37.49
CA GLU N 48 11.87 -16.95 36.81
C GLU N 48 11.64 -18.28 36.09
N GLU N 49 12.68 -18.90 35.57
CA GLU N 49 12.55 -20.21 34.96
C GLU N 49 12.12 -21.23 36.00
N GLU N 50 12.69 -21.16 37.18
CA GLU N 50 12.38 -22.13 38.23
C GLU N 50 10.94 -21.97 38.69
N LYS N 51 10.44 -20.75 38.66
CA LYS N 51 9.02 -20.51 38.93
C LYS N 51 8.12 -21.15 37.91
N ALA N 52 8.50 -21.10 36.65
CA ALA N 52 7.73 -21.79 35.62
C ALA N 52 7.75 -23.29 35.83
N HIS N 53 8.89 -23.84 36.27
CA HIS N 53 8.96 -25.28 36.53
C HIS N 53 7.98 -25.64 37.65
N MET N 54 7.96 -24.80 38.67
CA MET N 54 7.09 -25.00 39.79
C MET N 54 5.63 -25.00 39.33
N MET N 55 5.24 -24.01 38.53
CA MET N 55 3.83 -23.83 38.17
C MET N 55 3.33 -24.94 37.31
N LYS N 56 4.20 -25.49 36.51
CA LYS N 56 3.80 -26.55 35.60
C LYS N 56 3.49 -27.85 36.36
N LEU N 57 4.29 -28.16 37.39
CA LEU N 57 4.00 -29.25 38.34
C LEU N 57 2.71 -28.99 39.13
N PHE N 58 2.62 -27.78 39.68
CA PHE N 58 1.46 -27.32 40.43
C PHE N 58 0.19 -27.52 39.60
N ASP N 59 0.22 -27.14 38.32
CA ASP N 59 -0.97 -27.32 37.47
C ASP N 59 -1.28 -28.77 37.18
N TYR N 60 -0.26 -29.59 36.90
CA TYR N 60 -0.49 -31.01 36.63
C TYR N 60 -1.19 -31.64 37.84
N ILE N 61 -0.67 -31.37 39.03
CA ILE N 61 -1.25 -31.97 40.22
C ILE N 61 -2.71 -31.59 40.34
N ASN N 62 -3.01 -30.30 40.25
CA ASN N 62 -4.38 -29.81 40.36
C ASN N 62 -5.29 -30.37 39.25
N GLU N 63 -4.79 -30.49 38.03
CA GLU N 63 -5.58 -31.07 36.95
C GLU N 63 -5.97 -32.51 37.22
N THR N 64 -5.12 -33.28 37.89
CA THR N 64 -5.44 -34.70 38.20
C THR N 64 -6.50 -34.83 39.28
N GLY N 65 -6.87 -33.71 39.90
CA GLY N 65 -7.87 -33.71 40.95
C GLY N 65 -7.32 -33.72 42.38
N SER N 66 -6.01 -33.75 42.54
CA SER N 66 -5.42 -33.61 43.87
C SER N 66 -5.13 -32.15 44.17
N LEU N 67 -4.72 -31.89 45.40
CA LEU N 67 -4.45 -30.54 45.84
C LEU N 67 -2.92 -30.32 45.95
N ALA N 68 -2.39 -29.42 45.13
CA ALA N 68 -0.99 -29.13 45.18
C ALA N 68 -0.68 -28.34 46.43
N LEU N 69 0.50 -28.57 46.99
CA LEU N 69 0.91 -27.92 48.23
C LEU N 69 2.27 -27.28 48.07
N ILE N 70 2.39 -26.03 48.49
CA ILE N 70 3.63 -25.28 48.32
C ILE N 70 4.63 -25.66 49.41
N GLY N 71 4.14 -25.75 50.65
CA GLY N 71 4.97 -26.07 51.79
C GLY N 71 5.86 -24.95 52.27
N GLU N 72 6.89 -25.30 53.04
CA GLU N 72 7.84 -24.33 53.63
C GLU N 72 9.03 -24.23 52.73
N VAL N 73 9.49 -23.03 52.49
CA VAL N 73 10.65 -22.81 51.69
C VAL N 73 11.59 -21.97 52.54
N ALA N 74 12.78 -22.48 52.86
CA ALA N 74 13.72 -21.69 53.69
C ALA N 74 14.98 -21.41 52.93
N THR N 75 15.34 -20.14 52.77
CA THR N 75 16.53 -19.78 52.00
C THR N 75 17.57 -19.24 52.93
N PRO N 76 18.70 -19.93 53.04
CA PRO N 76 19.75 -19.46 53.95
C PRO N 76 20.34 -18.17 53.42
N ALA N 77 20.77 -17.31 54.34
CA ALA N 77 21.50 -16.09 54.00
C ALA N 77 22.75 -16.47 53.20
N PRO N 78 23.31 -15.53 52.43
CA PRO N 78 24.44 -15.86 51.58
C PRO N 78 25.74 -16.15 52.33
N GLU N 79 26.15 -17.41 52.34
CA GLU N 79 27.43 -17.78 52.95
C GLU N 79 28.63 -17.47 52.01
N TRP N 80 28.39 -17.38 50.70
CA TRP N 80 29.45 -17.64 49.70
C TRP N 80 30.65 -16.74 49.84
N LYS N 81 31.84 -17.34 49.78
CA LYS N 81 33.10 -16.63 49.92
C LYS N 81 33.63 -16.16 48.55
N SER N 82 33.26 -16.84 47.48
CA SER N 82 33.62 -16.40 46.13
C SER N 82 32.55 -16.78 45.12
N HIS N 83 32.62 -16.19 43.94
CA HIS N 83 31.68 -16.54 42.89
C HIS N 83 31.80 -18.02 42.49
N ILE N 84 32.99 -18.59 42.61
CA ILE N 84 33.17 -20.00 42.26
C ILE N 84 32.46 -20.91 43.26
N GLU N 85 32.53 -20.56 44.53
CA GLU N 85 31.84 -21.34 45.55
C GLU N 85 30.32 -21.29 45.26
N LEU N 86 29.82 -20.14 44.83
CA LEU N 86 28.40 -19.98 44.51
C LEU N 86 28.00 -20.82 43.28
N LEU N 87 28.82 -20.79 42.25
CA LEU N 87 28.54 -21.60 41.09
C LEU N 87 28.57 -23.08 41.37
N GLU N 88 29.49 -23.52 42.24
CA GLU N 88 29.55 -24.93 42.68
C GLU N 88 28.25 -25.28 43.35
N ALA N 89 27.76 -24.38 44.22
CA ALA N 89 26.51 -24.63 44.95
C ALA N 89 25.33 -24.73 43.97
N ALA N 90 25.32 -23.85 42.97
CA ALA N 90 24.28 -23.88 41.97
C ALA N 90 24.33 -25.16 41.20
N TYR N 91 25.51 -25.55 40.74
CA TYR N 91 25.62 -26.80 39.97
C TYR N 91 25.18 -28.02 40.80
N ASN N 92 25.62 -28.11 42.06
CA ASN N 92 25.25 -29.24 42.90
C ASN N 92 23.76 -29.27 43.17
N HIS N 93 23.20 -28.09 43.35
CA HIS N 93 21.76 -27.95 43.51
C HIS N 93 21.02 -28.48 42.28
N GLU N 94 21.49 -28.13 41.08
CA GLU N 94 20.87 -28.66 39.88
C GLU N 94 21.03 -30.16 39.78
N LEU N 95 22.18 -30.69 40.23
CA LEU N 95 22.37 -32.16 40.25
C LEU N 95 21.35 -32.84 41.17
N ALA N 96 21.06 -32.19 42.28
CA ALA N 96 20.09 -32.70 43.24
C ALA N 96 18.66 -32.65 42.69
N ILE N 97 18.36 -31.61 41.93
CA ILE N 97 17.07 -31.53 41.28
C ILE N 97 16.94 -32.67 40.29
N THR N 98 17.96 -32.90 39.49
CA THR N 98 17.91 -34.00 38.53
C THR N 98 17.72 -35.33 39.23
N GLN N 99 18.39 -35.53 40.36
CA GLN N 99 18.22 -36.74 41.15
C GLN N 99 16.78 -36.91 41.56
N SER N 100 16.21 -35.84 42.08
CA SER N 100 14.83 -35.85 42.51
C SER N 100 13.81 -36.14 41.38
N ILE N 101 14.07 -35.61 40.20
CA ILE N 101 13.25 -35.91 39.03
C ILE N 101 13.42 -37.35 38.64
N ASN N 102 14.66 -37.83 38.59
CA ASN N 102 14.89 -39.22 38.27
C ASN N 102 14.21 -40.19 39.21
N ASP N 103 14.23 -39.89 40.49
CA ASP N 103 13.55 -40.72 41.45
C ASP N 103 12.06 -40.72 41.16
N LEU N 104 11.52 -39.55 40.84
CA LEU N 104 10.10 -39.38 40.53
C LEU N 104 9.70 -40.14 39.25
N VAL N 105 10.56 -40.10 38.25
CA VAL N 105 10.32 -40.85 37.03
C VAL N 105 10.34 -42.34 37.30
N ASP N 106 11.36 -42.78 38.02
CA ASP N 106 11.54 -44.18 38.39
C ASP N 106 10.36 -44.70 39.18
N THR N 107 9.88 -43.91 40.14
CA THR N 107 8.72 -44.36 40.88
C THR N 107 7.40 -44.36 40.07
N ALA N 108 7.24 -43.45 39.12
CA ALA N 108 6.06 -43.52 38.24
C ALA N 108 6.07 -44.79 37.38
N LEU N 109 7.26 -45.17 36.92
CA LEU N 109 7.41 -46.32 36.04
C LEU N 109 7.08 -47.58 36.84
N ARG N 110 7.60 -47.63 38.06
CA ARG N 110 7.42 -48.75 38.95
C ARG N 110 5.94 -48.94 39.28
N GLU N 111 5.19 -47.86 39.52
CA GLU N 111 3.75 -47.96 39.83
C GLU N 111 2.90 -48.06 38.59
N LYS N 112 3.51 -48.12 37.43
CA LYS N 112 2.80 -48.03 36.19
C LYS N 112 1.84 -46.82 36.08
N ASP N 113 2.23 -45.69 36.67
CA ASP N 113 1.57 -44.41 36.44
C ASP N 113 2.20 -43.78 35.20
N TYR N 114 1.76 -44.24 34.04
CA TYR N 114 2.35 -43.82 32.77
C TYR N 114 2.04 -42.36 32.46
N SER N 115 0.94 -41.88 32.97
CA SER N 115 0.55 -40.50 32.79
C SER N 115 1.57 -39.55 33.46
N THR N 116 1.91 -39.82 34.70
CA THR N 116 2.93 -39.02 35.37
C THR N 116 4.31 -39.25 34.73
N PHE N 117 4.58 -40.47 34.29
CA PHE N 117 5.82 -40.74 33.61
C PHE N 117 5.95 -39.81 32.41
N GLN N 118 4.91 -39.69 31.58
CA GLN N 118 5.09 -38.96 30.34
C GLN N 118 5.13 -37.47 30.65
N PHE N 119 4.38 -37.05 31.63
CA PHE N 119 4.41 -35.65 32.02
C PHE N 119 5.82 -35.23 32.44
N LEU N 120 6.53 -36.11 33.11
CA LEU N 120 7.85 -35.78 33.64
C LEU N 120 8.98 -35.75 32.58
N GLN N 121 8.73 -36.27 31.39
CA GLN N 121 9.77 -36.29 30.36
C GLN N 121 10.21 -34.87 30.01
N TRP N 122 9.28 -33.94 30.04
CA TRP N 122 9.64 -32.54 29.89
C TRP N 122 10.75 -32.13 30.88
N TYR N 123 10.62 -32.53 32.14
CA TYR N 123 11.62 -32.21 33.18
C TYR N 123 12.94 -32.94 32.98
N VAL N 124 12.87 -34.16 32.51
CA VAL N 124 14.08 -34.90 32.26
C VAL N 124 14.88 -34.16 31.20
N ALA N 125 14.21 -33.76 30.14
CA ALA N 125 14.86 -32.98 29.08
C ALA N 125 15.38 -31.65 29.60
N GLU N 126 14.57 -30.96 30.38
CA GLU N 126 14.94 -29.66 30.84
C GLU N 126 16.16 -29.76 31.74
N GLN N 127 16.26 -30.80 32.56
CA GLN N 127 17.38 -30.91 33.48
C GLN N 127 18.69 -31.21 32.76
N HIS N 128 18.63 -31.86 31.62
CA HIS N 128 19.80 -32.01 30.78
C HIS N 128 20.30 -30.63 30.34
N GLU N 129 19.38 -29.74 29.92
CA GLU N 129 19.74 -28.40 29.50
C GLU N 129 20.28 -27.61 30.72
N GLU N 130 19.70 -27.80 31.90
CA GLU N 130 20.16 -27.10 33.12
C GLU N 130 21.56 -27.52 33.56
N GLU N 131 21.84 -28.82 33.57
CA GLU N 131 23.17 -29.29 33.92
C GLU N 131 24.21 -28.81 32.93
N TYR N 132 23.86 -28.79 31.65
CA TYR N 132 24.79 -28.32 30.64
C TYR N 132 25.13 -26.85 30.92
N LEU N 133 24.09 -26.05 31.16
CA LEU N 133 24.23 -24.63 31.39
C LEU N 133 25.11 -24.35 32.60
N PHE N 134 24.79 -24.98 33.72
CA PHE N 134 25.47 -24.68 34.97
C PHE N 134 26.85 -25.30 35.06
N SER N 135 27.03 -26.50 34.52
CA SER N 135 28.37 -27.11 34.53
C SER N 135 29.31 -26.29 33.64
N SER N 136 28.80 -25.85 32.51
CA SER N 136 29.59 -25.09 31.57
C SER N 136 30.00 -23.74 32.20
N MET N 137 29.09 -23.10 32.90
CA MET N 137 29.39 -21.80 33.50
C MET N 137 30.46 -21.96 34.59
N LEU N 138 30.36 -23.04 35.36
CA LEU N 138 31.35 -23.34 36.41
C LEU N 138 32.72 -23.62 35.79
N HIS N 139 32.75 -24.42 34.73
CA HIS N 139 33.99 -24.84 34.04
C HIS N 139 34.72 -23.57 33.54
N LYS N 140 33.96 -22.65 32.94
CA LYS N 140 34.52 -21.36 32.49
C LYS N 140 35.02 -20.49 33.64
N ALA N 141 34.32 -20.49 34.76
CA ALA N 141 34.73 -19.67 35.87
C ALA N 141 36.08 -20.14 36.39
N ARG N 142 36.27 -21.46 36.46
CA ARG N 142 37.53 -22.05 36.93
C ARG N 142 38.70 -21.76 36.00
N ILE N 143 38.44 -21.85 34.70
CA ILE N 143 39.43 -21.50 33.69
C ILE N 143 39.79 -20.02 33.78
N ILE N 144 38.80 -19.16 33.84
CA ILE N 144 39.04 -17.71 33.83
C ILE N 144 39.74 -17.26 35.10
N ASN N 145 39.68 -18.08 36.14
CA ASN N 145 40.37 -17.78 37.39
C ASN N 145 41.90 -17.92 37.31
N THR N 146 42.40 -18.45 36.19
CA THR N 146 43.85 -18.68 35.94
C THR N 146 44.31 -17.79 34.81
N MET N 147 45.56 -17.38 34.83
CA MET N 147 46.10 -16.57 33.75
C MET N 147 46.17 -17.29 32.41
N ASP N 148 46.59 -18.55 32.42
CA ASP N 148 46.60 -19.37 31.20
C ASP N 148 45.21 -19.45 30.58
N GLY N 149 44.21 -19.64 31.44
CA GLY N 149 42.82 -19.66 31.05
C GLY N 149 42.36 -18.36 30.42
N ARG N 150 42.71 -17.24 31.01
CA ARG N 150 42.27 -15.98 30.44
C ARG N 150 42.86 -15.80 29.05
N ALA N 151 44.04 -16.35 28.82
CA ALA N 151 44.64 -16.29 27.49
C ALA N 151 43.91 -17.13 26.46
N LEU N 152 43.45 -18.32 26.86
CA LEU N 152 42.62 -19.17 26.00
C LEU N 152 41.37 -18.43 25.58
N PHE N 153 40.70 -17.83 26.54
CA PHE N 153 39.46 -17.14 26.26
C PHE N 153 39.66 -15.91 25.41
N ARG N 154 40.84 -15.32 25.46
CA ARG N 154 41.12 -14.17 24.63
C ARG N 154 41.23 -14.63 23.19
N PHE N 155 41.81 -15.79 22.97
CA PHE N 155 41.84 -16.35 21.64
C PHE N 155 40.45 -16.72 21.15
N ASP N 156 39.68 -17.39 21.98
CA ASP N 156 38.31 -17.78 21.64
C ASP N 156 37.45 -16.57 21.28
N GLU N 157 37.63 -15.46 21.99
CA GLU N 157 36.92 -14.24 21.65
C GLU N 157 37.37 -13.64 20.33
N GLU N 158 38.65 -13.75 20.02
CA GLU N 158 39.15 -13.32 18.72
C GLU N 158 38.50 -14.12 17.60
N VAL N 159 38.29 -15.41 17.81
CA VAL N 159 37.64 -16.21 16.82
C VAL N 159 36.18 -15.79 16.71
N ARG N 160 35.50 -15.49 17.82
CA ARG N 160 34.10 -15.04 17.75
C ARG N 160 33.96 -13.76 16.89
N LYS N 161 34.88 -12.81 17.03
CA LYS N 161 34.88 -11.57 16.23
C LYS N 161 35.37 -11.79 14.80
N SER N 162 36.54 -12.39 14.61
CA SER N 162 37.14 -12.57 13.28
C SER N 162 36.43 -13.55 12.35
N VAL N 163 36.19 -14.79 12.75
CA VAL N 163 35.58 -15.76 11.82
C VAL N 163 34.10 -16.01 12.07
N LEU N 164 33.25 -15.01 12.38
CA LEU N 164 31.81 -15.29 12.67
C LEU N 164 31.09 -14.22 13.52
N MET O 1 24.27 3.04 52.88
CA MET O 1 23.23 4.14 52.96
C MET O 1 21.96 3.77 53.76
N LEU O 2 21.32 2.62 53.57
CA LEU O 2 20.14 2.31 54.37
C LEU O 2 20.49 2.06 55.83
N SER O 3 19.71 2.62 56.75
CA SER O 3 19.88 2.31 58.15
C SER O 3 19.53 0.83 58.40
N LYS O 4 20.04 0.25 59.47
CA LYS O 4 19.75 -1.12 59.80
C LYS O 4 18.27 -1.33 60.12
N THR O 5 17.62 -0.36 60.79
CA THR O 5 16.21 -0.55 61.14
C THR O 5 15.31 -0.58 59.88
N ILE O 6 15.60 0.29 58.90
CA ILE O 6 14.85 0.34 57.66
C ILE O 6 15.15 -0.91 56.81
N LEU O 7 16.42 -1.27 56.70
CA LEU O 7 16.81 -2.46 55.96
C LEU O 7 16.09 -3.69 56.48
N ASP O 8 16.04 -3.87 57.80
CA ASP O 8 15.42 -5.06 58.35
C ASP O 8 13.93 -5.07 58.05
N LYS O 9 13.30 -3.91 58.06
CA LYS O 9 11.88 -3.84 57.71
C LYS O 9 11.58 -4.03 56.21
N LEU O 10 12.47 -3.55 55.34
CA LEU O 10 12.30 -3.73 53.91
C LEU O 10 12.47 -5.19 53.58
N ASN O 11 13.48 -5.82 54.16
CA ASN O 11 13.63 -7.27 54.01
C ASN O 11 12.48 -8.06 54.60
N HIS O 12 11.90 -7.58 55.70
CA HIS O 12 10.72 -8.24 56.22
C HIS O 12 9.58 -8.17 55.18
N GLN O 13 9.45 -7.01 54.55
CA GLN O 13 8.42 -6.80 53.55
C GLN O 13 8.66 -7.67 52.30
N VAL O 14 9.92 -7.78 51.89
CA VAL O 14 10.24 -8.68 50.81
C VAL O 14 9.70 -10.05 51.13
N ASN O 15 9.99 -10.52 52.33
CA ASN O 15 9.55 -11.83 52.78
C ASN O 15 8.02 -11.95 52.90
N PHE O 16 7.39 -10.89 53.34
CA PHE O 16 5.94 -10.83 53.41
C PHE O 16 5.28 -10.92 52.02
N GLU O 17 5.82 -10.22 51.03
CA GLU O 17 5.26 -10.25 49.70
C GLU O 17 5.46 -11.63 49.08
N ALA O 18 6.62 -12.23 49.32
CA ALA O 18 6.84 -13.61 48.88
C ALA O 18 5.82 -14.58 49.49
N ALA O 19 5.54 -14.39 50.77
CA ALA O 19 4.58 -15.26 51.46
C ALA O 19 3.19 -15.07 50.91
N SER O 20 2.88 -13.84 50.50
CA SER O 20 1.58 -13.58 49.90
C SER O 20 1.43 -14.33 48.59
N ALA O 21 2.45 -14.34 47.79
CA ALA O 21 2.36 -15.01 46.52
C ALA O 21 2.04 -16.48 46.76
N HIS O 22 2.75 -17.08 47.72
CA HIS O 22 2.60 -18.50 47.98
C HIS O 22 1.24 -18.76 48.57
N LEU O 23 0.78 -17.84 49.43
CA LEU O 23 -0.56 -17.97 50.01
C LEU O 23 -1.61 -17.99 48.91
N TYR O 24 -1.48 -17.09 47.95
CA TYR O 24 -2.51 -16.98 46.92
C TYR O 24 -2.44 -18.16 45.95
N LEU O 25 -1.25 -18.68 45.71
CA LEU O 25 -1.14 -19.90 44.94
C LEU O 25 -1.89 -21.00 45.66
N GLN O 26 -1.66 -21.13 46.96
CA GLN O 26 -2.25 -22.23 47.72
C GLN O 26 -3.78 -22.09 47.76
N MET O 27 -4.27 -20.86 47.86
CA MET O 27 -5.70 -20.62 47.79
C MET O 27 -6.25 -21.02 46.43
N SER O 28 -5.52 -20.70 45.38
CA SER O 28 -5.92 -21.07 44.05
C SER O 28 -6.14 -22.57 43.95
N ALA O 29 -5.19 -23.33 44.49
CA ALA O 29 -5.23 -24.79 44.39
C ALA O 29 -6.45 -25.32 45.12
N TRP O 30 -6.74 -24.77 46.29
CA TRP O 30 -7.90 -25.19 47.06
C TRP O 30 -9.20 -24.89 46.27
N LEU O 31 -9.28 -23.69 45.71
CA LEU O 31 -10.46 -23.26 45.00
C LEU O 31 -10.76 -24.20 43.83
N LEU O 32 -9.72 -24.71 43.19
CA LEU O 32 -9.94 -25.68 42.12
C LEU O 32 -10.62 -26.94 42.63
N THR O 33 -10.30 -27.37 43.84
CA THR O 33 -10.99 -28.56 44.39
C THR O 33 -12.46 -28.33 44.65
N GLN O 34 -12.89 -27.06 44.73
CA GLN O 34 -14.31 -26.70 44.91
C GLN O 34 -14.99 -26.42 43.60
N SER O 35 -14.28 -26.61 42.50
CA SER O 35 -14.75 -26.18 41.15
C SER O 35 -15.04 -24.67 40.98
N LEU O 36 -14.37 -23.83 41.77
CA LEU O 36 -14.46 -22.38 41.63
C LEU O 36 -13.32 -21.91 40.73
N ASP O 37 -13.42 -22.25 39.45
CA ASP O 37 -12.33 -22.08 38.51
C ASP O 37 -11.93 -20.61 38.26
N SER O 38 -12.90 -19.71 38.20
CA SER O 38 -12.61 -18.32 37.94
C SER O 38 -11.98 -17.68 39.13
N THR O 39 -12.48 -17.99 40.32
CA THR O 39 -11.86 -17.47 41.54
C THR O 39 -10.41 -18.04 41.66
N ALA O 40 -10.23 -19.31 41.28
CA ALA O 40 -8.89 -19.89 41.26
C ALA O 40 -7.97 -19.12 40.35
N ALA O 41 -8.47 -18.75 39.19
CA ALA O 41 -7.68 -18.05 38.16
C ALA O 41 -7.32 -16.67 38.65
N PHE O 42 -8.25 -16.04 39.35
CA PHE O 42 -7.96 -14.75 39.94
C PHE O 42 -6.81 -14.86 40.94
N PHE O 43 -6.88 -15.83 41.84
CA PHE O 43 -5.82 -15.94 42.86
C PHE O 43 -4.48 -16.32 42.23
N ARG O 44 -4.53 -17.14 41.20
CA ARG O 44 -3.31 -17.48 40.49
C ARG O 44 -2.66 -16.26 39.86
N ALA O 45 -3.44 -15.46 39.17
CA ALA O 45 -2.94 -14.24 38.55
C ALA O 45 -2.43 -13.30 39.63
N HIS O 46 -3.13 -13.24 40.76
CA HIS O 46 -2.74 -12.29 41.76
C HIS O 46 -1.46 -12.70 42.49
N ALA O 47 -1.18 -13.99 42.53
CA ALA O 47 0.09 -14.43 43.04
C ALA O 47 1.23 -13.80 42.23
N GLU O 48 1.02 -13.68 40.92
CA GLU O 48 2.02 -13.06 40.06
C GLU O 48 2.18 -11.57 40.39
N GLU O 49 1.11 -10.91 40.79
CA GLU O 49 1.20 -9.51 41.20
C GLU O 49 2.03 -9.37 42.47
N GLU O 50 1.86 -10.30 43.41
CA GLU O 50 2.60 -10.26 44.66
C GLU O 50 4.09 -10.51 44.43
N LYS O 51 4.41 -11.34 43.47
CA LYS O 51 5.78 -11.54 43.06
C LYS O 51 6.38 -10.27 42.54
N ALA O 52 5.64 -9.53 41.74
CA ALA O 52 6.14 -8.22 41.26
C ALA O 52 6.37 -7.24 42.42
N HIS O 53 5.49 -7.24 43.42
CA HIS O 53 5.69 -6.39 44.58
C HIS O 53 6.97 -6.76 45.30
N MET O 54 7.20 -8.06 45.42
CA MET O 54 8.42 -8.56 46.05
C MET O 54 9.66 -8.10 45.30
N MET O 55 9.68 -8.28 43.98
CA MET O 55 10.86 -7.99 43.18
C MET O 55 11.20 -6.52 43.18
N LYS O 56 10.19 -5.68 43.28
CA LYS O 56 10.42 -4.25 43.24
C LYS O 56 11.15 -3.78 44.52
N LEU O 57 10.76 -4.35 45.66
CA LEU O 57 11.41 -4.11 46.96
C LEU O 57 12.82 -4.66 46.92
N PHE O 58 12.93 -5.89 46.46
CA PHE O 58 14.18 -6.58 46.33
C PHE O 58 15.17 -5.74 45.53
N ASP O 59 14.73 -5.21 44.40
CA ASP O 59 15.61 -4.37 43.59
C ASP O 59 15.99 -3.05 44.27
N TYR O 60 15.04 -2.40 44.94
CA TYR O 60 15.35 -1.14 45.60
C TYR O 60 16.45 -1.41 46.62
N ILE O 61 16.28 -2.46 47.43
CA ILE O 61 17.24 -2.75 48.47
C ILE O 61 18.64 -2.95 47.86
N ASN O 62 18.72 -3.79 46.86
CA ASN O 62 19.99 -4.01 46.18
C ASN O 62 20.58 -2.73 45.54
N GLU O 63 19.75 -1.88 44.95
CA GLU O 63 20.22 -0.65 44.33
C GLU O 63 20.84 0.28 45.35
N THR O 64 20.34 0.27 46.58
CA THR O 64 20.91 1.15 47.62
C THR O 64 22.27 0.64 48.12
N GLY O 65 22.68 -0.55 47.68
CA GLY O 65 23.94 -1.13 48.09
C GLY O 65 23.86 -2.14 49.25
N SER O 66 22.66 -2.40 49.78
CA SER O 66 22.48 -3.44 50.79
C SER O 66 22.09 -4.74 50.11
N LEU O 67 22.04 -5.80 50.89
CA LEU O 67 21.78 -7.12 50.38
C LEU O 67 20.37 -7.53 50.75
N ALA O 68 19.54 -7.74 49.76
CA ALA O 68 18.18 -8.15 50.01
C ALA O 68 18.19 -9.59 50.46
N LEU O 69 17.27 -9.92 51.36
CA LEU O 69 17.18 -11.29 51.88
C LEU O 69 15.76 -11.81 51.72
N ILE O 70 15.63 -13.02 51.19
CA ILE O 70 14.31 -13.62 50.99
C ILE O 70 13.75 -14.21 52.29
N GLY O 71 14.60 -14.92 53.03
CA GLY O 71 14.20 -15.52 54.30
C GLY O 71 13.40 -16.78 54.16
N GLU O 72 12.69 -17.14 55.24
CA GLU O 72 11.85 -18.33 55.27
C GLU O 72 10.42 -17.95 54.95
N VAL O 73 9.77 -18.74 54.13
CA VAL O 73 8.38 -18.51 53.77
C VAL O 73 7.65 -19.80 54.05
N ALA O 74 6.67 -19.79 54.96
CA ALA O 74 5.95 -21.04 55.30
C ALA O 74 4.49 -20.90 54.98
N THR O 75 3.96 -21.77 54.15
CA THR O 75 2.58 -21.66 53.72
C THR O 75 1.82 -22.82 54.30
N PRO O 76 0.87 -22.52 55.19
CA PRO O 76 0.10 -23.61 55.80
C PRO O 76 -0.78 -24.27 54.75
N ALA O 77 -1.01 -25.56 54.93
CA ALA O 77 -1.95 -26.31 54.10
C ALA O 77 -3.33 -25.64 54.19
N PRO O 78 -4.20 -25.89 53.23
CA PRO O 78 -5.50 -25.23 53.22
C PRO O 78 -6.46 -25.66 54.31
N GLU O 79 -6.70 -24.79 55.28
CA GLU O 79 -7.66 -25.09 56.33
C GLU O 79 -9.12 -24.83 55.85
N TRP O 80 -9.31 -24.00 54.82
CA TRP O 80 -10.58 -23.27 54.62
C TRP O 80 -11.81 -24.15 54.48
N LYS O 81 -12.86 -23.81 55.22
CA LYS O 81 -14.10 -24.59 55.24
C LYS O 81 -15.08 -24.09 54.16
N SER O 82 -14.96 -22.84 53.74
CA SER O 82 -15.76 -22.32 52.62
C SER O 82 -15.00 -21.25 51.88
N HIS O 83 -15.51 -20.87 50.70
CA HIS O 83 -14.88 -19.80 49.95
C HIS O 83 -14.95 -18.48 50.68
N ILE O 84 -15.98 -18.29 51.50
CA ILE O 84 -16.07 -17.04 52.25
C ILE O 84 -14.98 -16.96 53.31
N GLU O 85 -14.71 -18.07 53.96
CA GLU O 85 -13.65 -18.08 55.00
C GLU O 85 -12.29 -17.75 54.33
N LEU O 86 -12.09 -18.27 53.12
CA LEU O 86 -10.88 -17.98 52.35
C LEU O 86 -10.81 -16.49 51.98
N LEU O 87 -11.89 -15.92 51.48
CA LEU O 87 -11.90 -14.53 51.12
C LEU O 87 -11.67 -13.61 52.33
N GLU O 88 -12.21 -13.97 53.48
CA GLU O 88 -11.96 -13.24 54.73
C GLU O 88 -10.45 -13.27 55.05
N ALA O 89 -9.84 -14.44 54.90
CA ALA O 89 -8.41 -14.59 55.17
C ALA O 89 -7.61 -13.74 54.21
N ALA O 90 -7.99 -13.73 52.94
CA ALA O 90 -7.30 -12.92 51.96
C ALA O 90 -7.43 -11.44 52.30
N TYR O 91 -8.64 -11.00 52.62
CA TYR O 91 -8.82 -9.60 52.95
C TYR O 91 -8.04 -9.19 54.18
N ASN O 92 -8.08 -10.01 55.23
CA ASN O 92 -7.33 -9.69 56.45
C ASN O 92 -5.84 -9.68 56.19
N HIS O 93 -5.39 -10.60 55.34
CA HIS O 93 -3.99 -10.63 54.94
C HIS O 93 -3.60 -9.33 54.26
N GLU O 94 -4.45 -8.84 53.36
CA GLU O 94 -4.16 -7.58 52.69
C GLU O 94 -4.17 -6.41 53.67
N LEU O 95 -5.04 -6.44 54.67
CA LEU O 95 -5.03 -5.40 55.72
C LEU O 95 -3.73 -5.41 56.50
N ALA O 96 -3.19 -6.60 56.74
CA ALA O 96 -1.94 -6.74 57.46
C ALA O 96 -0.76 -6.25 56.61
N ILE O 97 -0.83 -6.47 55.30
CA ILE O 97 0.20 -5.96 54.42
C ILE O 97 0.15 -4.45 54.45
N THR O 98 -1.04 -3.88 54.37
CA THR O 98 -1.14 -2.45 54.45
C THR O 98 -0.55 -1.91 55.75
N GLN O 99 -0.82 -2.60 56.86
CA GLN O 99 -0.30 -2.19 58.17
C GLN O 99 1.21 -2.18 58.14
N SER O 100 1.82 -3.23 57.60
CA SER O 100 3.29 -3.23 57.51
C SER O 100 3.82 -2.10 56.65
N ILE O 101 3.16 -1.80 55.52
CA ILE O 101 3.64 -0.78 54.65
C ILE O 101 3.53 0.54 55.39
N ASN O 102 2.41 0.76 56.07
CA ASN O 102 2.26 1.99 56.84
C ASN O 102 3.31 2.13 57.92
N ASP O 103 3.65 1.05 58.60
CA ASP O 103 4.68 1.10 59.62
C ASP O 103 6.00 1.48 58.96
N LEU O 104 6.27 0.90 57.82
CA LEU O 104 7.49 1.17 57.08
C LEU O 104 7.57 2.62 56.63
N VAL O 105 6.45 3.16 56.17
CA VAL O 105 6.40 4.55 55.73
C VAL O 105 6.64 5.47 56.90
N ASP O 106 5.95 5.19 58.00
CA ASP O 106 6.05 5.94 59.23
C ASP O 106 7.48 5.94 59.74
N THR O 107 8.15 4.79 59.72
CA THR O 107 9.53 4.76 60.22
C THR O 107 10.53 5.43 59.26
N ALA O 108 10.29 5.40 57.95
CA ALA O 108 11.11 6.20 57.05
C ALA O 108 10.97 7.72 57.30
N LEU O 109 9.76 8.16 57.58
CA LEU O 109 9.50 9.55 57.83
C LEU O 109 10.24 9.96 59.11
N ARG O 110 10.16 9.13 60.16
CA ARG O 110 10.84 9.46 61.46
C ARG O 110 12.25 9.60 61.29
N GLU O 111 12.87 8.67 60.58
CA GLU O 111 14.30 8.69 60.39
C GLU O 111 14.73 9.68 59.32
N LYS O 112 13.79 10.44 58.76
CA LYS O 112 14.09 11.31 57.64
C LYS O 112 14.85 10.60 56.50
N ASP O 113 14.53 9.32 56.27
CA ASP O 113 14.90 8.61 55.05
C ASP O 113 13.84 8.91 53.95
N TYR O 114 13.96 10.08 53.33
CA TYR O 114 12.99 10.55 52.40
C TYR O 114 13.01 9.73 51.11
N SER O 115 14.16 9.16 50.80
CA SER O 115 14.28 8.31 49.64
C SER O 115 13.41 7.05 49.77
N THR O 116 13.48 6.38 50.92
CA THR O 116 12.64 5.21 51.12
C THR O 116 11.18 5.63 51.26
N PHE O 117 10.94 6.77 51.88
CA PHE O 117 9.59 7.27 51.95
C PHE O 117 8.97 7.41 50.55
N GLN O 118 9.68 8.01 49.60
CA GLN O 118 9.06 8.26 48.32
C GLN O 118 8.96 6.98 47.55
N PHE O 119 9.93 6.11 47.69
CA PHE O 119 9.84 4.79 47.04
C PHE O 119 8.59 4.02 47.49
N LEU O 120 8.22 4.15 48.75
CA LEU O 120 7.10 3.41 49.28
C LEU O 120 5.72 3.92 48.86
N GLN O 121 5.64 5.12 48.31
CA GLN O 121 4.34 5.70 47.93
C GLN O 121 3.66 4.85 46.88
N TRP O 122 4.43 4.26 46.00
CA TRP O 122 3.88 3.30 45.10
C TRP O 122 3.06 2.22 45.84
N TYR O 123 3.61 1.67 46.92
CA TYR O 123 2.95 0.59 47.70
C TYR O 123 1.75 1.11 48.46
N VAL O 124 1.83 2.34 48.95
CA VAL O 124 0.69 2.89 49.63
C VAL O 124 -0.51 2.97 48.67
N ALA O 125 -0.25 3.45 47.45
CA ALA O 125 -1.27 3.52 46.41
C ALA O 125 -1.74 2.14 46.00
N GLU O 126 -0.83 1.21 45.81
CA GLU O 126 -1.20 -0.11 45.40
C GLU O 126 -2.06 -0.78 46.45
N GLN O 127 -1.78 -0.56 47.73
CA GLN O 127 -2.54 -1.25 48.78
C GLN O 127 -3.94 -0.70 48.91
N HIS O 128 -4.15 0.54 48.54
CA HIS O 128 -5.50 1.06 48.37
C HIS O 128 -6.29 0.30 47.31
N GLU O 129 -5.67 0.05 46.16
CA GLU O 129 -6.30 -0.74 45.08
C GLU O 129 -6.51 -2.19 45.56
N GLU O 130 -5.57 -2.76 46.31
CA GLU O 130 -5.71 -4.12 46.81
C GLU O 130 -6.88 -4.24 47.79
N GLU O 131 -6.97 -3.34 48.74
CA GLU O 131 -8.06 -3.41 49.71
C GLU O 131 -9.39 -3.26 49.02
N TYR O 132 -9.45 -2.41 48.02
CA TYR O 132 -10.69 -2.19 47.32
C TYR O 132 -11.11 -3.49 46.63
N LEU O 133 -10.17 -4.08 45.94
CA LEU O 133 -10.38 -5.31 45.20
C LEU O 133 -10.89 -6.43 46.10
N PHE O 134 -10.16 -6.70 47.18
CA PHE O 134 -10.47 -7.82 48.06
C PHE O 134 -11.69 -7.58 48.94
N SER O 135 -11.90 -6.36 49.41
CA SER O 135 -13.07 -6.09 50.23
C SER O 135 -14.32 -6.23 49.37
N SER O 136 -14.22 -5.76 48.15
CA SER O 136 -15.35 -5.78 47.26
C SER O 136 -15.70 -7.21 46.90
N MET O 137 -14.71 -8.04 46.67
CA MET O 137 -14.95 -9.44 46.33
C MET O 137 -15.59 -10.19 47.51
N LEU O 138 -15.15 -9.88 48.72
CA LEU O 138 -15.73 -10.46 49.92
C LEU O 138 -17.18 -10.04 50.09
N HIS O 139 -17.44 -8.74 49.92
CA HIS O 139 -18.79 -8.21 50.12
CA HIS O 139 -18.76 -8.15 50.13
C HIS O 139 -19.75 -8.87 49.17
N LYS O 140 -19.34 -9.05 47.92
CA LYS O 140 -20.18 -9.74 46.94
C LYS O 140 -20.41 -11.17 47.30
N ALA O 141 -19.40 -11.83 47.85
CA ALA O 141 -19.53 -13.23 48.17
C ALA O 141 -20.58 -13.38 49.27
N ARG O 142 -20.56 -12.50 50.24
CA ARG O 142 -21.54 -12.55 51.32
C ARG O 142 -22.98 -12.30 50.83
N ILE O 143 -23.13 -11.35 49.93
CA ILE O 143 -24.41 -11.02 49.37
C ILE O 143 -24.91 -12.21 48.57
N ILE O 144 -24.07 -12.74 47.69
CA ILE O 144 -24.48 -13.84 46.82
C ILE O 144 -24.80 -15.10 47.60
N ASN O 145 -24.31 -15.19 48.82
CA ASN O 145 -24.61 -16.31 49.71
C ASN O 145 -26.06 -16.34 50.24
N THR O 146 -26.83 -15.29 49.99
CA THR O 146 -28.24 -15.15 50.41
C THR O 146 -29.12 -15.12 49.19
N MET O 147 -30.34 -15.60 49.33
CA MET O 147 -31.28 -15.53 48.21
C MET O 147 -31.68 -14.11 47.81
N ASP O 148 -31.91 -13.25 48.81
CA ASP O 148 -32.20 -11.83 48.55
C ASP O 148 -31.09 -11.17 47.74
N GLY O 149 -29.86 -11.49 48.11
CA GLY O 149 -28.66 -11.04 47.43
C GLY O 149 -28.57 -11.51 46.01
N ARG O 150 -28.86 -12.77 45.76
CA ARG O 150 -28.80 -13.24 44.38
C ARG O 150 -29.83 -12.53 43.52
N ALA O 151 -30.96 -12.14 44.09
CA ALA O 151 -31.95 -11.38 43.35
C ALA O 151 -31.45 -9.96 43.02
N LEU O 152 -30.75 -9.30 43.95
CA LEU O 152 -30.15 -7.99 43.66
C LEU O 152 -29.19 -8.09 42.51
N PHE O 153 -28.34 -9.11 42.52
CA PHE O 153 -27.34 -9.27 41.49
C PHE O 153 -27.96 -9.60 40.15
N ARG O 154 -29.14 -10.23 40.17
CA ARG O 154 -29.81 -10.54 38.93
C ARG O 154 -30.29 -9.27 38.29
N PHE O 155 -30.77 -8.33 39.11
CA PHE O 155 -31.15 -7.04 38.60
C PHE O 155 -29.96 -6.27 38.07
N ASP O 156 -28.87 -6.25 38.83
CA ASP O 156 -27.65 -5.56 38.41
C ASP O 156 -27.14 -6.09 37.08
N GLU O 157 -27.25 -7.40 36.87
CA GLU O 157 -26.82 -7.99 35.62
C GLU O 157 -27.74 -7.64 34.48
N GLU O 158 -29.03 -7.51 34.76
CA GLU O 158 -29.97 -7.01 33.77
C GLU O 158 -29.62 -5.57 33.34
N VAL O 159 -29.20 -4.74 34.26
CA VAL O 159 -28.78 -3.42 33.93
C VAL O 159 -27.48 -3.45 33.11
N ARG O 160 -26.55 -4.34 33.44
CA ARG O 160 -25.32 -4.46 32.63
C ARG O 160 -25.61 -4.81 31.17
N LYS O 161 -26.55 -5.72 30.93
CA LYS O 161 -26.97 -6.08 29.57
C LYS O 161 -27.88 -5.03 28.91
N SER O 162 -28.96 -4.62 29.55
CA SER O 162 -29.93 -3.68 28.96
C SER O 162 -29.45 -2.23 28.75
N VAL O 163 -28.90 -1.57 29.76
CA VAL O 163 -28.39 -0.19 29.57
C VAL O 163 -26.82 -0.19 29.45
N LEU O 164 -26.08 0.02 30.56
CA LEU O 164 -24.58 -0.01 30.58
C LEU O 164 -24.03 -1.22 29.80
N MET P 1 3.97 33.83 47.27
CA MET P 1 3.76 32.46 47.75
C MET P 1 5.28 31.92 47.59
N LEU P 2 5.64 31.36 48.65
CA LEU P 2 7.00 30.87 48.82
C LEU P 2 7.55 31.70 49.87
N SER P 3 7.80 31.05 50.97
CA SER P 3 8.42 31.69 52.09
C SER P 3 9.84 32.04 51.68
N LYS P 4 10.41 33.02 52.36
CA LYS P 4 11.77 33.42 52.08
C LYS P 4 12.76 32.29 52.35
N THR P 5 12.54 31.51 53.40
CA THR P 5 13.52 30.47 53.75
C THR P 5 13.54 29.39 52.67
N ILE P 6 12.37 29.02 52.14
CA ILE P 6 12.26 27.98 51.11
C ILE P 6 12.83 28.55 49.78
N LEU P 7 12.45 29.77 49.44
CA LEU P 7 12.97 30.42 48.24
C LEU P 7 14.48 30.42 48.24
N ASP P 8 15.10 30.79 49.37
CA ASP P 8 16.55 30.88 49.42
C ASP P 8 17.17 29.53 49.21
N LYS P 9 16.53 28.50 49.72
CA LYS P 9 17.06 27.15 49.55
C LYS P 9 16.85 26.58 48.17
N LEU P 10 15.73 26.92 47.54
CA LEU P 10 15.48 26.47 46.20
C LEU P 10 16.47 27.15 45.27
N ASN P 11 16.67 28.45 45.43
CA ASN P 11 17.70 29.15 44.68
C ASN P 11 19.13 28.65 44.95
N HIS P 12 19.39 28.20 46.17
CA HIS P 12 20.67 27.58 46.44
C HIS P 12 20.80 26.31 45.61
N GLN P 13 19.71 25.56 45.51
CA GLN P 13 19.71 24.28 44.79
C GLN P 13 19.83 24.50 43.28
N VAL P 14 19.13 25.51 42.75
CA VAL P 14 19.36 25.91 41.37
C VAL P 14 20.86 26.10 41.12
N ASN P 15 21.51 26.88 41.96
CA ASN P 15 22.93 27.18 41.83
C ASN P 15 23.80 25.91 42.01
N PHE P 16 23.42 25.03 42.92
CA PHE P 16 24.11 23.76 43.13
C PHE P 16 24.04 22.86 41.89
N GLU P 17 22.87 22.79 41.26
CA GLU P 17 22.72 21.95 40.08
C GLU P 17 23.57 22.56 38.94
N ALA P 18 23.56 23.87 38.82
CA ALA P 18 24.37 24.53 37.81
C ALA P 18 25.83 24.22 38.01
N ALA P 19 26.27 24.24 39.27
CA ALA P 19 27.67 23.92 39.58
C ALA P 19 28.02 22.47 39.26
N SER P 20 27.04 21.59 39.42
CA SER P 20 27.25 20.19 39.08
C SER P 20 27.45 20.00 37.60
N ALA P 21 26.70 20.72 36.80
CA ALA P 21 26.86 20.60 35.36
C ALA P 21 28.26 20.99 34.97
N HIS P 22 28.71 22.12 35.52
CA HIS P 22 30.03 22.66 35.17
C HIS P 22 31.10 21.70 35.70
N LEU P 23 30.90 21.16 36.88
CA LEU P 23 31.85 20.23 37.45
C LEU P 23 31.99 19.02 36.52
N TYR P 24 30.88 18.47 36.04
CA TYR P 24 30.94 17.29 35.23
C TYR P 24 31.51 17.57 33.84
N LEU P 25 31.28 18.77 33.32
CA LEU P 25 31.97 19.19 32.10
C LEU P 25 33.47 19.21 32.30
N GLN P 26 33.89 19.79 33.39
CA GLN P 26 35.31 19.89 33.68
C GLN P 26 35.95 18.52 33.86
N MET P 27 35.24 17.61 34.53
CA MET P 27 35.73 16.23 34.68
C MET P 27 35.88 15.59 33.31
N SER P 28 34.92 15.84 32.45
CA SER P 28 34.94 15.27 31.12
C SER P 28 36.19 15.68 30.39
N ALA P 29 36.50 16.96 30.49
CA ALA P 29 37.69 17.48 29.81
C ALA P 29 38.99 16.83 30.31
N TRP P 30 39.08 16.65 31.62
CA TRP P 30 40.24 16.04 32.21
C TRP P 30 40.35 14.61 31.74
N LEU P 31 39.24 13.89 31.77
CA LEU P 31 39.22 12.48 31.37
C LEU P 31 39.70 12.30 29.94
N LEU P 32 39.37 13.23 29.06
CA LEU P 32 39.90 13.17 27.71
C LEU P 32 41.44 13.23 27.67
N THR P 33 42.08 14.02 28.53
CA THR P 33 43.53 14.05 28.58
C THR P 33 44.15 12.73 29.03
N GLN P 34 43.38 11.87 29.69
CA GLN P 34 43.83 10.54 30.08
C GLN P 34 43.47 9.46 29.06
N SER P 35 42.89 9.87 27.93
CA SER P 35 42.33 8.92 26.93
C SER P 35 41.21 8.01 27.47
N LEU P 36 40.48 8.46 28.47
CA LEU P 36 39.31 7.74 28.98
C LEU P 36 38.07 8.28 28.29
N ASP P 37 37.94 8.00 27.01
CA ASP P 37 36.95 8.64 26.15
C ASP P 37 35.48 8.31 26.50
N SER P 38 35.22 7.07 26.88
CA SER P 38 33.86 6.68 27.24
C SER P 38 33.45 7.28 28.58
N THR P 39 34.35 7.29 29.55
CA THR P 39 34.05 7.94 30.80
C THR P 39 33.84 9.44 30.55
N ALA P 40 34.67 10.04 29.68
CA ALA P 40 34.49 11.46 29.33
C ALA P 40 33.09 11.71 28.75
N ALA P 41 32.63 10.78 27.92
CA ALA P 41 31.35 10.91 27.25
C ALA P 41 30.23 10.80 28.27
N PHE P 42 30.41 9.91 29.23
CA PHE P 42 29.43 9.77 30.28
C PHE P 42 29.30 11.08 31.04
N PHE P 43 30.42 11.68 31.43
CA PHE P 43 30.33 12.89 32.23
C PHE P 43 29.78 14.03 31.42
N ARG P 44 30.10 14.05 30.13
CA ARG P 44 29.56 15.08 29.25
C ARG P 44 28.04 14.99 29.16
N ALA P 45 27.55 13.79 28.94
CA ALA P 45 26.11 13.54 28.90
C ALA P 45 25.45 13.86 30.23
N HIS P 46 26.13 13.54 31.32
CA HIS P 46 25.55 13.76 32.61
C HIS P 46 25.51 15.23 32.99
N ALA P 47 26.40 16.03 32.44
CA ALA P 47 26.31 17.47 32.64
C ALA P 47 25.01 18.00 32.08
N GLU P 48 24.53 17.42 30.99
CA GLU P 48 23.27 17.79 30.42
C GLU P 48 22.11 17.40 31.35
N GLU P 49 22.21 16.28 32.03
CA GLU P 49 21.18 15.90 33.00
C GLU P 49 21.11 16.88 34.16
N GLU P 50 22.26 17.35 34.64
CA GLU P 50 22.27 18.30 35.72
C GLU P 50 21.66 19.64 35.28
N LYS P 51 21.84 20.02 34.03
CA LYS P 51 21.20 21.21 33.49
C LYS P 51 19.70 21.08 33.51
N ALA P 52 19.19 19.91 33.15
CA ALA P 52 17.77 19.66 33.26
C ALA P 52 17.27 19.77 34.71
N HIS P 53 18.03 19.25 35.67
CA HIS P 53 17.64 19.37 37.08
C HIS P 53 17.56 20.82 37.48
N MET P 54 18.54 21.59 37.04
CA MET P 54 18.55 23.02 37.29
C MET P 54 17.31 23.72 36.73
N MET P 55 17.00 23.46 35.47
CA MET P 55 15.90 24.16 34.78
C MET P 55 14.55 23.84 35.37
N LYS P 56 14.39 22.63 35.87
CA LYS P 56 13.13 22.23 36.43
C LYS P 56 12.86 22.99 37.76
N LEU P 57 13.90 23.16 38.59
CA LEU P 57 13.83 24.00 39.81
C LEU P 57 13.56 25.46 39.44
N PHE P 58 14.34 25.95 38.48
CA PHE P 58 14.23 27.29 37.97
C PHE P 58 12.80 27.57 37.55
N ASP P 59 12.20 26.67 36.79
CA ASP P 59 10.82 26.87 36.36
C ASP P 59 9.81 26.84 37.50
N TYR P 60 9.98 25.89 38.43
CA TYR P 60 9.08 25.84 39.58
C TYR P 60 9.10 27.17 40.34
N ILE P 61 10.28 27.67 40.63
CA ILE P 61 10.40 28.91 41.37
C ILE P 61 9.66 30.01 40.63
N ASN P 62 9.93 30.16 39.35
CA ASN P 62 9.27 31.22 38.55
C ASN P 62 7.76 31.05 38.45
N GLU P 63 7.30 29.82 38.32
CA GLU P 63 5.85 29.55 38.29
C GLU P 63 5.15 29.96 39.57
N THR P 64 5.81 29.85 40.72
CA THR P 64 5.21 30.26 41.99
C THR P 64 5.13 31.77 42.13
N GLY P 65 5.73 32.50 41.20
CA GLY P 65 5.72 33.96 41.24
C GLY P 65 6.95 34.61 41.85
N SER P 66 7.91 33.82 42.30
CA SER P 66 9.18 34.37 42.76
C SER P 66 10.18 34.41 41.61
N LEU P 67 11.33 35.02 41.87
CA LEU P 67 12.36 35.19 40.87
C LEU P 67 13.51 34.23 41.14
N ALA P 68 13.73 33.30 40.22
CA ALA P 68 14.82 32.36 40.35
C ALA P 68 16.15 33.06 40.08
N LEU P 69 17.17 32.64 40.81
CA LEU P 69 18.45 33.29 40.73
C LEU P 69 19.51 32.25 40.48
N ILE P 70 20.36 32.50 39.49
CA ILE P 70 21.42 31.56 39.14
C ILE P 70 22.62 31.67 40.09
N GLY P 71 23.01 32.91 40.42
CA GLY P 71 24.13 33.15 41.33
C GLY P 71 25.50 32.92 40.70
N GLU P 72 26.49 32.74 41.56
CA GLU P 72 27.88 32.52 41.14
C GLU P 72 28.17 31.05 41.12
N VAL P 73 28.84 30.60 40.09
CA VAL P 73 29.21 29.19 39.96
C VAL P 73 30.71 29.14 39.71
N ALA P 74 31.48 28.55 40.61
CA ALA P 74 32.95 28.55 40.43
C ALA P 74 33.42 27.14 40.30
N THR P 75 34.11 26.83 39.21
CA THR P 75 34.56 25.46 38.98
C THR P 75 36.06 25.42 39.08
N PRO P 76 36.59 24.71 40.08
CA PRO P 76 38.04 24.65 40.23
C PRO P 76 38.66 23.89 39.06
N ALA P 77 39.87 24.29 38.67
CA ALA P 77 40.66 23.56 37.67
C ALA P 77 40.83 22.10 38.15
N PRO P 78 41.11 21.19 37.23
CA PRO P 78 41.21 19.79 37.59
C PRO P 78 42.40 19.45 38.46
N GLU P 79 42.16 19.14 39.72
CA GLU P 79 43.23 18.67 40.61
C GLU P 79 43.57 17.17 40.39
N TRP P 80 42.65 16.38 39.82
CA TRP P 80 42.60 14.92 40.04
C TRP P 80 43.86 14.21 39.62
N LYS P 81 44.36 13.34 40.50
CA LYS P 81 45.58 12.59 40.26
C LYS P 81 45.27 11.26 39.56
N SER P 82 44.07 10.72 39.74
CA SER P 82 43.68 9.49 39.01
C SER P 82 42.19 9.50 38.74
N HIS P 83 41.75 8.61 37.86
CA HIS P 83 40.30 8.49 37.60
C HIS P 83 39.51 8.07 38.84
N ILE P 84 40.12 7.32 39.76
CA ILE P 84 39.44 6.92 40.98
C ILE P 84 39.23 8.09 41.90
N GLU P 85 40.22 8.98 42.00
CA GLU P 85 40.05 10.17 42.81
C GLU P 85 38.88 11.02 42.27
N LEU P 86 38.78 11.09 40.94
CA LEU P 86 37.70 11.84 40.29
C LEU P 86 36.34 11.21 40.58
N LEU P 87 36.25 9.88 40.45
CA LEU P 87 35.00 9.18 40.72
C LEU P 87 34.56 9.30 42.18
N GLU P 88 35.53 9.30 43.12
CA GLU P 88 35.24 9.57 44.52
C GLU P 88 34.63 10.97 44.66
N ALA P 89 35.22 11.96 43.98
CA ALA P 89 34.74 13.35 44.08
C ALA P 89 33.34 13.46 43.53
N ALA P 90 33.08 12.77 42.43
CA ALA P 90 31.78 12.76 41.86
C ALA P 90 30.77 12.13 42.82
N TYR P 91 31.10 10.96 43.37
CA TYR P 91 30.16 10.28 44.27
C TYR P 91 29.88 11.13 45.52
N ASN P 92 30.92 11.73 46.11
CA ASN P 92 30.70 12.58 47.26
C ASN P 92 29.87 13.77 46.93
N HIS P 93 30.10 14.32 45.74
CA HIS P 93 29.33 15.47 45.27
C HIS P 93 27.85 15.09 45.17
N GLU P 94 27.58 13.90 44.65
CA GLU P 94 26.20 13.44 44.56
C GLU P 94 25.60 13.20 45.93
N LEU P 95 26.41 12.71 46.88
CA LEU P 95 25.92 12.58 48.28
C LEU P 95 25.55 13.92 48.88
N ALA P 96 26.31 14.95 48.55
CA ALA P 96 26.05 16.29 49.07
C ALA P 96 24.80 16.85 48.45
N ILE P 97 24.57 16.53 47.18
CA ILE P 97 23.34 17.01 46.53
C ILE P 97 22.15 16.35 47.21
N THR P 98 22.25 15.04 47.44
CA THR P 98 21.19 14.37 48.16
C THR P 98 20.92 14.98 49.53
N GLN P 99 21.98 15.34 50.25
CA GLN P 99 21.85 15.97 51.56
C GLN P 99 21.08 17.27 51.43
N SER P 100 21.47 18.06 50.46
CA SER P 100 20.82 19.33 50.21
C SER P 100 19.33 19.19 49.85
N ILE P 101 18.99 18.18 49.04
CA ILE P 101 17.61 17.91 48.70
C ILE P 101 16.87 17.47 49.96
N ASN P 102 17.47 16.57 50.75
CA ASN P 102 16.81 16.12 51.98
C ASN P 102 16.56 17.24 52.95
N ASP P 103 17.50 18.16 53.09
CA ASP P 103 17.30 19.34 53.93
C ASP P 103 16.12 20.16 53.41
N LEU P 104 16.05 20.33 52.11
CA LEU P 104 14.98 21.10 51.46
C LEU P 104 13.61 20.43 51.65
N VAL P 105 13.55 19.10 51.54
CA VAL P 105 12.33 18.36 51.75
C VAL P 105 11.88 18.50 53.20
N ASP P 106 12.82 18.28 54.12
CA ASP P 106 12.57 18.40 55.55
C ASP P 106 12.04 19.77 55.91
N THR P 107 12.61 20.81 55.35
CA THR P 107 12.13 22.13 55.62
C THR P 107 10.74 22.38 55.09
N ALA P 108 10.46 21.87 53.90
CA ALA P 108 9.13 22.10 53.32
C ALA P 108 8.07 21.44 54.19
N LEU P 109 8.40 20.27 54.71
CA LEU P 109 7.49 19.51 55.57
C LEU P 109 7.24 20.30 56.87
N ARG P 110 8.32 20.84 57.43
CA ARG P 110 8.28 21.57 58.69
C ARG P 110 7.46 22.84 58.57
N GLU P 111 7.57 23.54 57.45
CA GLU P 111 6.75 24.75 57.20
C GLU P 111 5.37 24.45 56.64
N LYS P 112 5.05 23.18 56.50
CA LYS P 112 3.81 22.78 55.83
C LYS P 112 3.61 23.40 54.43
N ASP P 113 4.72 23.57 53.69
CA ASP P 113 4.70 23.89 52.27
C ASP P 113 4.60 22.57 51.51
N TYR P 114 3.39 22.03 51.45
CA TYR P 114 3.15 20.74 50.85
C TYR P 114 3.36 20.75 49.31
N SER P 115 3.15 21.90 48.71
CA SER P 115 3.39 22.08 47.29
C SER P 115 4.87 21.88 46.93
N THR P 116 5.77 22.51 47.68
CA THR P 116 7.19 22.30 47.45
C THR P 116 7.61 20.90 47.87
N PHE P 117 7.02 20.38 48.93
CA PHE P 117 7.28 19.01 49.29
C PHE P 117 7.02 18.06 48.13
N GLN P 118 5.86 18.19 47.48
CA GLN P 118 5.52 17.19 46.46
C GLN P 118 6.34 17.43 45.22
N PHE P 119 6.61 18.69 44.91
CA PHE P 119 7.51 18.99 43.78
C PHE P 119 8.87 18.30 43.95
N LEU P 120 9.37 18.24 45.17
CA LEU P 120 10.71 17.74 45.41
C LEU P 120 10.82 16.24 45.34
N GLN P 121 9.70 15.54 45.34
CA GLN P 121 9.76 14.07 45.36
C GLN P 121 10.43 13.56 44.12
N TRP P 122 10.23 14.25 43.02
CA TRP P 122 10.96 13.90 41.79
C TRP P 122 12.48 13.85 42.03
N TYR P 123 13.01 14.85 42.74
CA TYR P 123 14.44 14.91 43.06
C TYR P 123 14.87 13.85 44.04
N VAL P 124 14.02 13.54 45.02
CA VAL P 124 14.37 12.49 45.93
C VAL P 124 14.56 11.21 45.15
N ALA P 125 13.64 10.91 44.26
CA ALA P 125 13.71 9.69 43.42
C ALA P 125 14.89 9.74 42.48
N GLU P 126 15.12 10.89 41.87
CA GLU P 126 16.24 11.00 40.97
C GLU P 126 17.59 10.82 41.69
N GLN P 127 17.71 11.32 42.91
CA GLN P 127 18.98 11.20 43.62
C GLN P 127 19.27 9.77 44.03
N HIS P 128 18.24 8.97 44.24
CA HIS P 128 18.45 7.55 44.45
C HIS P 128 19.11 6.95 43.24
N GLU P 129 18.61 7.30 42.06
CA GLU P 129 19.16 6.77 40.79
C GLU P 129 20.59 7.29 40.62
N GLU P 130 20.85 8.53 40.99
CA GLU P 130 22.18 9.10 40.86
C GLU P 130 23.19 8.41 41.76
N GLU P 131 22.83 8.21 43.02
CA GLU P 131 23.75 7.54 43.95
C GLU P 131 24.05 6.13 43.49
N TYR P 132 23.05 5.46 42.96
CA TYR P 132 23.25 4.09 42.51
C TYR P 132 24.25 4.08 41.36
N LEU P 133 24.04 4.99 40.41
CA LEU P 133 24.88 5.11 39.24
C LEU P 133 26.33 5.39 39.58
N PHE P 134 26.56 6.40 40.41
CA PHE P 134 27.90 6.84 40.74
C PHE P 134 28.60 5.93 41.72
N SER P 135 27.88 5.39 42.70
CA SER P 135 28.50 4.46 43.64
C SER P 135 28.94 3.22 42.86
N SER P 136 28.09 2.77 41.97
CA SER P 136 28.35 1.55 41.25
C SER P 136 29.56 1.73 40.33
N MET P 137 29.67 2.88 39.69
CA MET P 137 30.78 3.15 38.80
C MET P 137 32.09 3.22 39.60
N LEU P 138 32.05 3.82 40.79
CA LEU P 138 33.21 3.87 41.67
C LEU P 138 33.64 2.47 42.10
N HIS P 139 32.67 1.64 42.51
CA HIS P 139 32.88 0.28 43.05
C HIS P 139 33.60 -0.53 41.95
N LYS P 140 33.13 -0.41 40.71
CA LYS P 140 33.75 -1.10 39.58
C LYS P 140 35.15 -0.58 39.27
N ALA P 141 35.37 0.71 39.42
CA ALA P 141 36.69 1.27 39.15
C ALA P 141 37.71 0.71 40.14
N ARG P 142 37.32 0.59 41.41
CA ARG P 142 38.19 0.03 42.45
C ARG P 142 38.52 -1.44 42.22
N ILE P 143 37.52 -2.20 41.79
CA ILE P 143 37.72 -3.60 41.50
C ILE P 143 38.64 -3.73 40.31
N ILE P 144 38.38 -2.98 39.25
CA ILE P 144 39.14 -3.13 38.01
C ILE P 144 40.57 -2.64 38.15
N ASN P 145 40.83 -1.86 39.19
CA ASN P 145 42.17 -1.44 39.54
C ASN P 145 43.09 -2.56 40.07
N THR P 146 42.53 -3.74 40.32
CA THR P 146 43.26 -4.89 40.78
CA THR P 146 43.22 -4.92 40.89
C THR P 146 43.23 -6.04 39.85
N MET P 147 44.28 -6.88 39.88
CA MET P 147 44.42 -8.06 39.01
C MET P 147 43.31 -9.11 39.26
N ASP P 148 43.02 -9.37 40.54
CA ASP P 148 41.91 -10.26 40.92
C ASP P 148 40.55 -9.77 40.41
N GLY P 149 40.32 -8.46 40.55
CA GLY P 149 39.13 -7.80 40.04
C GLY P 149 38.97 -7.89 38.54
N ARG P 150 40.04 -7.68 37.80
CA ARG P 150 39.93 -7.79 36.36
C ARG P 150 39.55 -9.21 35.96
N ALA P 151 39.99 -10.20 36.73
CA ALA P 151 39.61 -11.60 36.44
C ALA P 151 38.12 -11.86 36.70
N LEU P 152 37.57 -11.28 37.78
CA LEU P 152 36.13 -11.36 38.06
C LEU P 152 35.33 -10.79 36.91
N PHE P 153 35.74 -9.63 36.42
CA PHE P 153 35.02 -8.97 35.35
C PHE P 153 35.14 -9.72 34.05
N ARG P 154 36.22 -10.46 33.88
CA ARG P 154 36.38 -11.24 32.67
C ARG P 154 35.38 -12.37 32.67
N PHE P 155 35.14 -12.96 33.85
CA PHE P 155 34.13 -13.99 33.97
C PHE P 155 32.73 -13.42 33.75
N ASP P 156 32.44 -12.28 34.37
CA ASP P 156 31.16 -11.63 34.20
C ASP P 156 30.89 -11.34 32.73
N GLU P 157 31.90 -10.91 31.99
CA GLU P 157 31.71 -10.62 30.60
C GLU P 157 31.46 -11.89 29.80
N GLU P 158 32.08 -12.98 30.20
CA GLU P 158 31.82 -14.26 29.56
C GLU P 158 30.39 -14.69 29.76
N VAL P 159 29.83 -14.42 30.92
CA VAL P 159 28.44 -14.69 31.17
C VAL P 159 27.56 -13.77 30.32
N ARG P 160 27.89 -12.50 30.18
CA ARG P 160 27.11 -11.62 29.30
C ARG P 160 27.04 -12.14 27.85
N LYS P 161 28.14 -12.63 27.31
CA LYS P 161 28.19 -13.19 25.96
C LYS P 161 27.57 -14.59 25.86
N SER P 162 27.99 -15.52 26.73
CA SER P 162 27.39 -16.87 26.85
C SER P 162 26.14 -16.64 27.83
N VAL P 163 24.86 -16.92 27.51
CA VAL P 163 23.71 -16.86 28.49
C VAL P 163 23.24 -15.44 28.95
N MET Q 1 -28.28 -48.22 -16.36
CA MET Q 1 -29.21 -47.67 -15.33
C MET Q 1 -30.45 -46.99 -15.94
N LEU Q 2 -30.34 -46.09 -16.92
CA LEU Q 2 -31.56 -45.44 -17.43
C LEU Q 2 -32.44 -46.42 -18.18
N SER Q 3 -33.73 -46.39 -17.94
CA SER Q 3 -34.66 -47.17 -18.72
C SER Q 3 -34.69 -46.66 -20.17
N LYS Q 4 -35.09 -47.51 -21.09
CA LYS Q 4 -35.11 -47.13 -22.48
C LYS Q 4 -36.12 -46.02 -22.75
N THR Q 5 -37.24 -46.06 -22.07
CA THR Q 5 -38.29 -45.05 -22.32
C THR Q 5 -37.79 -43.66 -21.89
N ILE Q 6 -37.09 -43.59 -20.76
CA ILE Q 6 -36.57 -42.32 -20.24
C ILE Q 6 -35.40 -41.85 -21.13
N LEU Q 7 -34.49 -42.75 -21.46
CA LEU Q 7 -33.37 -42.43 -22.31
C LEU Q 7 -33.87 -41.82 -23.61
N ASP Q 8 -34.89 -42.41 -24.22
CA ASP Q 8 -35.35 -41.93 -25.51
C ASP Q 8 -35.92 -40.55 -25.38
N LYS Q 9 -36.59 -40.30 -24.27
CA LYS Q 9 -37.14 -38.97 -24.06
C LYS Q 9 -36.11 -37.91 -23.70
N LEU Q 10 -35.07 -38.30 -22.98
CA LEU Q 10 -34.00 -37.37 -22.65
C LEU Q 10 -33.23 -37.01 -23.91
N ASN Q 11 -32.94 -38.01 -24.74
CA ASN Q 11 -32.36 -37.75 -26.04
C ASN Q 11 -33.26 -36.93 -26.95
N HIS Q 12 -34.55 -37.13 -26.87
CA HIS Q 12 -35.45 -36.28 -27.62
C HIS Q 12 -35.32 -34.82 -27.15
N GLN Q 13 -35.17 -34.62 -25.83
CA GLN Q 13 -35.04 -33.30 -25.26
C GLN Q 13 -33.70 -32.66 -25.64
N VAL Q 14 -32.63 -33.44 -25.60
CA VAL Q 14 -31.36 -32.95 -26.10
C VAL Q 14 -31.56 -32.37 -27.49
N ASN Q 15 -32.19 -33.14 -28.37
CA ASN Q 15 -32.41 -32.72 -29.73
C ASN Q 15 -33.29 -31.47 -29.82
N PHE Q 16 -34.29 -31.42 -28.94
CA PHE Q 16 -35.24 -30.28 -28.91
C PHE Q 16 -34.53 -28.97 -28.49
N GLU Q 17 -33.66 -29.04 -27.50
CA GLU Q 17 -32.89 -27.88 -27.06
C GLU Q 17 -31.94 -27.46 -28.19
N ALA Q 18 -31.31 -28.42 -28.86
CA ALA Q 18 -30.46 -28.09 -30.00
C ALA Q 18 -31.25 -27.36 -31.06
N ALA Q 19 -32.46 -27.82 -31.32
CA ALA Q 19 -33.29 -27.19 -32.35
C ALA Q 19 -33.70 -25.81 -31.94
N SER Q 20 -33.87 -25.60 -30.65
CA SER Q 20 -34.20 -24.28 -30.14
C SER Q 20 -33.09 -23.29 -30.35
N ALA Q 21 -31.87 -23.72 -30.12
CA ALA Q 21 -30.74 -22.85 -30.36
C ALA Q 21 -30.73 -22.41 -31.80
N HIS Q 22 -30.92 -23.35 -32.69
CA HIS Q 22 -30.84 -23.07 -34.14
C HIS Q 22 -31.99 -22.19 -34.53
N LEU Q 23 -33.14 -22.45 -33.96
CA LEU Q 23 -34.31 -21.63 -34.26
C LEU Q 23 -34.07 -20.18 -33.86
N TYR Q 24 -33.52 -19.97 -32.68
CA TYR Q 24 -33.29 -18.62 -32.20
C TYR Q 24 -32.14 -17.92 -32.97
N LEU Q 25 -31.14 -18.67 -33.40
CA LEU Q 25 -30.16 -18.11 -34.33
C LEU Q 25 -30.83 -17.64 -35.59
N GLN Q 26 -31.70 -18.47 -36.15
CA GLN Q 26 -32.34 -18.14 -37.41
C GLN Q 26 -33.25 -16.94 -37.26
N MET Q 27 -33.94 -16.86 -36.13
CA MET Q 27 -34.76 -15.68 -35.84
C MET Q 27 -33.88 -14.43 -35.77
N SER Q 28 -32.72 -14.56 -35.13
CA SER Q 28 -31.81 -13.44 -34.98
C SER Q 28 -31.41 -12.88 -36.32
N ALA Q 29 -31.08 -13.78 -37.23
CA ALA Q 29 -30.72 -13.37 -38.57
C ALA Q 29 -31.84 -12.60 -39.27
N TRP Q 30 -33.07 -13.10 -39.17
CA TRP Q 30 -34.21 -12.48 -39.84
C TRP Q 30 -34.41 -11.09 -39.25
N LEU Q 31 -34.35 -11.01 -37.92
CA LEU Q 31 -34.54 -9.73 -37.25
C LEU Q 31 -33.54 -8.67 -37.73
N LEU Q 32 -32.30 -9.07 -38.01
CA LEU Q 32 -31.32 -8.12 -38.53
C LEU Q 32 -31.75 -7.56 -39.88
N THR Q 33 -32.40 -8.37 -40.73
CA THR Q 33 -32.91 -7.83 -42.01
C THR Q 33 -34.03 -6.80 -41.83
N GLN Q 34 -34.69 -6.78 -40.66
CA GLN Q 34 -35.72 -5.77 -40.33
C GLN Q 34 -35.15 -4.57 -39.58
N SER Q 35 -33.83 -4.55 -39.39
CA SER Q 35 -33.16 -3.54 -38.54
C SER Q 35 -33.59 -3.55 -37.07
N LEU Q 36 -34.05 -4.69 -36.58
CA LEU Q 36 -34.37 -4.84 -35.18
C LEU Q 36 -33.14 -5.43 -34.45
N ASP Q 37 -32.12 -4.60 -34.33
CA ASP Q 37 -30.81 -5.05 -33.86
C ASP Q 37 -30.76 -5.54 -32.41
N SER Q 38 -31.51 -4.90 -31.52
CA SER Q 38 -31.54 -5.32 -30.12
C SER Q 38 -32.31 -6.61 -29.92
N THR Q 39 -33.42 -6.75 -30.63
CA THR Q 39 -34.15 -8.01 -30.59
C THR Q 39 -33.30 -9.13 -31.20
N ALA Q 40 -32.60 -8.83 -32.28
CA ALA Q 40 -31.65 -9.79 -32.87
C ALA Q 40 -30.60 -10.24 -31.84
N ALA Q 41 -30.10 -9.30 -31.07
CA ALA Q 41 -29.05 -9.60 -30.09
C ALA Q 41 -29.61 -10.47 -28.98
N PHE Q 42 -30.86 -10.18 -28.60
CA PHE Q 42 -31.49 -10.98 -27.58
C PHE Q 42 -31.57 -12.43 -28.04
N PHE Q 43 -32.04 -12.64 -29.26
CA PHE Q 43 -32.23 -14.03 -29.75
C PHE Q 43 -30.90 -14.72 -29.95
N ARG Q 44 -29.90 -13.97 -30.35
CA ARG Q 44 -28.57 -14.52 -30.45
C ARG Q 44 -28.06 -15.00 -29.12
N ALA Q 45 -28.18 -14.16 -28.12
CA ALA Q 45 -27.73 -14.53 -26.77
C ALA Q 45 -28.55 -15.70 -26.25
N HIS Q 46 -29.84 -15.72 -26.56
CA HIS Q 46 -30.68 -16.77 -26.03
C HIS Q 46 -30.43 -18.12 -26.71
N ALA Q 47 -29.93 -18.10 -27.95
CA ALA Q 47 -29.48 -19.34 -28.57
C ALA Q 47 -28.37 -19.96 -27.75
N GLU Q 48 -27.52 -19.15 -27.16
CA GLU Q 48 -26.46 -19.64 -26.31
C GLU Q 48 -27.03 -20.29 -25.03
N GLU Q 49 -28.11 -19.74 -24.50
CA GLU Q 49 -28.76 -20.34 -23.34
C GLU Q 49 -29.32 -21.71 -23.67
N GLU Q 50 -29.89 -21.85 -24.86
CA GLU Q 50 -30.47 -23.13 -25.26
C GLU Q 50 -29.37 -24.17 -25.43
N LYS Q 51 -28.20 -23.74 -25.88
CA LYS Q 51 -27.07 -24.65 -25.99
C LYS Q 51 -26.67 -25.15 -24.64
N ALA Q 52 -26.69 -24.30 -23.64
CA ALA Q 52 -26.37 -24.74 -22.28
C ALA Q 52 -27.40 -25.72 -21.75
N HIS Q 53 -28.68 -25.51 -22.07
CA HIS Q 53 -29.71 -26.47 -21.67
C HIS Q 53 -29.43 -27.84 -22.32
N MET Q 54 -29.05 -27.82 -23.59
CA MET Q 54 -28.73 -29.01 -24.31
C MET Q 54 -27.56 -29.76 -23.64
N MET Q 55 -26.49 -29.05 -23.34
CA MET Q 55 -25.28 -29.67 -22.82
C MET Q 55 -25.47 -30.28 -21.46
N LYS Q 56 -26.33 -29.68 -20.67
CA LYS Q 56 -26.56 -30.15 -19.35
C LYS Q 56 -27.30 -31.52 -19.39
N LEU Q 57 -28.27 -31.66 -20.28
CA LEU Q 57 -28.95 -32.93 -20.55
C LEU Q 57 -27.95 -33.97 -21.09
N PHE Q 58 -27.20 -33.56 -22.09
CA PHE Q 58 -26.18 -34.36 -22.73
C PHE Q 58 -25.24 -34.93 -21.70
N ASP Q 59 -24.77 -34.10 -20.79
CA ASP Q 59 -23.89 -34.60 -19.73
C ASP Q 59 -24.56 -35.56 -18.78
N TYR Q 60 -25.81 -35.29 -18.40
CA TYR Q 60 -26.49 -36.15 -17.44
C TYR Q 60 -26.58 -37.54 -18.06
N ILE Q 61 -27.01 -37.59 -19.31
CA ILE Q 61 -27.22 -38.86 -19.95
C ILE Q 61 -25.91 -39.63 -19.95
N ASN Q 62 -24.85 -38.99 -20.40
CA ASN Q 62 -23.54 -39.65 -20.42
C ASN Q 62 -23.02 -40.08 -19.05
N GLU Q 63 -23.24 -39.25 -18.03
CA GLU Q 63 -22.84 -39.62 -16.68
C GLU Q 63 -23.56 -40.86 -16.18
N THR Q 64 -24.81 -41.08 -16.56
CA THR Q 64 -25.53 -42.28 -16.14
C THR Q 64 -25.01 -43.55 -16.81
N GLY Q 65 -24.13 -43.40 -17.79
CA GLY Q 65 -23.59 -44.53 -18.54
C GLY Q 65 -24.24 -44.82 -19.88
N SER Q 66 -25.27 -44.08 -20.27
CA SER Q 66 -25.87 -44.23 -21.59
C SER Q 66 -25.24 -43.26 -22.56
N LEU Q 67 -25.61 -43.36 -23.83
CA LEU Q 67 -24.97 -42.60 -24.86
C LEU Q 67 -25.94 -41.55 -25.35
N ALA Q 68 -25.57 -40.29 -25.18
CA ALA Q 68 -26.43 -39.21 -25.60
C ALA Q 68 -26.37 -39.08 -27.11
N LEU Q 69 -27.49 -38.71 -27.71
CA LEU Q 69 -27.59 -38.64 -29.15
C LEU Q 69 -28.14 -37.30 -29.54
N ILE Q 70 -27.47 -36.64 -30.49
CA ILE Q 70 -27.88 -35.33 -30.93
C ILE Q 70 -29.05 -35.43 -31.90
N GLY Q 71 -28.97 -36.40 -32.82
CA GLY Q 71 -29.99 -36.57 -33.85
C GLY Q 71 -29.99 -35.54 -34.96
N GLU Q 72 -31.11 -35.45 -35.67
CA GLU Q 72 -31.29 -34.51 -36.78
C GLU Q 72 -31.97 -33.25 -36.28
N VAL Q 73 -31.48 -32.11 -36.71
CA VAL Q 73 -32.05 -30.85 -36.34
C VAL Q 73 -32.34 -30.11 -37.61
N ALA Q 74 -33.60 -29.78 -37.88
CA ALA Q 74 -33.93 -29.11 -39.13
C ALA Q 74 -34.51 -27.77 -38.83
N THR Q 75 -33.93 -26.71 -39.36
CA THR Q 75 -34.44 -25.37 -39.10
C THR Q 75 -35.04 -24.82 -40.37
N PRO Q 76 -36.36 -24.59 -40.36
CA PRO Q 76 -36.98 -24.00 -41.56
C PRO Q 76 -36.48 -22.58 -41.80
N ALA Q 77 -36.40 -22.20 -43.08
CA ALA Q 77 -36.07 -20.83 -43.49
C ALA Q 77 -37.10 -19.88 -42.87
N PRO Q 78 -36.76 -18.60 -42.73
CA PRO Q 78 -37.64 -17.67 -42.04
C PRO Q 78 -38.93 -17.36 -42.82
N GLU Q 79 -40.05 -17.84 -42.33
CA GLU Q 79 -41.34 -17.51 -42.92
C GLU Q 79 -41.85 -16.11 -42.47
N TRP Q 80 -41.38 -15.60 -41.33
CA TRP Q 80 -42.13 -14.61 -40.54
C TRP Q 80 -42.45 -13.34 -41.28
N LYS Q 81 -43.71 -12.92 -41.18
CA LYS Q 81 -44.21 -11.73 -41.89
C LYS Q 81 -44.02 -10.49 -41.02
N SER Q 82 -44.03 -10.63 -39.70
CA SER Q 82 -43.75 -9.50 -38.81
C SER Q 82 -43.01 -9.95 -37.55
N HIS Q 83 -42.45 -9.01 -36.80
CA HIS Q 83 -41.80 -9.36 -35.54
C HIS Q 83 -42.77 -9.97 -34.53
N ILE Q 84 -44.04 -9.58 -34.58
CA ILE Q 84 -45.03 -10.15 -33.69
C ILE Q 84 -45.30 -11.62 -34.02
N GLU Q 85 -45.37 -11.96 -35.31
CA GLU Q 85 -45.54 -13.35 -35.70
C GLU Q 85 -44.34 -14.19 -35.19
N LEU Q 86 -43.14 -13.63 -35.26
CA LEU Q 86 -41.93 -14.31 -34.76
C LEU Q 86 -41.94 -14.49 -33.24
N LEU Q 87 -42.31 -13.45 -32.50
CA LEU Q 87 -42.46 -13.56 -31.07
C LEU Q 87 -43.55 -14.55 -30.62
N GLU Q 88 -44.67 -14.63 -31.37
CA GLU Q 88 -45.70 -15.66 -31.13
C GLU Q 88 -45.10 -17.05 -31.30
N ALA Q 89 -44.32 -17.23 -32.37
CA ALA Q 89 -43.70 -18.53 -32.61
C ALA Q 89 -42.74 -18.89 -31.49
N ALA Q 90 -41.94 -17.92 -31.06
CA ALA Q 90 -41.01 -18.16 -29.99
C ALA Q 90 -41.74 -18.55 -28.72
N TYR Q 91 -42.77 -17.80 -28.35
CA TYR Q 91 -43.54 -18.12 -27.16
C TYR Q 91 -44.21 -19.51 -27.22
N ASN Q 92 -44.83 -19.83 -28.34
CA ASN Q 92 -45.41 -21.17 -28.52
C ASN Q 92 -44.37 -22.28 -28.48
N HIS Q 93 -43.21 -22.02 -29.06
CA HIS Q 93 -42.11 -22.95 -28.98
C HIS Q 93 -41.70 -23.20 -27.53
N GLU Q 94 -41.61 -22.12 -26.73
CA GLU Q 94 -41.25 -22.28 -25.33
C GLU Q 94 -42.35 -23.04 -24.56
N LEU Q 95 -43.61 -22.82 -24.92
CA LEU Q 95 -44.71 -23.62 -24.31
C LEU Q 95 -44.55 -25.11 -24.63
N ALA Q 96 -44.14 -25.42 -25.85
CA ALA Q 96 -43.94 -26.81 -26.27
C ALA Q 96 -42.77 -27.44 -25.54
N ILE Q 97 -41.72 -26.67 -25.30
CA ILE Q 97 -40.61 -27.17 -24.54
C ILE Q 97 -41.06 -27.49 -23.12
N THR Q 98 -41.81 -26.58 -22.51
CA THR Q 98 -42.33 -26.84 -21.20
C THR Q 98 -43.18 -28.11 -21.17
N GLN Q 99 -44.01 -28.30 -22.19
CA GLN Q 99 -44.83 -29.51 -22.27
C GLN Q 99 -43.96 -30.74 -22.27
N SER Q 100 -42.93 -30.72 -23.09
CA SER Q 100 -42.02 -31.82 -23.21
C SER Q 100 -41.28 -32.13 -21.89
N ILE Q 101 -40.89 -31.08 -21.16
CA ILE Q 101 -40.24 -31.25 -19.88
C ILE Q 101 -41.24 -31.84 -18.90
N ASN Q 102 -42.46 -31.30 -18.87
CA ASN Q 102 -43.49 -31.86 -17.97
C ASN Q 102 -43.81 -33.33 -18.24
N ASP Q 103 -43.89 -33.73 -19.51
CA ASP Q 103 -44.07 -35.11 -19.86
C ASP Q 103 -42.91 -35.96 -19.33
N LEU Q 104 -41.70 -35.46 -19.50
CA LEU Q 104 -40.52 -36.14 -19.00
C LEU Q 104 -40.52 -36.28 -17.47
N VAL Q 105 -40.92 -35.24 -16.76
CA VAL Q 105 -40.96 -35.26 -15.30
C VAL Q 105 -42.00 -36.28 -14.85
N ASP Q 106 -43.17 -36.21 -15.48
CA ASP Q 106 -44.26 -37.11 -15.20
C ASP Q 106 -43.82 -38.56 -15.41
N THR Q 107 -43.13 -38.85 -16.53
CA THR Q 107 -42.75 -40.22 -16.76
C THR Q 107 -41.66 -40.70 -15.79
N ALA Q 108 -40.79 -39.82 -15.34
CA ALA Q 108 -39.81 -40.21 -14.33
C ALA Q 108 -40.44 -40.54 -13.02
N LEU Q 109 -41.44 -39.78 -12.66
CA LEU Q 109 -42.20 -40.01 -11.44
C LEU Q 109 -42.95 -41.36 -11.51
N ARG Q 110 -43.61 -41.60 -12.64
CA ARG Q 110 -44.36 -42.82 -12.88
C ARG Q 110 -43.44 -44.08 -12.82
N GLU Q 111 -42.24 -44.02 -13.39
CA GLU Q 111 -41.30 -45.15 -13.31
C GLU Q 111 -40.49 -45.19 -12.02
N LYS Q 112 -40.77 -44.29 -11.10
CA LYS Q 112 -39.95 -44.13 -9.90
C LYS Q 112 -38.43 -43.99 -10.19
N ASP Q 113 -38.08 -43.32 -11.30
CA ASP Q 113 -36.71 -42.85 -11.55
C ASP Q 113 -36.51 -41.48 -10.87
N TYR Q 114 -36.27 -41.53 -9.57
CA TYR Q 114 -36.24 -40.33 -8.78
C TYR Q 114 -35.02 -39.49 -9.11
N SER Q 115 -33.99 -40.15 -9.55
CA SER Q 115 -32.77 -39.45 -9.95
C SER Q 115 -33.03 -38.52 -11.14
N THR Q 116 -33.70 -39.01 -12.17
CA THR Q 116 -34.02 -38.18 -13.30
C THR Q 116 -35.08 -37.15 -12.91
N PHE Q 117 -36.00 -37.52 -12.03
CA PHE Q 117 -36.98 -36.56 -11.54
C PHE Q 117 -36.26 -35.36 -10.91
N GLN Q 118 -35.27 -35.59 -10.04
CA GLN Q 118 -34.69 -34.48 -9.37
C GLN Q 118 -33.81 -33.70 -10.32
N PHE Q 119 -33.14 -34.36 -11.23
CA PHE Q 119 -32.31 -33.67 -12.21
C PHE Q 119 -33.17 -32.69 -13.01
N LEU Q 120 -34.41 -33.08 -13.31
CA LEU Q 120 -35.25 -32.27 -14.19
C LEU Q 120 -35.88 -31.05 -13.50
N GLN Q 121 -35.81 -30.99 -12.18
CA GLN Q 121 -36.37 -29.83 -11.47
C GLN Q 121 -35.71 -28.51 -11.90
N TRP Q 122 -34.42 -28.56 -12.18
CA TRP Q 122 -33.75 -27.40 -12.75
C TRP Q 122 -34.48 -26.88 -13.99
N TYR Q 123 -34.87 -27.78 -14.89
CA TYR Q 123 -35.55 -27.40 -16.14
C TYR Q 123 -36.97 -26.92 -15.88
N VAL Q 124 -37.65 -27.51 -14.91
CA VAL Q 124 -38.98 -27.05 -14.59
C VAL Q 124 -38.92 -25.58 -14.16
N ALA Q 125 -37.97 -25.27 -13.30
CA ALA Q 125 -37.74 -23.90 -12.84
C ALA Q 125 -37.31 -22.99 -13.98
N GLU Q 126 -36.37 -23.45 -14.79
CA GLU Q 126 -35.90 -22.64 -15.90
C GLU Q 126 -37.04 -22.32 -16.89
N GLN Q 127 -37.95 -23.25 -17.13
CA GLN Q 127 -39.02 -23.02 -18.09
C GLN Q 127 -40.05 -22.03 -17.58
N HIS Q 128 -40.22 -21.94 -16.28
CA HIS Q 128 -41.02 -20.89 -15.71
C HIS Q 128 -40.41 -19.52 -16.08
N GLU Q 129 -39.10 -19.39 -15.94
CA GLU Q 129 -38.39 -18.13 -16.25
C GLU Q 129 -38.49 -17.86 -17.73
N GLU Q 130 -38.41 -18.90 -18.56
CA GLU Q 130 -38.50 -18.73 -20.02
C GLU Q 130 -39.87 -18.26 -20.46
N GLU Q 131 -40.91 -18.88 -19.96
CA GLU Q 131 -42.26 -18.46 -20.31
C GLU Q 131 -42.53 -17.04 -19.87
N TYR Q 132 -42.02 -16.67 -18.70
CA TYR Q 132 -42.21 -15.30 -18.21
C TYR Q 132 -41.55 -14.31 -19.17
N LEU Q 133 -40.32 -14.61 -19.53
CA LEU Q 133 -39.53 -13.78 -20.41
C LEU Q 133 -40.19 -13.59 -21.78
N PHE Q 134 -40.56 -14.70 -22.43
CA PHE Q 134 -41.10 -14.64 -23.77
C PHE Q 134 -42.55 -14.16 -23.83
N SER Q 135 -43.37 -14.53 -22.87
CA SER Q 135 -44.76 -14.03 -22.83
C SER Q 135 -44.75 -12.51 -22.60
N SER Q 136 -43.86 -12.05 -21.74
CA SER Q 136 -43.78 -10.65 -21.41
C SER Q 136 -43.29 -9.84 -22.63
N MET Q 137 -42.32 -10.35 -23.38
CA MET Q 137 -41.81 -9.68 -24.54
C MET Q 137 -42.86 -9.61 -25.65
N LEU Q 138 -43.64 -10.68 -25.80
CA LEU Q 138 -44.78 -10.67 -26.74
C LEU Q 138 -45.85 -9.67 -26.34
N HIS Q 139 -46.21 -9.66 -25.07
CA HIS Q 139 -47.25 -8.78 -24.53
CA HIS Q 139 -47.24 -8.74 -24.60
C HIS Q 139 -46.85 -7.31 -24.85
N LYS Q 140 -45.59 -6.97 -24.58
CA LYS Q 140 -45.10 -5.63 -24.83
C LYS Q 140 -45.07 -5.30 -26.32
N ALA Q 141 -44.75 -6.27 -27.16
CA ALA Q 141 -44.72 -6.02 -28.59
C ALA Q 141 -46.12 -5.67 -29.10
N ARG Q 142 -47.13 -6.34 -28.59
CA ARG Q 142 -48.52 -6.08 -28.98
C ARG Q 142 -48.99 -4.72 -28.54
N ILE Q 143 -48.63 -4.35 -27.32
CA ILE Q 143 -48.98 -3.02 -26.79
C ILE Q 143 -48.27 -1.93 -27.57
N ILE Q 144 -46.97 -2.09 -27.82
CA ILE Q 144 -46.17 -1.08 -28.52
C ILE Q 144 -46.58 -0.94 -29.98
N ASN Q 145 -47.27 -1.94 -30.51
CA ASN Q 145 -47.82 -1.88 -31.85
C ASN Q 145 -49.01 -0.93 -32.03
N THR Q 146 -49.54 -0.41 -30.94
CA THR Q 146 -50.68 0.50 -30.92
C THR Q 146 -50.19 1.90 -30.45
N MET Q 147 -50.83 2.96 -30.90
CA MET Q 147 -50.49 4.29 -30.38
C MET Q 147 -50.82 4.52 -28.90
N ASP Q 148 -51.97 4.03 -28.46
CA ASP Q 148 -52.35 4.09 -27.05
C ASP Q 148 -51.28 3.42 -26.18
N GLY Q 149 -50.81 2.27 -26.65
CA GLY Q 149 -49.79 1.50 -25.99
C GLY Q 149 -48.48 2.25 -25.91
N ARG Q 150 -48.06 2.87 -26.99
CA ARG Q 150 -46.81 3.61 -26.94
C ARG Q 150 -46.91 4.76 -25.90
N ALA Q 151 -48.09 5.31 -25.72
CA ALA Q 151 -48.28 6.34 -24.70
C ALA Q 151 -48.16 5.79 -23.30
N LEU Q 152 -48.68 4.60 -23.05
CA LEU Q 152 -48.53 3.94 -21.75
C LEU Q 152 -47.08 3.74 -21.43
N PHE Q 153 -46.32 3.27 -22.41
CA PHE Q 153 -44.91 2.99 -22.20
C PHE Q 153 -44.12 4.25 -22.00
N ARG Q 154 -44.59 5.35 -22.55
CA ARG Q 154 -43.90 6.63 -22.37
C ARG Q 154 -44.07 7.07 -20.92
N PHE Q 155 -45.24 6.84 -20.33
CA PHE Q 155 -45.44 7.11 -18.93
C PHE Q 155 -44.60 6.21 -18.05
N ASP Q 156 -44.59 4.93 -18.37
CA ASP Q 156 -43.79 3.98 -17.59
C ASP Q 156 -42.32 4.35 -17.60
N GLU Q 157 -41.83 4.81 -18.74
CA GLU Q 157 -40.44 5.21 -18.83
C GLU Q 157 -40.16 6.48 -18.04
N GLU Q 158 -41.12 7.38 -18.00
CA GLU Q 158 -41.01 8.55 -17.15
C GLU Q 158 -40.90 8.15 -15.68
N VAL Q 159 -41.64 7.12 -15.26
CA VAL Q 159 -41.55 6.66 -13.90
C VAL Q 159 -40.18 6.02 -13.68
N ARG Q 160 -39.67 5.26 -14.64
CA ARG Q 160 -38.31 4.70 -14.48
C ARG Q 160 -37.24 5.78 -14.25
N LYS Q 161 -37.31 6.90 -14.98
CA LYS Q 161 -36.37 8.00 -14.80
C LYS Q 161 -36.65 8.84 -13.58
N SER Q 162 -37.87 9.32 -13.42
CA SER Q 162 -38.24 10.18 -12.28
C SER Q 162 -38.15 9.50 -10.88
N VAL Q 163 -38.56 8.23 -10.72
CA VAL Q 163 -38.63 7.58 -9.36
C VAL Q 163 -38.28 6.06 -9.25
N MET R 1 47.01 -9.20 -30.19
CA MET R 1 46.74 -9.59 -31.62
C MET R 1 46.97 -11.14 -31.90
N LEU R 2 45.90 -11.70 -32.42
CA LEU R 2 45.81 -13.15 -32.56
C LEU R 2 46.75 -13.72 -33.59
N SER R 3 47.43 -14.80 -33.26
CA SER R 3 48.29 -15.46 -34.22
C SER R 3 47.41 -16.05 -35.31
N LYS R 4 47.98 -16.27 -36.47
CA LYS R 4 47.20 -16.80 -37.57
C LYS R 4 46.71 -18.21 -37.25
N THR R 5 47.52 -19.00 -36.58
CA THR R 5 47.13 -20.38 -36.33
CA THR R 5 47.10 -20.38 -36.32
C THR R 5 45.91 -20.42 -35.40
N ILE R 6 45.91 -19.56 -34.37
CA ILE R 6 44.81 -19.52 -33.38
C ILE R 6 43.57 -18.91 -34.02
N LEU R 7 43.73 -17.85 -34.79
CA LEU R 7 42.62 -17.27 -35.55
C LEU R 7 41.95 -18.29 -36.43
N ASP R 8 42.73 -19.07 -37.17
CA ASP R 8 42.14 -20.03 -38.10
C ASP R 8 41.35 -21.11 -37.35
N LYS R 9 41.84 -21.50 -36.21
CA LYS R 9 41.12 -22.45 -35.40
C LYS R 9 39.89 -21.89 -34.71
N LEU R 10 39.94 -20.64 -34.28
CA LEU R 10 38.78 -19.99 -33.65
C LEU R 10 37.69 -19.82 -34.69
N ASN R 11 38.06 -19.39 -35.88
CA ASN R 11 37.12 -19.33 -36.98
C ASN R 11 36.58 -20.70 -37.38
N HIS R 12 37.41 -21.72 -37.28
CA HIS R 12 36.91 -23.06 -37.57
C HIS R 12 35.83 -23.42 -36.53
N GLN R 13 36.07 -23.06 -35.28
CA GLN R 13 35.15 -23.33 -34.20
C GLN R 13 33.86 -22.51 -34.34
N VAL R 14 33.97 -21.24 -34.73
CA VAL R 14 32.79 -20.50 -35.08
C VAL R 14 31.94 -21.29 -36.07
N ASN R 15 32.56 -21.75 -37.14
CA ASN R 15 31.85 -22.49 -38.20
C ASN R 15 31.28 -23.83 -37.69
N PHE R 16 32.02 -24.49 -36.82
CA PHE R 16 31.59 -25.75 -36.22
C PHE R 16 30.34 -25.54 -35.34
N GLU R 17 30.30 -24.48 -34.54
CA GLU R 17 29.14 -24.19 -33.68
C GLU R 17 27.95 -23.84 -34.57
N ALA R 18 28.16 -23.06 -35.62
CA ALA R 18 27.08 -22.79 -36.57
C ALA R 18 26.53 -24.05 -37.19
N ALA R 19 27.42 -24.97 -37.55
CA ALA R 19 26.98 -26.25 -38.15
C ALA R 19 26.23 -27.09 -37.15
N SER R 20 26.60 -26.98 -35.88
CA SER R 20 25.86 -27.71 -34.83
C SER R 20 24.41 -27.21 -34.74
N ALA R 21 24.24 -25.90 -34.80
CA ALA R 21 22.93 -25.35 -34.67
C ALA R 21 22.07 -25.89 -35.79
N HIS R 22 22.59 -25.85 -36.99
CA HIS R 22 21.85 -26.28 -38.16
C HIS R 22 21.58 -27.79 -38.07
N LEU R 23 22.55 -28.53 -37.57
CA LEU R 23 22.36 -29.98 -37.39
C LEU R 23 21.20 -30.24 -36.45
N TYR R 24 21.15 -29.53 -35.35
CA TYR R 24 20.15 -29.79 -34.36
C TYR R 24 18.77 -29.33 -34.83
N LEU R 25 18.72 -28.28 -35.61
CA LEU R 25 17.47 -27.90 -36.22
C LEU R 25 16.99 -29.03 -37.11
N GLN R 26 17.89 -29.59 -37.90
CA GLN R 26 17.50 -30.60 -38.88
C GLN R 26 17.04 -31.85 -38.15
N MET R 27 17.69 -32.16 -37.05
CA MET R 27 17.28 -33.30 -36.23
C MET R 27 15.87 -33.05 -35.71
N SER R 28 15.63 -31.83 -35.25
CA SER R 28 14.34 -31.47 -34.70
C SER R 28 13.27 -31.75 -35.71
N ALA R 29 13.52 -31.34 -36.95
CA ALA R 29 12.53 -31.51 -38.00
C ALA R 29 12.23 -32.97 -38.26
N TRP R 30 13.27 -33.80 -38.28
CA TRP R 30 13.10 -35.22 -38.49
C TRP R 30 12.29 -35.83 -37.34
N LEU R 31 12.65 -35.47 -36.10
CA LEU R 31 11.95 -35.99 -34.94
C LEU R 31 10.45 -35.70 -34.99
N LEU R 32 10.08 -34.54 -35.51
CA LEU R 32 8.64 -34.22 -35.64
C LEU R 32 7.94 -35.19 -36.58
N THR R 33 8.62 -35.64 -37.64
CA THR R 33 8.00 -36.67 -38.53
C THR R 33 7.79 -38.01 -37.84
N GLN R 34 8.48 -38.26 -36.72
CA GLN R 34 8.30 -39.49 -35.92
C GLN R 34 7.33 -39.28 -34.75
N SER R 35 6.71 -38.10 -34.66
CA SER R 35 5.87 -37.72 -33.53
C SER R 35 6.60 -37.73 -32.19
N LEU R 36 7.90 -37.50 -32.20
CA LEU R 36 8.69 -37.34 -30.97
C LEU R 36 8.81 -35.84 -30.62
N ASP R 37 7.68 -35.25 -30.22
CA ASP R 37 7.53 -33.81 -30.11
C ASP R 37 8.37 -33.17 -29.03
N SER R 38 8.51 -33.83 -27.90
CA SER R 38 9.37 -33.34 -26.85
C SER R 38 10.87 -33.40 -27.18
N THR R 39 11.31 -34.50 -27.78
CA THR R 39 12.67 -34.59 -28.22
C THR R 39 12.92 -33.51 -29.31
N ALA R 40 11.96 -33.31 -30.22
CA ALA R 40 12.10 -32.28 -31.23
C ALA R 40 12.31 -30.91 -30.58
N ALA R 41 11.55 -30.66 -29.50
CA ALA R 41 11.59 -29.36 -28.83
C ALA R 41 12.92 -29.18 -28.13
N PHE R 42 13.45 -30.27 -27.59
CA PHE R 42 14.76 -30.22 -27.00
C PHE R 42 15.80 -29.82 -28.04
N PHE R 43 15.79 -30.46 -29.21
CA PHE R 43 16.80 -30.17 -30.20
C PHE R 43 16.62 -28.79 -30.78
N ARG R 44 15.38 -28.35 -30.92
CA ARG R 44 15.14 -26.97 -31.33
C ARG R 44 15.72 -25.95 -30.36
N ALA R 45 15.47 -26.15 -29.08
CA ALA R 45 16.01 -25.24 -28.07
C ALA R 45 17.52 -25.31 -28.03
N HIS R 46 18.07 -26.51 -28.22
CA HIS R 46 19.52 -26.65 -28.16
C HIS R 46 20.24 -26.08 -29.37
N ALA R 47 19.56 -25.99 -30.51
CA ALA R 47 20.09 -25.23 -31.63
C ALA R 47 20.33 -23.78 -31.24
N GLU R 48 19.47 -23.23 -30.41
CA GLU R 48 19.63 -21.86 -29.94
C GLU R 48 20.84 -21.74 -29.00
N GLU R 49 21.12 -22.76 -28.21
CA GLU R 49 22.33 -22.77 -27.36
C GLU R 49 23.59 -22.77 -28.22
N GLU R 50 23.57 -23.51 -29.32
CA GLU R 50 24.74 -23.60 -30.17
C GLU R 50 25.00 -22.26 -30.85
N LYS R 51 23.92 -21.53 -31.15
CA LYS R 51 24.05 -20.20 -31.73
C LYS R 51 24.71 -19.29 -30.76
N ALA R 52 24.38 -19.41 -29.49
CA ALA R 52 25.04 -18.58 -28.47
C ALA R 52 26.51 -18.92 -28.35
N HIS R 53 26.87 -20.21 -28.46
CA HIS R 53 28.28 -20.60 -28.45
C HIS R 53 29.02 -19.97 -29.63
N MET R 54 28.37 -19.98 -30.79
CA MET R 54 28.93 -19.39 -31.96
C MET R 54 29.17 -17.90 -31.78
N MET R 55 28.16 -17.19 -31.29
CA MET R 55 28.27 -15.73 -31.18
C MET R 55 29.33 -15.28 -30.19
N LYS R 56 29.53 -16.07 -29.16
CA LYS R 56 30.49 -15.69 -28.13
C LYS R 56 31.93 -15.78 -28.69
N LEU R 57 32.20 -16.81 -29.51
CA LEU R 57 33.47 -16.92 -30.24
C LEU R 57 33.63 -15.81 -31.22
N PHE R 58 32.58 -15.61 -32.01
CA PHE R 58 32.52 -14.54 -33.00
C PHE R 58 32.88 -13.19 -32.37
N ASP R 59 32.29 -12.88 -31.22
CA ASP R 59 32.59 -11.63 -30.56
C ASP R 59 34.02 -11.56 -30.03
N TYR R 60 34.50 -12.63 -29.43
CA TYR R 60 35.86 -12.62 -28.93
C TYR R 60 36.83 -12.27 -30.12
N ILE R 61 36.65 -12.93 -31.24
CA ILE R 61 37.55 -12.78 -32.33
C ILE R 61 37.52 -11.35 -32.74
N ASN R 62 36.33 -10.80 -32.96
CA ASN R 62 36.22 -9.41 -33.37
C ASN R 62 36.83 -8.45 -32.34
N GLU R 63 36.66 -8.72 -31.06
CA GLU R 63 37.17 -7.84 -30.02
C GLU R 63 38.68 -7.80 -30.03
N THR R 64 39.33 -8.88 -30.42
CA THR R 64 40.80 -8.91 -30.48
C THR R 64 41.32 -8.11 -31.69
N GLY R 65 40.43 -7.67 -32.57
CA GLY R 65 40.83 -6.91 -33.74
C GLY R 65 40.98 -7.72 -35.01
N SER R 66 40.73 -9.02 -34.97
CA SER R 66 40.66 -9.80 -36.19
C SER R 66 39.23 -9.86 -36.74
N LEU R 67 39.07 -10.44 -37.90
CA LEU R 67 37.79 -10.54 -38.56
C LEU R 67 37.26 -11.98 -38.44
N ALA R 68 36.13 -12.16 -37.76
CA ALA R 68 35.52 -13.47 -37.63
C ALA R 68 34.88 -13.86 -38.94
N LEU R 69 34.97 -15.15 -39.26
CA LEU R 69 34.46 -15.65 -40.55
C LEU R 69 33.50 -16.81 -40.28
N ILE R 70 32.33 -16.75 -40.90
CA ILE R 70 31.30 -17.77 -40.72
C ILE R 70 31.58 -19.01 -41.56
N GLY R 71 31.97 -18.79 -42.81
CA GLY R 71 32.32 -19.90 -43.70
C GLY R 71 31.12 -20.63 -44.24
N GLU R 72 31.35 -21.83 -44.76
CA GLU R 72 30.30 -22.66 -45.38
C GLU R 72 29.82 -23.61 -44.35
N VAL R 73 28.51 -23.77 -44.28
CA VAL R 73 27.91 -24.70 -43.35
C VAL R 73 27.03 -25.61 -44.18
N ALA R 74 27.31 -26.92 -44.19
CA ALA R 74 26.49 -27.83 -45.00
C ALA R 74 25.82 -28.82 -44.09
N THR R 75 24.50 -28.90 -44.15
CA THR R 75 23.77 -29.83 -43.31
C THR R 75 23.18 -30.92 -44.16
N PRO R 76 23.65 -32.17 -43.96
CA PRO R 76 23.09 -33.27 -44.77
C PRO R 76 21.62 -33.51 -44.42
N ALA R 77 20.85 -33.94 -45.42
CA ALA R 77 19.45 -34.34 -45.22
C ALA R 77 19.41 -35.45 -44.16
N PRO R 78 18.27 -35.65 -43.53
CA PRO R 78 18.18 -36.64 -42.46
C PRO R 78 18.31 -38.10 -42.91
N GLU R 79 19.42 -38.74 -42.59
CA GLU R 79 19.59 -40.14 -42.92
C GLU R 79 18.88 -41.06 -41.88
N TRP R 80 18.63 -40.55 -40.68
CA TRP R 80 18.46 -41.41 -39.49
C TRP R 80 17.34 -42.43 -39.61
N LYS R 81 17.65 -43.67 -39.23
CA LYS R 81 16.71 -44.78 -39.32
C LYS R 81 15.92 -44.93 -38.02
N SER R 82 16.49 -44.49 -36.90
CA SER R 82 15.74 -44.49 -35.65
C SER R 82 16.17 -43.32 -34.76
N HIS R 83 15.40 -43.04 -33.71
CA HIS R 83 15.79 -42.02 -32.77
C HIS R 83 17.13 -42.33 -32.06
N ILE R 84 17.45 -43.60 -31.88
CA ILE R 84 18.69 -43.97 -31.24
C ILE R 84 19.87 -43.64 -32.14
N GLU R 85 19.72 -43.89 -33.43
CA GLU R 85 20.80 -43.59 -34.37
C GLU R 85 21.07 -42.07 -34.35
N LEU R 86 20.00 -41.28 -34.25
CA LEU R 86 20.12 -39.83 -34.19
C LEU R 86 20.80 -39.37 -32.90
N LEU R 87 20.41 -39.94 -31.77
CA LEU R 87 21.07 -39.61 -30.52
C LEU R 87 22.55 -39.99 -30.48
N GLU R 88 22.90 -41.12 -31.10
CA GLU R 88 24.31 -41.53 -31.23
C GLU R 88 25.05 -40.49 -32.04
N ALA R 89 24.46 -40.03 -33.14
CA ALA R 89 25.09 -39.01 -33.97
C ALA R 89 25.29 -37.70 -33.16
N ALA R 90 24.30 -37.32 -32.37
CA ALA R 90 24.37 -36.11 -31.59
C ALA R 90 25.48 -36.23 -30.59
N TYR R 91 25.52 -37.34 -29.88
CA TYR R 91 26.54 -37.54 -28.88
C TYR R 91 27.93 -37.52 -29.51
N ASN R 92 28.11 -38.20 -30.64
CA ASN R 92 29.43 -38.25 -31.29
C ASN R 92 29.84 -36.90 -31.81
N HIS R 93 28.84 -36.15 -32.29
CA HIS R 93 29.06 -34.76 -32.68
C HIS R 93 29.54 -33.90 -31.49
N GLU R 94 28.94 -34.08 -30.33
CA GLU R 94 29.37 -33.35 -29.15
C GLU R 94 30.78 -33.77 -28.73
N LEU R 95 31.11 -35.05 -28.88
CA LEU R 95 32.48 -35.50 -28.58
C LEU R 95 33.50 -34.84 -29.50
N ALA R 96 33.13 -34.68 -30.76
CA ALA R 96 33.99 -34.04 -31.73
C ALA R 96 34.17 -32.55 -31.41
N ILE R 97 33.12 -31.90 -30.93
CA ILE R 97 33.22 -30.53 -30.54
C ILE R 97 34.19 -30.43 -29.37
N THR R 98 34.03 -31.29 -28.40
CA THR R 98 34.94 -31.29 -27.28
C THR R 98 36.40 -31.50 -27.72
N GLN R 99 36.62 -32.40 -28.66
CA GLN R 99 37.94 -32.61 -29.20
C GLN R 99 38.52 -31.33 -29.80
N SER R 100 37.71 -30.68 -30.62
CA SER R 100 38.09 -29.45 -31.24
C SER R 100 38.40 -28.32 -30.25
N ILE R 101 37.64 -28.23 -29.17
CA ILE R 101 37.93 -27.27 -28.12
C ILE R 101 39.22 -27.63 -27.41
N ASN R 102 39.40 -28.89 -27.09
CA ASN R 102 40.64 -29.32 -26.44
C ASN R 102 41.87 -29.06 -27.29
N ASP R 103 41.80 -29.31 -28.58
CA ASP R 103 42.89 -28.98 -29.47
C ASP R 103 43.17 -27.48 -29.42
N LEU R 104 42.11 -26.67 -29.43
CA LEU R 104 42.24 -25.22 -29.39
C LEU R 104 42.90 -24.77 -28.09
N VAL R 105 42.51 -25.40 -26.97
CA VAL R 105 43.06 -25.01 -25.66
C VAL R 105 44.53 -25.37 -25.61
N ASP R 106 44.83 -26.57 -26.09
CA ASP R 106 46.19 -27.06 -26.12
C ASP R 106 47.07 -26.16 -26.98
N THR R 107 46.59 -25.72 -28.14
CA THR R 107 47.37 -24.84 -28.96
C THR R 107 47.58 -23.48 -28.34
N ALA R 108 46.58 -22.96 -27.64
CA ALA R 108 46.75 -21.67 -26.99
C ALA R 108 47.82 -21.75 -25.91
N LEU R 109 47.84 -22.86 -25.20
CA LEU R 109 48.81 -23.09 -24.09
C LEU R 109 50.23 -23.18 -24.68
N ARG R 110 50.35 -23.92 -25.76
CA ARG R 110 51.61 -24.13 -26.47
C ARG R 110 52.18 -22.81 -27.05
N GLU R 111 51.35 -21.95 -27.62
CA GLU R 111 51.80 -20.63 -28.08
C GLU R 111 51.92 -19.59 -26.97
N LYS R 112 51.64 -19.96 -25.73
CA LYS R 112 51.49 -19.00 -24.65
C LYS R 112 50.51 -17.81 -24.93
N ASP R 113 49.41 -18.07 -25.67
CA ASP R 113 48.30 -17.16 -25.79
C ASP R 113 47.38 -17.40 -24.62
N TYR R 114 47.76 -16.85 -23.47
CA TYR R 114 47.03 -17.06 -22.22
C TYR R 114 45.64 -16.42 -22.24
N SER R 115 45.48 -15.35 -23.02
CA SER R 115 44.20 -14.70 -23.17
C SER R 115 43.17 -15.62 -23.86
N THR R 116 43.55 -16.26 -24.95
CA THR R 116 42.66 -17.23 -25.56
C THR R 116 42.45 -18.47 -24.69
N PHE R 117 43.51 -18.90 -23.99
CA PHE R 117 43.39 -20.01 -23.08
C PHE R 117 42.31 -19.73 -22.06
N GLN R 118 42.31 -18.54 -21.45
CA GLN R 118 41.34 -18.32 -20.39
C GLN R 118 39.97 -18.14 -20.97
N PHE R 119 39.88 -17.50 -22.12
CA PHE R 119 38.57 -17.36 -22.78
C PHE R 119 37.93 -18.71 -23.04
N LEU R 120 38.74 -19.70 -23.40
CA LEU R 120 38.21 -21.00 -23.78
C LEU R 120 37.76 -21.87 -22.60
N GLN R 121 38.12 -21.50 -21.39
CA GLN R 121 37.72 -22.27 -20.20
C GLN R 121 36.19 -22.37 -20.07
N TRP R 122 35.50 -21.30 -20.42
CA TRP R 122 34.05 -21.36 -20.49
C TRP R 122 33.59 -22.58 -21.33
N TYR R 123 34.21 -22.77 -22.51
CA TYR R 123 33.83 -23.84 -23.45
C TYR R 123 34.22 -25.21 -22.94
N VAL R 124 35.33 -25.30 -22.23
CA VAL R 124 35.72 -26.54 -21.63
C VAL R 124 34.64 -26.97 -20.62
N ALA R 125 34.21 -26.03 -19.79
CA ALA R 125 33.17 -26.29 -18.78
C ALA R 125 31.85 -26.60 -19.44
N GLU R 126 31.48 -25.84 -20.45
CA GLU R 126 30.22 -26.04 -21.14
C GLU R 126 30.19 -27.42 -21.81
N GLN R 127 31.31 -27.88 -22.35
CA GLN R 127 31.32 -29.17 -23.07
C GLN R 127 31.22 -30.33 -22.11
N HIS R 128 31.67 -30.16 -20.89
CA HIS R 128 31.40 -31.15 -19.87
C HIS R 128 29.89 -31.29 -19.64
N GLU R 129 29.17 -30.17 -19.56
CA GLU R 129 27.73 -30.18 -19.36
C GLU R 129 27.06 -30.80 -20.58
N GLU R 130 27.56 -30.52 -21.77
CA GLU R 130 26.98 -31.03 -23.02
C GLU R 130 27.12 -32.53 -23.10
N GLU R 131 28.32 -33.05 -22.83
CA GLU R 131 28.53 -34.48 -22.89
C GLU R 131 27.69 -35.21 -21.86
N TYR R 132 27.54 -34.63 -20.68
CA TYR R 132 26.68 -35.21 -19.67
C TYR R 132 25.23 -35.29 -20.13
N LEU R 133 24.73 -34.19 -20.68
CA LEU R 133 23.40 -34.09 -21.20
C LEU R 133 23.12 -35.12 -22.30
N PHE R 134 23.96 -35.13 -23.33
CA PHE R 134 23.73 -36.00 -24.49
C PHE R 134 24.04 -37.49 -24.23
N SER R 135 25.05 -37.79 -23.44
CA SER R 135 25.34 -39.18 -23.11
C SER R 135 24.20 -39.73 -22.28
N SER R 136 23.70 -38.92 -21.35
CA SER R 136 22.66 -39.38 -20.45
C SER R 136 21.35 -39.62 -21.23
N MET R 137 21.05 -38.77 -22.19
CA MET R 137 19.87 -38.95 -22.99
C MET R 137 19.96 -40.22 -23.87
N LEU R 138 21.13 -40.47 -24.44
CA LEU R 138 21.36 -41.69 -25.22
C LEU R 138 21.23 -42.93 -24.36
N HIS R 139 21.83 -42.89 -23.17
CA HIS R 139 21.77 -44.06 -22.27
CA HIS R 139 21.84 -44.03 -22.27
C HIS R 139 20.35 -44.40 -21.92
N LYS R 140 19.55 -43.38 -21.62
CA LYS R 140 18.12 -43.59 -21.31
C LYS R 140 17.36 -44.13 -22.51
N ALA R 141 17.70 -43.67 -23.71
CA ALA R 141 17.01 -44.14 -24.88
C ALA R 141 17.26 -45.62 -25.09
N ARG R 142 18.49 -46.06 -24.86
CA ARG R 142 18.84 -47.48 -25.00
C ARG R 142 18.15 -48.35 -23.97
N ILE R 143 18.09 -47.86 -22.73
CA ILE R 143 17.40 -48.56 -21.66
C ILE R 143 15.89 -48.65 -21.94
N ILE R 144 15.27 -47.52 -22.29
CA ILE R 144 13.83 -47.42 -22.52
C ILE R 144 13.47 -48.30 -23.76
N ASN R 145 14.42 -48.63 -24.63
CA ASN R 145 14.21 -49.51 -25.80
C ASN R 145 14.03 -51.00 -25.46
N THR R 146 14.24 -51.36 -24.19
CA THR R 146 14.09 -52.73 -23.66
C THR R 146 12.96 -52.81 -22.65
N MET R 147 12.29 -53.95 -22.57
CA MET R 147 11.23 -54.07 -21.57
C MET R 147 11.73 -54.00 -20.13
N ASP R 148 12.87 -54.65 -19.85
CA ASP R 148 13.49 -54.60 -18.52
C ASP R 148 13.78 -53.17 -18.10
N GLY R 149 14.27 -52.41 -19.07
CA GLY R 149 14.51 -51.00 -18.91
C GLY R 149 13.26 -50.18 -18.62
N ARG R 150 12.19 -50.41 -19.37
CA ARG R 150 10.97 -49.66 -19.10
C ARG R 150 10.43 -49.95 -17.68
N ALA R 151 10.66 -51.15 -17.18
CA ALA R 151 10.33 -51.47 -15.78
C ALA R 151 11.18 -50.73 -14.74
N LEU R 152 12.48 -50.58 -15.00
CA LEU R 152 13.34 -49.77 -14.14
C LEU R 152 12.86 -48.34 -14.07
N PHE R 153 12.53 -47.77 -15.21
CA PHE R 153 12.08 -46.38 -15.28
C PHE R 153 10.73 -46.18 -14.64
N ARG R 154 9.92 -47.22 -14.63
CA ARG R 154 8.65 -47.13 -13.96
C ARG R 154 8.87 -47.01 -12.45
N PHE R 155 9.85 -47.75 -11.94
CA PHE R 155 10.18 -47.64 -10.51
C PHE R 155 10.79 -46.30 -10.16
N ASP R 156 11.72 -45.84 -10.99
CA ASP R 156 12.29 -44.53 -10.81
C ASP R 156 11.22 -43.42 -10.79
N GLU R 157 10.22 -43.51 -11.65
CA GLU R 157 9.16 -42.51 -11.69
C GLU R 157 8.30 -42.60 -10.45
N GLU R 158 8.12 -43.81 -9.92
CA GLU R 158 7.40 -43.98 -8.67
C GLU R 158 8.13 -43.29 -7.53
N VAL R 159 9.44 -43.37 -7.54
CA VAL R 159 10.21 -42.67 -6.54
C VAL R 159 10.09 -41.16 -6.73
N ARG R 160 10.11 -40.67 -7.97
CA ARG R 160 9.94 -39.22 -8.20
C ARG R 160 8.61 -38.70 -7.63
N LYS R 161 7.52 -39.45 -7.80
CA LYS R 161 6.21 -39.07 -7.23
C LYS R 161 6.08 -39.32 -5.73
N SER R 162 6.40 -40.53 -5.27
CA SER R 162 6.30 -40.87 -3.84
C SER R 162 7.27 -40.08 -2.91
N VAL R 163 8.55 -39.86 -3.28
CA VAL R 163 9.57 -39.24 -2.36
C VAL R 163 10.64 -38.30 -2.99
N MET S 1 10.37 1.35 -57.38
CA MET S 1 9.67 0.03 -57.23
C MET S 1 8.18 0.04 -57.70
N LEU S 2 7.34 1.01 -57.31
CA LEU S 2 5.96 1.01 -57.80
C LEU S 2 5.86 1.30 -59.29
N SER S 3 5.05 0.53 -60.01
CA SER S 3 4.77 0.82 -61.40
C SER S 3 4.01 2.14 -61.50
N LYS S 4 4.08 2.79 -62.63
CA LYS S 4 3.40 4.05 -62.81
C LYS S 4 1.89 3.88 -62.73
N THR S 5 1.36 2.77 -63.25
CA THR S 5 -0.11 2.61 -63.27
C THR S 5 -0.63 2.45 -61.85
N ILE S 6 0.10 1.71 -61.02
CA ILE S 6 -0.30 1.51 -59.62
C ILE S 6 -0.12 2.82 -58.83
N LEU S 7 1.02 3.48 -59.01
CA LEU S 7 1.26 4.75 -58.35
C LEU S 7 0.14 5.72 -58.62
N ASP S 8 -0.24 5.85 -59.87
CA ASP S 8 -1.26 6.84 -60.23
C ASP S 8 -2.57 6.51 -59.55
N LYS S 9 -2.87 5.21 -59.43
CA LYS S 9 -4.11 4.81 -58.77
C LYS S 9 -4.08 4.97 -57.25
N LEU S 10 -2.92 4.73 -56.63
CA LEU S 10 -2.78 4.90 -55.21
C LEU S 10 -2.89 6.40 -54.89
N ASN S 11 -2.24 7.25 -55.67
CA ASN S 11 -2.39 8.68 -55.52
C ASN S 11 -3.82 9.15 -55.79
N HIS S 12 -4.51 8.49 -56.70
CA HIS S 12 -5.91 8.83 -56.90
C HIS S 12 -6.70 8.51 -55.62
N GLN S 13 -6.37 7.40 -54.99
CA GLN S 13 -7.05 6.96 -53.80
C GLN S 13 -6.73 7.86 -52.62
N VAL S 14 -5.47 8.29 -52.50
CA VAL S 14 -5.12 9.29 -51.52
C VAL S 14 -6.08 10.48 -51.65
N ASN S 15 -6.21 10.98 -52.87
CA ASN S 15 -7.03 12.13 -53.14
C ASN S 15 -8.51 11.87 -52.84
N PHE S 16 -8.96 10.66 -53.15
CA PHE S 16 -10.34 10.26 -52.91
C PHE S 16 -10.65 10.22 -51.41
N GLU S 17 -9.75 9.66 -50.61
CA GLU S 17 -9.94 9.62 -49.17
C GLU S 17 -9.93 11.06 -48.59
N ALA S 18 -9.02 11.91 -49.07
CA ALA S 18 -9.04 13.34 -48.67
C ALA S 18 -10.37 13.99 -48.99
N ALA S 19 -10.90 13.71 -50.19
CA ALA S 19 -12.20 14.30 -50.59
C ALA S 19 -13.35 13.75 -49.72
N SER S 20 -13.23 12.52 -49.25
CA SER S 20 -14.22 11.96 -48.35
C SER S 20 -14.23 12.69 -47.01
N ALA S 21 -13.06 12.99 -46.49
CA ALA S 21 -13.00 13.67 -45.22
C ALA S 21 -13.68 15.02 -45.32
N HIS S 22 -13.38 15.76 -46.36
CA HIS S 22 -13.95 17.06 -46.58
C HIS S 22 -15.47 16.96 -46.84
N LEU S 23 -15.90 15.94 -47.58
CA LEU S 23 -17.32 15.74 -47.82
C LEU S 23 -18.04 15.52 -46.49
N TYR S 24 -17.49 14.68 -45.61
CA TYR S 24 -18.16 14.38 -44.37
C TYR S 24 -18.14 15.54 -43.39
N LEU S 25 -17.10 16.34 -43.43
CA LEU S 25 -17.11 17.61 -42.68
C LEU S 25 -18.24 18.49 -43.16
N GLN S 26 -18.38 18.65 -44.47
CA GLN S 26 -19.42 19.50 -45.02
C GLN S 26 -20.80 18.99 -44.68
N MET S 27 -20.98 17.68 -44.73
CA MET S 27 -22.26 17.07 -44.33
C MET S 27 -22.55 17.37 -42.86
N SER S 28 -21.52 17.24 -42.03
CA SER S 28 -21.65 17.56 -40.59
C SER S 28 -22.17 18.98 -40.37
N ALA S 29 -21.61 19.94 -41.12
CA ALA S 29 -22.02 21.32 -41.00
C ALA S 29 -23.47 21.52 -41.38
N TRP S 30 -23.90 20.88 -42.48
CA TRP S 30 -25.27 20.99 -42.91
C TRP S 30 -26.21 20.41 -41.85
N LEU S 31 -25.85 19.23 -41.35
CA LEU S 31 -26.69 18.58 -40.38
C LEU S 31 -26.92 19.43 -39.16
N LEU S 32 -25.90 20.18 -38.74
CA LEU S 32 -26.09 21.08 -37.59
C LEU S 32 -27.17 22.12 -37.89
N THR S 33 -27.30 22.60 -39.13
CA THR S 33 -28.37 23.57 -39.47
C THR S 33 -29.75 22.96 -39.38
N GLN S 34 -29.85 21.63 -39.40
CA GLN S 34 -31.13 20.91 -39.23
C GLN S 34 -31.38 20.50 -37.78
N SER S 35 -30.48 20.87 -36.87
CA SER S 35 -30.52 20.40 -35.49
C SER S 35 -30.41 18.88 -35.33
N LEU S 36 -29.77 18.22 -36.28
CA LEU S 36 -29.44 16.81 -36.17
C LEU S 36 -28.01 16.67 -35.58
N ASP S 37 -27.87 17.01 -34.31
CA ASP S 37 -26.58 17.10 -33.67
C ASP S 37 -25.77 15.80 -33.56
N SER S 38 -26.44 14.69 -33.28
CA SER S 38 -25.78 13.40 -33.17
C SER S 38 -25.31 12.89 -34.52
N THR S 39 -26.13 13.05 -35.56
CA THR S 39 -25.72 12.68 -36.89
C THR S 39 -24.56 13.58 -37.32
N ALA S 40 -24.64 14.86 -37.00
CA ALA S 40 -23.50 15.77 -37.27
C ALA S 40 -22.19 15.30 -36.62
N ALA S 41 -22.30 14.81 -35.40
CA ALA S 41 -21.15 14.35 -34.63
C ALA S 41 -20.59 13.11 -35.25
N PHE S 42 -21.47 12.24 -35.71
CA PHE S 42 -21.02 11.05 -36.36
C PHE S 42 -20.22 11.40 -37.61
N PHE S 43 -20.75 12.29 -38.44
CA PHE S 43 -20.03 12.64 -39.66
C PHE S 43 -18.72 13.35 -39.36
N ARG S 44 -18.72 14.18 -38.34
CA ARG S 44 -17.48 14.83 -37.93
C ARG S 44 -16.40 13.82 -37.52
N ALA S 45 -16.80 12.84 -36.71
CA ALA S 45 -15.88 11.81 -36.27
C ALA S 45 -15.43 10.97 -37.43
N HIS S 46 -16.34 10.72 -38.36
CA HIS S 46 -15.96 9.89 -39.46
C HIS S 46 -15.02 10.60 -40.44
N ALA S 47 -15.09 11.93 -40.50
CA ALA S 47 -14.16 12.65 -41.35
C ALA S 47 -12.73 12.38 -40.83
N GLU S 48 -12.57 12.21 -39.53
CA GLU S 48 -11.28 11.87 -38.97
C GLU S 48 -10.85 10.46 -39.38
N GLU S 49 -11.80 9.53 -39.51
CA GLU S 49 -11.47 8.20 -40.00
C GLU S 49 -10.95 8.24 -41.43
N GLU S 50 -11.56 9.07 -42.27
CA GLU S 50 -11.15 9.13 -43.65
C GLU S 50 -9.78 9.70 -43.76
N LYS S 51 -9.43 10.62 -42.87
CA LYS S 51 -8.10 11.20 -42.84
C LYS S 51 -7.11 10.13 -42.54
N ALA S 52 -7.44 9.25 -41.61
CA ALA S 52 -6.53 8.15 -41.30
C ALA S 52 -6.35 7.24 -42.53
N HIS S 53 -7.44 7.00 -43.29
CA HIS S 53 -7.34 6.15 -44.47
C HIS S 53 -6.39 6.81 -45.48
N MET S 54 -6.52 8.11 -45.63
CA MET S 54 -5.66 8.86 -46.49
C MET S 54 -4.20 8.71 -46.07
N MET S 55 -3.91 8.89 -44.78
CA MET S 55 -2.52 8.95 -44.30
C MET S 55 -1.82 7.62 -44.44
N LYS S 56 -2.58 6.57 -44.29
CA LYS S 56 -2.02 5.26 -44.38
C LYS S 56 -1.57 4.93 -45.83
N LEU S 57 -2.37 5.33 -46.82
CA LEU S 57 -2.00 5.26 -48.23
C LEU S 57 -0.79 6.15 -48.54
N PHE S 58 -0.88 7.39 -48.08
CA PHE S 58 0.18 8.38 -48.21
C PHE S 58 1.51 7.81 -47.69
N ASP S 59 1.50 7.21 -46.51
CA ASP S 59 2.72 6.62 -45.98
C ASP S 59 3.23 5.44 -46.78
N TYR S 60 2.34 4.55 -47.21
CA TYR S 60 2.77 3.39 -48.00
C TYR S 60 3.48 3.86 -49.26
N ILE S 61 2.87 4.80 -49.96
CA ILE S 61 3.46 5.29 -51.19
C ILE S 61 4.87 5.80 -50.89
N ASN S 62 4.99 6.64 -49.87
CA ASN S 62 6.30 7.24 -49.56
C ASN S 62 7.31 6.21 -49.15
N GLU S 63 6.88 5.20 -48.40
CA GLU S 63 7.76 4.14 -47.95
C GLU S 63 8.29 3.33 -49.13
N THR S 64 7.52 3.17 -50.20
CA THR S 64 8.02 2.47 -51.40
C THR S 64 9.05 3.29 -52.20
N GLY S 65 9.26 4.55 -51.84
CA GLY S 65 10.21 5.40 -52.52
C GLY S 65 9.61 6.31 -53.58
N SER S 66 8.30 6.26 -53.79
CA SER S 66 7.65 7.22 -54.67
C SER S 66 7.15 8.42 -53.88
N LEU S 67 6.65 9.41 -54.58
CA LEU S 67 6.18 10.63 -53.97
C LEU S 67 4.64 10.67 -53.98
N ALA S 68 4.04 10.69 -52.79
CA ALA S 68 2.62 10.76 -52.69
C ALA S 68 2.15 12.14 -53.04
N LEU S 69 1.01 12.22 -53.68
CA LEU S 69 0.47 13.49 -54.15
C LEU S 69 -0.98 13.65 -53.65
N ILE S 70 -1.28 14.82 -53.07
CA ILE S 70 -2.58 15.07 -52.51
C ILE S 70 -3.56 15.47 -53.62
N GLY S 71 -3.11 16.35 -54.51
CA GLY S 71 -3.94 16.83 -55.61
C GLY S 71 -4.97 17.88 -55.24
N GLU S 72 -5.98 18.03 -56.08
CA GLU S 72 -7.08 18.98 -55.87
C GLU S 72 -8.25 18.25 -55.25
N VAL S 73 -8.86 18.87 -54.26
CA VAL S 73 -9.99 18.32 -53.60
C VAL S 73 -11.06 19.39 -53.64
N ALA S 74 -12.19 19.12 -54.30
CA ALA S 74 -13.25 20.14 -54.41
C ALA S 74 -14.50 19.64 -53.73
N THR S 75 -15.01 20.38 -52.77
CA THR S 75 -16.20 19.95 -52.03
C THR S 75 -17.33 20.87 -52.37
N PRO S 76 -18.37 20.30 -53.02
CA PRO S 76 -19.52 21.16 -53.40
C PRO S 76 -20.26 21.62 -52.15
N ALA S 77 -20.83 22.82 -52.24
CA ALA S 77 -21.69 23.33 -51.18
C ALA S 77 -22.83 22.34 -50.94
N PRO S 78 -23.46 22.41 -49.78
CA PRO S 78 -24.52 21.47 -49.49
C PRO S 78 -25.79 21.64 -50.30
N GLU S 79 -26.05 20.70 -51.21
CA GLU S 79 -27.30 20.72 -51.96
C GLU S 79 -28.49 20.13 -51.13
N TRP S 80 -28.22 19.30 -50.13
CA TRP S 80 -29.18 18.27 -49.65
C TRP S 80 -30.51 18.82 -49.18
N LYS S 81 -31.59 18.21 -49.65
CA LYS S 81 -32.96 18.64 -49.38
C LYS S 81 -33.49 17.94 -48.13
N SER S 82 -32.98 16.74 -47.81
CA SER S 82 -33.32 16.10 -46.54
C SER S 82 -32.14 15.31 -46.00
N HIS S 83 -32.23 14.88 -44.74
CA HIS S 83 -31.20 13.99 -44.22
C HIS S 83 -31.11 12.67 -44.99
N ILE S 84 -32.23 12.19 -45.56
CA ILE S 84 -32.20 10.91 -46.28
C ILE S 84 -31.46 11.06 -47.59
N GLU S 85 -31.64 12.19 -48.25
CA GLU S 85 -30.87 12.47 -49.47
C GLU S 85 -29.34 12.50 -49.17
N LEU S 86 -28.97 13.07 -48.02
CA LEU S 86 -27.58 13.11 -47.58
C LEU S 86 -27.05 11.73 -47.28
N LEU S 87 -27.82 10.93 -46.56
CA LEU S 87 -27.39 9.55 -46.26
C LEU S 87 -27.25 8.69 -47.51
N GLU S 88 -28.12 8.89 -48.50
CA GLU S 88 -28.01 8.21 -49.78
C GLU S 88 -26.70 8.60 -50.45
N ALA S 89 -26.38 9.89 -50.42
CA ALA S 89 -25.12 10.37 -51.04
C ALA S 89 -23.91 9.77 -50.33
N ALA S 90 -23.97 9.68 -49.03
CA ALA S 90 -22.90 9.10 -48.26
C ALA S 90 -22.73 7.64 -48.61
N TYR S 91 -23.84 6.89 -48.63
CA TYR S 91 -23.75 5.46 -48.94
C TYR S 91 -23.20 5.26 -50.34
N ASN S 92 -23.68 6.05 -51.32
CA ASN S 92 -23.22 5.87 -52.69
C ASN S 92 -21.75 6.21 -52.81
N HIS S 93 -21.34 7.22 -52.07
CA HIS S 93 -19.97 7.61 -52.03
C HIS S 93 -19.12 6.45 -51.50
N GLU S 94 -19.57 5.82 -50.42
CA GLU S 94 -18.82 4.69 -49.88
C GLU S 94 -18.78 3.51 -50.88
N LEU S 95 -19.87 3.30 -51.64
CA LEU S 95 -19.87 2.27 -52.70
C LEU S 95 -18.83 2.56 -53.77
N ALA S 96 -18.68 3.84 -54.11
CA ALA S 96 -17.70 4.25 -55.10
C ALA S 96 -16.27 4.08 -54.56
N ILE S 97 -16.08 4.33 -53.28
CA ILE S 97 -14.77 4.10 -52.69
C ILE S 97 -14.46 2.63 -52.77
N THR S 98 -15.42 1.78 -52.41
CA THR S 98 -15.19 0.34 -52.51
C THR S 98 -14.88 -0.11 -53.94
N GLN S 99 -15.57 0.45 -54.93
CA GLN S 99 -15.26 0.19 -56.31
C GLN S 99 -13.82 0.54 -56.63
N SER S 100 -13.40 1.72 -56.21
CA SER S 100 -12.05 2.20 -56.47
C SER S 100 -10.99 1.30 -55.82
N ILE S 101 -11.26 0.82 -54.60
CA ILE S 101 -10.35 -0.08 -53.92
C ILE S 101 -10.31 -1.42 -54.64
N ASN S 102 -11.47 -1.94 -55.02
CA ASN S 102 -11.51 -3.18 -55.79
C ASN S 102 -10.76 -3.10 -57.11
N ASP S 103 -10.88 -2.00 -57.83
CA ASP S 103 -10.13 -1.80 -59.06
C ASP S 103 -8.64 -1.82 -58.76
N LEU S 104 -8.24 -1.18 -57.68
CA LEU S 104 -6.85 -1.12 -57.28
C LEU S 104 -6.30 -2.49 -56.92
N VAL S 105 -7.10 -3.27 -56.19
CA VAL S 105 -6.71 -4.62 -55.81
C VAL S 105 -6.55 -5.51 -57.03
N ASP S 106 -7.54 -5.45 -57.91
CA ASP S 106 -7.53 -6.17 -59.15
C ASP S 106 -6.30 -5.82 -59.98
N THR S 107 -5.97 -4.52 -60.10
CA THR S 107 -4.82 -4.17 -60.91
C THR S 107 -3.50 -4.58 -60.25
N ALA S 108 -3.42 -4.61 -58.93
CA ALA S 108 -2.20 -5.12 -58.29
C ALA S 108 -2.01 -6.60 -58.54
N LEU S 109 -3.11 -7.35 -58.55
CA LEU S 109 -3.10 -8.81 -58.78
C LEU S 109 -2.66 -9.07 -60.20
N ARG S 110 -3.21 -8.31 -61.13
CA ARG S 110 -2.92 -8.44 -62.56
C ARG S 110 -1.44 -8.13 -62.85
N GLU S 111 -0.85 -7.11 -62.24
CA GLU S 111 0.57 -6.82 -62.42
C GLU S 111 1.50 -7.63 -61.52
N LYS S 112 0.94 -8.55 -60.74
CA LYS S 112 1.69 -9.31 -59.76
C LYS S 112 2.47 -8.44 -58.78
N ASP S 113 1.90 -7.27 -58.43
CA ASP S 113 2.42 -6.44 -57.35
C ASP S 113 1.79 -6.94 -56.06
N TYR S 114 2.36 -8.01 -55.53
CA TYR S 114 1.76 -8.68 -54.40
C TYR S 114 1.88 -7.85 -53.13
N SER S 115 2.91 -7.01 -53.08
CA SER S 115 3.11 -6.12 -51.95
C SER S 115 1.96 -5.10 -51.82
N THR S 116 1.59 -4.47 -52.92
CA THR S 116 0.46 -3.58 -52.88
C THR S 116 -0.85 -4.36 -52.68
N PHE S 117 -0.96 -5.55 -53.25
CA PHE S 117 -2.13 -6.38 -53.02
C PHE S 117 -2.33 -6.64 -51.54
N GLN S 118 -1.28 -7.00 -50.81
CA GLN S 118 -1.48 -7.33 -49.41
C GLN S 118 -1.71 -6.07 -48.58
N PHE S 119 -1.06 -4.98 -48.93
CA PHE S 119 -1.30 -3.74 -48.24
C PHE S 119 -2.76 -3.34 -48.34
N LEU S 120 -3.38 -3.59 -49.48
CA LEU S 120 -4.77 -3.14 -49.72
C LEU S 120 -5.83 -3.99 -49.02
N GLN S 121 -5.46 -5.13 -48.49
CA GLN S 121 -6.44 -5.99 -47.80
C GLN S 121 -7.04 -5.31 -46.60
N TRP S 122 -6.24 -4.53 -45.91
CA TRP S 122 -6.78 -3.70 -44.83
C TRP S 122 -7.99 -2.86 -45.32
N TYR S 123 -7.86 -2.22 -46.49
CA TYR S 123 -8.93 -1.39 -47.05
C TYR S 123 -10.13 -2.20 -47.50
N VAL S 124 -9.89 -3.39 -48.02
CA VAL S 124 -10.98 -4.23 -48.46
C VAL S 124 -11.83 -4.58 -47.24
N ALA S 125 -11.17 -4.94 -46.16
CA ALA S 125 -11.85 -5.21 -44.90
C ALA S 125 -12.54 -3.97 -44.35
N GLU S 126 -11.85 -2.83 -44.36
CA GLU S 126 -12.43 -1.63 -43.81
C GLU S 126 -13.66 -1.21 -44.60
N GLN S 127 -13.65 -1.39 -45.91
CA GLN S 127 -14.79 -0.95 -46.69
C GLN S 127 -16.01 -1.82 -46.47
N HIS S 128 -15.81 -3.08 -46.12
CA HIS S 128 -16.92 -3.90 -45.69
C HIS S 128 -17.59 -3.30 -44.45
N GLU S 129 -16.77 -2.83 -43.48
CA GLU S 129 -17.29 -2.24 -42.25
C GLU S 129 -17.96 -0.92 -42.59
N GLU S 130 -17.43 -0.17 -43.55
CA GLU S 130 -18.01 1.11 -43.94
C GLU S 130 -19.34 0.93 -44.61
N GLU S 131 -19.45 0.01 -45.56
CA GLU S 131 -20.73 -0.23 -46.22
C GLU S 131 -21.78 -0.70 -45.24
N TYR S 132 -21.38 -1.53 -44.28
CA TYR S 132 -22.32 -2.02 -43.28
C TYR S 132 -22.86 -0.84 -42.47
N LEU S 133 -21.95 0.02 -42.03
CA LEU S 133 -22.26 1.16 -41.21
C LEU S 133 -23.23 2.11 -41.93
N PHE S 134 -22.90 2.50 -43.14
CA PHE S 134 -23.66 3.49 -43.87
C PHE S 134 -24.96 2.94 -44.46
N SER S 135 -24.97 1.70 -44.91
CA SER S 135 -26.19 1.11 -45.42
C SER S 135 -27.18 0.94 -44.27
N SER S 136 -26.68 0.54 -43.10
CA SER S 136 -27.52 0.32 -41.97
C SER S 136 -28.12 1.63 -41.46
N MET S 137 -27.34 2.69 -41.48
CA MET S 137 -27.85 3.99 -41.04
C MET S 137 -28.93 4.50 -42.00
N LEU S 138 -28.72 4.29 -43.30
CA LEU S 138 -29.70 4.70 -44.34
C LEU S 138 -30.99 3.92 -44.16
N HIS S 139 -30.86 2.62 -43.96
CA HIS S 139 -32.03 1.77 -43.81
C HIS S 139 -32.87 2.21 -42.63
N LYS S 140 -32.21 2.48 -41.50
CA LYS S 140 -32.92 2.98 -40.32
C LYS S 140 -33.56 4.33 -40.56
N ALA S 141 -32.91 5.20 -41.32
CA ALA S 141 -33.50 6.49 -41.59
C ALA S 141 -34.80 6.36 -42.37
N ARG S 142 -34.82 5.47 -43.35
CA ARG S 142 -36.00 5.22 -44.15
C ARG S 142 -37.15 4.63 -43.34
N ILE S 143 -36.81 3.70 -42.47
CA ILE S 143 -37.80 3.10 -41.59
C ILE S 143 -38.36 4.13 -40.65
N ILE S 144 -37.49 4.91 -40.01
CA ILE S 144 -37.92 5.91 -39.02
C ILE S 144 -38.71 7.05 -39.66
N ASN S 145 -38.57 7.21 -40.97
CA ASN S 145 -39.40 8.14 -41.72
C ASN S 145 -40.89 7.77 -41.89
N THR S 146 -41.29 6.57 -41.46
CA THR S 146 -42.68 6.06 -41.51
C THR S 146 -43.20 5.85 -40.11
N MET S 147 -44.51 6.00 -39.90
CA MET S 147 -45.06 5.74 -38.52
C MET S 147 -45.04 4.28 -38.13
N ASP S 148 -45.25 3.36 -39.08
CA ASP S 148 -45.06 1.92 -38.80
C ASP S 148 -43.64 1.59 -38.33
N GLY S 149 -42.67 2.21 -39.00
CA GLY S 149 -41.28 2.10 -38.64
C GLY S 149 -40.98 2.62 -37.25
N ARG S 150 -41.49 3.78 -36.91
CA ARG S 150 -41.22 4.31 -35.58
C ARG S 150 -41.76 3.41 -34.50
N ALA S 151 -42.85 2.72 -34.78
CA ALA S 151 -43.36 1.75 -33.84
C ALA S 151 -42.45 0.54 -33.66
N LEU S 152 -41.86 0.05 -34.74
CA LEU S 152 -40.88 -1.06 -34.66
C LEU S 152 -39.72 -0.68 -33.80
N PHE S 153 -39.20 0.52 -34.01
CA PHE S 153 -38.04 0.98 -33.25
C PHE S 153 -38.36 1.24 -31.79
N ARG S 154 -39.62 1.54 -31.50
CA ARG S 154 -40.01 1.71 -30.13
C ARG S 154 -39.94 0.36 -29.43
N PHE S 155 -40.35 -0.71 -30.12
CA PHE S 155 -40.27 -2.05 -29.53
C PHE S 155 -38.82 -2.46 -29.34
N ASP S 156 -38.01 -2.23 -30.36
CA ASP S 156 -36.59 -2.54 -30.30
C ASP S 156 -35.91 -1.84 -29.15
N GLU S 157 -36.28 -0.58 -28.89
CA GLU S 157 -35.72 0.14 -27.79
C GLU S 157 -36.19 -0.42 -26.44
N GLU S 158 -37.42 -0.88 -26.38
CA GLU S 158 -37.90 -1.56 -25.18
C GLU S 158 -37.09 -2.82 -24.89
N VAL S 159 -36.70 -3.55 -25.94
CA VAL S 159 -35.89 -4.71 -25.75
C VAL S 159 -34.50 -4.30 -25.28
N ARG S 160 -33.93 -3.24 -25.84
CA ARG S 160 -32.64 -2.77 -25.36
C ARG S 160 -32.64 -2.45 -23.85
N LYS S 161 -33.69 -1.80 -23.35
CA LYS S 161 -33.81 -1.50 -21.90
C LYS S 161 -34.22 -2.65 -21.00
N SER S 162 -35.41 -3.24 -21.19
CA SER S 162 -35.87 -4.40 -20.39
C SER S 162 -34.78 -5.47 -20.08
N MET T 1 -43.76 -35.50 15.12
N MET T 1 -43.79 -35.42 15.02
CA MET T 1 -44.07 -35.22 13.68
CA MET T 1 -44.08 -35.20 13.57
C MET T 1 -43.70 -36.38 12.72
C MET T 1 -43.71 -36.39 12.68
N LEU T 2 -42.52 -36.97 12.77
CA LEU T 2 -42.21 -38.11 11.86
C LEU T 2 -43.02 -39.34 12.17
N SER T 3 -43.57 -39.96 11.13
CA SER T 3 -44.25 -41.24 11.33
C SER T 3 -43.25 -42.30 11.77
N LYS T 4 -43.71 -43.34 12.44
CA LYS T 4 -42.84 -44.42 12.85
C LYS T 4 -42.19 -45.16 11.67
N THR T 5 -42.92 -45.36 10.58
CA THR T 5 -42.36 -46.08 9.45
C THR T 5 -41.19 -45.28 8.82
N ILE T 6 -41.35 -43.96 8.69
CA ILE T 6 -40.34 -43.10 8.08
C ILE T 6 -39.15 -42.96 9.06
N LEU T 7 -39.43 -42.75 10.34
CA LEU T 7 -38.38 -42.72 11.35
C LEU T 7 -37.50 -43.97 11.31
N ASP T 8 -38.12 -45.13 11.23
CA ASP T 8 -37.36 -46.37 11.27
C ASP T 8 -36.46 -46.48 10.03
N LYS T 9 -36.96 -46.03 8.90
CA LYS T 9 -36.18 -46.05 7.69
C LYS T 9 -35.07 -45.02 7.64
N LEU T 10 -35.30 -43.86 8.24
CA LEU T 10 -34.27 -42.85 8.29
C LEU T 10 -33.17 -43.35 9.20
N ASN T 11 -33.53 -43.92 10.34
CA ASN T 11 -32.54 -44.47 11.27
C ASN T 11 -31.81 -45.67 10.67
N HIS T 12 -32.49 -46.43 9.85
CA HIS T 12 -31.81 -47.46 9.12
C HIS T 12 -30.74 -46.81 8.21
N GLN T 13 -31.08 -45.70 7.58
CA GLN T 13 -30.19 -45.06 6.62
C GLN T 13 -29.01 -44.44 7.35
N VAL T 14 -29.28 -43.85 8.52
CA VAL T 14 -28.18 -43.39 9.36
C VAL T 14 -27.17 -44.51 9.54
N ASN T 15 -27.66 -45.65 9.93
CA ASN T 15 -26.82 -46.78 10.24
C ASN T 15 -26.10 -47.28 8.97
N PHE T 16 -26.79 -47.24 7.85
CA PHE T 16 -26.22 -47.69 6.57
C PHE T 16 -25.06 -46.77 6.17
N GLU T 17 -25.23 -45.45 6.31
CA GLU T 17 -24.16 -44.51 5.97
C GLU T 17 -22.97 -44.71 6.92
N ALA T 18 -23.24 -44.93 8.20
CA ALA T 18 -22.17 -45.24 9.14
C ALA T 18 -21.40 -46.49 8.70
N ALA T 19 -22.12 -47.50 8.27
CA ALA T 19 -21.49 -48.76 7.87
C ALA T 19 -20.68 -48.57 6.59
N SER T 20 -21.11 -47.65 5.73
CA SER T 20 -20.35 -47.30 4.54
C SER T 20 -19.03 -46.68 4.88
N ALA T 21 -19.02 -45.81 5.86
CA ALA T 21 -17.78 -45.14 6.25
C ALA T 21 -16.80 -46.16 6.73
N HIS T 22 -17.28 -47.07 7.57
CA HIS T 22 -16.41 -48.12 8.13
C HIS T 22 -15.95 -49.08 7.04
N LEU T 23 -16.83 -49.40 6.12
CA LEU T 23 -16.46 -50.27 5.01
C LEU T 23 -15.33 -49.62 4.21
N TYR T 24 -15.45 -48.36 3.91
CA TYR T 24 -14.46 -47.72 3.07
C TYR T 24 -13.15 -47.51 3.81
N LEU T 25 -13.21 -47.28 5.11
CA LEU T 25 -11.98 -47.29 5.91
C LEU T 25 -11.27 -48.65 5.81
N GLN T 26 -12.06 -49.72 5.95
CA GLN T 26 -11.49 -51.06 5.91
C GLN T 26 -10.89 -51.38 4.52
N MET T 27 -11.57 -50.94 3.48
CA MET T 27 -11.04 -51.11 2.14
C MET T 27 -9.71 -50.36 2.02
N SER T 28 -9.67 -49.14 2.55
CA SER T 28 -8.47 -48.34 2.49
C SER T 28 -7.31 -49.10 3.08
N ALA T 29 -7.53 -49.70 4.23
CA ALA T 29 -6.46 -50.41 4.94
C ALA T 29 -5.95 -51.59 4.13
N TRP T 30 -6.86 -52.32 3.50
CA TRP T 30 -6.48 -53.44 2.67
C TRP T 30 -5.67 -52.97 1.48
N LEU T 31 -6.14 -51.91 0.83
CA LEU T 31 -5.45 -51.37 -0.34
C LEU T 31 -4.02 -51.01 -0.01
N LEU T 32 -3.78 -50.51 1.19
CA LEU T 32 -2.40 -50.17 1.58
C LEU T 32 -1.51 -51.40 1.62
N THR T 33 -2.04 -52.55 2.04
CA THR T 33 -1.26 -53.80 1.99
C THR T 33 -0.90 -54.24 0.55
N GLN T 34 -1.60 -53.74 -0.45
CA GLN T 34 -1.31 -54.02 -1.86
C GLN T 34 -0.46 -52.93 -2.50
N SER T 35 -0.01 -51.95 -1.70
CA SER T 35 0.71 -50.77 -2.20
C SER T 35 -0.08 -49.93 -3.19
N LEU T 36 -1.41 -49.97 -3.11
CA LEU T 36 -2.27 -49.12 -3.91
C LEU T 36 -2.59 -47.86 -3.12
N ASP T 37 -1.58 -47.01 -2.94
CA ASP T 37 -1.64 -45.88 -2.03
C ASP T 37 -2.67 -44.79 -2.41
N SER T 38 -2.80 -44.51 -3.70
CA SER T 38 -3.76 -43.51 -4.16
C SER T 38 -5.18 -43.99 -4.04
N THR T 39 -5.42 -45.25 -4.39
CA THR T 39 -6.75 -45.83 -4.21
C THR T 39 -7.07 -45.86 -2.71
N ALA T 40 -6.09 -46.20 -1.87
CA ALA T 40 -6.29 -46.18 -0.42
C ALA T 40 -6.68 -44.81 0.08
N ALA T 41 -6.03 -43.79 -0.46
CA ALA T 41 -6.33 -42.38 -0.09
C ALA T 41 -7.71 -41.98 -0.54
N PHE T 42 -8.12 -42.45 -1.72
CA PHE T 42 -9.47 -42.15 -2.21
C PHE T 42 -10.51 -42.74 -1.25
N PHE T 43 -10.33 -44.00 -0.84
CA PHE T 43 -11.30 -44.62 0.03
C PHE T 43 -11.30 -44.00 1.40
N ARG T 44 -10.14 -43.61 1.88
CA ARG T 44 -10.05 -42.93 3.17
C ARG T 44 -10.82 -41.60 3.15
N ALA T 45 -10.62 -40.81 2.11
CA ALA T 45 -11.32 -39.55 1.96
C ALA T 45 -12.80 -39.79 1.81
N HIS T 46 -13.17 -40.83 1.09
CA HIS T 46 -14.57 -41.07 0.85
C HIS T 46 -15.29 -41.57 2.10
N ALA T 47 -14.58 -42.21 3.02
CA ALA T 47 -15.16 -42.57 4.29
C ALA T 47 -15.63 -41.31 5.02
N GLU T 48 -14.88 -40.23 4.88
CA GLU T 48 -15.27 -38.97 5.47
C GLU T 48 -16.55 -38.42 4.80
N GLU T 49 -16.71 -38.62 3.51
CA GLU T 49 -17.93 -38.22 2.83
C GLU T 49 -19.15 -38.99 3.36
N GLU T 50 -18.97 -40.28 3.62
CA GLU T 50 -20.05 -41.09 4.12
C GLU T 50 -20.43 -40.67 5.55
N LYS T 51 -19.46 -40.22 6.34
CA LYS T 51 -19.73 -39.66 7.66
C LYS T 51 -20.56 -38.43 7.56
N ALA T 52 -20.28 -37.58 6.58
CA ALA T 52 -21.10 -36.39 6.37
C ALA T 52 -22.54 -36.76 5.99
N HIS T 53 -22.70 -37.78 5.16
CA HIS T 53 -24.05 -38.23 4.78
C HIS T 53 -24.79 -38.67 6.02
N MET T 54 -24.10 -39.39 6.88
CA MET T 54 -24.67 -39.88 8.11
C MET T 54 -25.14 -38.73 8.99
N MET T 55 -24.27 -37.75 9.19
CA MET T 55 -24.55 -36.64 10.12
C MET T 55 -25.69 -35.76 9.66
N LYS T 56 -25.84 -35.62 8.36
CA LYS T 56 -26.89 -34.84 7.84
C LYS T 56 -28.28 -35.48 8.09
N LEU T 57 -28.38 -36.80 7.93
CA LEU T 57 -29.60 -37.57 8.30
C LEU T 57 -29.85 -37.47 9.80
N PHE T 58 -28.81 -37.71 10.55
CA PHE T 58 -28.83 -37.65 12.00
C PHE T 58 -29.39 -36.33 12.49
N ASP T 59 -28.90 -35.24 11.93
CA ASP T 59 -29.41 -33.96 12.27
C ASP T 59 -30.86 -33.73 11.86
N TYR T 60 -31.24 -34.14 10.65
CA TYR T 60 -32.63 -33.96 10.21
C TYR T 60 -33.56 -34.67 11.20
N ILE T 61 -33.24 -35.90 11.55
CA ILE T 61 -34.08 -36.66 12.44
C ILE T 61 -34.24 -35.92 13.77
N ASN T 62 -33.12 -35.48 14.35
CA ASN T 62 -33.17 -34.78 15.63
C ASN T 62 -33.92 -33.45 15.54
N GLU T 63 -33.77 -32.73 14.43
CA GLU T 63 -34.47 -31.45 14.24
C GLU T 63 -35.97 -31.63 14.17
N THR T 64 -36.44 -32.76 13.66
CA THR T 64 -37.89 -33.02 13.64
C THR T 64 -38.46 -33.35 15.02
N GLY T 65 -37.59 -33.53 16.01
CA GLY T 65 -38.03 -33.88 17.36
C GLY T 65 -37.96 -35.35 17.71
N SER T 66 -37.55 -36.21 16.79
CA SER T 66 -37.35 -37.63 17.10
C SER T 66 -35.89 -37.85 17.51
N LEU T 67 -35.59 -39.05 17.95
CA LEU T 67 -34.28 -39.40 18.42
C LEU T 67 -33.58 -40.27 17.39
N ALA T 68 -32.48 -39.78 16.86
CA ALA T 68 -31.71 -40.53 15.89
C ALA T 68 -30.94 -41.63 16.59
N LEU T 69 -30.83 -42.77 15.93
CA LEU T 69 -30.21 -43.95 16.52
C LEU T 69 -29.13 -44.48 15.59
N ILE T 70 -27.94 -44.70 16.13
CA ILE T 70 -26.80 -45.15 15.35
C ILE T 70 -26.89 -46.65 15.07
N GLY T 71 -27.25 -47.41 16.09
CA GLY T 71 -27.37 -48.86 15.97
C GLY T 71 -26.04 -49.60 15.92
N GLU T 72 -26.08 -50.84 15.41
CA GLU T 72 -24.90 -51.73 15.34
C GLU T 72 -24.35 -51.65 13.96
N VAL T 73 -23.04 -51.52 13.87
CA VAL T 73 -22.37 -51.44 12.61
C VAL T 73 -21.32 -52.53 12.63
N ALA T 74 -21.41 -53.50 11.73
CA ALA T 74 -20.42 -54.60 11.73
C ALA T 74 -19.65 -54.60 10.45
N THR T 75 -18.32 -54.50 10.51
CA THR T 75 -17.52 -54.45 9.31
C THR T 75 -16.74 -55.75 9.21
N PRO T 76 -17.06 -56.58 8.18
CA PRO T 76 -16.29 -57.81 8.02
C PRO T 76 -14.82 -57.51 7.70
N ALA T 77 -13.93 -58.40 8.15
CA ALA T 77 -12.50 -58.35 7.80
C ALA T 77 -12.36 -58.44 6.27
N PRO T 78 -11.24 -57.98 5.73
CA PRO T 78 -11.10 -57.91 4.28
C PRO T 78 -11.00 -59.27 3.61
N GLU T 79 -12.04 -59.66 2.88
CA GLU T 79 -12.00 -60.90 2.09
C GLU T 79 -11.24 -60.72 0.75
N TRP T 80 -11.13 -59.49 0.25
CA TRP T 80 -10.91 -59.25 -1.19
C TRP T 80 -9.65 -59.90 -1.77
N LYS T 81 -9.82 -60.56 -2.90
CA LYS T 81 -8.73 -61.29 -3.56
C LYS T 81 -8.00 -60.37 -4.55
N SER T 82 -8.70 -59.36 -5.09
CA SER T 82 -8.04 -58.38 -5.97
C SER T 82 -8.68 -57.00 -5.81
N HIS T 83 -8.01 -55.98 -6.32
CA HIS T 83 -8.60 -54.64 -6.29
C HIS T 83 -9.91 -54.58 -7.06
N ILE T 84 -10.05 -55.39 -8.10
CA ILE T 84 -11.28 -55.35 -8.90
C ILE T 84 -12.42 -55.90 -8.09
N GLU T 85 -12.16 -56.96 -7.32
CA GLU T 85 -13.21 -57.55 -6.51
C GLU T 85 -13.68 -56.49 -5.49
N LEU T 86 -12.75 -55.69 -4.98
CA LEU T 86 -13.07 -54.64 -4.02
C LEU T 86 -13.87 -53.54 -4.65
N LEU T 87 -13.46 -53.10 -5.82
CA LEU T 87 -14.19 -52.09 -6.55
C LEU T 87 -15.62 -52.54 -6.93
N GLU T 88 -15.78 -53.81 -7.28
CA GLU T 88 -17.11 -54.39 -7.53
C GLU T 88 -17.97 -54.29 -6.25
N ALA T 89 -17.37 -54.63 -5.11
CA ALA T 89 -18.09 -54.59 -3.84
C ALA T 89 -18.50 -53.16 -3.50
N ALA T 90 -17.60 -52.21 -3.74
CA ALA T 90 -17.89 -50.81 -3.51
C ALA T 90 -19.03 -50.35 -4.41
N TYR T 91 -18.96 -50.67 -5.70
CA TYR T 91 -20.03 -50.26 -6.63
C TYR T 91 -21.37 -50.85 -6.25
N ASN T 92 -21.39 -52.12 -5.92
CA ASN T 92 -22.65 -52.77 -5.54
C ASN T 92 -23.20 -52.22 -4.27
N HIS T 93 -22.30 -51.90 -3.35
CA HIS T 93 -22.71 -51.25 -2.10
C HIS T 93 -23.38 -49.89 -2.40
N GLU T 94 -22.80 -49.12 -3.31
CA GLU T 94 -23.39 -47.84 -3.66
C GLU T 94 -24.72 -48.02 -4.35
N LEU T 95 -24.86 -49.07 -5.15
CA LEU T 95 -26.17 -49.39 -5.75
C LEU T 95 -27.23 -49.70 -4.68
N ALA T 96 -26.81 -50.38 -3.62
CA ALA T 96 -27.71 -50.74 -2.54
C ALA T 96 -28.09 -49.51 -1.71
N ILE T 97 -27.18 -48.58 -1.55
CA ILE T 97 -27.50 -47.34 -0.90
C ILE T 97 -28.55 -46.61 -1.73
N THR T 98 -28.34 -46.56 -3.04
CA THR T 98 -29.29 -45.86 -3.88
C THR T 98 -30.66 -46.49 -3.79
N GLN T 99 -30.70 -47.81 -3.76
CA GLN T 99 -31.97 -48.51 -3.60
C GLN T 99 -32.65 -48.10 -2.31
N SER T 100 -31.90 -48.07 -1.22
CA SER T 100 -32.41 -47.72 0.06
C SER T 100 -32.95 -46.26 0.11
N ILE T 101 -32.24 -45.34 -0.55
CA ILE T 101 -32.69 -43.95 -0.65
C ILE T 101 -33.96 -43.88 -1.49
N ASN T 102 -33.98 -44.58 -2.62
CA ASN T 102 -35.19 -44.60 -3.43
C ASN T 102 -36.39 -45.14 -2.68
N ASP T 103 -36.21 -46.19 -1.91
CA ASP T 103 -37.32 -46.74 -1.15
C ASP T 103 -37.83 -45.68 -0.19
N LEU T 104 -36.89 -44.99 0.42
CA LEU T 104 -37.19 -43.96 1.42
C LEU T 104 -37.95 -42.80 0.78
N VAL T 105 -37.53 -42.41 -0.42
CA VAL T 105 -38.21 -41.33 -1.18
C VAL T 105 -39.61 -41.74 -1.54
N ASP T 106 -39.73 -42.95 -2.05
CA ASP T 106 -41.02 -43.52 -2.44
C ASP T 106 -41.97 -43.60 -1.27
N THR T 107 -41.48 -44.02 -0.11
CA THR T 107 -42.34 -44.07 1.07
C THR T 107 -42.77 -42.69 1.53
N ALA T 108 -41.88 -41.70 1.47
CA ALA T 108 -42.26 -40.37 1.90
C ALA T 108 -43.35 -39.80 1.00
N LEU T 109 -43.27 -40.09 -0.28
CA LEU T 109 -44.22 -39.61 -1.26
C LEU T 109 -45.58 -40.27 -1.00
N ARG T 110 -45.56 -41.57 -0.75
CA ARG T 110 -46.75 -42.37 -0.46
C ARG T 110 -47.46 -41.89 0.80
N GLU T 111 -46.73 -41.58 1.87
CA GLU T 111 -47.34 -41.02 3.10
C GLU T 111 -47.59 -39.52 3.06
N LYS T 112 -47.33 -38.89 1.93
CA LYS T 112 -47.40 -37.45 1.80
C LYS T 112 -46.58 -36.68 2.86
N ASP T 113 -45.43 -37.25 3.26
CA ASP T 113 -44.45 -36.56 4.07
C ASP T 113 -43.55 -35.78 3.13
N TYR T 114 -44.04 -34.65 2.67
CA TYR T 114 -43.36 -33.86 1.67
C TYR T 114 -42.07 -33.23 2.23
N SER T 115 -42.05 -33.01 3.53
CA SER T 115 -40.84 -32.49 4.16
C SER T 115 -39.66 -33.48 4.07
N THR T 116 -39.90 -34.75 4.37
CA THR T 116 -38.86 -35.74 4.22
C THR T 116 -38.55 -35.98 2.74
N PHE T 117 -39.56 -35.93 1.89
CA PHE T 117 -39.33 -36.05 0.47
C PHE T 117 -38.33 -35.00 -0.01
N GLN T 118 -38.51 -33.74 0.38
CA GLN T 118 -37.65 -32.72 -0.18
C GLN T 118 -36.29 -32.81 0.46
N PHE T 119 -36.22 -33.16 1.73
CA PHE T 119 -34.92 -33.32 2.38
C PHE T 119 -34.10 -34.38 1.67
N LEU T 120 -34.76 -35.42 1.17
CA LEU T 120 -34.04 -36.52 0.55
C LEU T 120 -33.52 -36.24 -0.84
N GLN T 121 -33.97 -35.19 -1.48
CA GLN T 121 -33.55 -34.89 -2.86
C GLN T 121 -32.05 -34.68 -2.93
N TRP T 122 -31.49 -34.12 -1.88
CA TRP T 122 -30.04 -33.99 -1.79
C TRP T 122 -29.37 -35.36 -1.97
N TYR T 123 -29.90 -36.41 -1.32
CA TYR T 123 -29.34 -37.76 -1.39
C TYR T 123 -29.57 -38.40 -2.75
N VAL T 124 -30.69 -38.12 -3.38
CA VAL T 124 -30.94 -38.64 -4.69
C VAL T 124 -29.93 -38.09 -5.67
N ALA T 125 -29.69 -36.79 -5.60
CA ALA T 125 -28.63 -36.16 -6.41
C ALA T 125 -27.22 -36.69 -6.06
N GLU T 126 -26.91 -36.82 -4.78
CA GLU T 126 -25.60 -37.26 -4.37
C GLU T 126 -25.35 -38.70 -4.83
N GLN T 127 -26.36 -39.54 -4.82
CA GLN T 127 -26.16 -40.95 -5.21
C GLN T 127 -25.95 -41.09 -6.72
N HIS T 128 -26.49 -40.18 -7.50
CA HIS T 128 -26.15 -40.12 -8.92
C HIS T 128 -24.67 -39.83 -9.12
N GLU T 129 -24.12 -38.87 -8.36
CA GLU T 129 -22.68 -38.58 -8.39
C GLU T 129 -21.86 -39.79 -7.89
N GLU T 130 -22.33 -40.49 -6.85
CA GLU T 130 -21.63 -41.64 -6.30
C GLU T 130 -21.58 -42.81 -7.27
N GLU T 131 -22.70 -43.13 -7.90
CA GLU T 131 -22.72 -44.19 -8.89
C GLU T 131 -21.84 -43.88 -10.08
N TYR T 132 -21.83 -42.63 -10.50
CA TYR T 132 -20.96 -42.22 -11.61
C TYR T 132 -19.48 -42.42 -11.25
N LEU T 133 -19.12 -41.95 -10.07
CA LEU T 133 -17.78 -42.07 -9.56
C LEU T 133 -17.31 -43.53 -9.48
N PHE T 134 -18.07 -44.37 -8.80
CA PHE T 134 -17.66 -45.73 -8.53
C PHE T 134 -17.79 -46.62 -9.78
N SER T 135 -18.81 -46.43 -10.60
CA SER T 135 -18.91 -47.22 -11.80
C SER T 135 -17.73 -46.90 -12.73
N SER T 136 -17.39 -45.63 -12.80
CA SER T 136 -16.35 -45.17 -13.71
C SER T 136 -14.98 -45.70 -13.25
N MET T 137 -14.76 -45.74 -11.96
CA MET T 137 -13.51 -46.26 -11.43
C MET T 137 -13.39 -47.77 -11.69
N LEU T 138 -14.49 -48.50 -11.55
CA LEU T 138 -14.53 -49.94 -11.82
C LEU T 138 -14.25 -50.20 -13.27
N HIS T 139 -14.91 -49.44 -14.13
CA HIS T 139 -14.76 -49.64 -15.56
CA HIS T 139 -14.84 -49.64 -15.56
C HIS T 139 -13.32 -49.46 -15.98
N LYS T 140 -12.67 -48.44 -15.46
CA LYS T 140 -11.27 -48.18 -15.77
C LYS T 140 -10.38 -49.27 -15.24
N ALA T 141 -10.71 -49.81 -14.09
CA ALA T 141 -9.90 -50.85 -13.51
C ALA T 141 -9.92 -52.08 -14.42
N ARG T 142 -11.09 -52.40 -14.96
CA ARG T 142 -11.25 -53.56 -15.85
C ARG T 142 -10.50 -53.39 -17.15
N ILE T 143 -10.53 -52.17 -17.69
CA ILE T 143 -9.83 -51.85 -18.88
C ILE T 143 -8.33 -51.93 -18.65
N ILE T 144 -7.87 -51.33 -17.57
CA ILE T 144 -6.45 -51.28 -17.27
C ILE T 144 -5.88 -52.66 -16.93
N ASN T 145 -6.75 -53.58 -16.58
CA ASN T 145 -6.35 -54.97 -16.34
C ASN T 145 -5.98 -55.77 -17.60
N THR T 146 -6.18 -55.19 -18.78
CA THR T 146 -5.86 -55.78 -20.06
C THR T 146 -4.77 -55.02 -20.75
N MET T 147 -3.94 -55.68 -21.55
CA MET T 147 -2.90 -54.91 -22.31
C MET T 147 -3.49 -53.99 -23.36
N ASP T 148 -4.55 -54.41 -24.04
CA ASP T 148 -5.22 -53.54 -25.02
C ASP T 148 -5.71 -52.27 -24.36
N GLY T 149 -6.28 -52.45 -23.17
CA GLY T 149 -6.76 -51.36 -22.34
C GLY T 149 -5.67 -50.42 -21.89
N ARG T 150 -4.54 -50.94 -21.44
CA ARG T 150 -3.43 -50.06 -21.07
C ARG T 150 -2.93 -49.26 -22.28
N ALA T 151 -3.02 -49.81 -23.47
CA ALA T 151 -2.67 -49.05 -24.66
C ALA T 151 -3.66 -47.89 -24.97
N LEU T 152 -4.96 -48.13 -24.81
CA LEU T 152 -5.95 -47.08 -24.96
C LEU T 152 -5.65 -45.93 -24.01
N PHE T 153 -5.37 -46.25 -22.75
CA PHE T 153 -5.15 -45.24 -21.76
C PHE T 153 -3.87 -44.48 -22.02
N ARG T 154 -2.92 -45.11 -22.70
CA ARG T 154 -1.66 -44.46 -23.00
C ARG T 154 -1.92 -43.42 -24.04
N PHE T 155 -2.82 -43.71 -24.97
CA PHE T 155 -3.22 -42.71 -25.95
C PHE T 155 -3.99 -41.56 -25.30
N ASP T 156 -4.94 -41.90 -24.44
CA ASP T 156 -5.72 -40.88 -23.76
C ASP T 156 -4.82 -39.94 -22.97
N GLU T 157 -3.78 -40.48 -22.33
CA GLU T 157 -2.88 -39.67 -21.55
C GLU T 157 -2.06 -38.76 -22.45
N GLU T 158 -1.73 -39.25 -23.63
CA GLU T 158 -1.04 -38.42 -24.61
C GLU T 158 -1.92 -37.24 -25.03
N VAL T 159 -3.22 -37.47 -25.17
CA VAL T 159 -4.11 -36.40 -25.51
C VAL T 159 -4.19 -35.42 -24.33
N ARG T 160 -4.23 -35.90 -23.09
CA ARG T 160 -4.25 -34.99 -21.93
C ARG T 160 -3.05 -34.05 -21.91
N LYS T 161 -1.86 -34.55 -22.23
CA LYS T 161 -0.66 -33.73 -22.30
C LYS T 161 -0.55 -32.89 -23.56
N SER T 162 -0.69 -33.49 -24.73
CA SER T 162 -0.57 -32.76 -26.01
C SER T 162 -1.68 -31.69 -26.26
N VAL T 163 -2.95 -31.94 -25.91
CA VAL T 163 -4.08 -31.00 -26.24
C VAL T 163 -5.24 -30.91 -25.19
N MET U 1 -26.97 35.80 -37.29
CA MET U 1 -26.10 36.74 -36.50
C MET U 1 -24.83 37.19 -37.26
N LEU U 2 -24.02 36.32 -37.86
CA LEU U 2 -22.84 36.81 -38.57
C LEU U 2 -23.21 37.62 -39.81
N SER U 3 -22.56 38.74 -40.01
CA SER U 3 -22.72 39.49 -41.25
C SER U 3 -22.18 38.70 -42.46
N LYS U 4 -22.69 38.97 -43.67
CA LYS U 4 -22.28 38.20 -44.92
C LYS U 4 -20.80 38.53 -45.21
N THR U 5 -20.31 39.74 -44.88
CA THR U 5 -18.87 40.01 -45.11
C THR U 5 -17.93 39.21 -44.19
N ILE U 6 -18.28 39.11 -42.90
CA ILE U 6 -17.47 38.36 -41.92
C ILE U 6 -17.56 36.87 -42.23
N LEU U 7 -18.76 36.39 -42.49
CA LEU U 7 -18.96 34.97 -42.83
C LEU U 7 -18.07 34.60 -43.99
N ASP U 8 -18.05 35.42 -45.03
CA ASP U 8 -17.32 35.03 -46.24
C ASP U 8 -15.84 34.96 -45.93
N LYS U 9 -15.36 35.86 -45.07
CA LYS U 9 -13.95 35.84 -44.68
C LYS U 9 -13.59 34.71 -43.73
N LEU U 10 -14.50 34.32 -42.84
CA LEU U 10 -14.26 33.20 -41.93
C LEU U 10 -14.23 31.93 -42.71
N ASN U 11 -15.16 31.77 -43.65
CA ASN U 11 -15.12 30.62 -44.58
C ASN U 11 -13.89 30.60 -45.46
N HIS U 12 -13.41 31.76 -45.83
CA HIS U 12 -12.20 31.80 -46.61
C HIS U 12 -11.06 31.27 -45.74
N GLN U 13 -11.06 31.65 -44.48
CA GLN U 13 -10.02 31.24 -43.57
C GLN U 13 -10.08 29.73 -43.29
N VAL U 14 -11.30 29.21 -43.14
CA VAL U 14 -11.48 27.75 -43.03
C VAL U 14 -10.77 27.06 -44.19
N ASN U 15 -11.03 27.54 -45.38
CA ASN U 15 -10.44 26.96 -46.58
C ASN U 15 -8.93 27.16 -46.64
N PHE U 16 -8.45 28.33 -46.18
CA PHE U 16 -7.03 28.63 -46.12
C PHE U 16 -6.29 27.67 -45.15
N GLU U 17 -6.87 27.41 -43.98
CA GLU U 17 -6.24 26.50 -43.02
C GLU U 17 -6.23 25.05 -43.58
N ALA U 18 -7.33 24.65 -44.24
CA ALA U 18 -7.38 23.35 -44.89
C ALA U 18 -6.29 23.23 -45.94
N ALA U 19 -6.08 24.28 -46.72
CA ALA U 19 -5.03 24.26 -47.75
C ALA U 19 -3.66 24.19 -47.14
N SER U 20 -3.48 24.83 -45.99
CA SER U 20 -2.20 24.74 -45.26
C SER U 20 -1.89 23.31 -44.82
N ALA U 21 -2.87 22.59 -44.30
CA ALA U 21 -2.65 21.21 -43.90
C ALA U 21 -2.19 20.39 -45.08
N HIS U 22 -2.85 20.53 -46.22
CA HIS U 22 -2.50 19.78 -47.41
C HIS U 22 -1.16 20.21 -47.94
N LEU U 23 -0.87 21.51 -47.89
CA LEU U 23 0.45 21.99 -48.32
C LEU U 23 1.55 21.33 -47.47
N TYR U 24 1.35 21.27 -46.16
CA TYR U 24 2.41 20.75 -45.29
C TYR U 24 2.54 19.25 -45.43
N LEU U 25 1.43 18.56 -45.66
CA LEU U 25 1.51 17.14 -46.00
C LEU U 25 2.35 16.93 -47.25
N GLN U 26 2.06 17.73 -48.29
CA GLN U 26 2.79 17.59 -49.53
C GLN U 26 4.29 17.89 -49.34
N MET U 27 4.61 18.91 -48.55
CA MET U 27 5.99 19.22 -48.25
C MET U 27 6.66 18.06 -47.54
N SER U 28 5.95 17.44 -46.61
CA SER U 28 6.47 16.30 -45.90
C SER U 28 6.87 15.21 -46.84
N ALA U 29 6.00 14.93 -47.80
CA ALA U 29 6.27 13.84 -48.76
C ALA U 29 7.52 14.12 -49.59
N TRP U 30 7.67 15.37 -50.04
CA TRP U 30 8.84 15.75 -50.82
C TRP U 30 10.09 15.62 -50.00
N LEU U 31 10.04 16.10 -48.76
CA LEU U 31 11.19 16.02 -47.87
C LEU U 31 11.66 14.58 -47.65
N LEU U 32 10.73 13.62 -47.58
CA LEU U 32 11.11 12.23 -47.47
C LEU U 32 11.94 11.77 -48.69
N THR U 33 11.64 12.27 -49.88
CA THR U 33 12.45 11.91 -51.07
C THR U 33 13.85 12.45 -51.01
N GLN U 34 14.09 13.45 -50.16
CA GLN U 34 15.43 14.02 -49.95
C GLN U 34 16.14 13.41 -48.75
N SER U 35 15.51 12.41 -48.11
CA SER U 35 15.99 11.81 -46.85
C SER U 35 16.09 12.78 -45.67
N LEU U 36 15.27 13.84 -45.70
CA LEU U 36 15.19 14.77 -44.60
C LEU U 36 14.04 14.32 -43.69
N ASP U 37 14.25 13.21 -43.00
CA ASP U 37 13.21 12.54 -42.27
C ASP U 37 12.64 13.34 -41.09
N SER U 38 13.49 14.05 -40.37
CA SER U 38 13.02 14.84 -39.24
C SER U 38 12.23 16.06 -39.68
N THR U 39 12.70 16.72 -40.72
CA THR U 39 11.96 17.85 -41.26
C THR U 39 10.61 17.35 -41.82
N ALA U 40 10.62 16.20 -42.47
CA ALA U 40 9.37 15.57 -42.95
C ALA U 40 8.39 15.34 -41.81
N ALA U 41 8.92 14.89 -40.67
CA ALA U 41 8.08 14.58 -39.50
C ALA U 41 7.49 15.86 -38.93
N PHE U 42 8.30 16.93 -38.93
CA PHE U 42 7.84 18.18 -38.43
C PHE U 42 6.67 18.67 -39.29
N PHE U 43 6.82 18.67 -40.61
CA PHE U 43 5.75 19.11 -41.46
C PHE U 43 4.52 18.22 -41.35
N ARG U 44 4.71 16.92 -41.19
CA ARG U 44 3.57 16.04 -41.02
C ARG U 44 2.79 16.39 -39.74
N ALA U 45 3.49 16.57 -38.65
CA ALA U 45 2.88 16.93 -37.38
C ALA U 45 2.21 18.29 -37.48
N HIS U 46 2.82 19.20 -38.24
CA HIS U 46 2.27 20.52 -38.33
C HIS U 46 1.02 20.56 -39.20
N ALA U 47 0.90 19.62 -40.13
CA ALA U 47 -0.33 19.52 -40.90
C ALA U 47 -1.49 19.24 -39.95
N GLU U 48 -1.24 18.49 -38.91
CA GLU U 48 -2.26 18.20 -37.93
C GLU U 48 -2.65 19.44 -37.11
N GLU U 49 -1.69 20.30 -36.82
CA GLU U 49 -1.98 21.58 -36.20
C GLU U 49 -2.88 22.45 -37.08
N GLU U 50 -2.61 22.49 -38.39
CA GLU U 50 -3.39 23.30 -39.29
C GLU U 50 -4.83 22.80 -39.38
N LYS U 51 -5.00 21.50 -39.25
CA LYS U 51 -6.30 20.95 -39.18
C LYS U 51 -7.06 21.39 -37.98
N ALA U 52 -6.38 21.45 -36.85
CA ALA U 52 -7.03 21.95 -35.64
C ALA U 52 -7.44 23.43 -35.80
N HIS U 53 -6.63 24.23 -36.50
CA HIS U 53 -6.97 25.62 -36.73
C HIS U 53 -8.22 25.68 -37.56
N MET U 54 -8.30 24.83 -38.58
CA MET U 54 -9.45 24.77 -39.43
C MET U 54 -10.70 24.44 -38.64
N MET U 55 -10.64 23.40 -37.82
CA MET U 55 -11.83 22.90 -37.11
C MET U 55 -12.38 23.88 -36.12
N LYS U 56 -11.49 24.64 -35.54
CA LYS U 56 -11.92 25.61 -34.55
C LYS U 56 -12.71 26.75 -35.18
N LEU U 57 -12.27 27.22 -36.34
CA LEU U 57 -13.02 28.18 -37.16
C LEU U 57 -14.37 27.60 -37.60
N PHE U 58 -14.29 26.41 -38.16
CA PHE U 58 -15.44 25.65 -38.62
C PHE U 58 -16.48 25.58 -37.51
N ASP U 59 -16.06 25.24 -36.32
CA ASP U 59 -17.03 25.16 -35.22
C ASP U 59 -17.60 26.50 -34.86
N TYR U 60 -16.77 27.54 -34.82
CA TYR U 60 -17.27 28.86 -34.41
C TYR U 60 -18.38 29.26 -35.39
N ILE U 61 -18.12 29.06 -36.67
CA ILE U 61 -19.06 29.49 -37.66
C ILE U 61 -20.38 28.78 -37.40
N ASN U 62 -20.32 27.46 -37.24
CA ASN U 62 -21.54 26.68 -37.07
C ASN U 62 -22.25 27.06 -35.79
N GLU U 63 -21.51 27.35 -34.73
CA GLU U 63 -22.13 27.73 -33.45
C GLU U 63 -22.91 29.02 -33.55
N THR U 64 -22.47 29.95 -34.40
CA THR U 64 -23.19 31.21 -34.60
C THR U 64 -24.48 31.02 -35.38
N GLY U 65 -24.69 29.84 -35.92
CA GLY U 65 -25.89 29.57 -36.70
C GLY U 65 -25.73 29.67 -38.22
N SER U 66 -24.54 29.98 -38.71
CA SER U 66 -24.26 29.95 -40.16
C SER U 66 -23.65 28.64 -40.54
N LEU U 67 -23.48 28.45 -41.84
CA LEU U 67 -23.03 27.17 -42.36
C LEU U 67 -21.62 27.31 -42.83
N ALA U 68 -20.71 26.57 -42.21
CA ALA U 68 -19.34 26.63 -42.59
C ALA U 68 -19.15 25.88 -43.88
N LEU U 69 -18.25 26.40 -44.72
CA LEU U 69 -18.00 25.85 -46.05
C LEU U 69 -16.53 25.56 -46.23
N ILE U 70 -16.21 24.35 -46.66
CA ILE U 70 -14.84 23.93 -46.83
C ILE U 70 -14.26 24.48 -48.15
N GLY U 71 -15.05 24.41 -49.21
CA GLY U 71 -14.61 24.89 -50.52
C GLY U 71 -13.62 24.00 -51.23
N GLU U 72 -12.91 24.57 -52.21
CA GLU U 72 -11.95 23.85 -53.04
C GLU U 72 -10.58 24.09 -52.50
N VAL U 73 -9.80 23.06 -52.42
CA VAL U 73 -8.46 23.13 -51.92
C VAL U 73 -7.59 22.51 -52.98
N ALA U 74 -6.66 23.27 -53.54
CA ALA U 74 -5.82 22.71 -54.61
C ALA U 74 -4.38 22.76 -54.21
N THR U 75 -3.71 21.63 -54.18
CA THR U 75 -2.34 21.59 -53.72
C THR U 75 -1.48 21.28 -54.91
N PRO U 76 -0.62 22.24 -55.29
CA PRO U 76 0.26 21.98 -56.41
C PRO U 76 1.27 20.87 -56.07
N ALA U 77 1.66 20.09 -57.09
CA ALA U 77 2.74 19.10 -56.98
C ALA U 77 4.02 19.83 -56.51
N PRO U 78 4.95 19.10 -55.92
CA PRO U 78 6.15 19.71 -55.38
C PRO U 78 7.08 20.28 -56.42
N GLU U 79 7.16 21.61 -56.50
CA GLU U 79 8.12 22.26 -57.37
C GLU U 79 9.55 22.30 -56.78
N TRP U 80 9.67 22.20 -55.45
CA TRP U 80 10.86 22.73 -54.73
C TRP U 80 12.18 22.15 -55.18
N LYS U 81 13.14 23.04 -55.41
CA LYS U 81 14.47 22.66 -55.90
C LYS U 81 15.43 22.40 -54.71
N SER U 82 15.19 23.01 -53.56
CA SER U 82 15.97 22.69 -52.35
C SER U 82 15.13 22.83 -51.09
N HIS U 83 15.63 22.33 -49.98
CA HIS U 83 14.90 22.46 -48.73
C HIS U 83 14.74 23.92 -48.34
N ILE U 84 15.68 24.77 -48.73
CA ILE U 84 15.59 26.18 -48.39
C ILE U 84 14.46 26.83 -49.15
N GLU U 85 14.29 26.45 -50.41
CA GLU U 85 13.21 27.01 -51.20
C GLU U 85 11.87 26.62 -50.55
N LEU U 86 11.80 25.40 -50.03
CA LEU U 86 10.58 24.93 -49.37
C LEU U 86 10.32 25.72 -48.11
N LEU U 87 11.35 25.92 -47.30
CA LEU U 87 11.19 26.65 -46.06
C LEU U 87 10.82 28.09 -46.28
N GLU U 88 11.33 28.70 -47.33
CA GLU U 88 10.90 30.05 -47.75
C GLU U 88 9.40 30.05 -48.08
N ALA U 89 8.94 29.05 -48.82
CA ALA U 89 7.55 28.96 -49.20
C ALA U 89 6.67 28.77 -47.98
N ALA U 90 7.13 27.96 -47.04
CA ALA U 90 6.39 27.76 -45.80
C ALA U 90 6.30 29.05 -44.98
N TYR U 91 7.43 29.72 -44.80
CA TYR U 91 7.41 30.97 -44.08
C TYR U 91 6.49 31.98 -44.75
N ASN U 92 6.59 32.15 -46.06
CA ASN U 92 5.77 33.15 -46.76
C ASN U 92 4.31 32.79 -46.64
N HIS U 93 4.03 31.50 -46.69
CA HIS U 93 2.68 31.03 -46.52
C HIS U 93 2.14 31.38 -45.13
N GLU U 94 2.97 31.21 -44.11
CA GLU U 94 2.56 31.61 -42.77
C GLU U 94 2.37 33.13 -42.68
N LEU U 95 3.19 33.92 -43.37
CA LEU U 95 3.00 35.37 -43.38
C LEU U 95 1.66 35.74 -43.99
N ALA U 96 1.26 35.01 -45.02
CA ALA U 96 0.01 35.25 -45.69
C ALA U 96 -1.16 34.90 -44.82
N ILE U 97 -1.01 33.84 -44.03
CA ILE U 97 -2.04 33.46 -43.08
C ILE U 97 -2.18 34.54 -42.06
N THR U 98 -1.08 35.02 -41.53
CA THR U 98 -1.17 36.12 -40.60
C THR U 98 -1.85 37.35 -41.18
N GLN U 99 -1.53 37.68 -42.43
CA GLN U 99 -2.15 38.82 -43.11
C GLN U 99 -3.66 38.62 -43.12
N SER U 100 -4.07 37.43 -43.49
CA SER U 100 -5.47 37.12 -43.61
C SER U 100 -6.18 37.22 -42.25
N ILE U 101 -5.52 36.78 -41.19
CA ILE U 101 -6.11 36.86 -39.86
C ILE U 101 -6.21 38.30 -39.44
N ASN U 102 -5.14 39.05 -39.67
CA ASN U 102 -5.22 40.47 -39.37
C ASN U 102 -6.36 41.16 -40.09
N ASP U 103 -6.57 40.85 -41.36
CA ASP U 103 -7.61 41.51 -42.13
C ASP U 103 -8.92 41.18 -41.49
N LEU U 104 -9.06 39.95 -41.09
CA LEU U 104 -10.28 39.46 -40.45
C LEU U 104 -10.53 40.16 -39.10
N VAL U 105 -9.47 40.37 -38.32
CA VAL U 105 -9.58 41.05 -37.03
C VAL U 105 -9.94 42.49 -37.22
N ASP U 106 -9.27 43.13 -38.17
CA ASP U 106 -9.56 44.49 -38.54
C ASP U 106 -11.01 44.68 -39.02
N THR U 107 -11.51 43.77 -39.85
CA THR U 107 -12.88 43.90 -40.29
C THR U 107 -13.89 43.65 -39.17
N ALA U 108 -13.60 42.73 -38.24
CA ALA U 108 -14.50 42.54 -37.13
C ALA U 108 -14.59 43.78 -36.26
N LEU U 109 -13.46 44.43 -36.07
CA LEU U 109 -13.39 45.64 -35.23
C LEU U 109 -14.20 46.76 -35.91
N ARG U 110 -14.02 46.90 -37.21
CA ARG U 110 -14.69 47.94 -38.01
C ARG U 110 -16.20 47.77 -37.99
N GLU U 111 -16.68 46.52 -38.09
CA GLU U 111 -18.12 46.24 -38.00
C GLU U 111 -18.66 46.13 -36.59
N LYS U 112 -17.81 46.36 -35.59
CA LYS U 112 -18.17 46.16 -34.22
C LYS U 112 -18.76 44.78 -33.93
N ASP U 113 -18.27 43.76 -34.64
CA ASP U 113 -18.51 42.36 -34.31
C ASP U 113 -17.46 41.93 -33.26
N TYR U 114 -17.72 42.29 -32.02
CA TYR U 114 -16.76 42.10 -30.95
C TYR U 114 -16.61 40.61 -30.63
N SER U 115 -17.66 39.86 -30.87
CA SER U 115 -17.65 38.42 -30.63
C SER U 115 -16.65 37.69 -31.55
N THR U 116 -16.67 38.03 -32.82
CA THR U 116 -15.65 37.50 -33.73
C THR U 116 -14.26 38.07 -33.46
N PHE U 117 -14.20 39.34 -33.06
CA PHE U 117 -12.93 39.92 -32.67
C PHE U 117 -12.29 39.14 -31.55
N GLN U 118 -13.06 38.82 -30.49
CA GLN U 118 -12.41 38.15 -29.36
C GLN U 118 -12.10 36.68 -29.72
N PHE U 119 -12.98 36.04 -30.50
CA PHE U 119 -12.68 34.68 -30.94
C PHE U 119 -11.34 34.62 -31.69
N LEU U 120 -11.03 35.65 -32.47
CA LEU U 120 -9.85 35.63 -33.32
C LEU U 120 -8.55 35.89 -32.59
N GLN U 121 -8.61 36.37 -31.38
CA GLN U 121 -7.37 36.67 -30.62
C GLN U 121 -6.54 35.41 -30.42
N TRP U 122 -7.19 34.27 -30.26
CA TRP U 122 -6.46 33.03 -30.23
C TRP U 122 -5.55 32.91 -31.45
N TYR U 123 -6.08 33.22 -32.63
CA TYR U 123 -5.32 33.06 -33.88
C TYR U 123 -4.21 34.09 -33.99
N VAL U 124 -4.44 35.29 -33.51
CA VAL U 124 -3.43 36.30 -33.55
C VAL U 124 -2.25 35.80 -32.77
N ALA U 125 -2.52 35.29 -31.58
CA ALA U 125 -1.45 34.74 -30.70
C ALA U 125 -0.79 33.55 -31.36
N GLU U 126 -1.58 32.66 -31.92
CA GLU U 126 -1.03 31.45 -32.54
C GLU U 126 -0.12 31.81 -33.70
N GLN U 127 -0.47 32.82 -34.48
CA GLN U 127 0.32 33.18 -35.65
C GLN U 127 1.63 33.84 -35.27
N HIS U 128 1.70 34.49 -34.11
CA HIS U 128 2.97 34.93 -33.59
C HIS U 128 3.90 33.75 -33.33
N GLU U 129 3.37 32.69 -32.71
CA GLU U 129 4.14 31.49 -32.47
C GLU U 129 4.54 30.82 -33.79
N GLU U 130 3.66 30.85 -34.78
CA GLU U 130 3.96 30.19 -36.08
C GLU U 130 5.04 30.91 -36.83
N GLU U 131 4.98 32.23 -36.88
CA GLU U 131 6.01 32.98 -37.55
C GLU U 131 7.35 32.78 -36.87
N TYR U 132 7.35 32.72 -35.55
CA TYR U 132 8.58 32.55 -34.83
C TYR U 132 9.19 31.19 -35.22
N LEU U 133 8.35 30.15 -35.20
CA LEU U 133 8.77 28.79 -35.51
C LEU U 133 9.35 28.65 -36.91
N PHE U 134 8.63 29.15 -37.91
CA PHE U 134 9.05 29.03 -39.32
C PHE U 134 10.15 30.00 -39.75
N SER U 135 10.17 31.23 -39.23
CA SER U 135 11.26 32.12 -39.50
C SER U 135 12.56 31.58 -38.91
N SER U 136 12.47 31.03 -37.71
CA SER U 136 13.63 30.55 -37.02
C SER U 136 14.19 29.33 -37.72
N MET U 137 13.32 28.46 -38.20
CA MET U 137 13.78 27.28 -38.93
C MET U 137 14.47 27.66 -40.26
N LEU U 138 13.92 28.64 -40.95
CA LEU U 138 14.51 29.15 -42.19
C LEU U 138 15.87 29.77 -41.93
N HIS U 139 15.96 30.59 -40.88
CA HIS U 139 17.18 31.33 -40.53
CA HIS U 139 17.22 31.28 -40.56
C HIS U 139 18.30 30.28 -40.28
N LYS U 140 17.99 29.25 -39.51
CA LYS U 140 18.93 28.18 -39.23
C LYS U 140 19.32 27.40 -40.50
N ALA U 141 18.38 27.17 -41.41
CA ALA U 141 18.71 26.46 -42.63
C ALA U 141 19.71 27.23 -43.49
N ARG U 142 19.53 28.55 -43.57
CA ARG U 142 20.46 29.41 -44.28
C ARG U 142 21.87 29.45 -43.66
N ILE U 143 21.94 29.50 -42.34
CA ILE U 143 23.19 29.48 -41.65
C ILE U 143 23.88 28.15 -41.86
N ILE U 144 23.15 27.06 -41.69
CA ILE U 144 23.71 25.72 -41.78
C ILE U 144 24.12 25.36 -43.20
N ASN U 145 23.61 26.11 -44.17
CA ASN U 145 24.07 26.02 -45.55
C ASN U 145 25.48 26.57 -45.87
N THR U 146 26.11 27.24 -44.92
CA THR U 146 27.47 27.80 -45.00
C THR U 146 28.41 27.10 -44.05
N MET U 147 29.68 27.01 -44.39
CA MET U 147 30.64 26.39 -43.47
C MET U 147 30.84 27.17 -42.18
N ASP U 148 30.90 28.50 -42.29
CA ASP U 148 31.02 29.37 -41.11
C ASP U 148 29.87 29.14 -40.15
N GLY U 149 28.67 29.01 -40.73
CA GLY U 149 27.48 28.69 -40.00
C GLY U 149 27.52 27.35 -39.30
N ARG U 150 27.97 26.32 -39.99
CA ARG U 150 28.04 25.03 -39.34
C ARG U 150 29.00 25.06 -38.14
N ALA U 151 30.03 25.88 -38.20
CA ALA U 151 30.93 26.05 -37.06
C ALA U 151 30.26 26.75 -35.88
N LEU U 152 29.44 27.76 -36.14
CA LEU U 152 28.66 28.42 -35.08
C LEU U 152 27.75 27.44 -34.37
N PHE U 153 27.06 26.61 -35.14
CA PHE U 153 26.15 25.65 -34.57
C PHE U 153 26.87 24.57 -33.80
N ARG U 154 28.10 24.29 -34.16
CA ARG U 154 28.87 23.28 -33.44
C ARG U 154 29.18 23.81 -32.06
N PHE U 155 29.49 25.10 -31.98
CA PHE U 155 29.72 25.73 -30.69
C PHE U 155 28.44 25.74 -29.87
N ASP U 156 27.33 26.14 -30.49
CA ASP U 156 26.04 26.20 -29.79
C ASP U 156 25.67 24.84 -29.24
N GLU U 157 25.96 23.78 -29.98
CA GLU U 157 25.66 22.45 -29.51
C GLU U 157 26.56 22.05 -28.36
N GLU U 158 27.81 22.49 -28.38
CA GLU U 158 28.70 22.26 -27.26
C GLU U 158 28.15 22.93 -25.99
N VAL U 159 27.57 24.11 -26.12
CA VAL U 159 26.99 24.78 -24.98
C VAL U 159 25.78 24.01 -24.52
N ARG U 160 24.96 23.51 -25.43
CA ARG U 160 23.78 22.70 -25.00
C ARG U 160 24.18 21.47 -24.18
N LYS U 161 25.26 20.78 -24.56
CA LYS U 161 25.78 19.64 -23.78
C LYS U 161 26.54 20.04 -22.52
N SER U 162 27.53 20.94 -22.63
CA SER U 162 28.38 21.34 -21.49
C SER U 162 27.69 22.16 -20.38
N VAL U 163 27.01 23.26 -20.71
CA VAL U 163 26.32 24.04 -19.67
C VAL U 163 24.76 23.77 -19.66
N LEU U 164 23.96 24.57 -20.37
CA LEU U 164 22.48 24.37 -20.51
C LEU U 164 22.05 22.92 -20.77
N MET V 1 -52.02 -19.54 -17.57
CA MET V 1 -51.33 -20.80 -17.26
C MET V 1 -51.77 -21.45 -15.91
N LEU V 2 -51.83 -20.74 -14.79
CA LEU V 2 -52.25 -21.39 -13.53
C LEU V 2 -53.70 -21.80 -13.55
N SER V 3 -54.01 -23.00 -13.09
CA SER V 3 -55.38 -23.43 -12.97
C SER V 3 -56.06 -22.61 -11.88
N LYS V 4 -57.37 -22.50 -11.94
CA LYS V 4 -58.09 -21.74 -10.96
C LYS V 4 -57.96 -22.32 -9.56
N THR V 5 -57.94 -23.64 -9.45
CA THR V 5 -57.86 -24.24 -8.11
C THR V 5 -56.50 -23.94 -7.45
N ILE V 6 -55.41 -23.99 -8.23
CA ILE V 6 -54.07 -23.72 -7.72
C ILE V 6 -53.92 -22.20 -7.44
N LEU V 7 -54.37 -21.36 -8.36
CA LEU V 7 -54.39 -19.91 -8.13
C LEU V 7 -55.10 -19.52 -6.83
N ASP V 8 -56.27 -20.09 -6.59
CA ASP V 8 -57.01 -19.74 -5.38
C ASP V 8 -56.30 -20.18 -4.13
N LYS V 9 -55.63 -21.32 -4.19
CA LYS V 9 -54.82 -21.74 -3.03
C LYS V 9 -53.53 -20.97 -2.82
N LEU V 10 -52.89 -20.55 -3.91
CA LEU V 10 -51.69 -19.76 -3.79
C LEU V 10 -52.05 -18.38 -3.21
N ASN V 11 -53.10 -17.77 -3.72
CA ASN V 11 -53.61 -16.54 -3.14
C ASN V 11 -54.08 -16.71 -1.69
N HIS V 12 -54.60 -17.87 -1.34
CA HIS V 12 -54.92 -18.12 0.07
C HIS V 12 -53.66 -18.11 0.90
N GLN V 13 -52.59 -18.68 0.35
CA GLN V 13 -51.31 -18.75 1.05
C GLN V 13 -50.64 -17.39 1.16
N VAL V 14 -50.71 -16.59 0.10
CA VAL V 14 -50.30 -15.20 0.20
C VAL V 14 -50.96 -14.53 1.41
N ASN V 15 -52.25 -14.66 1.50
CA ASN V 15 -53.00 -14.04 2.58
C ASN V 15 -52.62 -14.63 3.94
N PHE V 16 -52.39 -15.93 3.99
CA PHE V 16 -51.99 -16.61 5.25
C PHE V 16 -50.64 -16.09 5.74
N GLU V 17 -49.67 -15.93 4.84
CA GLU V 17 -48.36 -15.44 5.22
C GLU V 17 -48.49 -14.00 5.70
N ALA V 18 -49.29 -13.20 5.01
CA ALA V 18 -49.55 -11.83 5.48
C ALA V 18 -50.13 -11.83 6.90
N ALA V 19 -51.08 -12.72 7.16
CA ALA V 19 -51.68 -12.81 8.49
C ALA V 19 -50.67 -13.23 9.51
N SER V 20 -49.70 -14.04 9.11
CA SER V 20 -48.65 -14.49 10.06
C SER V 20 -47.76 -13.35 10.46
N ALA V 21 -47.41 -12.51 9.50
CA ALA V 21 -46.61 -11.36 9.82
C ALA V 21 -47.30 -10.48 10.83
N HIS V 22 -48.58 -10.24 10.61
CA HIS V 22 -49.38 -9.38 11.51
C HIS V 22 -49.53 -10.03 12.87
N LEU V 23 -49.74 -11.34 12.89
CA LEU V 23 -49.85 -12.08 14.13
C LEU V 23 -48.57 -11.92 14.95
N TYR V 24 -47.43 -12.07 14.31
CA TYR V 24 -46.17 -12.03 15.05
C TYR V 24 -45.83 -10.63 15.49
N LEU V 25 -46.20 -9.63 14.70
CA LEU V 25 -46.11 -8.25 15.15
C LEU V 25 -46.95 -8.06 16.42
N GLN V 26 -48.19 -8.56 16.41
CA GLN V 26 -49.06 -8.36 17.54
C GLN V 26 -48.52 -9.07 18.78
N MET V 27 -47.95 -10.26 18.58
CA MET V 27 -47.36 -11.01 19.68
C MET V 27 -46.18 -10.23 20.23
N SER V 28 -45.38 -9.64 19.36
CA SER V 28 -44.27 -8.84 19.79
C SER V 28 -44.71 -7.73 20.72
N ALA V 29 -45.79 -7.04 20.32
CA ALA V 29 -46.30 -5.91 21.10
C ALA V 29 -46.75 -6.37 22.49
N TRP V 30 -47.45 -7.50 22.56
CA TRP V 30 -47.90 -8.03 23.82
C TRP V 30 -46.69 -8.38 24.70
N LEU V 31 -45.68 -9.06 24.11
CA LEU V 31 -44.50 -9.47 24.87
C LEU V 31 -43.79 -8.29 25.48
N LEU V 32 -43.78 -7.15 24.80
CA LEU V 32 -43.19 -5.96 25.39
C LEU V 32 -43.91 -5.51 26.66
N THR V 33 -45.23 -5.67 26.73
CA THR V 33 -45.96 -5.33 27.96
C THR V 33 -45.62 -6.24 29.13
N GLN V 34 -45.07 -7.42 28.86
CA GLN V 34 -44.60 -8.37 29.91
C GLN V 34 -43.12 -8.17 30.25
N SER V 35 -42.48 -7.17 29.63
CA SER V 35 -41.03 -6.99 29.70
C SER V 35 -40.18 -8.16 29.16
N LEU V 36 -40.73 -8.92 28.22
CA LEU V 36 -39.99 -9.99 27.56
C LEU V 36 -39.41 -9.43 26.28
N ASP V 37 -38.41 -8.57 26.43
CA ASP V 37 -37.86 -7.77 25.34
C ASP V 37 -37.15 -8.59 24.22
N SER V 38 -36.40 -9.62 24.59
CA SER V 38 -35.76 -10.46 23.62
C SER V 38 -36.73 -11.33 22.85
N THR V 39 -37.71 -11.90 23.53
CA THR V 39 -38.74 -12.65 22.82
C THR V 39 -39.49 -11.69 21.88
N ALA V 40 -39.79 -10.48 22.34
CA ALA V 40 -40.46 -9.50 21.49
C ALA V 40 -39.65 -9.21 20.25
N ALA V 41 -38.35 -9.09 20.40
CA ALA V 41 -37.45 -8.81 19.28
C ALA V 41 -37.40 -9.99 18.29
N PHE V 42 -37.44 -11.20 18.83
CA PHE V 42 -37.52 -12.36 17.97
C PHE V 42 -38.81 -12.33 17.13
N PHE V 43 -39.95 -12.06 17.76
CA PHE V 43 -41.21 -12.07 16.99
C PHE V 43 -41.29 -10.93 16.01
N ARG V 44 -40.72 -9.79 16.37
CA ARG V 44 -40.63 -8.69 15.43
C ARG V 44 -39.81 -9.05 14.19
N ALA V 45 -38.65 -9.61 14.41
CA ALA V 45 -37.80 -10.03 13.29
C ALA V 45 -38.49 -11.10 12.46
N HIS V 46 -39.18 -12.00 13.14
CA HIS V 46 -39.79 -13.07 12.40
C HIS V 46 -41.00 -12.60 11.57
N ALA V 47 -41.66 -11.52 11.99
CA ALA V 47 -42.71 -10.95 11.17
C ALA V 47 -42.12 -10.55 9.82
N GLU V 48 -40.87 -10.09 9.81
CA GLU V 48 -40.21 -9.71 8.57
C GLU V 48 -39.94 -10.94 7.68
N GLU V 49 -39.65 -12.07 8.29
CA GLU V 49 -39.49 -13.32 7.55
C GLU V 49 -40.79 -13.73 6.89
N GLU V 50 -41.91 -13.58 7.60
CA GLU V 50 -43.18 -13.96 7.02
C GLU V 50 -43.54 -13.06 5.85
N LYS V 51 -43.15 -11.80 5.90
CA LYS V 51 -43.36 -10.88 4.81
C LYS V 51 -42.60 -11.31 3.60
N ALA V 52 -41.39 -11.77 3.79
CA ALA V 52 -40.63 -12.32 2.68
C ALA V 52 -41.30 -13.59 2.08
N HIS V 53 -41.89 -14.44 2.92
CA HIS V 53 -42.59 -15.61 2.42
C HIS V 53 -43.74 -15.15 1.56
N MET V 54 -44.45 -14.14 2.04
CA MET V 54 -45.58 -13.62 1.31
C MET V 54 -45.14 -13.13 -0.05
N MET V 55 -44.07 -12.34 -0.10
CA MET V 55 -43.69 -11.65 -1.33
C MET V 55 -43.22 -12.61 -2.38
N LYS V 56 -42.65 -13.70 -1.94
CA LYS V 56 -42.12 -14.67 -2.87
C LYS V 56 -43.27 -15.41 -3.59
N LEU V 57 -44.32 -15.74 -2.86
CA LEU V 57 -45.55 -16.27 -3.44
C LEU V 57 -46.19 -15.26 -4.38
N PHE V 58 -46.34 -14.05 -3.88
CA PHE V 58 -46.93 -12.92 -4.62
C PHE V 58 -46.21 -12.76 -5.96
N ASP V 59 -44.87 -12.76 -5.95
CA ASP V 59 -44.13 -12.67 -7.20
C ASP V 59 -44.33 -13.85 -8.13
N TYR V 60 -44.32 -15.08 -7.60
CA TYR V 60 -44.49 -16.26 -8.45
C TYR V 60 -45.83 -16.14 -9.17
N ILE V 61 -46.88 -15.82 -8.43
CA ILE V 61 -48.20 -15.73 -9.04
C ILE V 61 -48.17 -14.74 -10.17
N ASN V 62 -47.66 -13.54 -9.90
CA ASN V 62 -47.63 -12.48 -10.92
C ASN V 62 -46.77 -12.84 -12.12
N GLU V 63 -45.65 -13.51 -11.89
CA GLU V 63 -44.79 -13.97 -12.99
C GLU V 63 -45.50 -14.98 -13.89
N THR V 64 -46.36 -15.84 -13.34
CA THR V 64 -47.10 -16.78 -14.20
C THR V 64 -48.15 -16.11 -15.07
N GLY V 65 -48.40 -14.81 -14.86
CA GLY V 65 -49.42 -14.10 -15.61
C GLY V 65 -50.79 -13.96 -14.93
N SER V 66 -50.96 -14.52 -13.73
CA SER V 66 -52.17 -14.27 -12.94
C SER V 66 -52.01 -13.08 -12.03
N LEU V 67 -53.10 -12.69 -11.38
CA LEU V 67 -53.09 -11.53 -10.50
C LEU V 67 -53.12 -11.95 -9.04
N ALA V 68 -52.08 -11.62 -8.32
CA ALA V 68 -52.01 -12.01 -6.92
C ALA V 68 -52.97 -11.10 -6.14
N LEU V 69 -53.58 -11.67 -5.10
CA LEU V 69 -54.54 -10.96 -4.28
C LEU V 69 -54.16 -11.08 -2.84
N ILE V 70 -54.13 -9.94 -2.16
CA ILE V 70 -53.78 -9.91 -0.75
C ILE V 70 -54.95 -10.36 0.14
N GLY V 71 -56.15 -9.86 -0.17
CA GLY V 71 -57.33 -10.18 0.60
C GLY V 71 -57.47 -9.46 1.93
N GLU V 72 -58.30 -10.02 2.81
CA GLU V 72 -58.52 -9.48 4.15
C GLU V 72 -57.64 -10.17 5.13
N VAL V 73 -57.02 -9.41 6.01
CA VAL V 73 -56.19 -9.98 7.05
C VAL V 73 -56.70 -9.47 8.37
N ALA V 74 -57.12 -10.36 9.27
CA ALA V 74 -57.71 -9.87 10.55
C ALA V 74 -56.89 -10.39 11.67
N THR V 75 -56.39 -9.51 12.52
CA THR V 75 -55.55 -9.94 13.61
C THR V 75 -56.29 -9.70 14.87
N PRO V 76 -56.62 -10.79 15.58
CA PRO V 76 -57.29 -10.59 16.87
C PRO V 76 -56.37 -9.90 17.88
N ALA V 77 -56.99 -9.09 18.75
CA ALA V 77 -56.27 -8.46 19.85
C ALA V 77 -55.60 -9.58 20.67
N PRO V 78 -54.54 -9.26 21.38
CA PRO V 78 -53.90 -10.23 22.27
C PRO V 78 -54.72 -10.85 23.41
N GLU V 79 -55.10 -12.11 23.26
CA GLU V 79 -55.82 -12.84 24.30
C GLU V 79 -54.85 -13.40 25.38
N TRP V 80 -53.57 -13.55 25.04
CA TRP V 80 -52.67 -14.48 25.76
C TRP V 80 -52.52 -14.19 27.25
N LYS V 81 -52.67 -15.25 28.04
CA LYS V 81 -52.58 -15.13 29.49
C LYS V 81 -51.17 -15.39 30.01
N SER V 82 -50.35 -16.09 29.25
CA SER V 82 -48.92 -16.22 29.58
C SER V 82 -48.08 -16.35 28.32
N HIS V 83 -46.76 -16.21 28.45
CA HIS V 83 -45.89 -16.41 27.32
C HIS V 83 -45.92 -17.82 26.77
N ILE V 84 -46.23 -18.81 27.60
CA ILE V 84 -46.35 -20.18 27.13
C ILE V 84 -47.57 -20.37 26.27
N GLU V 85 -48.68 -19.73 26.65
CA GLU V 85 -49.89 -19.80 25.83
C GLU V 85 -49.59 -19.20 24.44
N LEU V 86 -48.81 -18.14 24.42
CA LEU V 86 -48.46 -17.45 23.16
C LEU V 86 -47.58 -18.31 22.30
N LEU V 87 -46.57 -18.93 22.91
CA LEU V 87 -45.69 -19.84 22.18
C LEU V 87 -46.43 -21.05 21.62
N GLU V 88 -47.42 -21.56 22.38
CA GLU V 88 -48.27 -22.67 21.89
C GLU V 88 -49.02 -22.21 20.65
N ALA V 89 -49.54 -20.98 20.70
CA ALA V 89 -50.32 -20.46 19.58
C ALA V 89 -49.44 -20.32 18.36
N ALA V 90 -48.21 -19.85 18.59
CA ALA V 90 -47.27 -19.65 17.50
C ALA V 90 -46.92 -20.99 16.89
N TYR V 91 -46.62 -21.96 17.73
CA TYR V 91 -46.29 -23.27 17.21
C TYR V 91 -47.46 -23.90 16.44
N ASN V 92 -48.69 -23.81 16.97
CA ASN V 92 -49.85 -24.37 16.26
C ASN V 92 -50.11 -23.67 14.96
N HIS V 93 -49.85 -22.37 14.97
CA HIS V 93 -50.00 -21.58 13.78
C HIS V 93 -49.01 -22.05 12.71
N GLU V 94 -47.77 -22.29 13.11
CA GLU V 94 -46.78 -22.80 12.16
C GLU V 94 -47.14 -24.20 11.66
N LEU V 95 -47.74 -25.03 12.52
CA LEU V 95 -48.24 -26.33 12.08
C LEU V 95 -49.32 -26.19 11.01
N ALA V 96 -50.17 -25.18 11.16
CA ALA V 96 -51.26 -24.95 10.21
C ALA V 96 -50.72 -24.45 8.91
N ILE V 97 -49.67 -23.65 8.97
CA ILE V 97 -49.05 -23.17 7.74
C ILE V 97 -48.47 -24.37 7.02
N THR V 98 -47.78 -25.23 7.75
CA THR V 98 -47.21 -26.41 7.11
C THR V 98 -48.32 -27.25 6.45
N GLN V 99 -49.45 -27.40 7.13
CA GLN V 99 -50.58 -28.14 6.57
C GLN V 99 -51.01 -27.55 5.27
N SER V 100 -51.14 -26.24 5.28
CA SER V 100 -51.58 -25.53 4.10
C SER V 100 -50.61 -25.66 2.92
N ILE V 101 -49.30 -25.63 3.22
CA ILE V 101 -48.28 -25.83 2.19
C ILE V 101 -48.36 -27.26 1.66
N ASN V 102 -48.48 -28.23 2.55
CA ASN V 102 -48.61 -29.61 2.13
C ASN V 102 -49.82 -29.86 1.25
N ASP V 103 -50.95 -29.27 1.58
CA ASP V 103 -52.13 -29.40 0.75
C ASP V 103 -51.87 -28.82 -0.62
N LEU V 104 -51.18 -27.70 -0.65
CA LEU V 104 -50.84 -27.02 -1.90
C LEU V 104 -49.90 -27.86 -2.74
N VAL V 105 -48.92 -28.49 -2.10
CA VAL V 105 -47.97 -29.35 -2.79
C VAL V 105 -48.67 -30.56 -3.36
N ASP V 106 -49.50 -31.17 -2.54
CA ASP V 106 -50.30 -32.32 -2.94
C ASP V 106 -51.21 -32.00 -4.11
N THR V 107 -51.89 -30.86 -4.07
CA THR V 107 -52.75 -30.52 -5.20
C THR V 107 -51.98 -30.18 -6.48
N ALA V 108 -50.79 -29.60 -6.36
CA ALA V 108 -49.96 -29.39 -7.59
C ALA V 108 -49.52 -30.69 -8.22
N LEU V 109 -49.18 -31.65 -7.39
CA LEU V 109 -48.75 -32.98 -7.85
C LEU V 109 -49.92 -33.69 -8.55
N ARG V 110 -51.10 -33.62 -7.94
CA ARG V 110 -52.32 -34.24 -8.44
C ARG V 110 -52.72 -33.65 -9.79
N GLU V 111 -52.62 -32.33 -9.97
CA GLU V 111 -52.90 -31.71 -11.27
C GLU V 111 -51.72 -31.73 -12.24
N LYS V 112 -50.62 -32.38 -11.86
CA LYS V 112 -49.40 -32.36 -12.65
C LYS V 112 -48.92 -30.95 -13.03
N ASP V 113 -49.14 -29.98 -12.12
CA ASP V 113 -48.53 -28.64 -12.22
C ASP V 113 -47.14 -28.70 -11.58
N TYR V 114 -46.19 -29.23 -12.34
CA TYR V 114 -44.86 -29.53 -11.81
C TYR V 114 -44.09 -28.25 -11.53
N SER V 115 -44.43 -27.20 -12.24
CA SER V 115 -43.83 -25.90 -12.00
C SER V 115 -44.16 -25.35 -10.58
N THR V 116 -45.41 -25.42 -10.20
CA THR V 116 -45.79 -24.99 -8.88
C THR V 116 -45.25 -25.95 -7.85
N PHE V 117 -45.22 -27.23 -8.19
CA PHE V 117 -44.66 -28.21 -7.26
C PHE V 117 -43.24 -27.88 -6.94
N GLN V 118 -42.43 -27.54 -7.94
CA GLN V 118 -41.02 -27.31 -7.62
C GLN V 118 -40.84 -25.98 -6.94
N PHE V 119 -41.65 -24.99 -7.30
CA PHE V 119 -41.60 -23.71 -6.62
C PHE V 119 -41.87 -23.86 -5.13
N LEU V 120 -42.79 -24.73 -4.78
CA LEU V 120 -43.16 -24.89 -3.38
C LEU V 120 -42.12 -25.59 -2.50
N GLN V 121 -41.12 -26.25 -3.09
CA GLN V 121 -40.18 -27.04 -2.31
C GLN V 121 -39.40 -26.16 -1.37
N TRP V 122 -39.15 -24.94 -1.79
CA TRP V 122 -38.56 -23.96 -0.93
C TRP V 122 -39.36 -23.83 0.37
N TYR V 123 -40.69 -23.74 0.26
CA TYR V 123 -41.57 -23.61 1.43
C TYR V 123 -41.60 -24.87 2.28
N VAL V 124 -41.56 -26.03 1.65
CA VAL V 124 -41.56 -27.25 2.41
C VAL V 124 -40.33 -27.28 3.29
N ALA V 125 -39.20 -26.92 2.71
CA ALA V 125 -37.94 -26.87 3.44
C ALA V 125 -38.01 -25.81 4.55
N GLU V 126 -38.52 -24.64 4.21
CA GLU V 126 -38.56 -23.54 5.17
C GLU V 126 -39.46 -23.88 6.35
N GLN V 127 -40.55 -24.59 6.10
CA GLN V 127 -41.45 -24.96 7.19
C GLN V 127 -40.85 -25.99 8.12
N HIS V 128 -39.95 -26.82 7.62
CA HIS V 128 -39.20 -27.70 8.52
C HIS V 128 -38.36 -26.89 9.50
N GLU V 129 -37.68 -25.85 9.00
CA GLU V 129 -36.86 -24.97 9.84
C GLU V 129 -37.78 -24.22 10.82
N GLU V 130 -38.97 -23.81 10.38
CA GLU V 130 -39.89 -23.06 11.23
C GLU V 130 -40.40 -23.90 12.36
N GLU V 131 -40.83 -25.12 12.06
CA GLU V 131 -41.31 -26.01 13.11
C GLU V 131 -40.21 -26.27 14.13
N TYR V 132 -38.99 -26.43 13.65
CA TYR V 132 -37.89 -26.76 14.54
C TYR V 132 -37.67 -25.60 15.49
N LEU V 133 -37.64 -24.40 14.94
CA LEU V 133 -37.44 -23.18 15.68
C LEU V 133 -38.51 -22.97 16.76
N PHE V 134 -39.77 -23.06 16.36
CA PHE V 134 -40.87 -22.79 17.28
C PHE V 134 -41.14 -23.90 18.28
N SER V 135 -41.00 -25.14 17.87
CA SER V 135 -41.19 -26.25 18.81
C SER V 135 -40.10 -26.18 19.87
N SER V 136 -38.90 -25.87 19.44
CA SER V 136 -37.78 -25.87 20.34
C SER V 136 -37.92 -24.71 21.35
N MET V 137 -38.38 -23.57 20.90
CA MET V 137 -38.58 -22.45 21.79
C MET V 137 -39.68 -22.74 22.84
N LEU V 138 -40.75 -23.40 22.40
CA LEU V 138 -41.81 -23.82 23.30
C LEU V 138 -41.29 -24.79 24.34
N HIS V 139 -40.54 -25.78 23.88
CA HIS V 139 -40.05 -26.83 24.78
CA HIS V 139 -40.09 -26.86 24.72
C HIS V 139 -39.19 -26.23 25.86
N LYS V 140 -38.32 -25.29 25.47
CA LYS V 140 -37.49 -24.60 26.45
C LYS V 140 -38.32 -23.76 27.42
N ALA V 141 -39.39 -23.17 26.94
CA ALA V 141 -40.21 -22.34 27.80
C ALA V 141 -40.87 -23.18 28.88
N ARG V 142 -41.33 -24.37 28.51
CA ARG V 142 -41.94 -25.31 29.46
C ARG V 142 -40.96 -25.82 30.50
N ILE V 143 -39.74 -26.11 30.05
CA ILE V 143 -38.70 -26.55 30.95
C ILE V 143 -38.33 -25.42 31.92
N ILE V 144 -38.11 -24.23 31.40
CA ILE V 144 -37.66 -23.09 32.22
C ILE V 144 -38.75 -22.63 33.19
N ASP V 145 -40.01 -23.02 32.93
CA ASP V 145 -41.12 -22.77 33.85
C ASP V 145 -41.10 -23.60 35.13
N THR V 146 -40.17 -24.57 35.23
CA THR V 146 -40.01 -25.48 36.40
C THR V 146 -38.66 -25.23 37.05
N MET V 147 -38.58 -25.42 38.36
CA MET V 147 -37.28 -25.25 39.05
C MET V 147 -36.22 -26.28 38.64
N ASP V 148 -36.63 -27.53 38.50
CA ASP V 148 -35.75 -28.58 37.98
C ASP V 148 -35.16 -28.21 36.62
N GLY V 149 -36.02 -27.69 35.76
CA GLY V 149 -35.65 -27.21 34.45
C GLY V 149 -34.64 -26.10 34.52
N ARG V 150 -34.86 -25.11 35.37
CA ARG V 150 -33.91 -23.98 35.44
C ARG V 150 -32.54 -24.44 35.92
N ALA V 151 -32.50 -25.49 36.73
CA ALA V 151 -31.22 -26.13 37.10
C ALA V 151 -30.51 -26.86 35.92
N LEU V 152 -31.27 -27.55 35.06
CA LEU V 152 -30.71 -28.14 33.85
C LEU V 152 -30.07 -27.08 32.99
N PHE V 153 -30.78 -25.99 32.79
CA PHE V 153 -30.29 -24.93 31.90
C PHE V 153 -29.09 -24.23 32.48
N ARG V 154 -28.98 -24.22 33.79
CA ARG V 154 -27.84 -23.60 34.42
C ARG V 154 -26.59 -24.46 34.15
N PHE V 155 -26.74 -25.79 34.16
CA PHE V 155 -25.66 -26.65 33.76
C PHE V 155 -25.31 -26.47 32.28
N ASP V 156 -26.31 -26.46 31.40
CA ASP V 156 -26.08 -26.29 29.98
C ASP V 156 -25.36 -24.99 29.69
N GLU V 157 -25.68 -23.92 30.42
CA GLU V 157 -24.98 -22.66 30.24
C GLU V 157 -23.53 -22.74 30.73
N GLU V 158 -23.28 -23.51 31.78
CA GLU V 158 -21.93 -23.72 32.24
C GLU V 158 -21.10 -24.44 31.20
N VAL V 159 -21.70 -25.38 30.50
CA VAL V 159 -21.00 -26.04 29.42
C VAL V 159 -20.76 -25.06 28.27
N ARG V 160 -21.71 -24.20 27.93
CA ARG V 160 -21.47 -23.20 26.88
C ARG V 160 -20.27 -22.30 27.19
N LYS V 161 -20.11 -21.87 28.44
CA LYS V 161 -18.97 -21.04 28.86
C LYS V 161 -17.68 -21.83 29.04
N SER V 162 -17.71 -22.92 29.81
CA SER V 162 -16.51 -23.72 30.06
C SER V 162 -15.94 -24.46 28.81
N VAL V 163 -16.77 -25.03 27.92
CA VAL V 163 -16.27 -25.85 26.77
C VAL V 163 -17.14 -25.74 25.46
N MET W 1 -49.22 6.31 30.32
N MET W 1 -48.89 8.73 30.87
CA MET W 1 -48.93 7.73 29.89
CA MET W 1 -49.17 7.63 29.90
C MET W 1 -49.82 8.23 28.72
C MET W 1 -49.94 8.22 28.73
N LEU W 2 -50.00 7.51 27.61
CA LEU W 2 -50.82 7.99 26.51
C LEU W 2 -52.29 8.04 26.90
N SER W 3 -52.97 9.11 26.58
CA SER W 3 -54.40 9.17 26.83
C SER W 3 -55.09 8.17 25.93
N LYS W 4 -56.29 7.77 26.30
CA LYS W 4 -57.02 6.83 25.50
C LYS W 4 -57.37 7.39 24.12
N THR W 5 -57.70 8.67 24.02
CA THR W 5 -58.14 9.23 22.75
C THR W 5 -56.95 9.23 21.77
N ILE W 6 -55.75 9.57 22.26
CA ILE W 6 -54.56 9.59 21.42
C ILE W 6 -54.14 8.16 21.05
N LEU W 7 -54.14 7.26 22.02
CA LEU W 7 -53.84 5.85 21.77
C LEU W 7 -54.72 5.29 20.69
N ASP W 8 -56.02 5.57 20.75
CA ASP W 8 -56.94 5.02 19.76
C ASP W 8 -56.64 5.55 18.37
N LYS W 9 -56.24 6.81 18.30
CA LYS W 9 -55.89 7.40 17.02
C LYS W 9 -54.56 6.98 16.47
N LEU W 10 -53.59 6.75 17.33
CA LEU W 10 -52.29 6.23 16.90
C LEU W 10 -52.46 4.81 16.39
N ASN W 11 -53.23 3.99 17.11
CA ASN W 11 -53.56 2.63 16.62
C ASN W 11 -54.39 2.62 15.36
N HIS W 12 -55.24 3.60 15.18
CA HIS W 12 -55.94 3.73 13.91
C HIS W 12 -54.92 4.01 12.78
N GLN W 13 -53.93 4.86 13.07
CA GLN W 13 -52.95 5.22 12.08
C GLN W 13 -52.05 4.01 11.78
N VAL W 14 -51.70 3.23 12.80
CA VAL W 14 -50.94 2.03 12.56
C VAL W 14 -51.66 1.20 11.51
N ASN W 15 -52.94 1.03 11.72
CA ASN W 15 -53.74 0.21 10.83
C ASN W 15 -53.86 0.82 9.44
N PHE W 16 -53.99 2.13 9.39
CA PHE W 16 -54.09 2.86 8.12
C PHE W 16 -52.79 2.70 7.30
N GLU W 17 -51.63 2.81 7.95
CA GLU W 17 -50.36 2.64 7.25
C GLU W 17 -50.26 1.18 6.74
N ALA W 18 -50.68 0.23 7.56
CA ALA W 18 -50.69 -1.18 7.14
C ALA W 18 -51.57 -1.39 5.91
N ALA W 19 -52.73 -0.77 5.92
CA ALA W 19 -53.63 -0.85 4.77
C ALA W 19 -53.06 -0.19 3.53
N SER W 20 -52.28 0.87 3.70
CA SER W 20 -51.60 1.49 2.58
C SER W 20 -50.58 0.57 1.94
N ALA W 21 -49.80 -0.12 2.75
CA ALA W 21 -48.82 -1.05 2.21
C ALA W 21 -49.52 -2.09 1.33
N HIS W 22 -50.62 -2.64 1.83
CA HIS W 22 -51.32 -3.68 1.11
C HIS W 22 -51.92 -3.11 -0.13
N LEU W 23 -52.46 -1.90 -0.04
CA LEU W 23 -53.05 -1.26 -1.18
C LEU W 23 -52.05 -1.10 -2.29
N TYR W 24 -50.86 -0.64 -1.94
CA TYR W 24 -49.83 -0.42 -2.94
C TYR W 24 -49.28 -1.74 -3.49
N LEU W 25 -49.23 -2.78 -2.68
CA LEU W 25 -48.88 -4.10 -3.21
C LEU W 25 -49.90 -4.52 -4.26
N GLN W 26 -51.18 -4.34 -3.93
CA GLN W 26 -52.23 -4.75 -4.83
C GLN W 26 -52.20 -3.96 -6.13
N MET W 27 -51.92 -2.67 -6.03
CA MET W 27 -51.77 -1.84 -7.20
C MET W 27 -50.61 -2.33 -8.05
N SER W 28 -49.53 -2.69 -7.40
CA SER W 28 -48.36 -3.21 -8.11
C SER W 28 -48.72 -4.42 -8.93
N ALA W 29 -49.47 -5.32 -8.32
CA ALA W 29 -49.87 -6.56 -9.02
C ALA W 29 -50.73 -6.27 -10.26
N TRP W 30 -51.68 -5.36 -10.13
CA TRP W 30 -52.53 -4.99 -11.24
C TRP W 30 -51.68 -4.39 -12.36
N LEU W 31 -50.78 -3.48 -11.98
CA LEU W 31 -49.95 -2.79 -12.97
C LEU W 31 -49.12 -3.77 -13.78
N LEU W 32 -48.66 -4.85 -13.15
CA LEU W 32 -47.95 -5.87 -13.89
C LEU W 32 -48.85 -6.50 -14.99
N THR W 33 -50.15 -6.66 -14.74
CA THR W 33 -51.05 -7.22 -15.79
C THR W 33 -51.22 -6.29 -16.96
N GLN W 34 -50.89 -5.01 -16.78
CA GLN W 34 -50.92 -4.02 -17.87
C GLN W 34 -49.55 -3.81 -18.51
N SER W 35 -48.55 -4.60 -18.09
CA SER W 35 -47.17 -4.44 -18.55
C SER W 35 -46.55 -3.07 -18.22
N LEU W 36 -47.03 -2.45 -17.16
CA LEU W 36 -46.45 -1.23 -16.65
C LEU W 36 -45.44 -1.58 -15.54
N ASP W 37 -44.33 -2.19 -15.96
CA ASP W 37 -43.39 -2.78 -15.04
C ASP W 37 -42.66 -1.81 -14.09
N SER W 38 -42.27 -0.66 -14.59
CA SER W 38 -41.64 0.37 -13.75
C SER W 38 -42.61 0.96 -12.72
N THR W 39 -43.84 1.25 -13.13
CA THR W 39 -44.83 1.76 -12.21
C THR W 39 -45.10 0.69 -11.17
N ALA W 40 -45.16 -0.58 -11.59
CA ALA W 40 -45.35 -1.68 -10.65
C ALA W 40 -44.24 -1.72 -9.61
N ALA W 41 -43.01 -1.48 -10.06
CA ALA W 41 -41.84 -1.52 -9.18
C ALA W 41 -41.88 -0.36 -8.20
N PHE W 42 -42.32 0.80 -8.68
CA PHE W 42 -42.47 1.93 -7.82
C PHE W 42 -43.47 1.64 -6.71
N PHE W 43 -44.63 1.08 -7.05
CA PHE W 43 -45.62 0.79 -6.01
C PHE W 43 -45.18 -0.33 -5.06
N ARG W 44 -44.46 -1.31 -5.58
CA ARG W 44 -43.89 -2.32 -4.73
C ARG W 44 -42.93 -1.74 -3.71
N ALA W 45 -42.02 -0.88 -4.17
CA ALA W 45 -41.04 -0.26 -3.29
C ALA W 45 -41.73 0.64 -2.30
N HIS W 46 -42.78 1.32 -2.74
CA HIS W 46 -43.47 2.21 -1.85
C HIS W 46 -44.28 1.50 -0.79
N ALA W 47 -44.70 0.26 -1.05
CA ALA W 47 -45.35 -0.52 -0.04
C ALA W 47 -44.40 -0.76 1.10
N GLU W 48 -43.12 -0.89 0.79
CA GLU W 48 -42.13 -1.05 1.82
C GLU W 48 -41.97 0.23 2.66
N GLU W 49 -42.09 1.38 2.04
CA GLU W 49 -42.07 2.63 2.77
C GLU W 49 -43.22 2.73 3.74
N GLU W 50 -44.40 2.28 3.32
CA GLU W 50 -45.59 2.37 4.18
C GLU W 50 -45.46 1.42 5.36
N LYS W 51 -44.79 0.30 5.17
CA LYS W 51 -44.49 -0.58 6.26
C LYS W 51 -43.60 0.11 7.28
N ALA W 52 -42.62 0.86 6.83
CA ALA W 52 -41.74 1.56 7.75
C ALA W 52 -42.52 2.61 8.52
N HIS W 53 -43.45 3.31 7.86
CA HIS W 53 -44.28 4.26 8.56
C HIS W 53 -45.06 3.56 9.68
N MET W 54 -45.60 2.39 9.36
CA MET W 54 -46.35 1.63 10.30
C MET W 54 -45.50 1.27 11.50
N MET W 55 -44.30 0.76 11.26
CA MET W 55 -43.45 0.23 12.34
C MET W 55 -42.99 1.29 13.27
N LYS W 56 -42.82 2.49 12.74
CA LYS W 56 -42.33 3.57 13.54
C LYS W 56 -43.41 4.01 14.54
N LEU W 57 -44.67 4.06 14.11
CA LEU W 57 -45.81 4.31 14.97
C LEU W 57 -45.91 3.21 16.00
N PHE W 58 -45.91 1.99 15.52
CA PHE W 58 -46.00 0.80 16.34
C PHE W 58 -44.98 0.89 17.47
N ASP W 59 -43.74 1.20 17.14
CA ASP W 59 -42.70 1.27 18.17
C ASP W 59 -42.94 2.40 19.14
N TYR W 60 -43.36 3.56 18.67
CA TYR W 60 -43.60 4.68 19.57
C TYR W 60 -44.65 4.27 20.59
N ILE W 61 -45.75 3.70 20.11
CA ILE W 61 -46.81 3.30 21.00
C ILE W 61 -46.28 2.38 22.06
N ASN W 62 -45.56 1.34 21.65
CA ASN W 62 -45.04 0.36 22.61
C ASN W 62 -44.03 0.97 23.58
N GLU W 63 -43.19 1.87 23.10
CA GLU W 63 -42.23 2.54 23.97
C GLU W 63 -42.91 3.35 25.07
N THR W 64 -44.07 3.94 24.79
CA THR W 64 -44.77 4.71 25.81
C THR W 64 -45.36 3.83 26.90
N GLY W 65 -45.32 2.51 26.70
CA GLY W 65 -45.95 1.57 27.61
C GLY W 65 -47.33 1.04 27.24
N SER W 66 -47.93 1.52 26.16
CA SER W 66 -49.23 1.02 25.73
C SER W 66 -49.03 -0.13 24.77
N LEU W 67 -50.11 -0.78 24.41
CA LEU W 67 -50.07 -1.89 23.50
C LEU W 67 -50.55 -1.50 22.10
N ALA W 68 -49.67 -1.60 21.11
CA ALA W 68 -50.04 -1.27 19.76
C ALA W 68 -50.92 -2.37 19.24
N LEU W 69 -51.88 -2.00 18.41
CA LEU W 69 -52.81 -2.96 17.80
C LEU W 69 -52.83 -2.81 16.28
N ILE W 70 -52.69 -3.92 15.56
CA ILE W 70 -52.66 -3.92 14.12
C ILE W 70 -54.07 -3.83 13.52
N GLY W 71 -55.01 -4.59 14.08
CA GLY W 71 -56.39 -4.56 13.64
C GLY W 71 -56.64 -5.33 12.35
N GLU W 72 -57.77 -5.04 11.71
CA GLU W 72 -58.17 -5.68 10.46
C GLU W 72 -57.76 -4.81 9.31
N VAL W 73 -57.22 -5.42 8.27
CA VAL W 73 -56.80 -4.70 7.09
C VAL W 73 -57.46 -5.37 5.92
N ALA W 74 -58.30 -4.66 5.19
CA ALA W 74 -59.02 -5.29 4.08
C ALA W 74 -58.65 -4.60 2.80
N THR W 75 -58.17 -5.34 1.82
CA THR W 75 -57.76 -4.75 0.57
C THR W 75 -58.70 -5.22 -0.50
N PRO W 76 -59.49 -4.29 -1.06
CA PRO W 76 -60.37 -4.69 -2.16
C PRO W 76 -59.56 -5.16 -3.38
N ALA W 77 -60.15 -6.10 -4.12
CA ALA W 77 -59.60 -6.54 -5.41
C ALA W 77 -59.47 -5.34 -6.35
N PRO W 78 -58.60 -5.44 -7.36
CA PRO W 78 -58.37 -4.32 -8.25
C PRO W 78 -59.52 -3.95 -9.16
N GLU W 79 -60.16 -2.82 -8.88
CA GLU W 79 -61.27 -2.36 -9.72
C GLU W 79 -60.73 -1.64 -10.98
N TRP W 80 -59.49 -1.14 -10.95
CA TRP W 80 -59.08 -0.01 -11.79
C TRP W 80 -59.24 -0.28 -13.28
N LYS W 81 -59.81 0.70 -13.99
CA LYS W 81 -60.06 0.60 -15.42
C LYS W 81 -58.88 1.15 -16.23
N SER W 82 -58.11 2.07 -15.64
CA SER W 82 -56.87 2.54 -16.29
C SER W 82 -55.81 2.89 -15.26
N HIS W 83 -54.58 3.10 -15.72
CA HIS W 83 -53.51 3.54 -14.81
C HIS W 83 -53.79 4.91 -14.21
N ILE W 84 -54.51 5.76 -14.93
CA ILE W 84 -54.84 7.07 -14.40
C ILE W 84 -55.85 6.97 -13.26
N GLU W 85 -56.82 6.08 -13.38
CA GLU W 85 -57.78 5.88 -12.31
C GLU W 85 -57.02 5.40 -11.05
N LEU W 86 -56.02 4.55 -11.25
CA LEU W 86 -55.24 4.01 -10.12
C LEU W 86 -54.41 5.10 -9.46
N LEU W 87 -53.75 5.92 -10.26
CA LEU W 87 -52.99 7.04 -9.73
C LEU W 87 -53.84 8.07 -9.00
N GLU W 88 -55.07 8.31 -9.47
CA GLU W 88 -56.02 9.16 -8.76
C GLU W 88 -56.35 8.56 -7.39
N ALA W 89 -56.57 7.25 -7.35
CA ALA W 89 -56.88 6.58 -6.10
C ALA W 89 -55.70 6.69 -5.13
N ALA W 90 -54.49 6.52 -5.64
CA ALA W 90 -53.30 6.58 -4.82
C ALA W 90 -53.16 7.98 -4.25
N TYR W 91 -53.30 8.99 -5.11
CA TYR W 91 -53.22 10.37 -4.64
C TYR W 91 -54.27 10.71 -3.59
N ASN W 92 -55.52 10.34 -3.85
CA ASN W 92 -56.59 10.60 -2.85
C ASN W 92 -56.35 9.88 -1.54
N HIS W 93 -55.84 8.67 -1.63
CA HIS W 93 -55.48 7.92 -0.48
C HIS W 93 -54.42 8.69 0.32
N GLU W 94 -53.42 9.21 -0.36
CA GLU W 94 -52.35 9.92 0.34
C GLU W 94 -52.92 11.20 0.96
N LEU W 95 -53.87 11.84 0.30
CA LEU W 95 -54.56 13.02 0.90
C LEU W 95 -55.32 12.64 2.17
N ALA W 96 -55.92 11.46 2.18
CA ALA W 96 -56.63 10.98 3.37
C ALA W 96 -55.65 10.67 4.52
N ILE W 97 -54.48 10.15 4.18
CA ILE W 97 -53.49 9.88 5.20
C ILE W 97 -53.06 11.17 5.81
N THR W 98 -52.80 12.16 4.97
CA THR W 98 -52.42 13.46 5.48
C THR W 98 -53.49 14.02 6.42
N GLN W 99 -54.75 13.87 6.04
CA GLN W 99 -55.86 14.34 6.88
C GLN W 99 -55.81 13.70 8.23
N SER W 100 -55.62 12.40 8.22
CA SER W 100 -55.56 11.63 9.43
C SER W 100 -54.38 12.01 10.35
N ILE W 101 -53.23 12.29 9.74
CA ILE W 101 -52.08 12.76 10.50
C ILE W 101 -52.38 14.16 11.06
N ASN W 102 -52.97 15.03 10.25
CA ASN W 102 -53.29 16.37 10.74
C ASN W 102 -54.26 16.33 11.90
N ASP W 103 -55.26 15.46 11.84
CA ASP W 103 -56.19 15.34 12.91
C ASP W 103 -55.43 14.91 14.18
N LEU W 104 -54.53 13.96 14.02
CA LEU W 104 -53.76 13.43 15.12
C LEU W 104 -52.88 14.50 15.73
N VAL W 105 -52.27 15.33 14.89
CA VAL W 105 -51.40 16.41 15.38
C VAL W 105 -52.23 17.44 16.16
N ASP W 106 -53.36 17.82 15.58
CA ASP W 106 -54.30 18.74 16.18
C ASP W 106 -54.78 18.24 17.52
N THR W 107 -55.12 16.96 17.64
CA THR W 107 -55.57 16.47 18.93
C THR W 107 -54.46 16.36 19.93
N ALA W 108 -53.23 16.11 19.51
CA ALA W 108 -52.11 16.12 20.48
C ALA W 108 -51.86 17.51 21.05
N LEU W 109 -51.99 18.50 20.20
CA LEU W 109 -51.79 19.89 20.57
C LEU W 109 -52.89 20.32 21.57
N ARG W 110 -54.13 19.96 21.25
CA ARG W 110 -55.29 20.27 22.07
C ARG W 110 -55.19 19.63 23.47
N GLU W 111 -54.74 18.38 23.58
CA GLU W 111 -54.54 17.75 24.88
C GLU W 111 -53.22 18.12 25.55
N LYS W 112 -52.43 19.00 24.93
CA LYS W 112 -51.09 19.26 25.39
C LYS W 112 -50.19 18.01 25.59
N ASP W 113 -50.37 17.02 24.72
CA ASP W 113 -49.45 15.88 24.61
C ASP W 113 -48.34 16.29 23.64
N TYR W 114 -47.37 17.03 24.17
CA TYR W 114 -46.31 17.61 23.35
C TYR W 114 -45.33 16.56 22.85
N SER W 115 -45.20 15.48 23.60
CA SER W 115 -44.40 14.36 23.19
C SER W 115 -44.95 13.73 21.88
N THR W 116 -46.25 13.47 21.81
CA THR W 116 -46.81 12.91 20.60
C THR W 116 -46.77 13.94 19.47
N PHE W 117 -46.97 15.21 19.81
CA PHE W 117 -46.92 16.25 18.84
C PHE W 117 -45.58 16.27 18.17
N GLN W 118 -44.48 16.21 18.94
CA GLN W 118 -43.21 16.29 18.28
C GLN W 118 -42.90 15.02 17.52
N PHE W 119 -43.30 13.86 18.05
CA PHE W 119 -43.06 12.60 17.34
C PHE W 119 -43.73 12.65 15.96
N LEU W 120 -44.90 13.29 15.86
CA LEU W 120 -45.64 13.28 14.60
C LEU W 120 -45.08 14.20 13.55
N GLN W 121 -44.18 15.10 13.91
CA GLN W 121 -43.66 16.07 12.95
C GLN W 121 -42.92 15.36 11.81
N TRP W 122 -42.26 14.26 12.13
CA TRP W 122 -41.71 13.42 11.08
C TRP W 122 -42.76 13.07 10.01
N TYR W 123 -43.96 12.68 10.43
CA TYR W 123 -45.05 12.29 9.50
C TYR W 123 -45.58 13.47 8.76
N VAL W 124 -45.68 14.63 9.42
CA VAL W 124 -46.17 15.79 8.73
C VAL W 124 -45.22 16.11 7.56
N ALA W 125 -43.93 16.05 7.83
CA ALA W 125 -42.92 16.28 6.81
C ALA W 125 -43.01 15.20 5.72
N GLU W 126 -43.14 13.95 6.13
CA GLU W 126 -43.12 12.88 5.18
C GLU W 126 -44.31 12.99 4.27
N GLN W 127 -45.44 13.40 4.79
CA GLN W 127 -46.64 13.47 3.95
C GLN W 127 -46.57 14.60 2.93
N HIS W 128 -45.83 15.67 3.24
CA HIS W 128 -45.57 16.67 2.24
C HIS W 128 -44.79 16.05 1.06
N GLU W 129 -43.79 15.23 1.35
CA GLU W 129 -43.00 14.54 0.30
C GLU W 129 -43.87 13.52 -0.43
N GLU W 130 -44.78 12.85 0.26
CA GLU W 130 -45.71 11.90 -0.38
C GLU W 130 -46.69 12.56 -1.31
N GLU W 131 -47.31 13.63 -0.88
CA GLU W 131 -48.23 14.36 -1.76
C GLU W 131 -47.52 14.91 -3.00
N TYR W 132 -46.29 15.38 -2.84
CA TYR W 132 -45.53 15.91 -3.95
C TYR W 132 -45.26 14.80 -4.96
N LEU W 133 -44.80 13.66 -4.46
CA LEU W 133 -44.50 12.48 -5.27
C LEU W 133 -45.70 11.95 -6.06
N PHE W 134 -46.81 11.73 -5.38
CA PHE W 134 -47.99 11.21 -6.04
C PHE W 134 -48.76 12.21 -6.89
N SER W 135 -48.86 13.45 -6.47
CA SER W 135 -49.54 14.45 -7.31
C SER W 135 -48.75 14.64 -8.60
N SER W 136 -47.43 14.65 -8.48
CA SER W 136 -46.59 14.90 -9.62
C SER W 136 -46.69 13.72 -10.61
N MET W 137 -46.74 12.50 -10.10
CA MET W 137 -46.85 11.34 -10.94
C MET W 137 -48.21 11.32 -11.69
N LEU W 138 -49.29 11.71 -11.00
CA LEU W 138 -50.59 11.83 -11.61
C LEU W 138 -50.58 12.87 -12.70
N HIS W 139 -50.00 14.02 -12.41
CA HIS W 139 -50.00 15.13 -13.36
C HIS W 139 -49.32 14.71 -14.64
N LYS W 140 -48.18 14.06 -14.50
CA LYS W 140 -47.43 13.56 -15.66
C LYS W 140 -48.19 12.50 -16.42
N ALA W 141 -48.94 11.67 -15.73
CA ALA W 141 -49.73 10.67 -16.42
C ALA W 141 -50.82 11.31 -17.31
N ARG W 142 -51.49 12.34 -16.80
CA ARG W 142 -52.50 13.06 -17.54
C ARG W 142 -51.93 13.74 -18.75
N ILE W 143 -50.76 14.34 -18.59
CA ILE W 143 -50.11 15.04 -19.68
C ILE W 143 -49.74 14.03 -20.75
N ILE W 144 -49.11 12.95 -20.33
CA ILE W 144 -48.59 11.96 -21.27
C ILE W 144 -49.73 11.26 -22.01
N ASN W 145 -50.93 11.34 -21.47
CA ASN W 145 -52.08 10.76 -22.11
C ASN W 145 -52.55 11.50 -23.36
N THR W 146 -51.97 12.66 -23.63
CA THR W 146 -52.32 13.54 -24.76
C THR W 146 -51.13 13.61 -25.68
N MET W 147 -51.39 13.80 -26.96
CA MET W 147 -50.30 13.96 -27.92
C MET W 147 -49.48 15.24 -27.72
N ASP W 148 -50.15 16.37 -27.44
CA ASP W 148 -49.46 17.62 -27.12
C ASP W 148 -48.52 17.45 -25.93
N GLY W 149 -49.01 16.76 -24.89
CA GLY W 149 -48.22 16.40 -23.72
C GLY W 149 -47.01 15.54 -24.02
N ARG W 150 -47.16 14.51 -24.85
CA ARG W 150 -46.02 13.70 -25.18
C ARG W 150 -44.95 14.53 -25.88
N ALA W 151 -45.37 15.52 -26.65
CA ALA W 151 -44.41 16.37 -27.33
C ALA W 151 -43.64 17.24 -26.33
N LEU W 152 -44.33 17.77 -25.31
CA LEU W 152 -43.68 18.54 -24.25
C LEU W 152 -42.62 17.71 -23.57
N PHE W 153 -42.95 16.48 -23.24
CA PHE W 153 -42.01 15.60 -22.57
C PHE W 153 -40.87 15.17 -23.45
N ARG W 154 -41.06 15.15 -24.75
CA ARG W 154 -39.96 14.85 -25.67
C ARG W 154 -38.95 15.99 -25.66
N PHE W 155 -39.43 17.22 -25.59
CA PHE W 155 -38.53 18.36 -25.47
C PHE W 155 -37.80 18.32 -24.13
N ASP W 156 -38.53 18.08 -23.06
CA ASP W 156 -37.92 18.03 -21.72
C ASP W 156 -36.82 16.99 -21.67
N GLU W 157 -37.04 15.86 -22.33
CA GLU W 157 -36.04 14.82 -22.36
C GLU W 157 -34.84 15.23 -23.18
N GLU W 158 -35.06 15.98 -24.24
CA GLU W 158 -33.96 16.54 -25.01
C GLU W 158 -33.13 17.49 -24.17
N VAL W 159 -33.76 18.26 -23.32
CA VAL W 159 -33.02 19.13 -22.44
C VAL W 159 -32.22 18.27 -21.44
N ARG W 160 -32.81 17.20 -20.91
CA ARG W 160 -32.07 16.36 -19.95
C ARG W 160 -30.79 15.81 -20.58
N LYS W 161 -30.84 15.38 -21.83
CA LYS W 161 -29.66 14.87 -22.53
C LYS W 161 -28.71 15.97 -22.99
N SER W 162 -29.21 16.98 -23.70
CA SER W 162 -28.38 18.08 -24.26
C SER W 162 -27.73 19.03 -23.24
N VAL W 163 -28.49 19.64 -22.33
CA VAL W 163 -27.90 20.54 -21.32
C VAL W 163 -27.78 19.83 -19.92
N LEU W 164 -28.75 20.01 -19.01
CA LEU W 164 -28.79 19.34 -17.67
C LEU W 164 -28.36 17.83 -17.64
N MET X 1 -10.80 56.27 -10.68
CA MET X 1 -10.28 55.81 -12.01
C MET X 1 -11.38 55.58 -13.05
N LEU X 2 -12.48 54.89 -12.77
CA LEU X 2 -13.52 54.71 -13.80
C LEU X 2 -14.26 56.01 -14.13
N SER X 3 -14.47 56.29 -15.41
CA SER X 3 -15.22 57.43 -15.80
C SER X 3 -16.66 57.21 -15.36
N LYS X 4 -17.41 58.29 -15.23
CA LYS X 4 -18.79 58.22 -14.85
C LYS X 4 -19.65 57.50 -15.90
N THR X 5 -19.38 57.70 -17.17
CA THR X 5 -20.19 57.05 -18.20
C THR X 5 -20.00 55.54 -18.17
N ILE X 6 -18.75 55.06 -17.98
CA ILE X 6 -18.46 53.65 -17.93
C ILE X 6 -19.00 53.05 -16.64
N LEU X 7 -18.81 53.73 -15.52
CA LEU X 7 -19.35 53.28 -14.25
C LEU X 7 -20.85 53.07 -14.33
N ASP X 8 -21.57 54.02 -14.92
CA ASP X 8 -23.01 53.92 -14.93
C ASP X 8 -23.42 52.73 -15.76
N LYS X 9 -22.70 52.46 -16.82
CA LYS X 9 -23.03 51.32 -17.66
C LYS X 9 -22.68 49.99 -17.06
N LEU X 10 -21.58 49.93 -16.31
CA LEU X 10 -21.18 48.73 -15.63
C LEU X 10 -22.21 48.41 -14.55
N ASN X 11 -22.60 49.43 -13.78
CA ASN X 11 -23.67 49.25 -12.80
C ASN X 11 -25.01 48.88 -13.44
N HIS X 12 -25.28 49.38 -14.63
CA HIS X 12 -26.48 48.97 -15.32
C HIS X 12 -26.40 47.48 -15.63
N GLN X 13 -25.22 47.03 -16.01
CA GLN X 13 -25.00 45.64 -16.37
C GLN X 13 -25.10 44.75 -15.12
N VAL X 14 -24.53 45.19 -14.00
CA VAL X 14 -24.73 44.48 -12.76
C VAL X 14 -26.19 44.23 -12.52
N ASN X 15 -26.97 45.27 -12.64
CA ASN X 15 -28.39 45.18 -12.43
C ASN X 15 -29.09 44.27 -13.46
N PHE X 16 -28.67 44.36 -14.70
CA PHE X 16 -29.21 43.52 -15.78
C PHE X 16 -28.94 42.01 -15.51
N GLU X 17 -27.73 41.69 -15.04
CA GLU X 17 -27.41 40.31 -14.75
C GLU X 17 -28.25 39.84 -13.56
N ALA X 18 -28.39 40.68 -12.55
CA ALA X 18 -29.24 40.33 -11.42
C ALA X 18 -30.69 40.06 -11.87
N ALA X 19 -31.20 40.88 -12.76
CA ALA X 19 -32.54 40.70 -13.27
C ALA X 19 -32.66 39.41 -14.07
N SER X 20 -31.59 39.02 -14.75
CA SER X 20 -31.59 37.76 -15.49
C SER X 20 -31.69 36.57 -14.56
N ALA X 21 -30.97 36.60 -13.46
CA ALA X 21 -31.05 35.52 -12.52
C ALA X 21 -32.47 35.35 -12.03
N HIS X 22 -33.10 36.45 -11.66
CA HIS X 22 -34.47 36.42 -11.14
C HIS X 22 -35.45 36.00 -12.20
N LEU X 23 -35.25 36.47 -13.43
CA LEU X 23 -36.07 36.03 -14.54
C LEU X 23 -36.00 34.52 -14.70
N TYR X 24 -34.81 33.95 -14.65
CA TYR X 24 -34.65 32.56 -14.91
C TYR X 24 -35.18 31.73 -13.74
N LEU X 25 -35.07 32.24 -12.52
CA LEU X 25 -35.71 31.58 -11.39
C LEU X 25 -37.23 31.53 -11.62
N GLN X 26 -37.80 32.64 -12.06
CA GLN X 26 -39.24 32.72 -12.26
C GLN X 26 -39.70 31.80 -13.38
N MET X 27 -38.90 31.70 -14.45
CA MET X 27 -39.18 30.76 -15.53
C MET X 27 -39.15 29.34 -15.01
N SER X 28 -38.18 29.04 -14.17
CA SER X 28 -38.05 27.71 -13.58
C SER X 28 -39.31 27.33 -12.84
N ALA X 29 -39.83 28.26 -12.07
CA ALA X 29 -41.03 28.00 -11.28
C ALA X 29 -42.23 27.72 -12.15
N TRP X 30 -42.38 28.50 -13.22
CA TRP X 30 -43.47 28.29 -14.13
C TRP X 30 -43.37 26.94 -14.81
N LEU X 31 -42.18 26.60 -15.26
CA LEU X 31 -41.95 25.33 -15.95
C LEU X 31 -42.31 24.13 -15.06
N LEU X 32 -42.06 24.22 -13.75
CA LEU X 32 -42.50 23.17 -12.85
C LEU X 32 -44.03 22.98 -12.86
N THR X 33 -44.81 24.06 -12.98
CA THR X 33 -46.26 23.93 -13.06
C THR X 33 -46.71 23.21 -14.34
N GLN X 34 -45.87 23.16 -15.38
CA GLN X 34 -46.14 22.45 -16.61
C GLN X 34 -45.54 21.04 -16.59
N SER X 35 -44.95 20.63 -15.47
CA SER X 35 -44.23 19.33 -15.37
C SER X 35 -43.05 19.18 -16.32
N LEU X 36 -42.47 20.30 -16.72
CA LEU X 36 -41.26 20.30 -17.53
C LEU X 36 -40.05 20.37 -16.57
N ASP X 37 -39.82 19.30 -15.84
CA ASP X 37 -38.87 19.29 -14.73
C ASP X 37 -37.39 19.50 -15.13
N SER X 38 -36.96 18.93 -16.23
CA SER X 38 -35.61 19.10 -16.70
C SER X 38 -35.37 20.51 -17.20
N THR X 39 -36.33 21.06 -17.92
CA THR X 39 -36.20 22.43 -18.37
C THR X 39 -36.18 23.38 -17.15
N ALA X 40 -37.01 23.09 -16.16
CA ALA X 40 -36.99 23.86 -14.92
C ALA X 40 -35.63 23.83 -14.25
N ALA X 41 -35.01 22.65 -14.24
CA ALA X 41 -33.71 22.46 -13.62
C ALA X 41 -32.65 23.26 -14.37
N PHE X 42 -32.78 23.28 -15.68
CA PHE X 42 -31.84 24.00 -16.48
C PHE X 42 -31.93 25.48 -16.16
N PHE X 43 -33.14 26.04 -16.12
CA PHE X 43 -33.26 27.44 -15.82
C PHE X 43 -32.83 27.75 -14.38
N ARG X 44 -33.09 26.85 -13.44
CA ARG X 44 -32.63 27.05 -12.07
C ARG X 44 -31.11 27.13 -11.99
N ALA X 45 -30.45 26.21 -12.64
CA ALA X 45 -28.98 26.19 -12.70
C ALA X 45 -28.47 27.42 -13.40
N HIS X 46 -29.15 27.82 -14.46
CA HIS X 46 -28.66 28.95 -15.20
C HIS X 46 -28.84 30.28 -14.44
N ALA X 47 -29.80 30.34 -13.55
CA ALA X 47 -29.93 31.53 -12.69
C ALA X 47 -28.67 31.69 -11.85
N GLU X 48 -28.07 30.57 -11.44
CA GLU X 48 -26.83 30.60 -10.71
C GLU X 48 -25.65 31.10 -11.57
N GLU X 49 -25.65 30.78 -12.86
CA GLU X 49 -24.66 31.33 -13.77
C GLU X 49 -24.79 32.84 -13.89
N GLU X 50 -26.04 33.35 -13.95
CA GLU X 50 -26.25 34.77 -14.08
C GLU X 50 -25.81 35.50 -12.84
N LYS X 51 -25.99 34.89 -11.68
CA LYS X 51 -25.64 35.47 -10.38
C LYS X 51 -24.03 35.53 -10.43
N ALA X 52 -23.34 34.56 -11.02
CA ALA X 52 -21.85 34.66 -11.18
C ALA X 52 -21.44 35.81 -12.12
N HIS X 53 -22.18 36.02 -13.21
CA HIS X 53 -21.87 37.11 -14.13
C HIS X 53 -22.00 38.40 -13.41
N MET X 54 -23.05 38.52 -12.62
CA MET X 54 -23.26 39.69 -11.82
C MET X 54 -22.06 39.96 -10.90
N MET X 55 -21.63 38.94 -10.16
CA MET X 55 -20.65 39.12 -9.07
C MET X 55 -19.32 39.50 -9.64
N LYS X 56 -19.04 39.02 -10.81
CA LYS X 56 -17.78 39.29 -11.44
C LYS X 56 -17.68 40.80 -11.85
N LEU X 57 -18.77 41.35 -12.38
CA LEU X 57 -18.90 42.78 -12.65
C LEU X 57 -18.81 43.60 -11.37
N PHE X 58 -19.59 43.18 -10.39
CA PHE X 58 -19.61 43.77 -9.06
C PHE X 58 -18.22 43.87 -8.44
N ASP X 59 -17.49 42.78 -8.49
CA ASP X 59 -16.09 42.82 -8.01
C ASP X 59 -15.17 43.73 -8.82
N TYR X 60 -15.28 43.72 -10.14
CA TYR X 60 -14.41 44.57 -10.93
C TYR X 60 -14.64 46.04 -10.54
N ILE X 61 -15.89 46.43 -10.49
CA ILE X 61 -16.21 47.80 -10.17
C ILE X 61 -15.56 48.15 -8.84
N ASN X 62 -15.77 47.32 -7.82
CA ASN X 62 -15.24 47.62 -6.50
C ASN X 62 -13.74 47.66 -6.48
N GLU X 63 -13.11 46.77 -7.23
CA GLU X 63 -11.65 46.73 -7.29
C GLU X 63 -11.07 47.99 -7.91
N THR X 64 -11.78 48.62 -8.83
CA THR X 64 -11.31 49.90 -9.40
C THR X 64 -11.43 51.07 -8.44
N GLY X 65 -12.06 50.86 -7.28
CA GLY X 65 -12.28 51.92 -6.31
C GLY X 65 -13.63 52.61 -6.36
N SER X 66 -14.52 52.25 -7.29
CA SER X 66 -15.86 52.79 -7.33
C SER X 66 -16.80 51.89 -6.53
N LEU X 67 -18.03 52.34 -6.34
CA LEU X 67 -19.01 51.63 -5.55
C LEU X 67 -20.05 50.99 -6.46
N ALA X 68 -20.09 49.66 -6.45
CA ALA X 68 -21.03 48.94 -7.28
C ALA X 68 -22.41 49.08 -6.70
N LEU X 69 -23.40 49.17 -7.57
CA LEU X 69 -24.78 49.39 -7.15
C LEU X 69 -25.67 48.35 -7.75
N ILE X 70 -26.49 47.71 -6.93
CA ILE X 70 -27.39 46.64 -7.38
C ILE X 70 -28.63 47.21 -8.05
N GLY X 71 -29.20 48.26 -7.45
CA GLY X 71 -30.38 48.90 -7.99
C GLY X 71 -31.66 48.12 -7.78
N GLU X 72 -32.68 48.45 -8.58
CA GLU X 72 -34.02 47.84 -8.49
C GLU X 72 -34.11 46.75 -9.52
N VAL X 73 -34.65 45.61 -9.12
CA VAL X 73 -34.82 44.49 -10.01
C VAL X 73 -36.27 44.08 -9.93
N ALA X 74 -37.00 44.15 -11.04
CA ALA X 74 -38.45 43.82 -10.99
C ALA X 74 -38.72 42.67 -11.89
N THR X 75 -39.28 41.60 -11.37
CA THR X 75 -39.54 40.41 -12.17
C THR X 75 -41.02 40.26 -12.34
N PRO X 76 -41.50 40.39 -13.58
CA PRO X 76 -42.94 40.24 -13.80
C PRO X 76 -43.37 38.80 -13.53
N ALA X 77 -44.61 38.65 -13.05
CA ALA X 77 -45.23 37.33 -12.87
C ALA X 77 -45.24 36.61 -14.23
N PRO X 78 -45.34 35.30 -14.21
CA PRO X 78 -45.25 34.54 -15.45
C PRO X 78 -46.43 34.71 -16.40
N GLU X 79 -46.20 35.39 -17.50
CA GLU X 79 -47.25 35.56 -18.51
C GLU X 79 -47.38 34.30 -19.41
N TRP X 80 -46.32 33.49 -19.50
CA TRP X 80 -46.11 32.60 -20.68
C TRP X 80 -47.24 31.63 -20.93
N LYS X 81 -47.65 31.55 -22.19
CA LYS X 81 -48.75 30.69 -22.62
C LYS X 81 -48.24 29.31 -23.06
N SER X 82 -46.99 29.21 -23.48
CA SER X 82 -46.38 27.91 -23.75
C SER X 82 -44.89 27.93 -23.44
N HIS X 83 -44.27 26.76 -23.41
CA HIS X 83 -42.83 26.69 -23.24
C HIS X 83 -42.05 27.37 -24.39
N ILE X 84 -42.61 27.39 -25.60
CA ILE X 84 -41.96 28.05 -26.73
C ILE X 84 -41.96 29.56 -26.56
N GLU X 85 -43.04 30.11 -26.06
CA GLU X 85 -43.09 31.52 -25.81
C GLU X 85 -42.01 31.89 -24.77
N LEU X 86 -41.83 31.04 -23.76
CA LEU X 86 -40.85 31.28 -22.70
C LEU X 86 -39.43 31.19 -23.25
N LEU X 87 -39.16 30.19 -24.07
CA LEU X 87 -37.87 30.08 -24.69
C LEU X 87 -37.55 31.27 -25.60
N GLU X 88 -38.55 31.78 -26.34
CA GLU X 88 -38.37 32.95 -27.19
C GLU X 88 -37.98 34.12 -26.32
N ALA X 89 -38.68 34.27 -25.19
CA ALA X 89 -38.36 35.37 -24.26
C ALA X 89 -36.92 35.24 -23.74
N ALA X 90 -36.51 34.01 -23.42
CA ALA X 90 -35.19 33.79 -22.89
C ALA X 90 -34.14 34.12 -23.93
N TYR X 91 -34.34 33.64 -25.14
CA TYR X 91 -33.42 33.93 -26.22
C TYR X 91 -33.34 35.45 -26.50
N ASN X 92 -34.48 36.14 -26.58
CA ASN X 92 -34.46 37.58 -26.84
C ASN X 92 -33.77 38.32 -25.70
N HIS X 93 -33.99 37.85 -24.49
CA HIS X 93 -33.36 38.43 -23.34
C HIS X 93 -31.85 38.29 -23.48
N GLU X 94 -31.40 37.13 -23.90
CA GLU X 94 -29.95 36.92 -24.08
C GLU X 94 -29.38 37.78 -25.21
N LEU X 95 -30.16 37.99 -26.28
CA LEU X 95 -29.77 38.94 -27.34
C LEU X 95 -29.62 40.38 -26.82
N ALA X 96 -30.50 40.78 -25.92
CA ALA X 96 -30.45 42.09 -25.32
C ALA X 96 -29.25 42.22 -24.40
N ILE X 97 -28.90 41.14 -23.67
CA ILE X 97 -27.70 41.18 -22.83
C ILE X 97 -26.46 41.35 -23.71
N THR X 98 -26.41 40.60 -24.80
CA THR X 98 -25.32 40.74 -25.72
C THR X 98 -25.21 42.17 -26.29
N GLN X 99 -26.35 42.76 -26.65
CA GLN X 99 -26.37 44.13 -27.11
C GLN X 99 -25.76 45.09 -26.07
N SER X 100 -26.21 44.95 -24.85
CA SER X 100 -25.73 45.75 -23.79
C SER X 100 -24.20 45.60 -23.56
N ILE X 101 -23.68 44.37 -23.65
CA ILE X 101 -22.25 44.11 -23.49
C ILE X 101 -21.50 44.76 -24.64
N ASN X 102 -22.00 44.58 -25.84
CA ASN X 102 -21.39 45.22 -26.98
C ASN X 102 -21.33 46.73 -26.84
N ASP X 103 -22.40 47.35 -26.38
CA ASP X 103 -22.42 48.80 -26.23
C ASP X 103 -21.36 49.19 -25.22
N LEU X 104 -21.25 48.41 -24.16
CA LEU X 104 -20.25 48.63 -23.12
C LEU X 104 -18.83 48.50 -23.65
N VAL X 105 -18.58 47.48 -24.47
CA VAL X 105 -17.26 47.27 -25.06
C VAL X 105 -16.90 48.43 -25.98
N ASP X 106 -17.84 48.78 -26.83
CA ASP X 106 -17.69 49.89 -27.76
C ASP X 106 -17.38 51.17 -27.02
N THR X 107 -18.09 51.44 -25.93
CA THR X 107 -17.82 52.69 -25.24
C THR X 107 -16.47 52.66 -24.51
N ALA X 108 -16.02 51.50 -24.03
CA ALA X 108 -14.68 51.43 -23.42
C ALA X 108 -13.58 51.68 -24.43
N LEU X 109 -13.78 51.19 -25.64
CA LEU X 109 -12.82 51.38 -26.73
C LEU X 109 -12.74 52.86 -27.12
N ARG X 110 -13.91 53.48 -27.24
CA ARG X 110 -14.04 54.85 -27.61
C ARG X 110 -13.36 55.77 -26.56
N GLU X 111 -13.53 55.50 -25.27
CA GLU X 111 -12.90 56.29 -24.25
C GLU X 111 -11.45 55.89 -23.99
N LYS X 112 -10.95 54.95 -24.74
CA LYS X 112 -9.64 54.36 -24.45
C LYS X 112 -9.47 53.85 -23.01
N ASP X 113 -10.56 53.32 -22.43
CA ASP X 113 -10.49 52.57 -21.16
C ASP X 113 -10.17 51.11 -21.47
N TYR X 114 -8.90 50.85 -21.73
CA TYR X 114 -8.49 49.55 -22.23
C TYR X 114 -8.64 48.48 -21.14
N SER X 115 -8.54 48.92 -19.90
CA SER X 115 -8.70 48.00 -18.78
C SER X 115 -10.12 47.41 -18.74
N THR X 116 -11.13 48.26 -18.91
CA THR X 116 -12.49 47.77 -18.95
C THR X 116 -12.77 47.00 -20.26
N PHE X 117 -12.16 47.43 -21.35
CA PHE X 117 -12.25 46.69 -22.59
C PHE X 117 -11.79 45.28 -22.40
N GLN X 118 -10.63 45.07 -21.78
CA GLN X 118 -10.12 43.70 -21.69
C GLN X 118 -10.87 42.88 -20.67
N PHE X 119 -11.28 43.51 -19.58
CA PHE X 119 -12.14 42.83 -18.63
C PHE X 119 -13.44 42.31 -19.28
N LEU X 120 -14.00 43.06 -20.21
CA LEU X 120 -15.24 42.67 -20.82
C LEU X 120 -15.14 41.55 -21.86
N GLN X 121 -13.93 41.22 -22.30
CA GLN X 121 -13.79 40.16 -23.30
C GLN X 121 -14.32 38.83 -22.80
N TRP X 122 -14.16 38.58 -21.53
CA TRP X 122 -14.77 37.39 -20.91
C TRP X 122 -16.28 37.32 -21.22
N TYR X 123 -16.98 38.44 -21.07
CA TYR X 123 -18.42 38.50 -21.33
C TYR X 123 -18.75 38.37 -22.79
N VAL X 124 -17.93 38.93 -23.66
CA VAL X 124 -18.18 38.80 -25.09
C VAL X 124 -18.14 37.34 -25.46
N ALA X 125 -17.14 36.64 -24.97
CA ALA X 125 -17.01 35.18 -25.19
C ALA X 125 -18.16 34.42 -24.55
N GLU X 126 -18.50 34.76 -23.32
CA GLU X 126 -19.57 34.06 -22.65
C GLU X 126 -20.90 34.24 -23.36
N GLN X 127 -21.16 35.41 -23.91
CA GLN X 127 -22.45 35.64 -24.56
C GLN X 127 -22.57 34.87 -25.84
N HIS X 128 -21.45 34.59 -26.49
CA HIS X 128 -21.47 33.73 -27.67
C HIS X 128 -21.94 32.33 -27.29
N GLU X 129 -21.45 31.82 -26.15
CA GLU X 129 -21.88 30.53 -25.63
C GLU X 129 -23.35 30.60 -25.24
N GLU X 130 -23.79 31.73 -24.67
CA GLU X 130 -25.18 31.85 -24.21
C GLU X 130 -26.14 31.88 -25.37
N GLU X 131 -25.84 32.66 -26.39
CA GLU X 131 -26.69 32.68 -27.56
C GLU X 131 -26.77 31.32 -28.26
N TYR X 132 -25.65 30.61 -28.30
CA TYR X 132 -25.64 29.29 -28.91
C TYR X 132 -26.56 28.34 -28.13
N LEU X 133 -26.42 28.35 -26.83
CA LEU X 133 -27.19 27.52 -25.95
C LEU X 133 -28.70 27.76 -26.09
N PHE X 134 -29.11 29.02 -25.98
CA PHE X 134 -30.52 29.37 -25.97
C PHE X 134 -31.16 29.32 -27.35
N SER X 135 -30.43 29.68 -28.38
CA SER X 135 -30.98 29.60 -29.71
C SER X 135 -31.18 28.14 -30.04
N SER X 136 -30.22 27.32 -29.69
CA SER X 136 -30.27 25.90 -30.03
C SER X 136 -31.43 25.21 -29.30
N MET X 137 -31.66 25.58 -28.05
CA MET X 137 -32.76 25.02 -27.31
C MET X 137 -34.13 25.43 -27.94
N LEU X 138 -34.24 26.69 -28.36
CA LEU X 138 -35.47 27.21 -28.99
C LEU X 138 -35.73 26.49 -30.30
N HIS X 139 -34.68 26.32 -31.09
CA HIS X 139 -34.82 25.67 -32.39
CA HIS X 139 -34.85 25.71 -32.39
C HIS X 139 -35.34 24.26 -32.22
N LYS X 140 -34.76 23.52 -31.26
CA LYS X 140 -35.21 22.15 -30.99
C LYS X 140 -36.63 22.13 -30.49
N ALA X 141 -37.02 23.11 -29.69
CA ALA X 141 -38.38 23.14 -29.20
C ALA X 141 -39.39 23.31 -30.35
N ARG X 142 -39.07 24.18 -31.31
CA ARG X 142 -39.92 24.38 -32.49
C ARG X 142 -40.03 23.16 -33.38
N ILE X 143 -38.90 22.47 -33.58
CA ILE X 143 -38.88 21.25 -34.34
C ILE X 143 -39.71 20.16 -33.65
N ILE X 144 -39.49 19.97 -32.36
CA ILE X 144 -40.17 18.91 -31.62
C ILE X 144 -41.66 19.18 -31.48
N ASN X 145 -42.06 20.41 -31.68
CA ASN X 145 -43.48 20.78 -31.71
C ASN X 145 -44.27 20.30 -32.93
N THR X 146 -43.58 19.75 -33.94
CA THR X 146 -44.14 19.19 -35.18
C THR X 146 -43.93 17.69 -35.23
N MET X 147 -44.86 16.98 -35.86
CA MET X 147 -44.67 15.55 -36.03
C MET X 147 -43.49 15.16 -36.91
N ASP X 148 -43.29 15.88 -38.01
CA ASP X 148 -42.11 15.67 -38.88
C ASP X 148 -40.80 15.85 -38.12
N GLY X 149 -40.76 16.88 -37.28
CA GLY X 149 -39.66 17.13 -36.37
C GLY X 149 -39.41 16.00 -35.38
N ARG X 150 -40.46 15.48 -34.75
CA ARG X 150 -40.25 14.43 -33.80
C ARG X 150 -39.64 13.22 -34.50
N ALA X 151 -39.98 13.02 -35.76
CA ALA X 151 -39.40 11.89 -36.52
C ALA X 151 -37.92 12.08 -36.82
N LEU X 152 -37.52 13.30 -37.16
CA LEU X 152 -36.11 13.62 -37.31
C LEU X 152 -35.34 13.30 -36.04
N PHE X 153 -35.88 13.72 -34.90
CA PHE X 153 -35.17 13.53 -33.63
C PHE X 153 -35.11 12.09 -33.25
N ARG X 154 -36.06 11.31 -33.71
CA ARG X 154 -36.05 9.90 -33.41
C ARG X 154 -34.91 9.26 -34.15
N PHE X 155 -34.67 9.70 -35.38
CA PHE X 155 -33.51 9.22 -36.12
C PHE X 155 -32.21 9.65 -35.47
N ASP X 156 -32.12 10.92 -35.09
CA ASP X 156 -30.91 11.45 -34.46
C ASP X 156 -30.60 10.69 -33.18
N GLU X 157 -31.64 10.34 -32.42
CA GLU X 157 -31.42 9.57 -31.20
C GLU X 157 -30.96 8.14 -31.50
N GLU X 158 -31.45 7.56 -32.59
CA GLU X 158 -30.98 6.27 -33.02
C GLU X 158 -29.48 6.31 -33.37
N VAL X 159 -29.03 7.39 -33.99
CA VAL X 159 -27.62 7.53 -34.27
C VAL X 159 -26.85 7.70 -32.95
N ARG X 160 -27.36 8.46 -31.99
CA ARG X 160 -26.65 8.59 -30.70
C ARG X 160 -26.44 7.24 -30.01
N LYS X 161 -27.45 6.36 -30.02
CA LYS X 161 -27.33 5.02 -29.42
C LYS X 161 -26.50 4.07 -30.30
N SER X 162 -26.83 3.95 -31.60
CA SER X 162 -26.12 3.01 -32.49
C SER X 162 -24.64 3.37 -32.75
N VAL X 163 -24.26 4.64 -32.93
CA VAL X 163 -22.87 5.00 -33.36
C VAL X 163 -22.28 6.35 -32.81
FE FE Y . -32.53 16.07 31.73
FE FE Z . -33.25 13.21 32.57
FE FE AA . 15.31 -9.57 -44.91
FE FE BA . 14.04 -12.29 -44.49
FE FE CA . 45.76 -2.76 -15.05
FE FE DA . 45.03 -1.28 -17.55
FE FE EA . 38.57 -28.94 1.42
FE FE FA . 39.80 -27.42 3.45
FE FE GA . 46.20 13.01 6.12
FE FE HA . 45.84 14.51 3.55
FE FE IA . 19.56 -42.73 11.08
FE FE JA . 18.10 -44.04 8.90
FE FE KA . -10.00 -41.43 22.63
FE FE LA . -11.64 -40.04 24.76
FE FE MA . 27.69 33.06 21.66
FE FE NA . 25.53 35.10 21.43
FE FE OA . -12.72 -27.51 -37.92
FE FE PA . -14.38 -25.19 -38.66
FE FE QA . -31.02 36.36 7.63
FE FE RA . -32.87 34.67 5.92
FE FE SA . 3.84 46.98 -11.58
FE FE TA . 4.98 45.96 -14.10
FE FE UA . 29.40 36.25 -12.14
FE FE VA . 28.36 37.54 -9.66
FE FE WA . -9.28 24.67 40.71
FE FE XA . -10.16 21.95 41.74
FE FE YA . 13.84 -26.58 37.83
FE FE ZA . 16.78 -25.92 37.41
FE FE AB . -1.32 -7.47 47.98
FE FE BB . 1.68 -6.75 47.87
FE FE CB . 21.27 16.94 40.04
FE FE DB . 23.13 14.66 40.08
FE FE EB . -35.97 -22.14 -23.75
FE FE FB . -34.43 -24.68 -23.26
FE FE GB . 28.62 -25.79 -28.64
FE FE HB . 27.16 -28.36 -27.93
FE FE IB . -14.97 5.43 -45.99
FE FE JB . -12.04 5.58 -46.53
FE FE KB . -23.63 -42.11 1.31
FE FE LB . -21.95 -43.24 -0.93
FE FE MB . -3.00 27.95 -39.12
FE FE NB . -0.06 27.96 -39.49
FE FE OB . -43.66 -19.23 9.25
FE FE PB . -44.21 -18.56 6.48
FE FE QB . -47.54 6.58 5.14
FE FE RB . -47.78 7.41 2.30
FE FE SB . -25.21 36.89 -18.18
FE FE TB . -26.80 35.05 -19.86
#